data_3CMW
#
_entry.id   3CMW
#
_cell.length_a   159.000
_cell.length_b   300.500
_cell.length_c   80.100
_cell.angle_alpha   90.00
_cell.angle_beta   90.00
_cell.angle_gamma   90.00
#
_symmetry.space_group_name_H-M   'P 21 21 2'
#
loop_
_entity.id
_entity.type
_entity.pdbx_description
1 polymer "DNA (5'-D(*DTP*DTP*DTP*DTP*DTP*DTP*DTP*DTP*DTP*DTP*DTP*DTP*DTP*DTP*DT)-3')"
2 polymer 'Protein recA'
3 non-polymer 'MAGNESIUM ION'
4 non-polymer 'TETRAFLUOROALUMINATE ION'
5 non-polymer "ADENOSINE-5'-DIPHOSPHATE"
#
loop_
_entity_poly.entity_id
_entity_poly.type
_entity_poly.pdbx_seq_one_letter_code
_entity_poly.pdbx_strand_id
1 'polydeoxyribonucleotide' (DT)(DT)(DT)(DT)(DT)(DT)(DT)(DT)(DT)(DT)(DT)(DT)(DT)(DT)(DT) B,D
2 'polypeptide(L)'
;GAMHGEDRSMDVETISTGSLSLDIALGAGGLPMGRIVEIYGPESSGKTTLTLQVIAAAQREGKTCAFIDAEHALDPIYAR
KLGVDIDNLLCSQPDTGEQALEICDALARSGAVDVIVVDSVAALTPKAEIEGEIGDSHMGLAARMMSQAMRKLAGNLKQS
NTLLIFINQIRMKIGVMFGNPETTTGGNALKFYASVRLDIRRIGAVKEGENVVGSETRVKVVKNKIAAPFKQAEFQILYG
EGINFYGELVDLGVKEKLIEKAGAWYSYKGEKIGQGKANATAWLKDNPETAKEIEKKVRELLLSNPNSTTGSTGSGTTGS
TGSMAIDENKQKALAAALGQIEKQFGKGSIMRLGEDRSMDVETISTGSLSLDIALGAGGLPMGRIVEIYGPESSGKTTLT
LQVIAAAQREGKTCAFIDAEHALDPIYARKLGVDIDNLLCSQPDTGEQALEICDALARSGAVDVIVVDSVAALTPKAEIE
GEIGDSHMGLAARMMSQAMRKLAGNLKQSNTLLIFINQIRMKIGVMFGNPETTTGGNALKFYASVRLDIRRIGAVKEGEN
VVGSETRVKVVKNKIAAPFKQAEFQILYGEGINFYGELVDLGVKEKLIEKAGAWYSYKGEKIGQGKANATAWLKDNPETA
KEIEKKVRELLLSNPNSTTGSTGSMGHTTGSMSAIDENKQKALAAALGQIEKQFGKGSIMRLGEDRSMDVETISTGSLSL
DIALGAGGLPMGRIVEIYGPESSGKTTLTLQVIAAAQREGKTCAFIDAEHALDPIYARKLGVDIDNLLCSQPDTGEQALE
ICDALARSGAVDVIVVDSVAALTPKAEIEGEIGDSHMGLAARMMSQAMRKLAGNLKQSNTLLIFINQIRMKIGVMFGNPE
TTTGGNALKFYASVRLDIRRIGAVKEGENVVGSETRVKVVKNKIAAPFKQAEFQILYGEGINFYGELVDLGVKEKLIEKA
GAWYSYKGEKIGQGKANATAWLKDNPETAKEIEKKVRELLLSNPNSTTGSTGSASGSSTGSMSAIDENKQKALAAALGQI
EKQFGKGSIMRLGEDRSMDVETISTGSLSLDIALGAGGLPMGRIVEIYGPESSGKTTLTLQVIAAAQREGKTCAFIDAEH
ALDPIYARKLGVDIDNLLCSQPDTGEQALEICDALARSGAVDVIVVDSVAALTPKAEIEGEIGDSHMGLAARMMSQAMRK
LAGNLKQSNTLLIFINQIRMKIGVMFGNPETTTGGNALKFYASVRLDIRRIGAVKEGENVVGSETRVKVVKNKIAAPFKQ
AEFQILYGEGINFYGELVDLGVKEKLIEKAGAWYSYKGEKIGQGKANATAWLKDNPETAKEIEKKVRELLLSNPNSTTGS
TGSMSGRTGSMSAIDENKQKALAAALGQIEKQFGKGSIMRLGEDRSMDVETISTGSLSLDIALGAGGLPMGRIVEIYGPE
SSGKTTLTLQVIAAAQREGKTCAFIDAEHALDPIYARKLGVDIDNLLCSQPDTGEQALEICDALARSGAVDVIVVDSVAA
LTPKAEIEGEIGDSHMGLAARMMSQAMRKLAGNLKQSNTLLIFINQIRMKIGVMFGNPETTTGGNALKFYASVRLDIRRI
GAVKEGENVVGSETRVKVVKNKIAAPFKQAEFQILYGEGINFYGELVDLGVKEKLIEKAGAWYSYKGEKIGQGKANATAW
LKDNPETAKEIEKKVRELLLSNPNST
;
A,C
#
# COMPACT_ATOMS: atom_id res chain seq x y z
N VAL C 12 42.08 -19.52 -69.17
CA VAL C 12 41.95 -19.30 -67.70
C VAL C 12 42.35 -20.56 -66.91
N GLU C 13 43.32 -20.41 -66.02
CA GLU C 13 43.76 -21.50 -65.13
C GLU C 13 43.46 -21.10 -63.69
N THR C 14 43.03 -22.06 -62.86
CA THR C 14 42.66 -21.75 -61.47
C THR C 14 43.44 -22.48 -60.37
N ILE C 15 43.38 -21.89 -59.18
CA ILE C 15 44.00 -22.41 -57.96
C ILE C 15 42.88 -22.58 -56.94
N SER C 16 42.92 -23.66 -56.16
CA SER C 16 41.92 -23.86 -55.10
C SER C 16 41.98 -22.76 -54.04
N THR C 17 40.83 -22.46 -53.45
CA THR C 17 40.76 -21.47 -52.37
C THR C 17 40.92 -22.10 -50.99
N GLY C 18 40.94 -23.44 -50.93
CA GLY C 18 40.97 -24.14 -49.65
C GLY C 18 39.57 -24.48 -49.15
N SER C 19 38.56 -23.85 -49.74
CA SER C 19 37.16 -24.20 -49.48
C SER C 19 36.54 -24.82 -50.73
N LEU C 20 35.91 -25.99 -50.56
CA LEU C 20 35.27 -26.65 -51.68
C LEU C 20 34.05 -25.90 -52.18
N SER C 21 33.23 -25.42 -51.24
CA SER C 21 32.00 -24.75 -51.62
C SER C 21 32.29 -23.40 -52.28
N LEU C 22 33.39 -22.76 -51.87
CA LEU C 22 33.83 -21.51 -52.52
C LEU C 22 34.29 -21.80 -53.94
N ASP C 23 35.11 -22.84 -54.11
CA ASP C 23 35.57 -23.26 -55.42
C ASP C 23 34.38 -23.50 -56.36
N ILE C 24 33.29 -24.04 -55.80
CA ILE C 24 32.07 -24.26 -56.57
C ILE C 24 31.38 -22.92 -56.86
N ALA C 25 31.30 -22.05 -55.85
CA ALA C 25 30.67 -20.74 -56.01
C ALA C 25 31.34 -19.91 -57.10
N LEU C 26 32.67 -20.02 -57.18
CA LEU C 26 33.45 -19.30 -58.18
C LEU C 26 33.24 -19.80 -59.60
N GLY C 27 32.53 -20.91 -59.74
CA GLY C 27 32.13 -21.43 -61.04
C GLY C 27 33.23 -22.15 -61.79
N ALA C 28 34.42 -21.57 -61.78
CA ALA C 28 35.57 -22.11 -62.49
C ALA C 28 36.43 -23.05 -61.64
N GLY C 29 36.10 -23.19 -60.37
CA GLY C 29 36.80 -24.16 -59.51
C GLY C 29 37.88 -23.56 -58.63
N GLY C 30 38.04 -22.25 -58.69
CA GLY C 30 39.03 -21.54 -57.86
C GLY C 30 39.36 -20.16 -58.38
N LEU C 31 40.41 -19.58 -57.84
CA LEU C 31 40.84 -18.23 -58.22
C LEU C 31 41.71 -18.28 -59.50
N PRO C 32 41.56 -17.27 -60.39
CA PRO C 32 42.28 -17.32 -61.66
C PRO C 32 43.71 -16.81 -61.58
N MET C 33 44.63 -17.59 -62.15
CA MET C 33 46.05 -17.23 -62.22
C MET C 33 46.28 -16.04 -63.15
N GLY C 34 47.23 -15.20 -62.80
CA GLY C 34 47.57 -14.04 -63.63
C GLY C 34 46.58 -12.90 -63.54
N ARG C 35 45.75 -12.91 -62.49
CA ARG C 35 44.69 -11.93 -62.31
C ARG C 35 44.79 -11.29 -60.92
N ILE C 36 43.98 -10.27 -60.71
CA ILE C 36 43.87 -9.60 -59.42
C ILE C 36 42.57 -10.03 -58.74
N VAL C 37 42.64 -10.30 -57.44
CA VAL C 37 41.47 -10.70 -56.67
C VAL C 37 41.40 -9.80 -55.43
N GLU C 38 40.19 -9.37 -55.06
CA GLU C 38 39.99 -8.64 -53.82
C GLU C 38 39.11 -9.42 -52.83
N ILE C 39 39.50 -9.44 -51.55
CA ILE C 39 38.69 -10.04 -50.50
C ILE C 39 38.44 -8.97 -49.46
N TYR C 40 37.17 -8.73 -49.12
CA TYR C 40 36.84 -7.75 -48.10
C TYR C 40 35.77 -8.26 -47.14
N GLY C 41 35.72 -7.66 -45.96
CA GLY C 41 34.75 -8.02 -44.95
C GLY C 41 35.06 -7.36 -43.62
N PRO C 42 34.16 -7.49 -42.63
CA PRO C 42 34.33 -6.92 -41.30
C PRO C 42 35.54 -7.52 -40.57
N GLU C 43 35.89 -6.99 -39.41
CA GLU C 43 37.03 -7.50 -38.66
C GLU C 43 36.82 -8.95 -38.23
N SER C 44 37.90 -9.72 -38.28
CA SER C 44 37.91 -11.12 -37.86
C SER C 44 36.91 -11.98 -38.62
N SER C 45 36.64 -11.63 -39.87
CA SER C 45 35.72 -12.38 -40.71
C SER C 45 36.40 -13.57 -41.39
N GLY C 46 37.73 -13.57 -41.40
CA GLY C 46 38.49 -14.69 -41.93
C GLY C 46 39.28 -14.39 -43.18
N LYS C 47 39.56 -13.12 -43.42
CA LYS C 47 40.25 -12.70 -44.64
C LYS C 47 41.66 -13.29 -44.71
N THR C 48 42.47 -13.05 -43.68
CA THR C 48 43.83 -13.56 -43.64
C THR C 48 43.83 -15.08 -43.69
N THR C 49 43.04 -15.71 -42.82
CA THR C 49 42.88 -17.16 -42.80
C THR C 49 42.63 -17.73 -44.21
N LEU C 50 41.61 -17.22 -44.91
CA LEU C 50 41.26 -17.71 -46.23
C LEU C 50 42.48 -17.66 -47.13
N THR C 51 43.09 -16.49 -47.15
CA THR C 51 44.29 -16.19 -47.89
C THR C 51 45.43 -17.19 -47.63
N LEU C 52 45.67 -17.52 -46.35
CA LEU C 52 46.72 -18.46 -45.98
C LEU C 52 46.38 -19.88 -46.45
N GLN C 53 45.09 -20.20 -46.45
CA GLN C 53 44.61 -21.50 -46.95
C GLN C 53 44.85 -21.62 -48.44
N VAL C 54 44.68 -20.52 -49.18
CA VAL C 54 45.01 -20.58 -50.62
C VAL C 54 46.52 -20.73 -50.83
N ILE C 55 47.31 -20.01 -50.05
CA ILE C 55 48.77 -20.20 -50.06
C ILE C 55 49.17 -21.64 -49.74
N ALA C 56 48.61 -22.22 -48.69
CA ALA C 56 48.91 -23.60 -48.30
C ALA C 56 48.62 -24.58 -49.44
N ALA C 57 47.43 -24.44 -50.06
CA ALA C 57 47.03 -25.30 -51.18
C ALA C 57 47.98 -25.17 -52.37
N ALA C 58 48.41 -23.94 -52.63
CA ALA C 58 49.34 -23.64 -53.72
C ALA C 58 50.70 -24.27 -53.45
N GLN C 59 51.19 -24.12 -52.23
CA GLN C 59 52.49 -24.68 -51.84
C GLN C 59 52.48 -26.21 -51.94
N ARG C 60 51.35 -26.80 -51.55
CA ARG C 60 51.11 -28.23 -51.61
C ARG C 60 51.26 -28.74 -53.05
N GLU C 61 51.09 -27.84 -54.02
CA GLU C 61 51.24 -28.17 -55.45
C GLU C 61 52.56 -27.66 -56.03
N GLY C 62 53.50 -27.31 -55.16
CA GLY C 62 54.83 -26.87 -55.59
C GLY C 62 54.95 -25.43 -56.05
N LYS C 63 53.91 -24.64 -55.82
CA LYS C 63 53.95 -23.22 -56.21
C LYS C 63 54.68 -22.37 -55.17
N THR C 64 55.16 -21.20 -55.60
CA THR C 64 55.89 -20.29 -54.72
C THR C 64 55.01 -19.10 -54.35
N CYS C 65 54.98 -18.76 -53.07
CA CYS C 65 54.10 -17.69 -52.59
C CYS C 65 54.81 -16.59 -51.81
N ALA C 66 54.23 -15.40 -51.86
CA ALA C 66 54.72 -14.27 -51.09
C ALA C 66 53.58 -13.61 -50.34
N PHE C 67 53.88 -13.12 -49.15
CA PHE C 67 52.88 -12.47 -48.31
C PHE C 67 53.37 -11.09 -47.91
N ILE C 68 52.63 -10.06 -48.30
CA ILE C 68 52.98 -8.68 -47.94
C ILE C 68 52.12 -8.27 -46.74
N ASP C 69 52.71 -8.37 -45.55
CA ASP C 69 52.01 -8.08 -44.30
C ASP C 69 52.05 -6.59 -43.95
N ALA C 70 51.29 -5.79 -44.70
CA ALA C 70 51.27 -4.34 -44.49
C ALA C 70 50.57 -4.00 -43.18
N GLU C 71 49.69 -4.89 -42.76
CA GLU C 71 48.92 -4.72 -41.54
C GLU C 71 49.76 -5.01 -40.31
N HIS C 72 50.94 -5.60 -40.53
CA HIS C 72 51.91 -5.96 -39.49
C HIS C 72 51.27 -6.80 -38.40
N ALA C 73 50.58 -7.86 -38.79
CA ALA C 73 49.84 -8.67 -37.84
C ALA C 73 49.82 -10.16 -38.17
N LEU C 74 50.75 -10.60 -39.01
CA LEU C 74 50.84 -12.03 -39.34
C LEU C 74 51.50 -12.84 -38.22
N ASP C 75 50.81 -13.89 -37.79
CA ASP C 75 51.35 -14.81 -36.79
C ASP C 75 51.91 -16.06 -37.49
N PRO C 76 53.25 -16.15 -37.60
CA PRO C 76 53.89 -17.25 -38.33
C PRO C 76 53.49 -18.62 -37.78
N ILE C 77 53.48 -18.77 -36.46
CA ILE C 77 53.05 -20.04 -35.85
C ILE C 77 51.62 -20.40 -36.26
N TYR C 78 50.73 -19.41 -36.29
CA TYR C 78 49.37 -19.67 -36.73
C TYR C 78 49.32 -20.09 -38.20
N ALA C 79 50.07 -19.39 -39.05
CA ALA C 79 50.14 -19.75 -40.46
C ALA C 79 50.54 -21.21 -40.62
N ARG C 80 51.50 -21.65 -39.81
CA ARG C 80 51.93 -23.04 -39.84
C ARG C 80 50.79 -23.99 -39.50
N LYS C 81 50.03 -23.66 -38.46
CA LYS C 81 48.89 -24.49 -38.06
C LYS C 81 47.87 -24.65 -39.17
N LEU C 82 47.73 -23.61 -40.00
CA LEU C 82 46.82 -23.67 -41.15
C LEU C 82 47.44 -24.41 -42.34
N GLY C 83 48.59 -25.02 -42.12
CA GLY C 83 49.26 -25.84 -43.14
C GLY C 83 50.15 -25.10 -44.12
N VAL C 84 50.50 -23.85 -43.81
CA VAL C 84 51.44 -23.10 -44.64
C VAL C 84 52.88 -23.57 -44.38
N ASP C 85 53.64 -23.69 -45.45
CA ASP C 85 55.06 -23.94 -45.35
C ASP C 85 55.78 -22.64 -45.03
N ILE C 86 55.88 -22.37 -43.73
CA ILE C 86 56.47 -21.16 -43.16
C ILE C 86 57.87 -20.89 -43.73
N ASP C 87 58.65 -21.95 -43.88
CA ASP C 87 60.04 -21.85 -44.31
C ASP C 87 60.25 -21.43 -45.76
N ASN C 88 59.21 -21.53 -46.58
CA ASN C 88 59.30 -21.14 -47.99
C ASN C 88 58.36 -20.02 -48.38
N LEU C 89 57.62 -19.50 -47.42
CA LEU C 89 56.75 -18.38 -47.69
C LEU C 89 57.56 -17.09 -47.63
N LEU C 90 57.70 -16.43 -48.77
CA LEU C 90 58.33 -15.12 -48.81
C LEU C 90 57.44 -14.14 -48.08
N CYS C 91 58.03 -13.33 -47.24
CA CYS C 91 57.26 -12.45 -46.39
C CYS C 91 57.90 -11.09 -46.29
N SER C 92 57.07 -10.06 -46.35
CA SER C 92 57.55 -8.71 -46.28
C SER C 92 56.63 -7.82 -45.43
N GLN C 93 57.23 -7.05 -44.54
CA GLN C 93 56.51 -6.02 -43.81
C GLN C 93 57.05 -4.66 -44.24
N PRO C 94 56.51 -4.11 -45.33
CA PRO C 94 57.07 -2.93 -45.99
C PRO C 94 56.82 -1.64 -45.22
N ASP C 95 57.65 -0.63 -45.48
CA ASP C 95 57.55 0.64 -44.75
C ASP C 95 56.47 1.57 -45.28
N THR C 96 56.35 1.65 -46.60
CA THR C 96 55.36 2.51 -47.23
C THR C 96 54.52 1.70 -48.20
N GLY C 97 53.36 2.25 -48.58
CA GLY C 97 52.49 1.63 -49.56
C GLY C 97 53.16 1.47 -50.92
N GLU C 98 53.89 2.49 -51.33
CA GLU C 98 54.63 2.46 -52.60
C GLU C 98 55.65 1.33 -52.60
N GLN C 99 56.35 1.17 -51.48
CA GLN C 99 57.28 0.07 -51.30
C GLN C 99 56.57 -1.27 -51.44
N ALA C 100 55.45 -1.43 -50.73
CA ALA C 100 54.66 -2.66 -50.81
C ALA C 100 54.34 -3.02 -52.25
N LEU C 101 53.89 -2.02 -53.02
CA LEU C 101 53.47 -2.24 -54.39
C LEU C 101 54.64 -2.40 -55.33
N GLU C 102 55.76 -1.74 -55.03
CA GLU C 102 56.97 -1.93 -55.81
C GLU C 102 57.51 -3.35 -55.66
N ILE C 103 57.37 -3.91 -54.48
CA ILE C 103 57.77 -5.29 -54.24
C ILE C 103 56.88 -6.23 -55.04
N CYS C 104 55.58 -5.98 -55.03
CA CYS C 104 54.63 -6.76 -55.86
C CYS C 104 55.04 -6.76 -57.32
N ASP C 105 55.35 -5.58 -57.83
CA ASP C 105 55.71 -5.44 -59.22
C ASP C 105 56.97 -6.24 -59.51
N ALA C 106 57.98 -6.07 -58.65
CA ALA C 106 59.26 -6.76 -58.81
C ALA C 106 59.11 -8.27 -58.78
N LEU C 107 58.26 -8.77 -57.88
CA LEU C 107 58.00 -10.20 -57.77
C LEU C 107 57.23 -10.72 -58.97
N ALA C 108 56.24 -9.94 -59.40
CA ALA C 108 55.50 -10.25 -60.61
C ALA C 108 56.44 -10.38 -61.80
N ARG C 109 57.24 -9.34 -62.03
CA ARG C 109 58.15 -9.28 -63.18
C ARG C 109 59.19 -10.40 -63.22
N SER C 110 59.56 -10.93 -62.05
CA SER C 110 60.56 -12.01 -61.97
C SER C 110 60.06 -13.31 -62.59
N GLY C 111 58.76 -13.53 -62.54
CA GLY C 111 58.14 -14.75 -63.05
C GLY C 111 58.41 -15.97 -62.18
N ALA C 112 58.91 -15.75 -60.97
CA ALA C 112 59.29 -16.85 -60.07
C ALA C 112 58.32 -17.02 -58.91
N VAL C 113 57.38 -16.11 -58.76
CA VAL C 113 56.36 -16.19 -57.70
C VAL C 113 55.00 -16.45 -58.33
N ASP C 114 54.25 -17.37 -57.72
CA ASP C 114 52.98 -17.83 -58.28
C ASP C 114 51.76 -17.12 -57.70
N VAL C 115 51.76 -16.93 -56.37
CA VAL C 115 50.72 -16.15 -55.73
C VAL C 115 51.30 -15.18 -54.71
N ILE C 116 50.80 -13.94 -54.74
CA ILE C 116 51.18 -12.88 -53.84
C ILE C 116 49.92 -12.40 -53.17
N VAL C 117 49.93 -12.29 -51.85
CA VAL C 117 48.82 -11.63 -51.15
C VAL C 117 49.29 -10.41 -50.38
N VAL C 118 48.55 -9.32 -50.57
CA VAL C 118 48.82 -8.06 -49.88
C VAL C 118 47.80 -7.94 -48.77
N ASP C 119 48.27 -7.99 -47.52
CA ASP C 119 47.34 -7.93 -46.40
C ASP C 119 47.07 -6.51 -45.98
N SER C 120 45.86 -6.09 -46.40
CA SER C 120 45.23 -4.80 -46.20
C SER C 120 45.73 -3.73 -47.13
N VAL C 121 44.90 -3.38 -48.11
CA VAL C 121 45.14 -2.17 -48.86
C VAL C 121 44.93 -1.00 -47.90
N ALA C 122 44.11 -1.22 -46.87
CA ALA C 122 43.84 -0.18 -45.87
C ALA C 122 45.11 0.25 -45.17
N ALA C 123 46.07 -0.68 -45.09
CA ALA C 123 47.35 -0.45 -44.43
C ALA C 123 48.46 0.08 -45.37
N LEU C 124 48.14 0.18 -46.66
CA LEU C 124 49.07 0.72 -47.65
C LEU C 124 49.15 2.25 -47.57
N THR C 125 50.06 2.75 -46.75
CA THR C 125 50.17 4.17 -46.49
C THR C 125 51.17 4.85 -47.41
N PRO C 126 50.72 5.82 -48.20
CA PRO C 126 51.62 6.59 -49.06
C PRO C 126 52.78 7.22 -48.30
N LYS C 127 53.92 7.30 -48.96
CA LYS C 127 55.17 7.80 -48.40
C LYS C 127 54.99 9.21 -47.80
N ALA C 128 54.30 10.07 -48.55
CA ALA C 128 54.05 11.44 -48.11
C ALA C 128 53.25 11.49 -46.81
N GLU C 129 52.32 10.53 -46.66
CA GLU C 129 51.49 10.45 -45.47
C GLU C 129 52.29 9.99 -44.23
N ILE C 130 53.08 8.93 -44.38
CA ILE C 130 53.95 8.44 -43.29
C ILE C 130 54.81 9.55 -42.71
N GLU C 131 55.54 10.25 -43.59
CA GLU C 131 56.43 11.32 -43.16
C GLU C 131 55.71 12.50 -42.52
N GLY C 132 54.53 12.82 -43.05
CA GLY C 132 53.70 13.91 -42.51
C GLY C 132 52.97 13.55 -41.22
N GLU C 133 52.45 14.57 -40.55
CA GLU C 133 51.79 14.39 -39.26
C GLU C 133 50.43 13.73 -39.38
N ILE C 134 49.99 13.16 -38.26
CA ILE C 134 48.62 12.68 -38.11
C ILE C 134 47.72 13.93 -38.04
N GLY C 135 46.65 13.94 -38.86
CA GLY C 135 45.81 15.11 -38.99
C GLY C 135 46.21 16.01 -40.15
N ASP C 136 47.27 15.62 -40.85
CA ASP C 136 47.62 16.23 -42.13
C ASP C 136 46.76 15.64 -43.25
N SER C 137 46.36 16.51 -44.17
CA SER C 137 45.49 16.14 -45.28
C SER C 137 46.29 15.73 -46.52
N HIS C 138 45.97 14.55 -47.05
CA HIS C 138 46.52 14.06 -48.29
C HIS C 138 45.35 13.43 -49.05
N MET C 139 44.41 14.25 -49.55
CA MET C 139 43.13 13.75 -50.10
C MET C 139 43.31 12.78 -51.28
N GLY C 140 42.80 11.55 -51.10
CA GLY C 140 42.87 10.53 -52.16
C GLY C 140 44.27 10.28 -52.70
N LEU C 141 45.28 10.39 -51.84
CA LEU C 141 46.64 10.10 -52.23
C LEU C 141 46.81 8.59 -52.38
N ALA C 142 46.20 7.83 -51.47
CA ALA C 142 46.21 6.38 -51.54
C ALA C 142 45.45 5.90 -52.76
N ALA C 143 44.36 6.60 -53.09
CA ALA C 143 43.54 6.24 -54.24
C ALA C 143 44.32 6.39 -55.54
N ARG C 144 45.01 7.52 -55.70
CA ARG C 144 45.76 7.73 -56.93
C ARG C 144 46.96 6.79 -57.00
N MET C 145 47.49 6.39 -55.85
CA MET C 145 48.55 5.41 -55.77
C MET C 145 48.08 4.03 -56.25
N MET C 146 46.92 3.60 -55.75
CA MET C 146 46.30 2.33 -56.16
C MET C 146 45.99 2.32 -57.65
N SER C 147 45.50 3.44 -58.14
CA SER C 147 45.15 3.60 -59.54
C SER C 147 46.37 3.43 -60.44
N GLN C 148 47.49 4.02 -60.03
CA GLN C 148 48.75 3.85 -60.75
C GLN C 148 49.28 2.41 -60.65
N ALA C 149 49.16 1.81 -59.48
CA ALA C 149 49.60 0.43 -59.28
C ALA C 149 48.89 -0.55 -60.21
N MET C 150 47.57 -0.48 -60.29
CA MET C 150 46.78 -1.40 -61.13
C MET C 150 47.21 -1.34 -62.59
N ARG C 151 47.29 -0.10 -63.09
CA ARG C 151 47.81 0.21 -64.42
C ARG C 151 49.08 -0.58 -64.73
N LYS C 152 50.04 -0.57 -63.79
CA LYS C 152 51.34 -1.23 -64.00
C LYS C 152 51.30 -2.73 -63.73
N LEU C 153 50.59 -3.12 -62.67
CA LEU C 153 50.54 -4.53 -62.25
C LEU C 153 49.80 -5.48 -63.19
N ALA C 154 48.66 -5.04 -63.73
CA ALA C 154 47.79 -5.91 -64.52
C ALA C 154 48.54 -6.65 -65.62
N GLY C 155 49.33 -5.91 -66.40
CA GLY C 155 50.12 -6.48 -67.49
C GLY C 155 51.18 -7.44 -67.03
N ASN C 156 51.94 -7.05 -66.00
CA ASN C 156 53.01 -7.89 -65.46
C ASN C 156 52.51 -9.19 -64.86
N LEU C 157 51.38 -9.13 -64.16
CA LEU C 157 50.80 -10.32 -63.53
C LEU C 157 50.36 -11.33 -64.56
N LYS C 158 49.75 -10.86 -65.64
CA LYS C 158 49.28 -11.75 -66.70
C LYS C 158 50.45 -12.46 -67.38
N GLN C 159 51.49 -11.71 -67.74
CA GLN C 159 52.62 -12.27 -68.47
C GLN C 159 53.54 -13.18 -67.62
N SER C 160 53.32 -13.20 -66.31
CA SER C 160 54.04 -14.12 -65.41
C SER C 160 53.11 -15.19 -64.87
N ASN C 161 51.83 -15.10 -65.21
CA ASN C 161 50.80 -15.97 -64.67
C ASN C 161 50.75 -15.97 -63.15
N THR C 162 50.88 -14.77 -62.57
CA THR C 162 50.91 -14.58 -61.12
C THR C 162 49.56 -14.10 -60.58
N LEU C 163 49.06 -14.79 -59.56
CA LEU C 163 47.83 -14.39 -58.88
C LEU C 163 48.14 -13.39 -57.77
N LEU C 164 47.47 -12.24 -57.80
CA LEU C 164 47.65 -11.25 -56.74
C LEU C 164 46.35 -11.04 -55.99
N ILE C 165 46.35 -11.36 -54.70
CA ILE C 165 45.17 -11.16 -53.87
C ILE C 165 45.35 -9.95 -52.96
N PHE C 166 44.42 -9.00 -53.04
CA PHE C 166 44.38 -7.86 -52.12
C PHE C 166 43.31 -8.09 -51.08
N ILE C 167 43.70 -8.04 -49.81
CA ILE C 167 42.72 -8.02 -48.74
C ILE C 167 42.34 -6.57 -48.48
N ASN C 168 41.05 -6.31 -48.28
CA ASN C 168 40.60 -4.96 -47.94
C ASN C 168 39.70 -4.92 -46.71
N GLN C 169 39.64 -3.76 -46.05
CA GLN C 169 38.77 -3.55 -44.91
C GLN C 169 37.54 -2.77 -45.36
N ILE C 170 36.56 -2.68 -44.48
CA ILE C 170 35.32 -1.93 -44.74
C ILE C 170 35.30 -0.59 -44.01
N ARG C 171 34.81 0.44 -44.70
CA ARG C 171 34.52 1.71 -44.07
C ARG C 171 33.09 2.13 -44.39
N MET C 172 32.58 3.09 -43.64
CA MET C 172 31.27 3.64 -43.96
C MET C 172 31.45 4.83 -44.90
N LYS C 173 30.40 5.19 -45.64
CA LYS C 173 30.47 6.39 -46.47
C LYS C 173 29.49 7.46 -45.97
N ILE C 174 30.06 8.45 -45.29
CA ILE C 174 29.30 9.45 -44.54
C ILE C 174 28.54 10.45 -45.44
N GLY C 175 27.24 10.59 -45.18
CA GLY C 175 26.38 11.47 -45.95
C GLY C 175 25.46 10.71 -46.89
N VAL C 176 25.57 9.38 -46.86
CA VAL C 176 24.76 8.52 -47.70
C VAL C 176 23.61 7.94 -46.87
N MET C 177 22.39 8.36 -47.22
CA MET C 177 21.16 7.94 -46.54
C MET C 177 20.24 7.18 -47.49
N PHE C 178 20.86 6.34 -48.33
CA PHE C 178 20.20 5.76 -49.50
C PHE C 178 21.03 4.62 -50.13
N GLY C 179 20.86 3.41 -49.61
CA GLY C 179 21.59 2.22 -50.10
C GLY C 179 22.74 1.79 -49.20
N ASN C 180 23.43 0.70 -49.58
CA ASN C 180 24.55 0.17 -48.79
C ASN C 180 25.55 1.24 -48.36
N PRO C 181 25.67 1.47 -47.03
CA PRO C 181 26.62 2.48 -46.56
C PRO C 181 28.07 1.99 -46.51
N GLU C 182 28.30 0.73 -46.86
CA GLU C 182 29.63 0.14 -46.80
C GLU C 182 30.50 0.47 -48.00
N THR C 183 31.80 0.67 -47.76
CA THR C 183 32.77 0.80 -48.84
C THR C 183 34.01 0.06 -48.45
N THR C 184 35.03 0.27 -49.28
CA THR C 184 36.26 -0.46 -49.25
C THR C 184 37.34 0.62 -49.30
N THR C 185 38.54 0.31 -48.83
CA THR C 185 39.59 1.33 -48.79
C THR C 185 40.32 1.44 -50.13
N GLY C 186 40.94 2.60 -50.37
CA GLY C 186 41.93 2.73 -51.42
C GLY C 186 41.40 3.11 -52.78
N GLY C 187 40.16 3.57 -52.83
CA GLY C 187 39.60 4.13 -54.05
C GLY C 187 38.90 3.15 -54.96
N ASN C 188 38.76 3.54 -56.22
CA ASN C 188 37.92 2.81 -57.17
C ASN C 188 38.64 1.88 -58.14
N ALA C 189 39.94 2.10 -58.34
CA ALA C 189 40.71 1.29 -59.29
C ALA C 189 40.55 -0.22 -59.07
N LEU C 190 40.77 -0.66 -57.84
CA LEU C 190 40.73 -2.10 -57.53
C LEU C 190 39.40 -2.78 -57.91
N LYS C 191 38.28 -2.11 -57.67
CA LYS C 191 36.96 -2.60 -58.11
C LYS C 191 37.02 -3.05 -59.56
N PHE C 192 37.57 -2.18 -60.41
CA PHE C 192 37.60 -2.43 -61.85
C PHE C 192 38.57 -3.51 -62.28
N TYR C 193 39.76 -3.52 -61.69
CA TYR C 193 40.80 -4.43 -62.10
C TYR C 193 40.67 -5.83 -61.53
N ALA C 194 39.90 -6.00 -60.46
CA ALA C 194 39.73 -7.33 -59.88
C ALA C 194 38.93 -8.22 -60.82
N SER C 195 39.41 -9.45 -61.02
CA SER C 195 38.67 -10.44 -61.81
C SER C 195 37.64 -11.15 -60.94
N VAL C 196 37.92 -11.20 -59.64
CA VAL C 196 37.01 -11.75 -58.66
C VAL C 196 37.00 -10.82 -57.45
N ARG C 197 35.82 -10.54 -56.91
CA ARG C 197 35.72 -9.88 -55.61
C ARG C 197 34.87 -10.70 -54.66
N LEU C 198 35.38 -10.87 -53.44
CA LEU C 198 34.77 -11.73 -52.44
C LEU C 198 34.39 -10.93 -51.20
N ASP C 199 33.15 -11.07 -50.77
CA ASP C 199 32.66 -10.50 -49.51
C ASP C 199 32.57 -11.64 -48.49
N ILE C 200 33.45 -11.62 -47.49
CA ILE C 200 33.47 -12.66 -46.45
C ILE C 200 32.89 -12.14 -45.12
N ARG C 201 32.11 -12.97 -44.44
CA ARG C 201 31.42 -12.58 -43.21
C ARG C 201 31.26 -13.70 -42.20
N ARG C 202 31.44 -13.38 -40.92
CA ARG C 202 31.17 -14.34 -39.85
C ARG C 202 29.68 -14.29 -39.53
N ILE C 203 29.01 -15.43 -39.64
CA ILE C 203 27.54 -15.47 -39.48
C ILE C 203 27.09 -16.22 -38.22
N GLY C 204 28.04 -16.76 -37.46
CA GLY C 204 27.71 -17.48 -36.24
C GLY C 204 28.89 -18.17 -35.61
N ALA C 205 28.64 -18.85 -34.50
CA ALA C 205 29.68 -19.53 -33.75
C ALA C 205 29.60 -21.05 -33.92
N VAL C 206 30.76 -21.69 -33.99
CA VAL C 206 30.85 -23.15 -33.93
C VAL C 206 31.21 -23.54 -32.48
N LYS C 207 30.39 -24.41 -31.88
CA LYS C 207 30.49 -24.68 -30.44
C LYS C 207 30.66 -26.15 -30.06
N GLU C 208 31.61 -26.40 -29.15
CA GLU C 208 31.76 -27.67 -28.46
C GLU C 208 31.07 -27.55 -27.11
N GLY C 209 29.74 -27.59 -27.11
CA GLY C 209 28.95 -27.30 -25.91
C GLY C 209 29.24 -25.90 -25.39
N GLU C 210 30.18 -25.81 -24.45
CA GLU C 210 30.58 -24.54 -23.83
C GLU C 210 31.45 -23.68 -24.75
N ASN C 211 32.53 -24.28 -25.27
CA ASN C 211 33.59 -23.51 -25.93
C ASN C 211 33.27 -23.13 -27.36
N VAL C 212 33.58 -21.89 -27.70
CA VAL C 212 33.52 -21.43 -29.08
C VAL C 212 34.81 -21.90 -29.76
N VAL C 213 34.67 -22.83 -30.69
CA VAL C 213 35.83 -23.50 -31.26
C VAL C 213 36.09 -23.11 -32.74
N GLY C 214 35.14 -22.39 -33.33
CA GLY C 214 35.27 -21.89 -34.69
C GLY C 214 34.26 -20.83 -35.06
N SER C 215 34.40 -20.32 -36.28
CA SER C 215 33.48 -19.32 -36.85
C SER C 215 32.70 -19.92 -38.00
N GLU C 216 31.39 -19.78 -37.94
CA GLU C 216 30.53 -20.11 -39.07
C GLU C 216 30.64 -18.97 -40.10
N THR C 217 30.95 -19.31 -41.35
CA THR C 217 31.37 -18.32 -42.33
C THR C 217 30.58 -18.32 -43.65
N ARG C 218 30.31 -17.13 -44.19
CA ARG C 218 29.69 -16.98 -45.51
C ARG C 218 30.53 -16.10 -46.43
N VAL C 219 30.73 -16.56 -47.67
CA VAL C 219 31.43 -15.76 -48.67
C VAL C 219 30.49 -15.56 -49.86
N LYS C 220 30.29 -14.32 -50.28
CA LYS C 220 29.53 -14.03 -51.49
C LYS C 220 30.49 -13.67 -52.60
N VAL C 221 30.26 -14.22 -53.80
CA VAL C 221 31.07 -13.81 -54.94
C VAL C 221 30.40 -12.58 -55.54
N VAL C 222 30.97 -11.44 -55.21
CA VAL C 222 30.36 -10.15 -55.46
C VAL C 222 30.69 -9.62 -56.85
N LYS C 223 31.84 -10.04 -57.38
CA LYS C 223 32.23 -9.77 -58.77
C LYS C 223 32.93 -10.98 -59.34
N ASN C 224 32.62 -11.30 -60.59
CA ASN C 224 33.23 -12.44 -61.27
C ASN C 224 33.33 -12.27 -62.79
N LYS C 225 34.56 -12.37 -63.27
CA LYS C 225 34.88 -12.20 -64.68
C LYS C 225 35.16 -13.53 -65.37
N ILE C 226 35.23 -14.61 -64.60
CA ILE C 226 35.57 -15.93 -65.15
C ILE C 226 34.40 -16.92 -65.13
N ALA C 227 33.32 -16.56 -64.43
CA ALA C 227 32.08 -17.35 -64.36
C ALA C 227 30.99 -16.42 -63.85
N ALA C 228 29.75 -16.90 -63.79
CA ALA C 228 28.64 -16.11 -63.24
C ALA C 228 28.97 -15.60 -61.82
N PRO C 229 28.58 -14.35 -61.50
CA PRO C 229 28.74 -13.83 -60.14
C PRO C 229 27.56 -14.17 -59.22
N PHE C 230 27.68 -13.80 -57.95
CA PHE C 230 26.57 -13.81 -56.97
C PHE C 230 26.19 -15.16 -56.38
N LYS C 231 26.98 -16.19 -56.63
CA LYS C 231 26.84 -17.44 -55.90
C LYS C 231 27.50 -17.25 -54.54
N GLN C 232 27.18 -18.11 -53.58
CA GLN C 232 27.80 -17.98 -52.26
C GLN C 232 28.19 -19.30 -51.64
N ALA C 233 29.16 -19.24 -50.73
CA ALA C 233 29.67 -20.40 -50.03
C ALA C 233 29.53 -20.24 -48.53
N GLU C 234 29.22 -21.34 -47.85
CA GLU C 234 29.17 -21.37 -46.40
C GLU C 234 30.01 -22.52 -45.89
N PHE C 235 30.87 -22.23 -44.93
CA PHE C 235 31.74 -23.25 -44.36
C PHE C 235 32.16 -22.81 -42.96
N GLN C 236 32.86 -23.70 -42.27
CA GLN C 236 33.36 -23.38 -40.94
C GLN C 236 34.84 -23.03 -40.98
N ILE C 237 35.23 -22.06 -40.18
CA ILE C 237 36.65 -21.87 -39.88
C ILE C 237 36.85 -22.36 -38.46
N LEU C 238 37.62 -23.44 -38.31
CA LEU C 238 37.93 -23.97 -37.00
C LEU C 238 39.28 -23.40 -36.57
N TYR C 239 39.31 -22.78 -35.39
CA TYR C 239 40.51 -22.07 -34.93
C TYR C 239 41.69 -23.02 -34.77
N GLY C 240 42.86 -22.57 -35.23
CA GLY C 240 44.08 -23.36 -35.16
C GLY C 240 44.10 -24.56 -36.10
N GLU C 241 43.12 -24.63 -36.99
CA GLU C 241 42.98 -25.73 -37.92
C GLU C 241 42.71 -25.19 -39.32
N GLY C 242 41.85 -24.18 -39.43
CA GLY C 242 41.52 -23.56 -40.70
C GLY C 242 40.13 -23.89 -41.18
N ILE C 243 39.91 -23.75 -42.49
CA ILE C 243 38.64 -24.10 -43.12
C ILE C 243 38.34 -25.58 -42.91
N ASN C 244 37.22 -25.83 -42.17
CA ASN C 244 36.75 -27.20 -41.96
C ASN C 244 36.40 -27.82 -43.30
N PHE C 245 37.46 -28.21 -44.01
CA PHE C 245 37.34 -28.73 -45.35
C PHE C 245 36.54 -30.03 -45.40
N TYR C 246 36.85 -30.96 -44.50
CA TYR C 246 36.18 -32.25 -44.48
C TYR C 246 34.71 -32.16 -44.07
N GLY C 247 34.37 -31.12 -43.31
CA GLY C 247 32.99 -30.79 -42.99
C GLY C 247 32.20 -30.50 -44.25
N GLU C 248 32.75 -29.60 -45.09
CA GLU C 248 32.16 -29.30 -46.39
C GLU C 248 31.96 -30.58 -47.19
N LEU C 249 32.98 -31.42 -47.20
CA LEU C 249 32.97 -32.65 -47.97
C LEU C 249 31.80 -33.57 -47.57
N VAL C 250 31.55 -33.69 -46.26
CA VAL C 250 30.41 -34.45 -45.78
C VAL C 250 29.10 -33.87 -46.34
N ASP C 251 28.83 -32.61 -46.04
CA ASP C 251 27.62 -31.93 -46.52
C ASP C 251 27.42 -32.07 -48.02
N LEU C 252 28.47 -31.78 -48.79
CA LEU C 252 28.42 -31.92 -50.24
C LEU C 252 28.17 -33.36 -50.68
N GLY C 253 28.86 -34.29 -50.03
CA GLY C 253 28.69 -35.72 -50.31
C GLY C 253 27.27 -36.17 -50.09
N VAL C 254 26.69 -35.76 -48.95
CA VAL C 254 25.30 -36.08 -48.63
C VAL C 254 24.34 -35.45 -49.64
N LYS C 255 24.56 -34.17 -49.94
CA LYS C 255 23.73 -33.43 -50.88
C LYS C 255 23.72 -34.09 -52.26
N GLU C 256 24.89 -34.60 -52.68
CA GLU C 256 25.03 -35.22 -53.98
C GLU C 256 24.75 -36.72 -53.99
N LYS C 257 24.24 -37.23 -52.87
CA LYS C 257 23.82 -38.64 -52.73
C LYS C 257 24.98 -39.63 -52.89
N LEU C 258 26.18 -39.20 -52.52
CA LEU C 258 27.35 -40.08 -52.50
C LEU C 258 27.54 -40.66 -51.10
N ILE C 259 27.15 -39.88 -50.10
CA ILE C 259 27.15 -40.32 -48.72
C ILE C 259 25.68 -40.45 -48.29
N GLU C 260 25.35 -41.59 -47.69
CA GLU C 260 24.00 -41.86 -47.22
C GLU C 260 23.81 -41.34 -45.80
N LYS C 261 22.63 -40.79 -45.52
CA LYS C 261 22.33 -40.28 -44.17
C LYS C 261 20.97 -40.77 -43.66
N ALA C 262 20.99 -41.79 -42.81
CA ALA C 262 19.77 -42.32 -42.19
C ALA C 262 19.68 -41.86 -40.73
N GLY C 263 18.93 -40.78 -40.51
CA GLY C 263 18.85 -40.13 -39.20
C GLY C 263 20.14 -39.41 -38.87
N ALA C 264 20.88 -39.97 -37.90
CA ALA C 264 22.18 -39.42 -37.49
C ALA C 264 23.36 -40.24 -38.03
N TRP C 265 23.05 -41.39 -38.64
CA TRP C 265 24.09 -42.30 -39.16
C TRP C 265 24.50 -41.98 -40.60
N TYR C 266 25.80 -41.77 -40.78
CA TYR C 266 26.39 -41.52 -42.10
C TYR C 266 27.04 -42.79 -42.64
N SER C 267 26.75 -43.09 -43.90
CA SER C 267 27.28 -44.29 -44.55
C SER C 267 27.96 -43.97 -45.88
N TYR C 268 29.04 -44.68 -46.18
CA TYR C 268 29.63 -44.62 -47.51
C TYR C 268 29.66 -46.02 -48.11
N LYS C 269 29.07 -46.15 -49.30
CA LYS C 269 29.01 -47.41 -50.03
C LYS C 269 28.66 -48.60 -49.11
N GLY C 270 27.60 -48.43 -48.32
CA GLY C 270 27.08 -49.49 -47.46
C GLY C 270 27.70 -49.56 -46.08
N GLU C 271 28.93 -49.09 -45.95
CA GLU C 271 29.68 -49.17 -44.70
C GLU C 271 29.50 -47.89 -43.88
N LYS C 272 29.10 -48.06 -42.62
CA LYS C 272 28.88 -46.93 -41.71
C LYS C 272 30.18 -46.22 -41.39
N ILE C 273 30.19 -44.90 -41.49
CA ILE C 273 31.40 -44.11 -41.29
C ILE C 273 31.35 -43.22 -40.04
N GLY C 274 30.16 -43.00 -39.50
CA GLY C 274 30.02 -42.24 -38.26
C GLY C 274 28.61 -41.81 -37.91
N GLN C 275 28.38 -41.63 -36.62
CA GLN C 275 27.13 -41.08 -36.12
C GLN C 275 27.34 -39.60 -35.80
N GLY C 276 26.55 -38.74 -36.45
CA GLY C 276 26.72 -37.29 -36.32
C GLY C 276 27.77 -36.74 -37.26
N LYS C 277 27.57 -35.51 -37.71
CA LYS C 277 28.47 -34.85 -38.66
C LYS C 277 29.93 -34.87 -38.17
N ALA C 278 30.12 -34.60 -36.88
CA ALA C 278 31.45 -34.58 -36.24
C ALA C 278 32.25 -35.86 -36.52
N ASN C 279 31.61 -37.02 -36.34
CA ASN C 279 32.27 -38.31 -36.50
C ASN C 279 32.52 -38.72 -37.94
N ALA C 280 31.58 -38.40 -38.82
CA ALA C 280 31.75 -38.61 -40.25
C ALA C 280 32.95 -37.81 -40.77
N THR C 281 33.05 -36.56 -40.32
CA THR C 281 34.18 -35.69 -40.62
C THR C 281 35.50 -36.31 -40.17
N ALA C 282 35.54 -36.78 -38.92
CA ALA C 282 36.73 -37.45 -38.38
C ALA C 282 37.14 -38.67 -39.21
N TRP C 283 36.15 -39.41 -39.71
CA TRP C 283 36.41 -40.59 -40.52
C TRP C 283 37.08 -40.26 -41.84
N LEU C 284 36.59 -39.23 -42.54
CA LEU C 284 37.18 -38.80 -43.80
C LEU C 284 38.61 -38.30 -43.62
N LYS C 285 38.81 -37.52 -42.55
CA LYS C 285 40.13 -37.04 -42.15
C LYS C 285 41.08 -38.23 -41.99
N ASP C 286 40.53 -39.33 -41.47
CA ASP C 286 41.29 -40.54 -41.19
C ASP C 286 41.52 -41.42 -42.42
N ASN C 287 40.62 -41.33 -43.41
CA ASN C 287 40.73 -42.12 -44.63
C ASN C 287 40.93 -41.21 -45.86
N PRO C 288 42.15 -40.69 -46.04
CA PRO C 288 42.37 -39.61 -47.01
C PRO C 288 42.14 -40.05 -48.46
N GLU C 289 42.36 -41.33 -48.74
CA GLU C 289 42.21 -41.91 -50.08
C GLU C 289 40.76 -41.91 -50.52
N THR C 290 39.89 -42.32 -49.62
CA THR C 290 38.44 -42.33 -49.85
C THR C 290 37.91 -40.91 -49.96
N ALA C 291 38.45 -40.02 -49.12
CA ALA C 291 38.12 -38.60 -49.16
C ALA C 291 38.43 -37.99 -50.54
N LYS C 292 39.62 -38.29 -51.08
CA LYS C 292 40.00 -37.83 -52.42
C LYS C 292 38.99 -38.30 -53.47
N GLU C 293 38.58 -39.55 -53.37
CA GLU C 293 37.61 -40.15 -54.29
C GLU C 293 36.27 -39.41 -54.26
N ILE C 294 35.76 -39.15 -53.06
CA ILE C 294 34.51 -38.43 -52.89
C ILE C 294 34.64 -37.00 -53.42
N GLU C 295 35.76 -36.35 -53.09
CA GLU C 295 36.02 -34.99 -53.53
C GLU C 295 36.08 -34.87 -55.06
N LYS C 296 36.78 -35.82 -55.69
CA LYS C 296 36.90 -35.85 -57.14
C LYS C 296 35.53 -35.94 -57.82
N LYS C 297 34.65 -36.78 -57.26
CA LYS C 297 33.27 -36.94 -57.76
C LYS C 297 32.42 -35.70 -57.54
N VAL C 298 32.55 -35.09 -56.36
CA VAL C 298 31.82 -33.86 -56.04
C VAL C 298 32.19 -32.75 -57.02
N ARG C 299 33.47 -32.67 -57.35
CA ARG C 299 33.96 -31.69 -58.32
C ARG C 299 33.45 -31.95 -59.73
N GLU C 300 33.50 -33.21 -60.17
CA GLU C 300 32.95 -33.59 -61.47
C GLU C 300 31.49 -33.22 -61.59
N LEU C 301 30.73 -33.46 -60.52
CA LEU C 301 29.31 -33.16 -60.49
C LEU C 301 28.96 -31.68 -60.41
N LEU C 302 29.79 -30.88 -59.72
CA LEU C 302 29.39 -29.52 -59.40
C LEU C 302 30.18 -28.36 -60.02
N LEU C 303 31.35 -28.64 -60.58
CA LEU C 303 32.13 -27.59 -61.23
C LEU C 303 31.59 -27.30 -62.62
N SER C 304 31.30 -26.03 -62.89
CA SER C 304 30.85 -25.57 -64.21
C SER C 304 31.92 -25.77 -65.30
N ASN C 305 33.14 -25.30 -65.02
CA ASN C 305 34.30 -25.42 -65.92
C ASN C 305 35.28 -26.52 -65.50
N PRO C 306 35.86 -27.24 -66.49
CA PRO C 306 36.93 -28.21 -66.22
C PRO C 306 38.35 -27.59 -66.22
N ASN C 307 38.79 -27.11 -65.05
CA ASN C 307 40.12 -26.49 -64.89
C ASN C 307 40.99 -27.15 -63.81
N SER C 308 41.76 -26.33 -63.09
CA SER C 308 42.56 -26.80 -61.96
C SER C 308 42.24 -26.00 -60.70
N ALA C 325 66.07 -28.22 -65.16
CA ALA C 325 66.34 -26.98 -65.94
C ALA C 325 65.16 -26.00 -65.88
N ILE C 326 63.97 -26.54 -65.62
CA ILE C 326 62.72 -25.76 -65.59
C ILE C 326 62.54 -24.99 -64.28
N ASP C 327 62.91 -25.63 -63.16
CA ASP C 327 62.81 -25.03 -61.83
C ASP C 327 64.11 -24.35 -61.37
N GLU C 328 65.20 -24.63 -62.09
CA GLU C 328 66.49 -24.03 -61.79
C GLU C 328 66.64 -22.65 -62.43
N ASN C 329 65.83 -22.39 -63.46
CA ASN C 329 65.68 -21.05 -64.01
C ASN C 329 64.83 -20.19 -63.08
N LYS C 330 63.84 -20.84 -62.45
CA LYS C 330 63.00 -20.22 -61.45
C LYS C 330 63.82 -19.75 -60.24
N GLN C 331 64.63 -20.66 -59.68
CA GLN C 331 65.44 -20.34 -58.51
C GLN C 331 66.52 -19.29 -58.80
N LYS C 332 67.09 -19.35 -59.99
CA LYS C 332 68.03 -18.32 -60.47
C LYS C 332 67.35 -16.94 -60.50
N ALA C 333 66.17 -16.87 -61.12
CA ALA C 333 65.41 -15.62 -61.26
C ALA C 333 64.86 -15.15 -59.92
N LEU C 334 64.50 -16.11 -59.06
CA LEU C 334 63.99 -15.83 -57.72
C LEU C 334 65.06 -15.15 -56.87
N ALA C 335 66.21 -15.80 -56.77
CA ALA C 335 67.35 -15.26 -56.03
C ALA C 335 67.73 -13.86 -56.51
N ALA C 336 67.71 -13.66 -57.83
CA ALA C 336 68.02 -12.36 -58.44
C ALA C 336 67.01 -11.29 -58.04
N ALA C 337 65.73 -11.60 -58.15
CA ALA C 337 64.68 -10.67 -57.76
C ALA C 337 64.75 -10.36 -56.26
N LEU C 338 64.98 -11.40 -55.45
CA LEU C 338 65.14 -11.26 -54.01
C LEU C 338 66.33 -10.36 -53.67
N GLY C 339 67.46 -10.63 -54.31
CA GLY C 339 68.67 -9.79 -54.16
C GLY C 339 68.40 -8.36 -54.54
N GLN C 340 67.62 -8.17 -55.60
CA GLN C 340 67.22 -6.84 -56.08
C GLN C 340 66.36 -6.09 -55.07
N ILE C 341 65.36 -6.79 -54.53
CA ILE C 341 64.45 -6.22 -53.55
C ILE C 341 65.23 -5.75 -52.32
N GLU C 342 66.17 -6.58 -51.87
CA GLU C 342 66.98 -6.28 -50.70
C GLU C 342 67.93 -5.11 -50.94
N LYS C 343 68.48 -5.04 -52.14
CA LYS C 343 69.35 -3.94 -52.53
C LYS C 343 68.58 -2.61 -52.58
N GLN C 344 67.35 -2.67 -53.11
CA GLN C 344 66.50 -1.48 -53.24
C GLN C 344 65.90 -1.01 -51.91
N PHE C 345 65.45 -1.96 -51.08
CA PHE C 345 64.68 -1.60 -49.90
C PHE C 345 65.32 -1.93 -48.56
N GLY C 346 66.57 -2.38 -48.58
CA GLY C 346 67.31 -2.66 -47.34
C GLY C 346 67.34 -4.12 -46.98
N LYS C 347 68.17 -4.43 -45.98
CA LYS C 347 68.42 -5.80 -45.51
C LYS C 347 67.19 -6.70 -45.43
N GLY C 348 66.49 -6.67 -44.31
CA GLY C 348 65.44 -7.66 -44.04
C GLY C 348 64.08 -7.38 -44.68
N SER C 349 64.07 -6.69 -45.82
CA SER C 349 62.80 -6.26 -46.44
C SER C 349 61.97 -7.39 -47.07
N ILE C 350 62.62 -8.51 -47.37
CA ILE C 350 61.92 -9.76 -47.70
C ILE C 350 62.74 -10.95 -47.21
N MET C 351 62.06 -11.94 -46.62
CA MET C 351 62.69 -13.19 -46.23
C MET C 351 61.70 -14.32 -46.00
N ARG C 352 62.22 -15.53 -45.84
CA ARG C 352 61.41 -16.68 -45.49
C ARG C 352 60.82 -16.47 -44.12
N LEU C 353 59.52 -16.72 -43.98
CA LEU C 353 58.82 -16.49 -42.72
C LEU C 353 59.48 -17.25 -41.57
N GLY C 354 59.80 -18.52 -41.82
CA GLY C 354 60.33 -19.42 -40.81
C GLY C 354 61.55 -18.90 -40.09
N GLU C 355 62.32 -18.06 -40.78
CA GLU C 355 63.57 -17.56 -40.22
C GLU C 355 63.54 -16.09 -39.81
N ASP C 356 62.36 -15.49 -39.82
CA ASP C 356 62.21 -14.12 -39.36
C ASP C 356 61.89 -14.07 -37.87
N ARG C 357 62.92 -13.78 -37.07
CA ARG C 357 62.76 -13.70 -35.62
C ARG C 357 61.87 -12.54 -35.16
N SER C 358 61.87 -11.45 -35.92
CA SER C 358 61.11 -10.27 -35.54
C SER C 358 59.59 -10.51 -35.68
N MET C 359 59.23 -11.69 -36.18
CA MET C 359 57.84 -12.02 -36.43
C MET C 359 57.25 -12.88 -35.31
N ASP C 360 58.11 -13.37 -34.43
CA ASP C 360 57.69 -14.18 -33.29
C ASP C 360 56.86 -13.37 -32.35
N VAL C 361 55.78 -13.99 -31.91
CA VAL C 361 54.90 -13.33 -30.97
C VAL C 361 55.45 -13.41 -29.54
N GLU C 362 55.67 -12.26 -28.92
CA GLU C 362 56.13 -12.18 -27.54
C GLU C 362 55.03 -11.51 -26.71
N THR C 363 54.82 -11.98 -25.48
CA THR C 363 53.74 -11.43 -24.64
C THR C 363 54.16 -10.82 -23.29
N ILE C 364 53.27 -9.99 -22.75
CA ILE C 364 53.41 -9.30 -21.47
C ILE C 364 52.21 -9.71 -20.64
N SER C 365 52.41 -9.96 -19.35
CA SER C 365 51.29 -10.28 -18.46
C SER C 365 50.27 -9.13 -18.34
N THR C 366 49.01 -9.49 -18.12
CA THR C 366 47.96 -8.49 -17.97
C THR C 366 47.75 -8.11 -16.51
N GLY C 367 48.42 -8.81 -15.60
CA GLY C 367 48.18 -8.63 -14.17
C GLY C 367 47.12 -9.57 -13.62
N SER C 368 46.35 -10.19 -14.52
CA SER C 368 45.39 -11.22 -14.15
C SER C 368 45.83 -12.56 -14.71
N LEU C 369 45.89 -13.57 -13.86
CA LEU C 369 46.30 -14.89 -14.28
C LEU C 369 45.27 -15.55 -15.19
N SER C 370 44.00 -15.42 -14.83
CA SER C 370 42.94 -16.05 -15.60
C SER C 370 42.76 -15.38 -16.96
N LEU C 371 43.04 -14.07 -17.04
CA LEU C 371 43.04 -13.36 -18.32
C LEU C 371 44.18 -13.84 -19.19
N ASP C 372 45.38 -13.94 -18.61
CA ASP C 372 46.54 -14.45 -19.32
C ASP C 372 46.24 -15.83 -19.91
N ILE C 373 45.47 -16.64 -19.18
CA ILE C 373 45.05 -17.94 -19.68
C ILE C 373 44.02 -17.80 -20.79
N ALA C 374 43.04 -16.92 -20.60
CA ALA C 374 42.01 -16.69 -21.59
C ALA C 374 42.59 -16.24 -22.91
N LEU C 375 43.63 -15.41 -22.87
CA LEU C 375 44.30 -14.91 -24.06
C LEU C 375 45.07 -15.99 -24.83
N GLY C 376 45.20 -17.17 -24.21
CA GLY C 376 45.78 -18.33 -24.89
C GLY C 376 47.29 -18.32 -24.96
N ALA C 377 47.85 -17.16 -25.29
CA ALA C 377 49.29 -17.00 -25.43
C ALA C 377 49.99 -16.56 -24.13
N GLY C 378 49.21 -16.29 -23.09
CA GLY C 378 49.79 -15.95 -21.80
C GLY C 378 49.87 -14.47 -21.48
N GLY C 379 49.34 -13.64 -22.38
CA GLY C 379 49.31 -12.20 -22.17
C GLY C 379 49.08 -11.42 -23.45
N LEU C 380 49.28 -10.11 -23.38
CA LEU C 380 49.11 -9.22 -24.52
C LEU C 380 50.35 -9.23 -25.42
N PRO C 381 50.16 -9.18 -26.76
CA PRO C 381 51.30 -9.29 -27.68
C PRO C 381 52.06 -7.98 -27.90
N MET C 382 53.38 -8.05 -27.81
CA MET C 382 54.24 -6.89 -28.02
C MET C 382 54.25 -6.47 -29.49
N GLY C 383 54.33 -5.17 -29.74
CA GLY C 383 54.39 -4.64 -31.10
C GLY C 383 53.04 -4.65 -31.81
N ARG C 384 51.96 -4.74 -31.04
CA ARG C 384 50.62 -4.84 -31.58
C ARG C 384 49.71 -3.80 -30.93
N ILE C 385 48.50 -3.67 -31.47
CA ILE C 385 47.48 -2.79 -30.92
C ILE C 385 46.45 -3.63 -30.16
N VAL C 386 46.03 -3.15 -29.01
CA VAL C 386 45.03 -3.83 -28.21
C VAL C 386 43.93 -2.82 -27.88
N GLU C 387 42.66 -3.26 -27.89
CA GLU C 387 41.55 -2.41 -27.43
C GLU C 387 40.87 -3.01 -26.21
N ILE C 388 40.55 -2.18 -25.23
CA ILE C 388 39.77 -2.61 -24.06
C ILE C 388 38.55 -1.71 -23.96
N TYR C 389 37.37 -2.30 -23.91
CA TYR C 389 36.15 -1.51 -23.78
C TYR C 389 35.17 -2.10 -22.76
N GLY C 390 34.29 -1.27 -22.25
CA GLY C 390 33.28 -1.70 -21.29
C GLY C 390 32.56 -0.51 -20.70
N PRO C 391 31.51 -0.76 -19.90
CA PRO C 391 30.73 0.30 -19.27
C PRO C 391 31.56 1.12 -18.29
N GLU C 392 30.99 2.20 -17.74
CA GLU C 392 31.72 3.03 -16.78
C GLU C 392 32.12 2.24 -15.56
N SER C 393 33.32 2.53 -15.05
CA SER C 393 33.82 1.94 -13.80
C SER C 393 33.90 0.41 -13.86
N SER C 394 34.11 -0.13 -15.06
CA SER C 394 34.21 -1.57 -15.22
C SER C 394 35.62 -2.05 -14.95
N GLY C 395 36.58 -1.14 -14.89
CA GLY C 395 37.94 -1.50 -14.55
C GLY C 395 38.96 -1.36 -15.65
N LYS C 396 38.63 -0.57 -16.67
CA LYS C 396 39.50 -0.40 -17.83
C LYS C 396 40.85 0.22 -17.45
N THR C 397 40.83 1.37 -16.79
CA THR C 397 42.05 2.04 -16.39
C THR C 397 42.86 1.16 -15.43
N THR C 398 42.17 0.67 -14.38
CA THR C 398 42.78 -0.27 -13.43
C THR C 398 43.56 -1.39 -14.14
N LEU C 399 42.90 -2.11 -15.07
CA LEU C 399 43.51 -3.24 -15.74
C LEU C 399 44.78 -2.77 -16.41
N THR C 400 44.64 -1.69 -17.16
CA THR C 400 45.72 -1.03 -17.87
C THR C 400 46.92 -0.70 -16.98
N LEU C 401 46.65 -0.14 -15.80
CA LEU C 401 47.72 0.22 -14.87
C LEU C 401 48.40 -1.04 -14.34
N GLN C 402 47.63 -2.12 -14.18
CA GLN C 402 48.18 -3.38 -13.72
C GLN C 402 49.11 -3.98 -14.76
N VAL C 403 48.79 -3.81 -16.05
CA VAL C 403 49.74 -4.26 -17.07
C VAL C 403 51.00 -3.38 -17.08
N ILE C 404 50.84 -2.06 -16.94
CA ILE C 404 51.99 -1.18 -16.77
C ILE C 404 52.87 -1.59 -15.57
N ALA C 405 52.24 -1.83 -14.41
CA ALA C 405 53.00 -2.22 -13.20
C ALA C 405 53.82 -3.49 -13.44
N ALA C 406 53.19 -4.51 -14.05
CA ALA C 406 53.86 -5.77 -14.34
C ALA C 406 55.04 -5.57 -15.29
N ALA C 407 54.85 -4.70 -16.29
CA ALA C 407 55.88 -4.38 -17.27
C ALA C 407 57.06 -3.67 -16.62
N GLN C 408 56.76 -2.70 -15.76
CA GLN C 408 57.80 -1.95 -15.05
C GLN C 408 58.60 -2.86 -14.14
N ARG C 409 57.91 -3.81 -13.51
CA ARG C 409 58.49 -4.81 -12.63
C ARG C 409 59.54 -5.64 -13.38
N GLU C 410 59.42 -5.70 -14.71
CA GLU C 410 60.38 -6.41 -15.57
C GLU C 410 61.33 -5.48 -16.29
N GLY C 411 61.43 -4.23 -15.83
CA GLY C 411 62.36 -3.26 -16.39
C GLY C 411 61.93 -2.57 -17.68
N LYS C 412 60.68 -2.75 -18.06
CA LYS C 412 60.16 -2.09 -19.26
C LYS C 412 59.78 -0.62 -19.00
N THR C 413 59.73 0.17 -20.06
CA THR C 413 59.38 1.59 -19.96
C THR C 413 57.97 1.83 -20.48
N CYS C 414 57.18 2.58 -19.73
CA CYS C 414 55.77 2.79 -20.10
C CYS C 414 55.34 4.23 -20.20
N ALA C 415 54.34 4.49 -21.03
CA ALA C 415 53.79 5.82 -21.16
C ALA C 415 52.28 5.73 -21.07
N PHE C 416 51.67 6.75 -20.47
CA PHE C 416 50.22 6.81 -20.30
C PHE C 416 49.68 8.12 -20.88
N ILE C 417 48.79 8.02 -21.87
CA ILE C 417 48.19 9.19 -22.47
C ILE C 417 46.81 9.36 -21.85
N ASP C 418 46.70 10.26 -20.88
CA ASP C 418 45.47 10.51 -20.15
C ASP C 418 44.57 11.53 -20.84
N ALA C 419 43.98 11.11 -21.96
CA ALA C 419 43.11 12.02 -22.74
C ALA C 419 41.81 12.32 -22.00
N GLU C 420 41.42 11.39 -21.15
CA GLU C 420 40.22 11.52 -20.37
C GLU C 420 40.40 12.50 -19.19
N HIS C 421 41.66 12.86 -18.92
CA HIS C 421 42.05 13.80 -17.87
C HIS C 421 41.49 13.38 -16.52
N ALA C 422 41.72 12.12 -16.17
CA ALA C 422 41.17 11.59 -14.93
C ALA C 422 42.09 10.58 -14.23
N LEU C 423 43.38 10.58 -14.54
CA LEU C 423 44.30 9.69 -13.87
C LEU C 423 44.66 10.19 -12.47
N ASP C 424 44.51 9.31 -11.48
CA ASP C 424 44.89 9.61 -10.09
C ASP C 424 46.26 8.99 -9.81
N PRO C 425 47.32 9.82 -9.78
CA PRO C 425 48.68 9.31 -9.58
C PRO C 425 48.82 8.52 -8.29
N ILE C 426 48.25 9.02 -7.18
CA ILE C 426 48.31 8.29 -5.92
C ILE C 426 47.67 6.91 -6.05
N TYR C 427 46.54 6.83 -6.74
CA TYR C 427 45.89 5.53 -6.97
C TYR C 427 46.75 4.60 -7.81
N ALA C 428 47.34 5.12 -8.88
CA ALA C 428 48.25 4.33 -9.72
C ALA C 428 49.36 3.71 -8.88
N ARG C 429 49.88 4.48 -7.91
CA ARG C 429 50.93 3.99 -7.04
C ARG C 429 50.43 2.84 -6.19
N LYS C 430 49.21 2.96 -5.65
CA LYS C 430 48.62 1.88 -4.85
C LYS C 430 48.48 0.58 -5.63
N LEU C 431 48.23 0.70 -6.94
CA LEU C 431 48.15 -0.48 -7.80
C LEU C 431 49.54 -1.00 -8.20
N GLY C 432 50.59 -0.45 -7.59
CA GLY C 432 51.95 -0.91 -7.83
C GLY C 432 52.70 -0.31 -9.01
N VAL C 433 52.18 0.77 -9.57
CA VAL C 433 52.86 1.46 -10.66
C VAL C 433 54.00 2.30 -10.10
N ASP C 434 55.13 2.26 -10.78
CA ASP C 434 56.24 3.16 -10.51
C ASP C 434 55.95 4.55 -11.08
N ILE C 435 55.25 5.34 -10.29
CA ILE C 435 54.80 6.71 -10.62
C ILE C 435 55.94 7.58 -11.17
N ASP C 436 57.11 7.44 -10.55
CA ASP C 436 58.28 8.25 -10.90
C ASP C 436 58.88 7.99 -12.27
N ASN C 437 58.58 6.84 -12.86
CA ASN C 437 59.11 6.51 -14.17
C ASN C 437 58.05 6.33 -15.24
N LEU C 438 56.79 6.53 -14.89
CA LEU C 438 55.71 6.42 -15.85
C LEU C 438 55.62 7.74 -16.60
N LEU C 439 55.93 7.70 -17.90
CA LEU C 439 55.74 8.86 -18.76
C LEU C 439 54.25 9.12 -18.87
N CYS C 440 53.88 10.38 -18.75
CA CYS C 440 52.47 10.71 -18.70
C CYS C 440 52.19 11.98 -19.48
N SER C 441 51.08 11.96 -20.21
CA SER C 441 50.72 13.10 -21.02
C SER C 441 49.22 13.32 -21.00
N GLN C 442 48.81 14.58 -20.82
CA GLN C 442 47.41 14.99 -20.96
C GLN C 442 47.30 15.94 -22.13
N PRO C 443 47.14 15.38 -23.34
CA PRO C 443 47.29 16.15 -24.58
C PRO C 443 46.09 17.05 -24.85
N ASP C 444 46.29 18.08 -25.67
CA ASP C 444 45.24 19.06 -25.95
C ASP C 444 44.24 18.60 -27.00
N THR C 445 44.73 17.97 -28.06
CA THR C 445 43.88 17.48 -29.12
C THR C 445 44.15 16.00 -29.36
N GLY C 446 43.23 15.34 -30.05
CA GLY C 446 43.37 13.94 -30.42
C GLY C 446 44.54 13.71 -31.33
N GLU C 447 44.75 14.61 -32.29
CA GLU C 447 45.91 14.53 -33.19
C GLU C 447 47.21 14.60 -32.41
N GLN C 448 47.28 15.48 -31.43
CA GLN C 448 48.43 15.60 -30.56
C GLN C 448 48.67 14.28 -29.80
N ALA C 449 47.60 13.74 -29.21
CA ALA C 449 47.69 12.47 -28.51
C ALA C 449 48.31 11.39 -29.37
N LEU C 450 47.86 11.31 -30.61
CA LEU C 450 48.30 10.26 -31.54
C LEU C 450 49.70 10.56 -32.10
N GLU C 451 50.01 11.85 -32.26
CA GLU C 451 51.34 12.22 -32.69
C GLU C 451 52.38 11.86 -31.64
N ILE C 452 52.00 11.98 -30.37
CA ILE C 452 52.88 11.59 -29.27
C ILE C 452 53.09 10.08 -29.31
N CYS C 453 52.02 9.31 -29.49
CA CYS C 453 52.12 7.85 -29.67
C CYS C 453 53.08 7.47 -30.77
N ASP C 454 52.96 8.12 -31.92
CA ASP C 454 53.81 7.83 -33.05
C ASP C 454 55.26 8.13 -32.70
N ALA C 455 55.51 9.30 -32.12
CA ALA C 455 56.85 9.72 -31.76
C ALA C 455 57.49 8.77 -30.74
N LEU C 456 56.70 8.31 -29.77
CA LEU C 456 57.20 7.38 -28.76
C LEU C 456 57.48 6.02 -29.38
N ALA C 457 56.56 5.57 -30.22
CA ALA C 457 56.78 4.32 -30.97
C ALA C 457 58.07 4.39 -31.75
N ARG C 458 58.23 5.44 -32.57
CA ARG C 458 59.39 5.58 -33.45
C ARG C 458 60.73 5.64 -32.72
N SER C 459 60.72 6.11 -31.48
CA SER C 459 61.94 6.24 -30.68
C SER C 459 62.54 4.88 -30.33
N GLY C 460 61.68 3.87 -30.20
CA GLY C 460 62.10 2.53 -29.80
C GLY C 460 62.51 2.41 -28.35
N ALA C 461 62.17 3.42 -27.55
CA ALA C 461 62.59 3.48 -26.15
C ALA C 461 61.44 3.24 -25.17
N VAL C 462 60.23 3.17 -25.69
CA VAL C 462 59.05 2.90 -24.87
C VAL C 462 58.48 1.53 -25.23
N ASP C 463 58.13 0.75 -24.21
CA ASP C 463 57.69 -0.63 -24.36
C ASP C 463 56.17 -0.82 -24.43
N VAL C 464 55.47 -0.12 -23.54
CA VAL C 464 54.01 -0.10 -23.61
C VAL C 464 53.45 1.30 -23.45
N ILE C 465 52.50 1.63 -24.32
CA ILE C 465 51.80 2.91 -24.30
C ILE C 465 50.31 2.63 -24.14
N VAL C 466 49.65 3.29 -23.19
CA VAL C 466 48.21 3.21 -23.14
C VAL C 466 47.55 4.56 -23.35
N VAL C 467 46.56 4.59 -24.22
CA VAL C 467 45.79 5.80 -24.50
C VAL C 467 44.46 5.67 -23.79
N ASP C 468 44.24 6.50 -22.77
CA ASP C 468 43.01 6.40 -22.00
C ASP C 468 41.88 7.21 -22.62
N SER C 469 41.00 6.43 -23.27
CA SER C 469 39.80 6.80 -23.96
C SER C 469 40.06 7.33 -25.33
N VAL C 470 39.73 6.52 -26.34
CA VAL C 470 39.63 7.04 -27.70
C VAL C 470 38.44 7.98 -27.73
N ALA C 471 37.47 7.76 -26.85
CA ALA C 471 36.29 8.61 -26.78
C ALA C 471 36.67 10.05 -26.48
N ALA C 472 37.79 10.22 -25.77
CA ALA C 472 38.28 11.54 -25.37
C ALA C 472 39.24 12.20 -26.39
N LEU C 473 39.56 11.46 -27.45
CA LEU C 473 40.44 11.94 -28.53
C LEU C 473 39.68 12.89 -29.44
N THR C 474 39.69 14.17 -29.10
CA THR C 474 38.94 15.18 -29.83
C THR C 474 39.76 15.83 -30.94
N PRO C 475 39.31 15.71 -32.19
CA PRO C 475 39.97 16.38 -33.30
C PRO C 475 40.12 17.87 -33.10
N LYS C 476 41.23 18.40 -33.61
CA LYS C 476 41.61 19.81 -33.46
C LYS C 476 40.49 20.75 -33.92
N ALA C 477 39.89 20.43 -35.08
CA ALA C 477 38.81 21.24 -35.65
C ALA C 477 37.60 21.28 -34.73
N GLU C 478 37.33 20.17 -34.04
CA GLU C 478 36.21 20.09 -33.11
C GLU C 478 36.45 20.94 -31.87
N ILE C 479 37.66 20.89 -31.36
CA ILE C 479 38.02 21.67 -30.18
C ILE C 479 37.94 23.16 -30.42
N GLU C 480 38.35 23.59 -31.61
CA GLU C 480 38.31 25.01 -31.95
C GLU C 480 36.93 25.48 -32.38
N GLY C 481 36.15 24.55 -32.94
CA GLY C 481 34.75 24.84 -33.30
C GLY C 481 33.86 25.01 -32.08
N GLU C 482 32.60 25.39 -32.31
CA GLU C 482 31.63 25.51 -31.23
C GLU C 482 30.94 24.19 -30.92
N ILE C 483 30.28 24.14 -29.76
CA ILE C 483 29.45 23.00 -29.40
C ILE C 483 28.19 23.06 -30.25
N GLY C 484 27.93 21.97 -30.97
CA GLY C 484 26.77 21.90 -31.85
C GLY C 484 27.16 22.02 -33.30
N ASP C 485 28.43 22.36 -33.57
CA ASP C 485 28.98 22.29 -34.91
C ASP C 485 29.12 20.81 -35.23
N SER C 486 28.74 20.41 -36.44
CA SER C 486 28.82 18.99 -36.81
C SER C 486 30.15 18.67 -37.48
N HIS C 487 30.84 17.67 -36.94
CA HIS C 487 32.10 17.19 -37.50
C HIS C 487 31.93 15.71 -37.76
N MET C 488 30.94 15.38 -38.59
CA MET C 488 30.54 14.00 -38.83
C MET C 488 31.70 13.09 -39.23
N GLY C 489 32.04 12.15 -38.34
CA GLY C 489 33.12 11.17 -38.55
C GLY C 489 34.52 11.76 -38.75
N LEU C 490 34.78 12.90 -38.11
CA LEU C 490 36.10 13.49 -38.17
C LEU C 490 37.06 12.69 -37.30
N ALA C 491 36.58 12.24 -36.15
CA ALA C 491 37.35 11.40 -35.25
C ALA C 491 37.62 10.04 -35.89
N ALA C 492 36.64 9.55 -36.64
CA ALA C 492 36.76 8.26 -37.30
C ALA C 492 37.85 8.30 -38.35
N ARG C 493 37.86 9.35 -39.17
CA ARG C 493 38.86 9.44 -40.22
C ARG C 493 40.25 9.70 -39.64
N MET C 494 40.28 10.36 -38.48
CA MET C 494 41.52 10.56 -37.74
C MET C 494 42.11 9.25 -37.24
N MET C 495 41.26 8.43 -36.61
CA MET C 495 41.64 7.10 -36.13
C MET C 495 42.12 6.21 -37.26
N SER C 496 41.43 6.28 -38.39
CA SER C 496 41.76 5.48 -39.55
C SER C 496 43.15 5.84 -40.07
N GLN C 497 43.47 7.13 -40.09
CA GLN C 497 44.80 7.58 -40.49
C GLN C 497 45.85 7.17 -39.46
N ALA C 498 45.52 7.28 -38.18
CA ALA C 498 46.44 6.90 -37.11
C ALA C 498 46.88 5.43 -37.20
N MET C 499 45.92 4.51 -37.36
CA MET C 499 46.23 3.06 -37.43
C MET C 499 47.19 2.76 -38.59
N ARG C 500 46.85 3.30 -39.76
CA ARG C 500 47.68 3.23 -40.95
C ARG C 500 49.15 3.53 -40.62
N LYS C 501 49.38 4.59 -39.86
CA LYS C 501 50.75 5.05 -39.55
C LYS C 501 51.37 4.30 -38.37
N LEU C 502 50.56 4.03 -37.35
CA LEU C 502 51.04 3.41 -36.13
C LEU C 502 51.44 1.94 -36.26
N ALA C 503 50.64 1.16 -37.00
CA ALA C 503 50.83 -0.30 -37.06
C ALA C 503 52.27 -0.70 -37.39
N GLY C 504 52.83 -0.09 -38.43
CA GLY C 504 54.20 -0.35 -38.85
C GLY C 504 55.24 0.04 -37.82
N ASN C 505 55.10 1.24 -37.26
CA ASN C 505 56.04 1.76 -36.28
C ASN C 505 56.06 0.95 -35.00
N LEU C 506 54.88 0.54 -34.53
CA LEU C 506 54.78 -0.25 -33.32
C LEU C 506 55.46 -1.61 -33.46
N LYS C 507 55.28 -2.26 -34.60
CA LYS C 507 55.91 -3.55 -34.84
C LYS C 507 57.44 -3.44 -34.87
N GLN C 508 57.96 -2.45 -35.59
CA GLN C 508 59.41 -2.33 -35.73
C GLN C 508 60.14 -1.83 -34.47
N SER C 509 59.38 -1.41 -33.46
CA SER C 509 59.94 -1.03 -32.15
C SER C 509 59.56 -2.03 -31.08
N ASN C 510 58.76 -3.02 -31.45
CA ASN C 510 58.19 -3.98 -30.51
C ASN C 510 57.42 -3.32 -29.35
N THR C 511 56.63 -2.31 -29.69
CA THR C 511 55.89 -1.51 -28.70
C THR C 511 54.43 -1.95 -28.67
N LEU C 512 53.93 -2.23 -27.46
CA LEU C 512 52.52 -2.52 -27.26
C LEU C 512 51.70 -1.25 -27.05
N LEU C 513 50.63 -1.07 -27.83
CA LEU C 513 49.76 0.09 -27.69
C LEU C 513 48.38 -0.34 -27.30
N ILE C 514 47.95 0.04 -26.11
CA ILE C 514 46.59 -0.28 -25.65
C ILE C 514 45.67 0.94 -25.74
N PHE C 515 44.55 0.80 -26.43
CA PHE C 515 43.51 1.84 -26.49
C PHE C 515 42.39 1.44 -25.60
N ILE C 516 42.07 2.29 -24.63
CA ILE C 516 40.83 2.11 -23.88
C ILE C 516 39.69 2.80 -24.64
N ASN C 517 38.53 2.15 -24.71
CA ASN C 517 37.37 2.76 -25.35
C ASN C 517 36.12 2.71 -24.47
N GLN C 518 35.19 3.62 -24.71
CA GLN C 518 33.90 3.63 -24.03
C GLN C 518 32.83 3.03 -24.94
N ILE C 519 31.65 2.81 -24.37
CA ILE C 519 30.52 2.26 -25.09
C ILE C 519 29.48 3.33 -25.41
N ARG C 520 28.92 3.26 -26.61
CA ARG C 520 27.76 4.07 -26.98
C ARG C 520 26.66 3.18 -27.51
N MET C 521 25.43 3.68 -27.48
CA MET C 521 24.31 2.94 -28.01
C MET C 521 24.17 3.29 -29.50
N LYS C 522 23.83 2.33 -30.35
CA LYS C 522 23.45 2.70 -31.71
C LYS C 522 21.93 2.73 -31.83
N ILE C 523 21.41 3.91 -32.19
CA ILE C 523 19.98 4.19 -32.19
C ILE C 523 19.25 3.42 -33.30
N GLY C 524 17.99 3.05 -33.05
CA GLY C 524 17.15 2.35 -34.02
C GLY C 524 17.57 0.93 -34.32
N VAL C 525 18.26 0.30 -33.37
CA VAL C 525 18.71 -1.09 -33.50
C VAL C 525 18.05 -1.97 -32.42
N MET C 526 17.01 -2.70 -32.83
CA MET C 526 16.31 -3.66 -31.96
C MET C 526 16.56 -5.10 -32.41
N PHE C 527 17.81 -5.38 -32.80
CA PHE C 527 18.22 -6.70 -33.32
C PHE C 527 19.67 -6.95 -32.96
N GLY C 528 19.87 -7.91 -32.07
CA GLY C 528 21.20 -8.22 -31.56
C GLY C 528 21.66 -7.16 -30.60
N ASN C 529 22.87 -6.66 -30.87
CA ASN C 529 23.57 -5.82 -29.90
C ASN C 529 23.54 -4.34 -30.25
N PRO C 530 22.90 -3.53 -29.38
CA PRO C 530 22.85 -2.09 -29.64
C PRO C 530 24.12 -1.35 -29.23
N GLU C 531 25.10 -2.07 -28.69
CA GLU C 531 26.32 -1.44 -28.19
C GLU C 531 27.34 -1.20 -29.28
N THR C 532 28.05 -0.08 -29.20
CA THR C 532 29.21 0.19 -30.05
C THR C 532 30.31 0.81 -29.25
N THR C 533 31.32 1.25 -29.98
CA THR C 533 32.55 1.69 -29.43
C THR C 533 32.81 3.02 -30.14
N THR C 534 33.59 3.90 -29.53
CA THR C 534 33.83 5.22 -30.13
C THR C 534 34.92 5.17 -31.21
N GLY C 535 34.89 6.16 -32.10
CA GLY C 535 36.04 6.45 -32.95
C GLY C 535 36.10 5.69 -34.24
N GLY C 536 34.99 5.06 -34.62
CA GLY C 536 34.90 4.44 -35.94
C GLY C 536 35.33 3.00 -36.00
N ASN C 537 35.62 2.56 -37.22
CA ASN C 537 35.82 1.14 -37.52
C ASN C 537 37.27 0.68 -37.62
N ALA C 538 38.19 1.60 -37.86
CA ALA C 538 39.59 1.25 -38.03
C ALA C 538 40.15 0.38 -36.89
N LEU C 539 39.95 0.82 -35.65
CA LEU C 539 40.51 0.14 -34.49
C LEU C 539 40.09 -1.34 -34.38
N LYS C 540 38.82 -1.65 -34.68
CA LYS C 540 38.32 -3.02 -34.74
C LYS C 540 39.27 -3.89 -35.55
N PHE C 541 39.62 -3.40 -36.74
CA PHE C 541 40.44 -4.16 -37.66
C PHE C 541 41.89 -4.30 -37.24
N TYR C 542 42.47 -3.21 -36.74
CA TYR C 542 43.90 -3.20 -36.43
C TYR C 542 44.25 -3.82 -35.09
N ALA C 543 43.28 -3.96 -34.18
CA ALA C 543 43.54 -4.57 -32.88
C ALA C 543 43.87 -6.06 -33.06
N SER C 544 44.94 -6.51 -32.40
CA SER C 544 45.28 -7.93 -32.38
C SER C 544 44.50 -8.66 -31.30
N VAL C 545 44.11 -7.92 -30.27
CA VAL C 545 43.26 -8.41 -29.20
C VAL C 545 42.21 -7.35 -28.88
N ARG C 546 40.96 -7.76 -28.67
CA ARG C 546 39.94 -6.85 -28.15
C ARG C 546 39.29 -7.47 -26.92
N LEU C 547 39.17 -6.66 -25.88
CA LEU C 547 38.71 -7.12 -24.58
C LEU C 547 37.46 -6.37 -24.16
N ASP C 548 36.42 -7.13 -23.78
CA ASP C 548 35.18 -6.58 -23.22
C ASP C 548 35.20 -6.84 -21.72
N ILE C 549 35.38 -5.77 -20.93
CA ILE C 549 35.43 -5.88 -19.46
C ILE C 549 34.14 -5.38 -18.81
N ARG C 550 33.67 -6.09 -17.79
CA ARG C 550 32.38 -5.78 -17.15
C ARG C 550 32.36 -6.06 -15.66
N ARG C 551 31.70 -5.19 -14.89
CA ARG C 551 31.50 -5.44 -13.47
C ARG C 551 30.26 -6.31 -13.30
N ILE C 552 30.42 -7.45 -12.65
CA ILE C 552 29.31 -8.40 -12.56
C ILE C 552 28.77 -8.58 -11.15
N GLY C 553 29.38 -7.88 -10.19
CA GLY C 553 28.93 -7.97 -8.81
C GLY C 553 29.84 -7.24 -7.83
N ALA C 554 29.48 -7.31 -6.56
CA ALA C 554 30.21 -6.63 -5.49
C ALA C 554 31.00 -7.62 -4.64
N VAL C 555 32.20 -7.22 -4.24
CA VAL C 555 32.99 -7.95 -3.24
C VAL C 555 32.77 -7.29 -1.89
N LYS C 556 32.33 -8.07 -0.91
CA LYS C 556 31.87 -7.50 0.36
C LYS C 556 32.55 -8.04 1.63
N GLU C 557 32.93 -7.12 2.52
CA GLU C 557 33.36 -7.42 3.88
C GLU C 557 32.17 -7.22 4.79
N GLY C 558 31.23 -8.15 4.77
CA GLY C 558 29.96 -8.00 5.47
C GLY C 558 29.21 -6.78 4.95
N GLU C 559 29.40 -5.66 5.64
CA GLU C 559 28.75 -4.39 5.31
C GLU C 559 29.38 -3.72 4.08
N ASN C 560 30.69 -3.54 4.12
CA ASN C 560 31.38 -2.66 3.15
C ASN C 560 31.64 -3.32 1.81
N VAL C 561 31.41 -2.54 0.76
CA VAL C 561 31.77 -2.96 -0.59
C VAL C 561 33.25 -2.63 -0.76
N VAL C 562 34.06 -3.67 -0.89
CA VAL C 562 35.50 -3.51 -0.84
C VAL C 562 36.18 -3.78 -2.19
N GLY C 563 35.40 -4.30 -3.13
CA GLY C 563 35.90 -4.53 -4.48
C GLY C 563 34.81 -4.80 -5.51
N SER C 564 35.23 -4.96 -6.75
CA SER C 564 34.33 -5.30 -7.86
C SER C 564 34.60 -6.70 -8.39
N GLU C 565 33.55 -7.49 -8.48
CA GLU C 565 33.64 -8.77 -9.15
C GLU C 565 33.62 -8.52 -10.65
N THR C 566 34.59 -9.06 -11.38
CA THR C 566 34.84 -8.65 -12.77
C THR C 566 34.90 -9.80 -13.78
N ARG C 567 34.35 -9.57 -14.97
CA ARG C 567 34.44 -10.51 -16.09
C ARG C 567 35.05 -9.85 -17.35
N VAL C 568 36.01 -10.53 -17.96
CA VAL C 568 36.58 -10.04 -19.21
C VAL C 568 36.37 -11.11 -20.30
N LYS C 569 35.78 -10.73 -21.43
CA LYS C 569 35.65 -11.64 -22.57
C LYS C 569 36.68 -11.28 -23.62
N VAL C 570 37.35 -12.27 -24.17
CA VAL C 570 38.26 -12.00 -25.26
C VAL C 570 37.42 -12.03 -26.52
N VAL C 571 37.11 -10.85 -26.99
CA VAL C 571 36.14 -10.64 -28.05
C VAL C 571 36.76 -10.73 -29.46
N LYS C 572 38.05 -10.39 -29.55
CA LYS C 572 38.85 -10.61 -30.75
C LYS C 572 40.25 -11.10 -30.37
N ASN C 573 40.77 -12.05 -31.14
CA ASN C 573 42.10 -12.58 -30.89
C ASN C 573 42.81 -13.10 -32.14
N LYS C 574 43.99 -12.53 -32.39
CA LYS C 574 44.78 -12.84 -33.56
C LYS C 574 45.99 -13.71 -33.20
N ILE C 575 46.22 -13.93 -31.91
CA ILE C 575 47.40 -14.68 -31.47
C ILE C 575 47.06 -16.04 -30.85
N ALA C 576 45.77 -16.27 -30.58
CA ALA C 576 45.23 -17.53 -30.07
C ALA C 576 43.72 -17.53 -30.32
N ALA C 577 43.04 -18.64 -30.05
CA ALA C 577 41.57 -18.71 -30.15
C ALA C 577 40.90 -17.56 -29.40
N PRO C 578 39.83 -16.99 -29.99
CA PRO C 578 39.04 -15.96 -29.28
C PRO C 578 37.93 -16.57 -28.41
N PHE C 579 37.23 -15.71 -27.67
CA PHE C 579 35.97 -16.03 -26.97
C PHE C 579 36.10 -16.81 -25.66
N LYS C 580 37.32 -16.94 -25.16
CA LYS C 580 37.50 -17.41 -23.79
C LYS C 580 37.25 -16.23 -22.85
N GLN C 581 36.98 -16.51 -21.58
CA GLN C 581 36.76 -15.43 -20.64
C GLN C 581 37.44 -15.60 -19.29
N ALA C 582 37.66 -14.48 -18.61
CA ALA C 582 38.31 -14.47 -17.31
C ALA C 582 37.40 -13.82 -16.28
N GLU C 583 37.43 -14.35 -15.06
CA GLU C 583 36.72 -13.74 -13.95
C GLU C 583 37.67 -13.57 -12.79
N PHE C 584 37.70 -12.38 -12.20
CA PHE C 584 38.58 -12.10 -11.07
C PHE C 584 37.99 -10.96 -10.29
N GLN C 585 38.61 -10.64 -9.15
CA GLN C 585 38.20 -9.52 -8.33
C GLN C 585 39.11 -8.33 -8.53
N ILE C 586 38.54 -7.14 -8.54
CA ILE C 586 39.33 -5.92 -8.39
C ILE C 586 39.05 -5.40 -6.99
N LEU C 587 40.09 -5.42 -6.15
CA LEU C 587 39.96 -4.91 -4.79
C LEU C 587 40.45 -3.47 -4.78
N TYR C 588 39.61 -2.57 -4.29
CA TYR C 588 39.88 -1.14 -4.37
C TYR C 588 41.15 -0.81 -3.60
N GLY C 589 41.98 0.05 -4.20
CA GLY C 589 43.22 0.48 -3.56
C GLY C 589 44.29 -0.59 -3.50
N GLU C 590 44.02 -1.70 -4.16
CA GLU C 590 44.93 -2.82 -4.15
C GLU C 590 45.12 -3.34 -5.57
N GLY C 591 44.03 -3.42 -6.33
CA GLY C 591 44.08 -3.88 -7.71
C GLY C 591 43.48 -5.26 -7.91
N ILE C 592 43.89 -5.93 -9.00
CA ILE C 592 43.45 -7.29 -9.31
C ILE C 592 43.90 -8.30 -8.21
N ASN C 593 42.98 -9.10 -7.60
CA ASN C 593 43.29 -10.15 -6.59
C ASN C 593 43.91 -11.37 -7.26
N PHE C 594 45.19 -11.24 -7.57
CA PHE C 594 45.92 -12.27 -8.30
C PHE C 594 45.99 -13.59 -7.56
N TYR C 595 46.32 -13.55 -6.27
CA TYR C 595 46.48 -14.75 -5.47
C TYR C 595 45.15 -15.47 -5.23
N GLY C 596 44.05 -14.71 -5.26
CA GLY C 596 42.71 -15.26 -5.23
C GLY C 596 42.49 -16.18 -6.42
N GLU C 597 42.77 -15.67 -7.61
CA GLU C 597 42.69 -16.47 -8.84
C GLU C 597 43.53 -17.74 -8.70
N LEU C 598 44.74 -17.58 -8.17
CA LEU C 598 45.65 -18.70 -8.03
C LEU C 598 45.09 -19.82 -7.17
N VAL C 599 44.45 -19.47 -6.06
CA VAL C 599 43.77 -20.46 -5.23
C VAL C 599 42.71 -21.21 -6.06
N ASP C 600 41.73 -20.49 -6.59
CA ASP C 600 40.66 -21.08 -7.39
C ASP C 600 41.19 -21.98 -8.50
N LEU C 601 42.16 -21.48 -9.27
CA LEU C 601 42.76 -22.25 -10.34
C LEU C 601 43.48 -23.47 -9.82
N GLY C 602 44.22 -23.31 -8.72
CA GLY C 602 44.95 -24.39 -8.08
C GLY C 602 44.01 -25.50 -7.65
N VAL C 603 42.89 -25.12 -7.02
CA VAL C 603 41.88 -26.07 -6.57
C VAL C 603 41.24 -26.77 -7.76
N LYS C 604 40.89 -26.00 -8.78
CA LYS C 604 40.25 -26.52 -9.98
C LYS C 604 41.14 -27.56 -10.67
N GLU C 605 42.45 -27.30 -10.68
CA GLU C 605 43.41 -28.17 -11.34
C GLU C 605 43.96 -29.28 -10.43
N LYS C 606 43.39 -29.40 -9.23
CA LYS C 606 43.73 -30.45 -8.27
C LYS C 606 45.17 -30.37 -7.77
N LEU C 607 45.71 -29.15 -7.72
CA LEU C 607 47.05 -28.92 -7.15
C LEU C 607 46.92 -28.51 -5.71
N ILE C 608 45.82 -27.84 -5.39
CA ILE C 608 45.48 -27.46 -4.02
C ILE C 608 44.26 -28.29 -3.62
N GLU C 609 44.35 -28.94 -2.46
CA GLU C 609 43.27 -29.77 -1.93
C GLU C 609 42.29 -28.92 -1.14
N LYS C 610 41.00 -29.24 -1.25
CA LYS C 610 39.97 -28.52 -0.50
C LYS C 610 38.97 -29.46 0.17
N ALA C 611 39.16 -29.67 1.48
CA ALA C 611 38.26 -30.50 2.28
C ALA C 611 37.36 -29.62 3.15
N GLY C 612 36.15 -29.37 2.67
CA GLY C 612 35.22 -28.43 3.31
C GLY C 612 35.71 -27.00 3.15
N ALA C 613 36.15 -26.40 4.25
CA ALA C 613 36.69 -25.04 4.26
C ALA C 613 38.23 -25.02 4.35
N TRP C 614 38.83 -26.18 4.56
CA TRP C 614 40.29 -26.29 4.71
C TRP C 614 41.02 -26.49 3.39
N TYR C 615 41.98 -25.59 3.13
CA TYR C 615 42.82 -25.67 1.94
C TYR C 615 44.18 -26.26 2.29
N SER C 616 44.65 -27.20 1.47
CA SER C 616 45.93 -27.88 1.71
C SER C 616 46.81 -27.85 0.47
N TYR C 617 48.11 -27.70 0.67
CA TYR C 617 49.06 -27.91 -0.41
C TYR C 617 50.03 -29.00 -0.03
N LYS C 618 50.14 -30.00 -0.90
CA LYS C 618 51.04 -31.13 -0.70
C LYS C 618 51.02 -31.66 0.74
N GLY C 619 49.82 -31.88 1.25
CA GLY C 619 49.61 -32.48 2.57
C GLY C 619 49.55 -31.49 3.72
N GLU C 620 50.19 -30.34 3.55
CA GLU C 620 50.30 -29.33 4.59
C GLU C 620 49.17 -28.29 4.45
N LYS C 621 48.44 -28.08 5.56
CA LYS C 621 47.32 -27.13 5.58
C LYS C 621 47.82 -25.70 5.42
N ILE C 622 47.18 -24.95 4.52
CA ILE C 622 47.62 -23.59 4.23
C ILE C 622 46.62 -22.52 4.67
N GLY C 623 45.38 -22.92 4.96
CA GLY C 623 44.39 -21.98 5.47
C GLY C 623 42.97 -22.47 5.46
N GLN C 624 42.17 -21.93 6.38
CA GLN C 624 40.74 -22.18 6.42
C GLN C 624 40.02 -21.01 5.76
N GLY C 625 39.24 -21.29 4.72
CA GLY C 625 38.57 -20.25 3.95
C GLY C 625 39.48 -19.66 2.87
N LYS C 626 38.87 -19.25 1.76
CA LYS C 626 39.60 -18.70 0.62
C LYS C 626 40.52 -17.54 1.02
N ALA C 627 39.99 -16.65 1.87
CA ALA C 627 40.75 -15.49 2.40
C ALA C 627 42.12 -15.86 2.98
N ASN C 628 42.14 -16.90 3.82
CA ASN C 628 43.37 -17.33 4.49
C ASN C 628 44.35 -18.06 3.59
N ALA C 629 43.84 -18.89 2.70
CA ALA C 629 44.67 -19.56 1.70
C ALA C 629 45.36 -18.53 0.82
N THR C 630 44.62 -17.50 0.42
CA THR C 630 45.15 -16.38 -0.35
C THR C 630 46.29 -15.70 0.41
N ALA C 631 46.05 -15.37 1.68
CA ALA C 631 47.06 -14.75 2.54
C ALA C 631 48.34 -15.60 2.62
N TRP C 632 48.17 -16.93 2.67
CA TRP C 632 49.30 -17.84 2.74
C TRP C 632 50.18 -17.81 1.50
N LEU C 633 49.56 -17.82 0.32
CA LEU C 633 50.30 -17.75 -0.93
C LEU C 633 51.04 -16.42 -1.06
N LYS C 634 50.38 -15.33 -0.68
CA LYS C 634 50.97 -14.00 -0.66
C LYS C 634 52.23 -14.04 0.20
N ASP C 635 52.17 -14.83 1.27
CA ASP C 635 53.23 -14.93 2.25
C ASP C 635 54.36 -15.88 1.82
N ASN C 636 54.04 -16.85 0.97
CA ASN C 636 55.03 -17.82 0.48
C ASN C 636 55.21 -17.71 -1.03
N PRO C 637 55.95 -16.68 -1.49
CA PRO C 637 55.95 -16.33 -2.91
C PRO C 637 56.58 -17.41 -3.80
N GLU C 638 57.53 -18.16 -3.23
CA GLU C 638 58.25 -19.20 -3.94
C GLU C 638 57.33 -20.35 -4.31
N THR C 639 56.51 -20.76 -3.35
CA THR C 639 55.53 -21.82 -3.54
C THR C 639 54.44 -21.36 -4.50
N ALA C 640 54.07 -20.08 -4.39
CA ALA C 640 53.09 -19.48 -5.31
C ALA C 640 53.58 -19.53 -6.75
N LYS C 641 54.85 -19.18 -6.97
CA LYS C 641 55.46 -19.27 -8.31
C LYS C 641 55.35 -20.68 -8.87
N GLU C 642 55.65 -21.67 -8.02
CA GLU C 642 55.59 -23.09 -8.40
C GLU C 642 54.18 -23.49 -8.85
N ILE C 643 53.18 -23.11 -8.07
CA ILE C 643 51.79 -23.42 -8.39
C ILE C 643 51.39 -22.71 -9.68
N GLU C 644 51.76 -21.44 -9.80
CA GLU C 644 51.43 -20.65 -10.98
C GLU C 644 52.04 -21.25 -12.25
N LYS C 645 53.30 -21.65 -12.17
CA LYS C 645 54.00 -22.25 -13.30
C LYS C 645 53.28 -23.50 -13.80
N LYS C 646 52.81 -24.33 -12.86
CA LYS C 646 52.06 -25.55 -13.17
C LYS C 646 50.70 -25.25 -13.77
N VAL C 647 50.00 -24.26 -13.20
CA VAL C 647 48.69 -23.87 -13.70
C VAL C 647 48.81 -23.40 -15.15
N ARG C 648 49.87 -22.66 -15.45
CA ARG C 648 50.12 -22.18 -16.81
C ARG C 648 50.44 -23.31 -17.77
N GLU C 649 51.31 -24.24 -17.35
CA GLU C 649 51.62 -25.42 -18.16
C GLU C 649 50.35 -26.21 -18.49
N LEU C 650 49.48 -26.35 -17.51
CA LEU C 650 48.24 -27.10 -17.69
C LEU C 650 47.19 -26.39 -18.53
N LEU C 651 47.13 -25.07 -18.46
CA LEU C 651 45.99 -24.34 -19.04
C LEU C 651 46.26 -23.41 -20.22
N LEU C 652 47.52 -23.06 -20.48
CA LEU C 652 47.82 -22.21 -21.65
C LEU C 652 47.83 -23.04 -22.94
N SER C 653 47.15 -22.55 -23.98
CA SER C 653 47.09 -23.22 -25.28
C SER C 653 48.24 -22.84 -26.25
N ASN C 654 48.67 -21.58 -26.20
CA ASN C 654 49.78 -21.08 -27.03
C ASN C 654 50.99 -20.54 -26.22
N PRO C 655 51.76 -21.42 -25.54
CA PRO C 655 52.87 -20.90 -24.74
C PRO C 655 54.06 -20.55 -25.65
N ASN C 656 54.84 -19.53 -25.24
CA ASN C 656 55.76 -18.82 -26.15
C ASN C 656 57.15 -19.43 -26.47
N SER C 657 58.18 -18.91 -25.80
CA SER C 657 59.60 -19.19 -26.11
C SER C 657 59.94 -19.07 -27.60
N ALA C 674 75.25 -0.52 -23.15
CA ALA C 674 75.17 0.05 -24.53
C ALA C 674 73.78 -0.17 -25.14
N ILE C 675 73.07 -1.18 -24.64
CA ILE C 675 71.75 -1.57 -25.17
C ILE C 675 70.62 -0.65 -24.64
N ASP C 676 70.71 -0.28 -23.37
CA ASP C 676 69.72 0.58 -22.72
C ASP C 676 70.11 2.06 -22.75
N GLU C 677 71.36 2.33 -23.07
CA GLU C 677 71.87 3.70 -23.18
C GLU C 677 71.57 4.31 -24.55
N ASN C 678 71.33 3.45 -25.54
CA ASN C 678 70.78 3.90 -26.82
C ASN C 678 69.30 4.22 -26.67
N LYS C 679 68.63 3.45 -25.81
CA LYS C 679 67.23 3.67 -25.46
C LYS C 679 67.05 5.04 -24.80
N GLN C 680 67.84 5.31 -23.76
CA GLN C 680 67.74 6.57 -23.04
C GLN C 680 68.12 7.80 -23.87
N LYS C 681 69.11 7.62 -24.74
CA LYS C 681 69.48 8.65 -25.72
C LYS C 681 68.30 8.97 -26.64
N ALA C 682 67.69 7.94 -27.22
CA ALA C 682 66.55 8.09 -28.14
C ALA C 682 65.30 8.58 -27.42
N LEU C 683 65.14 8.15 -26.17
CA LEU C 683 64.02 8.55 -25.34
C LEU C 683 64.07 10.04 -25.07
N ALA C 684 65.19 10.51 -24.54
CA ALA C 684 65.41 11.93 -24.26
C ALA C 684 65.19 12.80 -25.51
N ALA C 685 65.68 12.31 -26.66
CA ALA C 685 65.52 13.01 -27.93
C ALA C 685 64.04 13.11 -28.36
N ALA C 686 63.31 12.00 -28.30
CA ALA C 686 61.89 12.00 -28.62
C ALA C 686 61.11 12.90 -27.66
N LEU C 687 61.42 12.81 -26.36
CA LEU C 687 60.81 13.65 -25.33
C LEU C 687 61.07 15.12 -25.59
N GLY C 688 62.33 15.46 -25.86
CA GLY C 688 62.72 16.82 -26.21
C GLY C 688 61.98 17.31 -27.45
N GLN C 689 61.79 16.42 -28.42
CA GLN C 689 61.04 16.71 -29.65
C GLN C 689 59.56 17.00 -29.37
N ILE C 690 58.94 16.15 -28.56
CA ILE C 690 57.53 16.30 -28.19
C ILE C 690 57.30 17.65 -27.51
N GLU C 691 58.20 18.01 -26.59
CA GLU C 691 58.09 19.26 -25.85
C GLU C 691 58.31 20.48 -26.73
N LYS C 692 59.24 20.36 -27.69
CA LYS C 692 59.49 21.43 -28.65
C LYS C 692 58.28 21.64 -29.57
N GLN C 693 57.65 20.53 -29.99
CA GLN C 693 56.48 20.58 -30.87
C GLN C 693 55.21 21.04 -30.17
N PHE C 694 54.97 20.56 -28.95
CA PHE C 694 53.68 20.76 -28.30
C PHE C 694 53.72 21.59 -27.02
N GLY C 695 54.86 22.18 -26.71
CA GLY C 695 54.97 23.06 -25.54
C GLY C 695 55.57 22.40 -24.32
N LYS C 696 55.89 23.22 -23.33
CA LYS C 696 56.56 22.81 -22.09
C LYS C 696 56.09 21.48 -21.50
N GLY C 697 55.04 21.52 -20.68
CA GLY C 697 54.66 20.34 -19.91
C GLY C 697 53.84 19.28 -20.62
N SER C 698 53.98 19.18 -21.95
CA SER C 698 53.13 18.29 -22.74
C SER C 698 53.39 16.79 -22.54
N ILE C 699 54.56 16.44 -22.04
CA ILE C 699 54.83 15.09 -21.54
C ILE C 699 55.81 15.17 -20.36
N MET C 700 55.55 14.40 -19.31
CA MET C 700 56.47 14.28 -18.19
C MET C 700 56.23 13.04 -17.34
N ARG C 701 57.15 12.77 -16.41
CA ARG C 701 57.00 11.71 -15.45
C ARG C 701 55.83 12.03 -14.54
N LEU C 702 54.95 11.06 -14.33
CA LEU C 702 53.74 11.26 -13.54
C LEU C 702 54.07 11.79 -12.14
N GLY C 703 55.07 11.16 -11.52
CA GLY C 703 55.46 11.45 -10.14
C GLY C 703 55.77 12.90 -9.87
N GLU C 704 56.20 13.61 -10.90
CA GLU C 704 56.61 15.00 -10.74
C GLU C 704 55.65 16.01 -11.37
N ASP C 705 54.48 15.55 -11.81
CA ASP C 705 53.47 16.46 -12.33
C ASP C 705 52.53 16.93 -11.21
N ARG C 706 52.76 18.16 -10.73
CA ARG C 706 51.95 18.73 -9.67
C ARG C 706 50.49 18.98 -10.08
N SER C 707 50.29 19.29 -11.36
CA SER C 707 48.96 19.61 -11.86
C SER C 707 48.04 18.39 -11.87
N MET C 708 48.59 17.25 -11.52
CA MET C 708 47.88 15.99 -11.56
C MET C 708 47.37 15.59 -10.18
N ASP C 709 47.86 16.27 -9.13
CA ASP C 709 47.42 16.03 -7.77
C ASP C 709 45.96 16.40 -7.63
N VAL C 710 45.18 15.54 -7.04
CA VAL C 710 43.75 15.79 -6.84
C VAL C 710 43.52 16.79 -5.70
N GLU C 711 42.79 17.87 -5.99
CA GLU C 711 42.44 18.88 -4.99
C GLU C 711 40.92 18.89 -4.84
N THR C 712 40.41 19.04 -3.61
CA THR C 712 38.95 18.98 -3.38
C THR C 712 38.32 20.23 -2.75
N ILE C 713 37.01 20.34 -2.93
CA ILE C 713 36.16 21.41 -2.41
C ILE C 713 35.11 20.73 -1.55
N SER C 714 34.77 21.33 -0.41
CA SER C 714 33.70 20.79 0.44
C SER C 714 32.34 20.78 -0.28
N THR C 715 31.51 19.81 0.08
CA THR C 715 30.15 19.72 -0.49
C THR C 715 29.13 20.47 0.36
N GLY C 716 29.53 20.95 1.53
CA GLY C 716 28.58 21.53 2.48
C GLY C 716 28.02 20.53 3.48
N SER C 717 28.19 19.25 3.18
CA SER C 717 27.85 18.18 4.11
C SER C 717 29.12 17.47 4.59
N LEU C 718 29.28 17.34 5.90
CA LEU C 718 30.46 16.68 6.45
C LEU C 718 30.45 15.19 6.17
N SER C 719 29.30 14.54 6.30
CA SER C 719 29.21 13.11 6.11
C SER C 719 29.38 12.74 4.64
N LEU C 720 28.94 13.62 3.74
CA LEU C 720 29.21 13.43 2.32
C LEU C 720 30.70 13.55 2.02
N ASP C 721 31.33 14.58 2.55
CA ASP C 721 32.77 14.78 2.39
C ASP C 721 33.53 13.52 2.84
N ILE C 722 33.02 12.87 3.89
CA ILE C 722 33.61 11.63 4.37
C ILE C 722 33.31 10.49 3.40
N ALA C 723 32.08 10.41 2.93
CA ALA C 723 31.67 9.37 1.99
C ALA C 723 32.48 9.41 0.72
N LEU C 724 32.80 10.61 0.24
CA LEU C 724 33.60 10.81 -0.96
C LEU C 724 35.07 10.36 -0.80
N GLY C 725 35.48 10.06 0.43
CA GLY C 725 36.80 9.50 0.70
C GLY C 725 37.92 10.53 0.70
N ALA C 726 37.90 11.40 -0.30
CA ALA C 726 38.93 12.44 -0.46
C ALA C 726 38.59 13.76 0.25
N GLY C 727 37.41 13.87 0.85
CA GLY C 727 37.06 15.05 1.61
C GLY C 727 36.21 16.06 0.89
N GLY C 728 35.83 15.76 -0.35
CA GLY C 728 34.96 16.63 -1.14
C GLY C 728 35.02 16.33 -2.63
N LEU C 729 34.49 17.24 -3.43
CA LEU C 729 34.45 17.07 -4.88
C LEU C 729 35.78 17.51 -5.51
N PRO C 730 36.23 16.80 -6.56
CA PRO C 730 37.55 17.11 -7.15
C PRO C 730 37.52 18.27 -8.15
N MET C 731 38.46 19.20 -7.99
CA MET C 731 38.61 20.33 -8.90
C MET C 731 39.09 19.88 -10.27
N GLY C 732 38.62 20.57 -11.31
CA GLY C 732 39.04 20.27 -12.68
C GLY C 732 38.41 19.01 -13.24
N ARG C 733 37.31 18.56 -12.63
CA ARG C 733 36.65 17.33 -13.02
C ARG C 733 35.18 17.59 -13.25
N ILE C 734 34.49 16.58 -13.81
CA ILE C 734 33.05 16.62 -14.00
C ILE C 734 32.35 15.79 -12.90
N VAL C 735 31.24 16.29 -12.38
CA VAL C 735 30.50 15.58 -11.35
C VAL C 735 29.04 15.56 -11.77
N GLU C 736 28.35 14.44 -11.54
CA GLU C 736 26.92 14.38 -11.80
C GLU C 736 26.14 14.13 -10.50
N ILE C 737 25.03 14.82 -10.30
CA ILE C 737 24.13 14.57 -9.17
C ILE C 737 22.75 14.28 -9.74
N TYR C 738 22.16 13.17 -9.35
CA TYR C 738 20.82 12.83 -9.83
C TYR C 738 19.93 12.30 -8.71
N GLY C 739 18.61 12.38 -8.91
CA GLY C 739 17.67 11.89 -7.91
C GLY C 739 16.27 12.33 -8.27
N PRO C 740 15.27 11.83 -7.53
CA PRO C 740 13.86 12.18 -7.76
C PRO C 740 13.59 13.67 -7.55
N GLU C 741 12.37 14.12 -7.86
CA GLU C 741 12.04 15.53 -7.67
C GLU C 741 12.12 15.93 -6.21
N SER C 742 12.60 17.16 -5.98
CA SER C 742 12.70 17.75 -4.65
C SER C 742 13.54 16.91 -3.69
N SER C 743 14.53 16.20 -4.23
CA SER C 743 15.41 15.39 -3.40
C SER C 743 16.57 16.21 -2.81
N GLY C 744 16.78 17.40 -3.36
CA GLY C 744 17.78 18.31 -2.80
C GLY C 744 18.97 18.57 -3.70
N LYS C 745 18.80 18.33 -5.00
CA LYS C 745 19.90 18.48 -5.96
C LYS C 745 20.36 19.93 -6.03
N THR C 746 19.45 20.86 -6.31
CA THR C 746 19.82 22.28 -6.39
C THR C 746 20.40 22.79 -5.06
N THR C 747 19.66 22.54 -3.97
CA THR C 747 20.14 22.87 -2.62
C THR C 747 21.60 22.43 -2.41
N LEU C 748 21.90 21.16 -2.65
CA LEU C 748 23.25 20.63 -2.39
C LEU C 748 24.26 21.46 -3.16
N THR C 749 23.97 21.63 -4.43
CA THR C 749 24.74 22.41 -5.37
C THR C 749 25.01 23.83 -4.89
N LEU C 750 24.00 24.49 -4.35
CA LEU C 750 24.14 25.87 -3.86
C LEU C 750 25.01 25.89 -2.61
N GLN C 751 24.93 24.83 -1.81
CA GLN C 751 25.75 24.69 -0.61
C GLN C 751 27.21 24.54 -0.98
N VAL C 752 27.49 23.81 -2.06
CA VAL C 752 28.89 23.74 -2.53
C VAL C 752 29.37 25.10 -3.06
N ILE C 753 28.52 25.78 -3.81
CA ILE C 753 28.82 27.15 -4.23
C ILE C 753 29.11 28.07 -3.04
N ALA C 754 28.24 28.04 -2.03
CA ALA C 754 28.41 28.89 -0.85
C ALA C 754 29.76 28.62 -0.17
N ALA C 755 30.10 27.35 0.04
CA ALA C 755 31.35 26.97 0.67
C ALA C 755 32.55 27.46 -0.14
N ALA C 756 32.46 27.34 -1.47
CA ALA C 756 33.51 27.80 -2.39
C ALA C 756 33.69 29.31 -2.31
N GLN C 757 32.59 30.05 -2.31
CA GLN C 757 32.62 31.50 -2.26
C GLN C 757 33.23 31.97 -0.93
N ARG C 758 32.90 31.25 0.13
CA ARG C 758 33.42 31.51 1.47
C ARG C 758 34.95 31.40 1.48
N GLU C 759 35.51 30.67 0.52
CA GLU C 759 36.96 30.52 0.36
C GLU C 759 37.53 31.40 -0.76
N GLY C 760 36.77 32.37 -1.22
CA GLY C 760 37.23 33.29 -2.26
C GLY C 760 37.15 32.79 -3.70
N LYS C 761 36.52 31.65 -3.91
CA LYS C 761 36.37 31.11 -5.26
C LYS C 761 35.25 31.78 -6.04
N THR C 762 35.31 31.70 -7.37
CA THR C 762 34.29 32.31 -8.23
C THR C 762 33.40 31.24 -8.84
N CYS C 763 32.08 31.45 -8.79
CA CYS C 763 31.14 30.43 -9.23
C CYS C 763 30.15 30.91 -10.28
N ALA C 764 29.67 29.96 -11.08
CA ALA C 764 28.65 30.26 -12.09
C ALA C 764 27.56 29.22 -12.02
N PHE C 765 26.33 29.64 -12.27
CA PHE C 765 25.18 28.78 -12.21
C PHE C 765 24.40 28.88 -13.52
N ILE C 766 24.28 27.76 -14.23
CA ILE C 766 23.53 27.73 -15.48
C ILE C 766 22.15 27.14 -15.19
N ASP C 767 21.17 28.02 -15.03
CA ASP C 767 19.80 27.65 -14.66
C ASP C 767 18.97 27.28 -15.90
N ALA C 768 19.27 26.13 -16.50
CA ALA C 768 18.56 25.70 -17.71
C ALA C 768 17.14 25.32 -17.39
N GLU C 769 16.91 24.92 -16.15
CA GLU C 769 15.60 24.50 -15.67
C GLU C 769 14.69 25.72 -15.42
N HIS C 770 15.30 26.91 -15.42
CA HIS C 770 14.61 28.20 -15.23
C HIS C 770 13.78 28.22 -13.96
N ALA C 771 14.42 27.84 -12.86
CA ALA C 771 13.69 27.71 -11.60
C ALA C 771 14.51 28.11 -10.38
N LEU C 772 15.59 28.86 -10.59
CA LEU C 772 16.42 29.29 -9.46
C LEU C 772 15.76 30.46 -8.72
N ASP C 773 15.62 30.32 -7.40
CA ASP C 773 15.09 31.39 -6.55
C ASP C 773 16.26 32.10 -5.86
N PRO C 774 16.60 33.32 -6.34
CA PRO C 774 17.75 34.06 -5.83
C PRO C 774 17.67 34.31 -4.32
N ILE C 775 16.49 34.72 -3.84
CA ILE C 775 16.30 34.91 -2.41
C ILE C 775 16.59 33.62 -1.63
N TYR C 776 16.14 32.48 -2.13
CA TYR C 776 16.41 31.22 -1.47
C TYR C 776 17.89 30.90 -1.46
N ALA C 777 18.55 31.09 -2.61
CA ALA C 777 20.00 30.90 -2.69
C ALA C 777 20.73 31.71 -1.59
N ARG C 778 20.28 32.95 -1.38
CA ARG C 778 20.88 33.79 -0.35
C ARG C 778 20.71 33.16 1.02
N LYS C 779 19.51 32.64 1.32
CA LYS C 779 19.24 32.02 2.60
C LYS C 779 20.17 30.84 2.85
N LEU C 780 20.54 30.14 1.80
CA LEU C 780 21.49 29.02 1.93
C LEU C 780 22.93 29.49 2.01
N GLY C 781 23.13 30.80 2.15
CA GLY C 781 24.45 31.39 2.32
C GLY C 781 25.24 31.68 1.06
N VAL C 782 24.59 31.67 -0.10
CA VAL C 782 25.25 32.03 -1.36
C VAL C 782 25.39 33.54 -1.45
N ASP C 783 26.55 33.99 -1.92
CA ASP C 783 26.78 35.38 -2.26
C ASP C 783 26.14 35.70 -3.61
N ILE C 784 24.85 36.03 -3.55
CA ILE C 784 24.01 36.32 -4.71
C ILE C 784 24.65 37.34 -5.65
N ASP C 785 25.28 38.36 -5.07
CA ASP C 785 25.85 39.46 -5.83
C ASP C 785 27.07 39.10 -6.66
N ASN C 786 27.69 37.96 -6.37
CA ASN C 786 28.89 37.54 -7.11
C ASN C 786 28.72 36.22 -7.83
N LEU C 787 27.54 35.65 -7.73
CA LEU C 787 27.26 34.41 -8.43
C LEU C 787 26.89 34.72 -9.87
N LEU C 788 27.74 34.32 -10.81
CA LEU C 788 27.41 34.44 -12.22
C LEU C 788 26.27 33.50 -12.53
N CYS C 789 25.31 34.01 -13.28
CA CYS C 789 24.09 33.26 -13.51
C CYS C 789 23.61 33.41 -14.92
N SER C 790 23.17 32.31 -15.49
CA SER C 790 22.72 32.31 -16.86
C SER C 790 21.50 31.41 -17.05
N GLN C 791 20.49 31.94 -17.74
CA GLN C 791 19.33 31.15 -18.16
C GLN C 791 19.33 31.06 -19.67
N PRO C 792 20.05 30.07 -20.23
CA PRO C 792 20.37 30.02 -21.66
C PRO C 792 19.17 29.58 -22.49
N ASP C 793 19.18 29.92 -23.78
CA ASP C 793 18.06 29.62 -24.65
C ASP C 793 18.07 28.19 -25.18
N THR C 794 19.25 27.69 -25.54
CA THR C 794 19.38 26.33 -26.06
C THR C 794 20.41 25.56 -25.26
N GLY C 795 20.40 24.25 -25.38
CA GLY C 795 21.40 23.39 -24.73
C GLY C 795 22.80 23.67 -25.23
N GLU C 796 22.96 23.86 -26.53
CA GLU C 796 24.24 24.21 -27.12
C GLU C 796 24.80 25.51 -26.54
N GLN C 797 23.93 26.50 -26.40
CA GLN C 797 24.30 27.75 -25.78
C GLN C 797 24.78 27.53 -24.34
N ALA C 798 24.00 26.77 -23.56
CA ALA C 798 24.37 26.44 -22.20
C ALA C 798 25.78 25.86 -22.13
N LEU C 799 26.07 24.91 -23.02
CA LEU C 799 27.34 24.23 -23.00
C LEU C 799 28.45 25.10 -23.57
N GLU C 800 28.12 25.95 -24.54
CA GLU C 800 29.10 26.89 -25.06
C GLU C 800 29.54 27.88 -24.00
N ILE C 801 28.61 28.27 -23.13
CA ILE C 801 28.94 29.15 -22.03
C ILE C 801 29.87 28.44 -21.05
N CYS C 802 29.56 27.19 -20.72
CA CYS C 802 30.44 26.37 -19.89
C CYS C 802 31.84 26.33 -20.44
N ASP C 803 31.95 26.08 -21.74
CA ASP C 803 33.27 25.97 -22.36
C ASP C 803 34.01 27.29 -22.25
N ALA C 804 33.32 28.38 -22.56
CA ALA C 804 33.91 29.72 -22.51
C ALA C 804 34.38 30.10 -21.12
N LEU C 805 33.58 29.77 -20.11
CA LEU C 805 33.95 30.03 -18.72
C LEU C 805 35.12 29.17 -18.29
N ALA C 806 35.09 27.89 -18.67
CA ALA C 806 36.21 26.99 -18.39
C ALA C 806 37.48 27.56 -18.99
N ARG C 807 37.46 27.89 -20.29
CA ARG C 807 38.65 28.35 -20.99
C ARG C 807 39.23 29.65 -20.44
N SER C 808 38.40 30.47 -19.82
CA SER C 808 38.85 31.76 -19.28
C SER C 808 39.81 31.57 -18.09
N GLY C 809 39.63 30.47 -17.36
CA GLY C 809 40.42 30.20 -16.17
C GLY C 809 40.11 31.10 -14.98
N ALA C 810 38.98 31.81 -15.06
CA ALA C 810 38.59 32.76 -14.02
C ALA C 810 37.41 32.26 -13.16
N VAL C 811 36.81 31.14 -13.55
CA VAL C 811 35.70 30.55 -12.79
C VAL C 811 36.15 29.23 -12.18
N ASP C 812 35.81 29.02 -10.92
CA ASP C 812 36.27 27.88 -10.14
C ASP C 812 35.29 26.70 -10.13
N VAL C 813 34.01 27.01 -9.95
CA VAL C 813 32.98 25.98 -10.05
C VAL C 813 31.78 26.47 -10.86
N ILE C 814 31.31 25.59 -11.75
CA ILE C 814 30.18 25.85 -12.60
C ILE C 814 29.18 24.73 -12.33
N VAL C 815 27.92 25.09 -12.12
CA VAL C 815 26.88 24.07 -12.06
C VAL C 815 25.82 24.28 -13.12
N VAL C 816 25.50 23.20 -13.83
CA VAL C 816 24.47 23.22 -14.86
C VAL C 816 23.23 22.56 -14.27
N ASP C 817 22.17 23.34 -14.07
CA ASP C 817 20.97 22.80 -13.46
C ASP C 817 20.05 22.21 -14.50
N SER C 818 20.11 20.87 -14.50
CA SER C 818 19.37 19.92 -15.30
C SER C 818 19.93 19.76 -16.66
N VAL C 819 20.56 18.61 -16.90
CA VAL C 819 20.87 18.21 -18.27
C VAL C 819 19.57 17.91 -18.94
N ALA C 820 18.56 17.52 -18.16
CA ALA C 820 17.26 17.22 -18.71
C ALA C 820 16.64 18.44 -19.42
N ALA C 821 17.05 19.63 -18.97
CA ALA C 821 16.54 20.88 -19.52
C ALA C 821 17.39 21.44 -20.67
N LEU C 822 18.51 20.77 -20.97
CA LEU C 822 19.40 21.16 -22.08
C LEU C 822 18.80 20.73 -23.43
N THR C 823 18.01 21.62 -24.02
CA THR C 823 17.29 21.31 -25.25
C THR C 823 18.07 21.74 -26.48
N PRO C 824 18.38 20.78 -27.37
CA PRO C 824 19.05 21.10 -28.62
C PRO C 824 18.32 22.14 -29.43
N LYS C 825 19.09 22.97 -30.14
CA LYS C 825 18.59 24.09 -30.95
C LYS C 825 17.54 23.62 -31.94
N ALA C 826 17.82 22.50 -32.61
CA ALA C 826 16.89 21.95 -33.60
C ALA C 826 15.54 21.56 -32.98
N GLU C 827 15.58 21.08 -31.74
CA GLU C 827 14.39 20.70 -31.01
C GLU C 827 13.52 21.90 -30.61
N ILE C 828 14.15 22.92 -30.04
CA ILE C 828 13.46 24.16 -29.67
C ILE C 828 12.76 24.84 -30.85
N GLU C 829 13.39 24.82 -32.01
CA GLU C 829 12.81 25.45 -33.19
C GLU C 829 11.78 24.55 -33.85
N GLY C 830 11.95 23.24 -33.70
CA GLY C 830 10.98 22.28 -34.23
C GLY C 830 9.67 22.31 -33.46
N GLU C 831 8.69 21.54 -33.90
CA GLU C 831 7.41 21.44 -33.21
C GLU C 831 7.43 20.37 -32.12
N ILE C 832 6.42 20.40 -31.24
CA ILE C 832 6.24 19.35 -30.25
C ILE C 832 5.71 18.12 -30.97
N GLY C 833 6.41 17.01 -30.80
CA GLY C 833 6.07 15.76 -31.45
C GLY C 833 6.96 15.45 -32.63
N ASP C 834 7.81 16.39 -33.02
CA ASP C 834 8.89 16.12 -33.97
C ASP C 834 9.89 15.25 -33.23
N SER C 835 10.39 14.21 -33.88
CA SER C 835 11.34 13.30 -33.23
C SER C 835 12.78 13.73 -33.48
N HIS C 836 13.51 13.90 -32.39
CA HIS C 836 14.93 14.24 -32.46
C HIS C 836 15.71 13.18 -31.70
N MET C 837 15.55 11.93 -32.14
CA MET C 837 16.06 10.77 -31.44
C MET C 837 17.53 10.88 -31.12
N GLY C 838 17.83 10.96 -29.84
CA GLY C 838 19.20 11.06 -29.34
C GLY C 838 20.00 12.26 -29.83
N LEU C 839 19.32 13.36 -30.11
CA LEU C 839 20.01 14.58 -30.51
C LEU C 839 20.69 15.20 -29.29
N ALA C 840 20.02 15.15 -28.14
CA ALA C 840 20.58 15.63 -26.90
C ALA C 840 21.76 14.75 -26.48
N ALA C 841 21.65 13.45 -26.73
CA ALA C 841 22.70 12.51 -26.38
C ALA C 841 23.96 12.82 -27.15
N ARG C 842 23.83 13.01 -28.47
CA ARG C 842 25.00 13.27 -29.31
C ARG C 842 25.59 14.65 -28.98
N MET C 843 24.75 15.56 -28.53
CA MET C 843 25.19 16.86 -28.07
C MET C 843 26.05 16.75 -26.81
N MET C 844 25.56 16.00 -25.84
CA MET C 844 26.28 15.76 -24.59
C MET C 844 27.61 15.05 -24.84
N SER C 845 27.60 14.10 -25.75
CA SER C 845 28.78 13.34 -26.09
C SER C 845 29.85 14.26 -26.68
N GLN C 846 29.45 15.19 -27.55
CA GLN C 846 30.37 16.20 -28.09
C GLN C 846 30.86 17.17 -27.01
N ALA C 847 29.97 17.58 -26.12
CA ALA C 847 30.32 18.49 -25.04
C ALA C 847 31.42 17.92 -24.14
N MET C 848 31.27 16.67 -23.69
CA MET C 848 32.25 16.05 -22.78
C MET C 848 33.65 16.01 -23.41
N ARG C 849 33.69 15.54 -24.64
CA ARG C 849 34.88 15.52 -25.49
C ARG C 849 35.64 16.86 -25.39
N LYS C 850 34.91 17.97 -25.51
CA LYS C 850 35.53 19.30 -25.53
C LYS C 850 35.79 19.85 -24.14
N LEU C 851 34.86 19.63 -23.21
CA LEU C 851 34.95 20.18 -21.86
C LEU C 851 36.04 19.56 -20.99
N ALA C 852 36.21 18.24 -21.05
CA ALA C 852 37.10 17.52 -20.12
C ALA C 852 38.49 18.14 -20.06
N GLY C 853 39.07 18.38 -21.24
CA GLY C 853 40.40 18.98 -21.33
C GLY C 853 40.47 20.39 -20.78
N ASN C 854 39.51 21.23 -21.17
CA ASN C 854 39.47 22.62 -20.73
C ASN C 854 39.29 22.76 -19.23
N LEU C 855 38.44 21.91 -18.65
CA LEU C 855 38.18 21.96 -17.21
C LEU C 855 39.42 21.61 -16.42
N LYS C 856 40.16 20.61 -16.88
CA LYS C 856 41.37 20.20 -16.18
C LYS C 856 42.44 21.30 -16.21
N GLN C 857 42.67 21.88 -17.38
CA GLN C 857 43.71 22.89 -17.52
C GLN C 857 43.40 24.25 -16.87
N SER C 858 42.16 24.43 -16.42
CA SER C 858 41.75 25.63 -15.68
C SER C 858 41.46 25.29 -14.22
N ASN C 859 41.55 24.01 -13.88
CA ASN C 859 41.20 23.52 -12.56
C ASN C 859 39.76 23.90 -12.13
N THR C 860 38.84 23.79 -13.08
CA THR C 860 37.43 24.16 -12.88
C THR C 860 36.57 22.93 -12.61
N LEU C 861 35.79 22.98 -11.55
CA LEU C 861 34.83 21.93 -11.24
C LEU C 861 33.50 22.18 -11.97
N LEU C 862 33.03 21.18 -12.71
CA LEU C 862 31.73 21.30 -13.38
C LEU C 862 30.75 20.29 -12.83
N ILE C 863 29.67 20.75 -12.22
CA ILE C 863 28.65 19.85 -11.70
C ILE C 863 27.42 19.86 -12.61
N PHE C 864 27.02 18.68 -13.08
CA PHE C 864 25.78 18.53 -13.82
C PHE C 864 24.71 17.93 -12.92
N ILE C 865 23.58 18.62 -12.79
CA ILE C 865 22.44 18.02 -12.12
C ILE C 865 21.64 17.26 -13.18
N ASN C 866 21.16 16.08 -12.83
CA ASN C 866 20.30 15.32 -13.74
C ASN C 866 18.99 14.84 -13.10
N GLN C 867 17.99 14.59 -13.92
CA GLN C 867 16.73 14.04 -13.46
C GLN C 867 16.67 12.55 -13.79
N ILE C 868 15.66 11.87 -13.27
CA ILE C 868 15.47 10.45 -13.46
C ILE C 868 14.33 10.18 -14.43
N ARG C 869 14.52 9.20 -15.31
CA ARG C 869 13.44 8.71 -16.15
C ARG C 869 13.35 7.19 -16.00
N MET C 870 12.19 6.63 -16.30
CA MET C 870 12.02 5.19 -16.23
C MET C 870 12.44 4.60 -17.58
N LYS C 871 13.09 3.45 -17.60
CA LYS C 871 13.28 2.76 -18.88
C LYS C 871 12.23 1.68 -19.05
N ILE C 872 11.43 1.82 -20.10
CA ILE C 872 10.25 0.99 -20.34
C ILE C 872 10.65 -0.44 -20.71
N GLY C 873 9.81 -1.41 -20.30
CA GLY C 873 10.02 -2.83 -20.62
C GLY C 873 11.19 -3.48 -19.89
N VAL C 874 11.55 -2.90 -18.74
CA VAL C 874 12.64 -3.44 -17.91
C VAL C 874 12.10 -3.90 -16.54
N MET C 875 11.90 -5.21 -16.41
CA MET C 875 11.47 -5.84 -15.15
C MET C 875 12.61 -6.68 -14.53
N PHE C 876 13.83 -6.14 -14.58
CA PHE C 876 15.03 -6.83 -14.11
C PHE C 876 16.04 -5.81 -13.62
N GLY C 877 16.25 -5.80 -12.31
CA GLY C 877 17.11 -4.81 -11.67
C GLY C 877 16.44 -3.46 -11.64
N ASN C 878 17.15 -2.46 -12.18
CA ASN C 878 16.77 -1.07 -11.99
C ASN C 878 16.16 -0.42 -13.22
N PRO C 879 14.87 0.00 -13.12
CA PRO C 879 14.24 0.65 -14.26
C PRO C 879 14.58 2.13 -14.40
N GLU C 880 15.40 2.64 -13.48
CA GLU C 880 15.76 4.06 -13.49
C GLU C 880 16.89 4.40 -14.44
N THR C 881 16.81 5.56 -15.08
CA THR C 881 17.91 6.11 -15.87
C THR C 881 17.98 7.60 -15.65
N THR C 882 18.85 8.19 -16.45
CA THR C 882 19.27 9.54 -16.29
C THR C 882 19.12 10.15 -17.68
N THR C 883 18.97 11.45 -17.78
CA THR C 883 18.76 12.08 -19.09
C THR C 883 20.07 12.31 -19.83
N GLY C 884 19.98 12.42 -21.15
CA GLY C 884 21.05 12.99 -21.95
C GLY C 884 22.10 12.03 -22.42
N GLY C 885 21.80 10.74 -22.32
CA GLY C 885 22.64 9.72 -22.91
C GLY C 885 23.72 9.17 -22.01
N ASN C 886 24.72 8.56 -22.61
CA ASN C 886 25.73 7.77 -21.90
C ASN C 886 27.06 8.46 -21.62
N ALA C 887 27.38 9.49 -22.38
CA ALA C 887 28.65 10.18 -22.23
C ALA C 887 28.93 10.61 -20.78
N LEU C 888 27.98 11.27 -20.14
CA LEU C 888 28.21 11.81 -18.82
C LEU C 888 28.59 10.75 -17.78
N LYS C 889 27.97 9.57 -17.85
CA LYS C 889 28.32 8.44 -16.99
C LYS C 889 29.83 8.23 -17.00
N PHE C 890 30.40 8.19 -18.21
CA PHE C 890 31.83 7.89 -18.38
C PHE C 890 32.73 9.03 -17.93
N TYR C 891 32.38 10.25 -18.26
CA TYR C 891 33.24 11.39 -17.99
C TYR C 891 33.18 11.89 -16.54
N ALA C 892 32.10 11.58 -15.82
CA ALA C 892 32.01 11.99 -14.42
C ALA C 892 33.08 11.32 -13.56
N SER C 893 33.76 12.11 -12.72
CA SER C 893 34.73 11.56 -11.77
C SER C 893 34.01 11.11 -10.50
N VAL C 894 32.87 11.72 -10.23
CA VAL C 894 32.01 11.34 -9.12
C VAL C 894 30.57 11.37 -9.62
N ARG C 895 29.78 10.37 -9.24
CA ARG C 895 28.32 10.43 -9.47
C ARG C 895 27.59 10.20 -8.15
N LEU C 896 26.61 11.05 -7.89
CA LEU C 896 25.88 11.06 -6.63
C LEU C 896 24.41 10.81 -6.86
N ASP C 897 23.86 9.86 -6.12
CA ASP C 897 22.41 9.57 -6.10
C ASP C 897 21.84 10.14 -4.80
N ILE C 898 21.06 11.21 -4.91
CA ILE C 898 20.47 11.86 -3.73
C ILE C 898 18.97 11.55 -3.60
N ARG C 899 18.50 11.29 -2.37
CA ARG C 899 17.12 10.88 -2.14
C ARG C 899 16.55 11.38 -0.82
N ARG C 900 15.28 11.80 -0.84
CA ARG C 900 14.58 12.16 0.38
C ARG C 900 14.03 10.90 1.04
N ILE C 901 14.43 10.65 2.28
CA ILE C 901 14.06 9.40 2.94
C ILE C 901 13.10 9.59 4.09
N GLY C 902 12.72 10.84 4.37
CA GLY C 902 11.76 11.12 5.44
C GLY C 902 11.61 12.59 5.75
N ALA C 903 10.79 12.89 6.75
CA ALA C 903 10.50 14.27 7.13
C ALA C 903 11.16 14.65 8.45
N VAL C 904 11.63 15.90 8.54
CA VAL C 904 12.11 16.47 9.79
C VAL C 904 10.97 17.31 10.35
N LYS C 905 10.57 17.02 11.59
CA LYS C 905 9.35 17.61 12.17
C LYS C 905 9.53 18.36 13.49
N GLU C 906 8.93 19.54 13.57
CA GLU C 906 8.76 20.31 14.81
C GLU C 906 7.37 20.02 15.31
N GLY C 907 7.17 18.84 15.88
CA GLY C 907 5.84 18.36 16.28
C GLY C 907 4.92 18.29 15.07
N GLU C 908 4.16 19.37 14.85
CA GLU C 908 3.21 19.49 13.74
C GLU C 908 3.89 19.74 12.40
N ASN C 909 4.75 20.76 12.34
CA ASN C 909 5.27 21.28 11.08
C ASN C 909 6.42 20.47 10.50
N VAL C 910 6.37 20.26 9.19
CA VAL C 910 7.46 19.66 8.46
C VAL C 910 8.44 20.78 8.16
N VAL C 911 9.62 20.71 8.77
CA VAL C 911 10.56 21.82 8.76
C VAL C 911 11.84 21.51 7.96
N GLY C 912 11.98 20.23 7.57
CA GLY C 912 13.09 19.82 6.72
C GLY C 912 12.90 18.44 6.10
N SER C 913 13.87 18.07 5.27
CA SER C 913 13.90 16.76 4.61
C SER C 913 15.05 15.92 5.15
N GLU C 914 14.74 14.71 5.58
CA GLU C 914 15.76 13.74 5.90
C GLU C 914 16.33 13.18 4.59
N THR C 915 17.65 13.22 4.43
CA THR C 915 18.29 13.00 3.14
C THR C 915 19.39 11.93 3.13
N ARG C 916 19.43 11.14 2.05
CA ARG C 916 20.51 10.14 1.83
C ARG C 916 21.19 10.35 0.49
N VAL C 917 22.52 10.36 0.49
CA VAL C 917 23.29 10.44 -0.76
C VAL C 917 24.18 9.20 -0.88
N LYS C 918 24.12 8.51 -2.01
CA LYS C 918 25.00 7.35 -2.26
C LYS C 918 26.05 7.78 -3.25
N VAL C 919 27.31 7.44 -2.99
CA VAL C 919 28.35 7.72 -3.97
C VAL C 919 28.37 6.54 -4.92
N VAL C 920 27.75 6.77 -6.07
CA VAL C 920 27.43 5.71 -7.01
C VAL C 920 28.59 5.45 -7.98
N LYS C 921 29.41 6.48 -8.22
CA LYS C 921 30.66 6.35 -8.98
C LYS C 921 31.73 7.22 -8.34
N ASN C 922 32.95 6.70 -8.26
CA ASN C 922 34.06 7.43 -7.69
C ASN C 922 35.42 7.05 -8.27
N LYS C 923 36.10 8.06 -8.81
CA LYS C 923 37.40 7.90 -9.45
C LYS C 923 38.52 8.41 -8.56
N ILE C 924 38.20 9.03 -7.44
CA ILE C 924 39.23 9.64 -6.58
C ILE C 924 39.38 8.93 -5.23
N ALA C 925 38.44 8.03 -4.93
CA ALA C 925 38.45 7.20 -3.72
C ALA C 925 37.46 6.04 -3.96
N ALA C 926 37.40 5.09 -3.04
CA ALA C 926 36.42 3.99 -3.14
C ALA C 926 34.99 4.52 -3.35
N PRO C 927 34.20 3.83 -4.20
CA PRO C 927 32.79 4.17 -4.36
C PRO C 927 31.87 3.47 -3.34
N PHE C 928 30.59 3.83 -3.37
CA PHE C 928 29.51 3.10 -2.68
C PHE C 928 29.37 3.37 -1.19
N LYS C 929 30.09 4.35 -0.67
CA LYS C 929 29.81 4.82 0.68
C LYS C 929 28.60 5.74 0.60
N GLN C 930 27.95 6.00 1.73
CA GLN C 930 26.80 6.90 1.72
C GLN C 930 26.73 7.87 2.87
N ALA C 931 26.02 8.97 2.65
CA ALA C 931 25.87 10.01 3.65
C ALA C 931 24.39 10.24 3.96
N GLU C 932 24.10 10.52 5.23
CA GLU C 932 22.76 10.90 5.64
C GLU C 932 22.81 12.17 6.45
N PHE C 933 21.96 13.12 6.10
CA PHE C 933 21.93 14.40 6.79
C PHE C 933 20.56 15.01 6.61
N GLN C 934 20.33 16.14 7.27
CA GLN C 934 19.07 16.85 7.15
C GLN C 934 19.22 18.06 6.24
N ILE C 935 18.20 18.32 5.44
CA ILE C 935 18.10 19.61 4.78
C ILE C 935 16.98 20.35 5.50
N LEU C 936 17.34 21.44 6.17
CA LEU C 936 16.36 22.26 6.85
C LEU C 936 15.98 23.41 5.93
N TYR C 937 14.67 23.56 5.67
CA TYR C 937 14.19 24.52 4.68
C TYR C 937 14.57 25.94 5.08
N GLY C 938 15.03 26.72 4.10
CA GLY C 938 15.41 28.11 4.32
C GLY C 938 16.70 28.27 5.11
N GLU C 939 17.39 27.16 5.34
CA GLU C 939 18.61 27.15 6.11
C GLU C 939 19.69 26.34 5.40
N GLY C 940 19.30 25.20 4.82
CA GLY C 940 20.21 24.34 4.08
C GLY C 940 20.55 23.06 4.79
N ILE C 941 21.67 22.47 4.41
CA ILE C 941 22.19 21.28 5.03
C ILE C 941 22.57 21.55 6.43
N ASN C 942 22.17 20.65 7.24
CA ASN C 942 22.48 20.85 8.59
C ASN C 942 23.86 20.31 8.89
N PHE C 943 24.88 21.10 8.55
CA PHE C 943 26.27 20.69 8.67
C PHE C 943 26.63 20.41 10.12
N TYR C 944 26.26 21.32 11.01
CA TYR C 944 26.62 21.18 12.42
C TYR C 944 25.89 20.02 13.10
N GLY C 945 24.72 19.67 12.57
CA GLY C 945 23.99 18.47 12.99
C GLY C 945 24.84 17.22 12.75
N GLU C 946 25.35 17.07 11.52
CA GLU C 946 26.24 15.97 11.19
C GLU C 946 27.41 15.94 12.15
N LEU C 947 27.98 17.12 12.41
CA LEU C 947 29.16 17.23 13.27
C LEU C 947 28.92 16.69 14.68
N VAL C 948 27.76 17.00 15.25
CA VAL C 948 27.37 16.44 16.55
C VAL C 948 27.33 14.91 16.48
N ASP C 949 26.51 14.36 15.58
CA ASP C 949 26.39 12.91 15.43
C ASP C 949 27.72 12.22 15.23
N LEU C 950 28.53 12.76 14.32
CA LEU C 950 29.88 12.22 14.06
C LEU C 950 30.78 12.32 15.29
N GLY C 951 30.75 13.48 15.93
CA GLY C 951 31.50 13.72 17.15
C GLY C 951 31.16 12.71 18.25
N VAL C 952 29.87 12.49 18.46
CA VAL C 952 29.39 11.52 19.44
C VAL C 952 29.83 10.11 19.06
N LYS C 953 29.64 9.75 17.79
CA LYS C 953 29.97 8.43 17.29
C LYS C 953 31.48 8.13 17.49
N GLU C 954 32.31 9.17 17.28
CA GLU C 954 33.76 9.01 17.40
C GLU C 954 34.29 9.27 18.82
N LYS C 955 33.38 9.44 19.78
CA LYS C 955 33.72 9.59 21.20
C LYS C 955 34.51 10.86 21.48
N LEU C 956 34.29 11.90 20.68
CA LEU C 956 34.89 13.20 20.92
C LEU C 956 33.92 14.08 21.70
N ILE C 957 32.62 13.87 21.46
CA ILE C 957 31.55 14.51 22.20
C ILE C 957 30.88 13.46 23.07
N GLU C 958 30.74 13.77 24.36
CA GLU C 958 30.13 12.86 25.33
C GLU C 958 28.61 13.04 25.35
N LYS C 959 27.88 11.94 25.51
CA LYS C 959 26.42 12.01 25.55
C LYS C 959 25.85 11.19 26.70
N ALA C 960 25.48 11.87 27.78
CA ALA C 960 24.87 11.23 28.95
C ALA C 960 23.37 11.53 29.00
N GLY C 961 22.58 10.59 28.47
CA GLY C 961 21.14 10.80 28.30
C GLY C 961 20.86 11.80 27.20
N ALA C 962 20.38 12.98 27.59
CA ALA C 962 20.10 14.07 26.66
C ALA C 962 21.17 15.16 26.69
N TRP C 963 22.09 15.08 27.64
CA TRP C 963 23.14 16.07 27.81
C TRP C 963 24.39 15.79 26.98
N TYR C 964 24.77 16.78 26.16
CA TYR C 964 25.98 16.71 25.34
C TYR C 964 27.11 17.50 25.99
N SER C 965 28.30 16.92 26.04
CA SER C 965 29.46 17.54 26.66
C SER C 965 30.66 17.52 25.72
N TYR C 966 31.46 18.58 25.77
CA TYR C 966 32.75 18.56 25.10
C TYR C 966 33.85 18.84 26.10
N LYS C 967 34.83 17.93 26.16
CA LYS C 967 35.95 18.05 27.08
C LYS C 967 35.53 18.48 28.48
N GLY C 968 34.51 17.83 29.01
CA GLY C 968 34.04 18.03 30.38
C GLY C 968 32.99 19.10 30.56
N GLU C 969 32.97 20.05 29.62
CA GLU C 969 32.08 21.19 29.69
C GLU C 969 30.78 20.92 28.90
N LYS C 970 29.64 21.09 29.55
CA LYS C 970 28.33 20.85 28.95
C LYS C 970 28.05 21.87 27.84
N ILE C 971 27.62 21.36 26.68
CA ILE C 971 27.41 22.23 25.52
C ILE C 971 25.93 22.32 25.09
N GLY C 972 25.10 21.41 25.59
CA GLY C 972 23.67 21.51 25.34
C GLY C 972 22.87 20.29 25.70
N GLN C 973 21.59 20.51 26.00
CA GLN C 973 20.65 19.43 26.22
C GLN C 973 19.84 19.22 24.95
N GLY C 974 19.90 18.02 24.40
CA GLY C 974 19.22 17.72 23.13
C GLY C 974 20.08 18.10 21.93
N LYS C 975 19.94 17.34 20.84
CA LYS C 975 20.73 17.55 19.63
C LYS C 975 20.64 18.99 19.13
N ALA C 976 19.43 19.54 19.14
CA ALA C 976 19.17 20.91 18.71
C ALA C 976 20.10 21.94 19.37
N ASN C 977 20.24 21.84 20.70
CA ASN C 977 21.05 22.79 21.47
C ASN C 977 22.55 22.62 21.30
N ALA C 978 23.00 21.37 21.23
CA ALA C 978 24.39 21.07 20.95
C ALA C 978 24.80 21.63 19.59
N THR C 979 23.92 21.47 18.61
CA THR C 979 24.11 22.03 17.27
C THR C 979 24.26 23.56 17.35
N ALA C 980 23.32 24.22 18.04
CA ALA C 980 23.38 25.66 18.23
C ALA C 980 24.70 26.12 18.86
N TRP C 981 25.22 25.32 19.80
CA TRP C 981 26.46 25.65 20.48
C TRP C 981 27.66 25.63 19.54
N LEU C 982 27.75 24.60 18.70
CA LEU C 982 28.85 24.51 17.73
C LEU C 982 28.81 25.64 16.72
N LYS C 983 27.60 25.95 16.25
CA LYS C 983 27.37 27.08 15.35
C LYS C 983 27.90 28.35 15.99
N ASP C 984 27.76 28.44 17.31
CA ASP C 984 28.14 29.61 18.07
C ASP C 984 29.64 29.65 18.40
N ASN C 985 30.27 28.48 18.47
CA ASN C 985 31.70 28.40 18.76
C ASN C 985 32.48 27.80 17.58
N PRO C 986 32.72 28.61 16.53
CA PRO C 986 33.21 28.07 15.25
C PRO C 986 34.61 27.48 15.36
N GLU C 987 35.42 28.03 16.27
CA GLU C 987 36.81 27.59 16.46
C GLU C 987 36.87 26.16 17.00
N THR C 988 36.03 25.88 17.99
CA THR C 988 35.91 24.55 18.58
C THR C 988 35.33 23.57 17.57
N ALA C 989 34.36 24.05 16.79
CA ALA C 989 33.77 23.26 15.73
C ALA C 989 34.83 22.82 14.71
N LYS C 990 35.69 23.75 14.29
CA LYS C 990 36.78 23.43 13.36
C LYS C 990 37.67 22.31 13.92
N GLU C 991 37.97 22.42 15.21
CA GLU C 991 38.82 21.45 15.91
C GLU C 991 38.19 20.06 15.88
N ILE C 992 36.90 19.98 16.20
CA ILE C 992 36.20 18.71 16.19
C ILE C 992 36.14 18.14 14.78
N GLU C 993 35.84 19.00 13.81
CA GLU C 993 35.73 18.60 12.41
C GLU C 993 37.07 18.06 11.88
N LYS C 994 38.16 18.75 12.21
CA LYS C 994 39.50 18.33 11.80
C LYS C 994 39.82 16.93 12.31
N LYS C 995 39.45 16.64 13.56
CA LYS C 995 39.67 15.32 14.18
C LYS C 995 38.78 14.25 13.55
N VAL C 996 37.52 14.60 13.28
CA VAL C 996 36.58 13.67 12.67
C VAL C 996 37.09 13.26 11.28
N ARG C 997 37.66 14.21 10.56
CA ARG C 997 38.22 13.95 9.25
C ARG C 997 39.47 13.05 9.33
N GLU C 998 40.37 13.37 10.25
CA GLU C 998 41.55 12.56 10.47
C GLU C 998 41.15 11.12 10.78
N LEU C 999 40.12 10.94 11.59
CA LEU C 999 39.68 9.61 12.00
C LEU C 999 38.93 8.85 10.91
N LEU C 1000 38.20 9.54 10.06
CA LEU C 1000 37.27 8.87 9.13
C LEU C 1000 37.54 8.93 7.63
N LEU C 1001 38.42 9.83 7.18
CA LEU C 1001 38.77 9.91 5.76
C LEU C 1001 39.80 8.83 5.39
N SER C 1002 39.56 8.17 4.28
CA SER C 1002 40.41 7.10 3.78
C SER C 1002 41.43 7.64 2.80
N ASN C 1003 41.11 8.78 2.22
CA ASN C 1003 41.91 9.36 1.16
C ASN C 1003 42.23 10.84 1.38
N PRO C 1004 42.93 11.17 2.49
CA PRO C 1004 43.14 12.55 2.92
C PRO C 1004 44.03 13.35 1.96
N ASN C 1005 43.85 14.66 1.99
CA ASN C 1005 44.26 15.53 0.89
C ASN C 1005 45.16 16.68 1.37
N SER C 1006 45.09 17.82 0.69
CA SER C 1006 45.74 19.07 1.11
C SER C 1006 44.94 20.29 0.66
N ALA C 1024 48.29 40.87 -9.27
CA ALA C 1024 48.59 40.47 -10.68
C ALA C 1024 47.99 39.11 -11.01
N ILE C 1025 47.77 38.30 -9.98
CA ILE C 1025 47.26 36.93 -10.14
C ILE C 1025 45.74 36.88 -10.36
N ASP C 1026 45.02 37.74 -9.64
CA ASP C 1026 43.55 37.83 -9.73
C ASP C 1026 43.08 38.91 -10.71
N GLU C 1027 44.00 39.78 -11.13
CA GLU C 1027 43.71 40.83 -12.11
C GLU C 1027 43.80 40.32 -13.54
N ASN C 1028 44.52 39.20 -13.72
CA ASN C 1028 44.49 38.48 -14.98
C ASN C 1028 43.20 37.70 -15.11
N LYS C 1029 42.71 37.21 -13.96
CA LYS C 1029 41.43 36.53 -13.86
C LYS C 1029 40.28 37.47 -14.26
N GLN C 1030 40.24 38.65 -13.65
CA GLN C 1030 39.17 39.61 -13.92
C GLN C 1030 39.21 40.15 -15.35
N LYS C 1031 40.40 40.33 -15.88
CA LYS C 1031 40.59 40.69 -17.29
C LYS C 1031 40.00 39.63 -18.22
N ALA C 1032 40.36 38.36 -17.98
CA ALA C 1032 39.90 37.24 -18.79
C ALA C 1032 38.41 36.96 -18.58
N LEU C 1033 37.94 37.21 -17.35
CA LEU C 1033 36.52 37.04 -17.00
C LEU C 1033 35.66 38.01 -17.79
N ALA C 1034 36.00 39.30 -17.68
CA ALA C 1034 35.30 40.35 -18.40
C ALA C 1034 35.27 40.09 -19.91
N ALA C 1035 36.39 39.63 -20.44
CA ALA C 1035 36.51 39.31 -21.87
C ALA C 1035 35.59 38.15 -22.27
N ALA C 1036 35.60 37.07 -21.50
CA ALA C 1036 34.73 35.93 -21.77
C ALA C 1036 33.25 36.33 -21.63
N LEU C 1037 32.93 37.11 -20.60
CA LEU C 1037 31.58 37.62 -20.38
C LEU C 1037 31.12 38.48 -21.54
N GLY C 1038 31.98 39.42 -21.96
CA GLY C 1038 31.72 40.27 -23.12
C GLY C 1038 31.49 39.44 -24.38
N GLN C 1039 32.28 38.38 -24.53
CA GLN C 1039 32.15 37.45 -25.65
C GLN C 1039 30.81 36.71 -25.64
N ILE C 1040 30.42 36.20 -24.47
CA ILE C 1040 29.17 35.47 -24.31
C ILE C 1040 27.99 36.36 -24.67
N GLU C 1041 28.03 37.61 -24.22
CA GLU C 1041 26.97 38.58 -24.49
C GLU C 1041 26.91 38.99 -25.96
N LYS C 1042 28.07 39.11 -26.59
CA LYS C 1042 28.14 39.41 -28.01
C LYS C 1042 27.57 38.27 -28.85
N GLN C 1043 27.88 37.03 -28.46
CA GLN C 1043 27.42 35.83 -29.17
C GLN C 1043 25.94 35.53 -28.95
N PHE C 1044 25.46 35.67 -27.72
CA PHE C 1044 24.12 35.19 -27.38
C PHE C 1044 23.12 36.27 -26.95
N GLY C 1045 23.51 37.53 -27.09
CA GLY C 1045 22.60 38.64 -26.79
C GLY C 1045 22.81 39.27 -25.44
N LYS C 1046 22.17 40.41 -25.22
CA LYS C 1046 22.29 41.22 -24.01
C LYS C 1046 22.36 40.44 -22.69
N GLY C 1047 21.21 40.11 -22.11
CA GLY C 1047 21.20 39.57 -20.76
C GLY C 1047 21.47 38.08 -20.61
N SER C 1048 22.23 37.51 -21.54
CA SER C 1048 22.44 36.05 -21.57
C SER C 1048 23.31 35.51 -20.42
N ILE C 1049 24.10 36.37 -19.81
CA ILE C 1049 24.76 36.06 -18.54
C ILE C 1049 24.89 37.33 -17.69
N MET C 1050 24.61 37.22 -16.40
CA MET C 1050 24.82 38.31 -15.46
C MET C 1050 24.89 37.86 -14.01
N ARG C 1051 25.27 38.78 -13.13
CA ARG C 1051 25.27 38.52 -11.69
C ARG C 1051 23.85 38.33 -11.25
N LEU C 1052 23.61 37.28 -10.46
CA LEU C 1052 22.26 36.94 -10.01
C LEU C 1052 21.60 38.11 -9.30
N GLY C 1053 22.36 38.74 -8.40
CA GLY C 1053 21.84 39.81 -7.55
C GLY C 1053 21.19 40.96 -8.29
N GLU C 1054 21.61 41.16 -9.53
CA GLU C 1054 21.11 42.29 -10.32
C GLU C 1054 20.20 41.88 -11.46
N ASP C 1055 19.83 40.60 -11.51
CA ASP C 1055 18.83 40.15 -12.50
C ASP C 1055 17.40 40.28 -11.98
N ARG C 1056 16.72 41.34 -12.41
CA ARG C 1056 15.34 41.60 -12.01
C ARG C 1056 14.37 40.54 -12.51
N SER C 1057 14.64 39.96 -13.67
CA SER C 1057 13.74 39.00 -14.28
C SER C 1057 13.70 37.68 -13.50
N MET C 1058 14.53 37.61 -12.46
CA MET C 1058 14.69 36.40 -11.69
C MET C 1058 13.88 36.47 -10.38
N ASP C 1059 13.39 37.66 -10.04
CA ASP C 1059 12.59 37.85 -8.84
C ASP C 1059 11.26 37.13 -9.00
N VAL C 1060 10.75 36.53 -7.96
CA VAL C 1060 9.50 35.77 -8.02
C VAL C 1060 8.26 36.68 -7.81
N GLU C 1061 7.31 36.63 -8.75
CA GLU C 1061 6.07 37.39 -8.65
C GLU C 1061 4.91 36.40 -8.56
N THR C 1062 3.89 36.68 -7.75
CA THR C 1062 2.78 35.73 -7.56
C THR C 1062 1.39 36.25 -7.91
N ILE C 1063 0.47 35.30 -8.12
CA ILE C 1063 -0.94 35.54 -8.43
C ILE C 1063 -1.73 34.83 -7.37
N SER C 1064 -2.83 35.43 -6.90
CA SER C 1064 -3.70 34.77 -5.91
C SER C 1064 -4.32 33.50 -6.47
N THR C 1065 -4.58 32.54 -5.58
CA THR C 1065 -5.23 31.29 -5.98
C THR C 1065 -6.74 31.37 -5.81
N GLY C 1066 -7.23 32.45 -5.23
CA GLY C 1066 -8.66 32.57 -4.92
C GLY C 1066 -9.00 32.06 -3.53
N SER C 1067 -8.07 31.34 -2.92
CA SER C 1067 -8.18 30.92 -1.53
C SER C 1067 -7.14 31.63 -0.68
N LEU C 1068 -7.57 32.26 0.40
CA LEU C 1068 -6.65 32.98 1.28
C LEU C 1068 -5.72 32.02 2.03
N SER C 1069 -6.28 30.91 2.53
CA SER C 1069 -5.50 29.98 3.30
C SER C 1069 -4.50 29.22 2.43
N LEU C 1070 -4.84 29.00 1.16
CA LEU C 1070 -3.90 28.42 0.19
C LEU C 1070 -2.75 29.40 -0.08
N ASP C 1071 -3.10 30.65 -0.35
CA ASP C 1071 -2.10 31.70 -0.54
C ASP C 1071 -1.12 31.74 0.63
N ILE C 1072 -1.62 31.52 1.83
CA ILE C 1072 -0.77 31.47 3.01
C ILE C 1072 0.07 30.19 3.01
N ALA C 1073 -0.55 29.06 2.67
CA ALA C 1073 0.14 27.77 2.65
C ALA C 1073 1.30 27.79 1.67
N LEU C 1074 1.12 28.45 0.53
CA LEU C 1074 2.14 28.57 -0.50
C LEU C 1074 3.32 29.43 -0.07
N GLY C 1075 3.18 30.12 1.06
CA GLY C 1075 4.30 30.87 1.67
C GLY C 1075 4.57 32.21 1.02
N ALA C 1076 4.55 32.24 -0.31
CA ALA C 1076 4.83 33.45 -1.08
C ALA C 1076 3.57 34.25 -1.42
N GLY C 1077 2.39 33.75 -1.05
CA GLY C 1077 1.17 34.51 -1.23
C GLY C 1077 0.37 34.15 -2.46
N GLY C 1078 0.83 33.15 -3.22
CA GLY C 1078 0.13 32.68 -4.41
C GLY C 1078 1.02 31.88 -5.33
N LEU C 1079 0.52 31.62 -6.54
CA LEU C 1079 1.26 30.85 -7.55
C LEU C 1079 2.26 31.72 -8.30
N PRO C 1080 3.44 31.16 -8.63
CA PRO C 1080 4.50 31.99 -9.24
C PRO C 1080 4.36 32.17 -10.76
N MET C 1081 4.48 33.41 -11.21
CA MET C 1081 4.39 33.74 -12.64
C MET C 1081 5.60 33.21 -13.37
N GLY C 1082 5.40 32.79 -14.62
CA GLY C 1082 6.50 32.29 -15.44
C GLY C 1082 6.98 30.89 -15.07
N ARG C 1083 6.15 30.14 -14.36
CA ARG C 1083 6.51 28.83 -13.87
C ARG C 1083 5.41 27.83 -14.24
N ILE C 1084 5.69 26.55 -13.99
CA ILE C 1084 4.72 25.49 -14.20
C ILE C 1084 4.18 25.01 -12.85
N VAL C 1085 2.88 24.77 -12.78
CA VAL C 1085 2.25 24.33 -11.54
C VAL C 1085 1.41 23.10 -11.89
N GLU C 1086 1.41 22.09 -11.01
CA GLU C 1086 0.53 20.94 -11.18
C GLU C 1086 -0.50 20.85 -10.05
N ILE C 1087 -1.76 20.54 -10.39
CA ILE C 1087 -2.79 20.29 -9.38
C ILE C 1087 -3.36 18.92 -9.64
N TYR C 1088 -3.37 18.05 -8.62
CA TYR C 1088 -3.92 16.72 -8.77
C TYR C 1088 -4.78 16.30 -7.59
N GLY C 1089 -5.67 15.33 -7.82
CA GLY C 1089 -6.56 14.84 -6.78
C GLY C 1089 -7.62 13.93 -7.37
N PRO C 1090 -8.43 13.32 -6.52
CA PRO C 1090 -9.50 12.41 -6.95
C PRO C 1090 -10.58 13.13 -7.74
N GLU C 1091 -11.54 12.39 -8.28
CA GLU C 1091 -12.62 13.01 -9.05
C GLU C 1091 -13.44 13.97 -8.21
N SER C 1092 -13.85 15.08 -8.82
CA SER C 1092 -14.71 16.06 -8.18
C SER C 1092 -14.10 16.65 -6.89
N SER C 1093 -12.78 16.73 -6.84
CA SER C 1093 -12.12 17.25 -5.65
C SER C 1093 -12.00 18.78 -5.72
N GLY C 1094 -12.23 19.35 -6.90
CA GLY C 1094 -12.23 20.79 -7.05
C GLY C 1094 -11.09 21.35 -7.88
N LYS C 1095 -10.49 20.51 -8.70
CA LYS C 1095 -9.36 20.93 -9.51
C LYS C 1095 -9.75 22.04 -10.50
N THR C 1096 -10.76 21.79 -11.34
CA THR C 1096 -11.21 22.78 -12.32
C THR C 1096 -11.67 24.05 -11.62
N THR C 1097 -12.57 23.90 -10.65
CA THR C 1097 -13.02 25.00 -9.83
C THR C 1097 -11.87 25.89 -9.36
N LEU C 1098 -10.88 25.29 -8.71
CA LEU C 1098 -9.74 26.06 -8.14
C LEU C 1098 -9.09 26.90 -9.25
N THR C 1099 -8.80 26.21 -10.34
CA THR C 1099 -8.23 26.76 -11.55
C THR C 1099 -9.01 27.96 -12.10
N LEU C 1100 -10.34 27.85 -12.15
CA LEU C 1100 -11.18 28.92 -12.63
C LEU C 1100 -11.16 30.11 -11.69
N GLN C 1101 -11.06 29.84 -10.39
CA GLN C 1101 -10.93 30.88 -9.39
C GLN C 1101 -9.62 31.64 -9.55
N VAL C 1102 -8.54 30.95 -9.90
CA VAL C 1102 -7.31 31.67 -10.17
C VAL C 1102 -7.42 32.53 -11.44
N ILE C 1103 -8.02 31.95 -12.49
CA ILE C 1103 -8.34 32.73 -13.68
C ILE C 1103 -9.17 33.99 -13.36
N ALA C 1104 -10.24 33.83 -12.59
CA ALA C 1104 -11.11 34.95 -12.24
C ALA C 1104 -10.33 36.07 -11.53
N ALA C 1105 -9.51 35.70 -10.55
CA ALA C 1105 -8.73 36.65 -9.79
C ALA C 1105 -7.76 37.39 -10.71
N ALA C 1106 -7.16 36.64 -11.65
CA ALA C 1106 -6.22 37.21 -12.61
C ALA C 1106 -6.90 38.21 -13.54
N GLN C 1107 -8.09 37.84 -14.03
CA GLN C 1107 -8.84 38.70 -14.93
C GLN C 1107 -9.27 39.97 -14.22
N ARG C 1108 -9.62 39.83 -12.95
CA ARG C 1108 -9.99 40.94 -12.08
C ARG C 1108 -8.85 41.97 -11.98
N GLU C 1109 -7.62 41.54 -12.22
CA GLU C 1109 -6.45 42.41 -12.23
C GLU C 1109 -5.98 42.77 -13.63
N GLY C 1110 -6.81 42.55 -14.63
CA GLY C 1110 -6.50 42.91 -16.01
C GLY C 1110 -5.63 41.93 -16.78
N LYS C 1111 -5.40 40.74 -16.22
CA LYS C 1111 -4.55 39.76 -16.89
C LYS C 1111 -5.35 38.99 -17.95
N THR C 1112 -4.64 38.39 -18.92
CA THR C 1112 -5.30 37.62 -19.97
C THR C 1112 -5.10 36.13 -19.73
N CYS C 1113 -6.17 35.36 -19.85
CA CYS C 1113 -6.10 33.91 -19.57
C CYS C 1113 -6.56 33.01 -20.69
N ALA C 1114 -6.04 31.79 -20.70
CA ALA C 1114 -6.45 30.79 -21.67
C ALA C 1114 -6.73 29.49 -20.94
N PHE C 1115 -7.70 28.76 -21.44
CA PHE C 1115 -8.09 27.49 -20.87
C PHE C 1115 -8.07 26.40 -21.93
N ILE C 1116 -7.24 25.38 -21.74
CA ILE C 1116 -7.18 24.27 -22.68
C ILE C 1116 -8.01 23.11 -22.12
N ASP C 1117 -9.25 23.00 -22.61
CA ASP C 1117 -10.18 22.00 -22.11
C ASP C 1117 -10.00 20.64 -22.81
N ALA C 1118 -8.91 19.95 -22.52
CA ALA C 1118 -8.62 18.65 -23.16
C ALA C 1118 -9.59 17.58 -22.70
N GLU C 1119 -10.13 17.76 -21.50
CA GLU C 1119 -11.07 16.83 -20.90
C GLU C 1119 -12.45 16.99 -21.51
N HIS C 1120 -12.65 18.07 -22.29
CA HIS C 1120 -13.91 18.38 -22.98
C HIS C 1120 -15.10 18.39 -22.02
N ALA C 1121 -14.96 19.12 -20.94
CA ALA C 1121 -15.99 19.11 -19.90
C ALA C 1121 -16.17 20.46 -19.20
N LEU C 1122 -15.72 21.54 -19.84
CA LEU C 1122 -15.89 22.87 -19.26
C LEU C 1122 -17.31 23.37 -19.47
N ASP C 1123 -17.96 23.78 -18.38
CA ASP C 1123 -19.29 24.41 -18.43
C ASP C 1123 -19.18 25.95 -18.35
N PRO C 1124 -19.33 26.63 -19.50
CA PRO C 1124 -19.12 28.07 -19.56
C PRO C 1124 -20.00 28.81 -18.58
N ILE C 1125 -21.28 28.44 -18.51
CA ILE C 1125 -22.19 29.05 -17.55
C ILE C 1125 -21.67 28.91 -16.11
N TYR C 1126 -21.14 27.74 -15.78
CA TYR C 1126 -20.60 27.55 -14.44
C TYR C 1126 -19.37 28.43 -14.20
N ALA C 1127 -18.47 28.49 -15.18
CA ALA C 1127 -17.30 29.34 -15.07
C ALA C 1127 -17.74 30.79 -14.77
N ARG C 1128 -18.81 31.23 -15.42
CA ARG C 1128 -19.32 32.57 -15.18
C ARG C 1128 -19.75 32.75 -13.73
N LYS C 1129 -20.47 31.76 -13.19
CA LYS C 1129 -20.92 31.83 -11.80
C LYS C 1129 -19.75 31.92 -10.84
N LEU C 1130 -18.62 31.30 -11.19
CA LEU C 1130 -17.42 31.41 -10.36
C LEU C 1130 -16.68 32.74 -10.56
N GLY C 1131 -17.29 33.67 -11.30
CA GLY C 1131 -16.72 34.99 -11.52
C GLY C 1131 -15.73 35.13 -12.66
N VAL C 1132 -15.66 34.14 -13.55
CA VAL C 1132 -14.80 34.23 -14.73
C VAL C 1132 -15.45 35.11 -15.78
N ASP C 1133 -14.63 35.97 -16.39
CA ASP C 1133 -15.05 36.75 -17.56
C ASP C 1133 -15.03 35.84 -18.79
N ILE C 1134 -16.14 35.15 -18.99
CA ILE C 1134 -16.37 34.20 -20.08
C ILE C 1134 -16.01 34.79 -21.44
N ASP C 1135 -16.37 36.05 -21.65
CA ASP C 1135 -16.18 36.72 -22.92
C ASP C 1135 -14.74 37.01 -23.30
N ASN C 1136 -13.82 36.96 -22.34
CA ASN C 1136 -12.41 37.22 -22.61
C ASN C 1136 -11.50 36.05 -22.29
N LEU C 1137 -12.09 34.95 -21.86
CA LEU C 1137 -11.32 33.74 -21.60
C LEU C 1137 -11.09 33.01 -22.92
N LEU C 1138 -9.83 32.98 -23.36
CA LEU C 1138 -9.46 32.16 -24.52
C LEU C 1138 -9.63 30.70 -24.15
N CYS C 1139 -10.25 29.96 -25.07
CA CYS C 1139 -10.62 28.60 -24.78
C CYS C 1139 -10.36 27.71 -25.97
N SER C 1140 -9.84 26.53 -25.70
CA SER C 1140 -9.53 25.60 -26.75
C SER C 1140 -9.84 24.17 -26.33
N GLN C 1141 -10.49 23.42 -27.21
CA GLN C 1141 -10.71 21.99 -27.03
C GLN C 1141 -9.97 21.26 -28.13
N PRO C 1142 -8.68 20.98 -27.91
CA PRO C 1142 -7.76 20.51 -28.96
C PRO C 1142 -7.98 19.06 -29.34
N ASP C 1143 -7.55 18.66 -30.53
CA ASP C 1143 -7.80 17.31 -31.02
C ASP C 1143 -6.81 16.29 -30.50
N THR C 1144 -5.54 16.67 -30.43
CA THR C 1144 -4.51 15.79 -29.93
C THR C 1144 -3.73 16.46 -28.81
N GLY C 1145 -3.00 15.67 -28.05
CA GLY C 1145 -2.14 16.20 -26.98
C GLY C 1145 -1.05 17.11 -27.51
N GLU C 1146 -0.45 16.73 -28.63
CA GLU C 1146 0.58 17.56 -29.26
C GLU C 1146 0.02 18.92 -29.65
N GLN C 1147 -1.20 18.92 -30.19
CA GLN C 1147 -1.87 20.16 -30.54
C GLN C 1147 -2.08 21.01 -29.28
N ALA C 1148 -2.58 20.40 -28.22
CA ALA C 1148 -2.79 21.10 -26.94
C ALA C 1148 -1.52 21.80 -26.49
N LEU C 1149 -0.40 21.09 -26.55
CA LEU C 1149 0.87 21.61 -26.08
C LEU C 1149 1.45 22.59 -27.06
N GLU C 1150 1.22 22.40 -28.35
CA GLU C 1150 1.69 23.37 -29.35
C GLU C 1150 0.98 24.72 -29.18
N ILE C 1151 -0.28 24.67 -28.77
CA ILE C 1151 -1.03 25.87 -28.51
C ILE C 1151 -0.43 26.57 -27.30
N CYS C 1152 -0.15 25.81 -26.24
CA CYS C 1152 0.50 26.36 -25.05
C CYS C 1152 1.78 27.09 -25.42
N ASP C 1153 2.61 26.44 -26.25
CA ASP C 1153 3.88 27.00 -26.61
C ASP C 1153 3.66 28.31 -27.36
N ALA C 1154 2.74 28.28 -28.33
CA ALA C 1154 2.44 29.44 -29.17
C ALA C 1154 1.92 30.61 -28.34
N LEU C 1155 1.06 30.31 -27.36
CA LEU C 1155 0.53 31.35 -26.47
C LEU C 1155 1.62 31.90 -25.55
N ALA C 1156 2.43 31.00 -25.00
CA ALA C 1156 3.57 31.43 -24.20
C ALA C 1156 4.46 32.36 -25.01
N ARG C 1157 4.89 31.93 -26.21
CA ARG C 1157 5.82 32.70 -27.04
C ARG C 1157 5.31 34.07 -27.44
N SER C 1158 3.99 34.22 -27.51
CA SER C 1158 3.39 35.50 -27.92
C SER C 1158 3.61 36.59 -26.90
N GLY C 1159 3.70 36.22 -25.63
CA GLY C 1159 3.87 37.16 -24.54
C GLY C 1159 2.63 37.95 -24.22
N ALA C 1160 1.49 37.53 -24.76
CA ALA C 1160 0.23 38.24 -24.57
C ALA C 1160 -0.74 37.53 -23.64
N VAL C 1161 -0.41 36.32 -23.20
CA VAL C 1161 -1.25 35.57 -22.27
C VAL C 1161 -0.52 35.44 -20.95
N ASP C 1162 -1.26 35.63 -19.86
CA ASP C 1162 -0.68 35.69 -18.50
C ASP C 1162 -0.77 34.37 -17.76
N VAL C 1163 -1.93 33.72 -17.84
CA VAL C 1163 -2.08 32.39 -17.27
C VAL C 1163 -2.80 31.45 -18.23
N ILE C 1164 -2.26 30.25 -18.36
CA ILE C 1164 -2.82 29.19 -19.17
C ILE C 1164 -3.05 27.98 -18.28
N VAL C 1165 -4.24 27.41 -18.36
CA VAL C 1165 -4.46 26.14 -17.66
C VAL C 1165 -4.85 25.02 -18.62
N VAL C 1166 -4.19 23.89 -18.47
CA VAL C 1166 -4.44 22.72 -19.29
C VAL C 1166 -5.25 21.75 -18.44
N ASP C 1167 -6.51 21.53 -18.81
CA ASP C 1167 -7.37 20.67 -18.02
C ASP C 1167 -7.24 19.21 -18.43
N SER C 1168 -6.48 18.52 -17.57
CA SER C 1168 -6.14 17.12 -17.56
C SER C 1168 -5.02 16.80 -18.49
N VAL C 1169 -3.86 16.53 -17.92
CA VAL C 1169 -2.81 15.91 -18.69
C VAL C 1169 -3.27 14.51 -19.04
N ALA C 1170 -4.16 13.96 -18.22
CA ALA C 1170 -4.65 12.62 -18.46
C ALA C 1170 -5.38 12.54 -19.79
N ALA C 1171 -5.91 13.68 -20.22
CA ALA C 1171 -6.69 13.75 -21.47
C ALA C 1171 -5.85 14.14 -22.69
N LEU C 1172 -4.56 14.40 -22.47
CA LEU C 1172 -3.62 14.74 -23.54
C LEU C 1172 -3.20 13.50 -24.31
N THR C 1173 -3.95 13.17 -25.36
CA THR C 1173 -3.72 11.93 -26.08
C THR C 1173 -2.82 12.16 -27.29
N PRO C 1174 -1.68 11.46 -27.34
CA PRO C 1174 -0.77 11.54 -28.48
C PRO C 1174 -1.48 11.22 -29.80
N LYS C 1175 -1.03 11.88 -30.86
CA LYS C 1175 -1.62 11.80 -32.19
C LYS C 1175 -1.67 10.35 -32.66
N ALA C 1176 -0.57 9.62 -32.44
CA ALA C 1176 -0.47 8.21 -32.86
C ALA C 1176 -1.52 7.35 -32.16
N GLU C 1177 -1.81 7.68 -30.90
CA GLU C 1177 -2.79 6.95 -30.13
C GLU C 1177 -4.20 7.20 -30.63
N ILE C 1178 -4.50 8.49 -30.86
CA ILE C 1178 -5.80 8.90 -31.36
C ILE C 1178 -6.12 8.25 -32.70
N GLU C 1179 -5.13 8.15 -33.58
CA GLU C 1179 -5.33 7.56 -34.88
C GLU C 1179 -5.30 6.03 -34.84
N GLY C 1180 -4.58 5.48 -33.87
CA GLY C 1180 -4.54 4.03 -33.66
C GLY C 1180 -5.86 3.52 -33.09
N GLU C 1181 -5.97 2.20 -32.97
CA GLU C 1181 -7.15 1.57 -32.39
C GLU C 1181 -7.08 1.49 -30.86
N ILE C 1182 -8.22 1.21 -30.24
CA ILE C 1182 -8.27 0.95 -28.81
C ILE C 1182 -7.70 -0.42 -28.56
N GLY C 1183 -6.68 -0.48 -27.71
CA GLY C 1183 -6.00 -1.74 -27.43
C GLY C 1183 -4.65 -1.83 -28.09
N ASP C 1184 -4.33 -0.89 -28.98
CA ASP C 1184 -2.99 -0.73 -29.50
C ASP C 1184 -2.14 -0.19 -28.36
N SER C 1185 -0.94 -0.72 -28.18
CA SER C 1185 -0.09 -0.27 -27.08
C SER C 1185 0.85 0.86 -27.52
N HIS C 1186 0.81 1.95 -26.78
CA HIS C 1186 1.67 3.09 -27.04
C HIS C 1186 2.43 3.37 -25.75
N MET C 1187 3.15 2.36 -25.28
CA MET C 1187 3.82 2.40 -23.98
C MET C 1187 4.68 3.65 -23.78
N GLY C 1188 4.24 4.51 -22.87
CA GLY C 1188 4.93 5.76 -22.52
C GLY C 1188 5.09 6.76 -23.64
N LEU C 1189 4.15 6.78 -24.59
CA LEU C 1189 4.18 7.75 -25.67
C LEU C 1189 3.78 9.11 -25.14
N ALA C 1190 2.80 9.12 -24.25
CA ALA C 1190 2.38 10.34 -23.59
C ALA C 1190 3.49 10.89 -22.70
N ALA C 1191 4.20 9.98 -22.03
CA ALA C 1191 5.29 10.36 -21.14
C ALA C 1191 6.40 11.05 -21.91
N ARG C 1192 6.81 10.47 -23.04
CA ARG C 1192 7.89 11.07 -23.82
C ARG C 1192 7.44 12.38 -24.45
N MET C 1193 6.15 12.50 -24.72
CA MET C 1193 5.57 13.73 -25.21
C MET C 1193 5.65 14.85 -24.17
N MET C 1194 5.23 14.54 -22.95
CA MET C 1194 5.28 15.47 -21.81
C MET C 1194 6.71 15.90 -21.53
N SER C 1195 7.63 14.95 -21.61
CA SER C 1195 9.04 15.20 -21.37
C SER C 1195 9.60 16.19 -22.38
N GLN C 1196 9.22 16.04 -23.64
CA GLN C 1196 9.61 16.98 -24.70
C GLN C 1196 8.96 18.36 -24.50
N ALA C 1197 7.68 18.36 -24.14
CA ALA C 1197 6.96 19.59 -23.87
C ALA C 1197 7.61 20.46 -22.79
N MET C 1198 7.96 19.86 -21.65
CA MET C 1198 8.55 20.60 -20.54
C MET C 1198 9.85 21.29 -20.95
N ARG C 1199 10.72 20.50 -21.59
CA ARG C 1199 11.97 20.94 -22.19
C ARG C 1199 11.76 22.25 -22.97
N LYS C 1200 10.71 22.32 -23.80
CA LYS C 1200 10.45 23.47 -24.67
C LYS C 1200 9.71 24.60 -23.94
N LEU C 1201 8.75 24.23 -23.11
CA LEU C 1201 7.89 25.20 -22.45
C LEU C 1201 8.59 26.02 -21.36
N ALA C 1202 9.45 25.39 -20.57
CA ALA C 1202 10.01 26.03 -19.38
C ALA C 1202 10.64 27.38 -19.71
N GLY C 1203 11.48 27.41 -20.75
CA GLY C 1203 12.16 28.61 -21.16
C GLY C 1203 11.22 29.68 -21.68
N ASN C 1204 10.28 29.30 -22.55
CA ASN C 1204 9.30 30.23 -23.10
C ASN C 1204 8.41 30.85 -22.05
N LEU C 1205 7.97 30.06 -21.08
CA LEU C 1205 7.09 30.56 -20.03
C LEU C 1205 7.79 31.61 -19.18
N LYS C 1206 9.06 31.38 -18.86
CA LYS C 1206 9.80 32.31 -18.03
C LYS C 1206 9.99 33.64 -18.74
N GLN C 1207 10.41 33.59 -20.01
CA GLN C 1207 10.68 34.81 -20.74
C GLN C 1207 9.45 35.61 -21.14
N SER C 1208 8.26 35.06 -20.94
CA SER C 1208 6.99 35.79 -21.15
C SER C 1208 6.29 36.06 -19.85
N ASN C 1209 6.87 35.58 -18.76
CA ASN C 1209 6.26 35.67 -17.44
C ASN C 1209 4.85 35.04 -17.38
N THR C 1210 4.69 33.90 -18.05
CA THR C 1210 3.42 33.20 -18.16
C THR C 1210 3.32 32.04 -17.18
N LEU C 1211 2.22 31.99 -16.42
CA LEU C 1211 1.96 30.89 -15.50
C LEU C 1211 1.21 29.79 -16.24
N LEU C 1212 1.71 28.56 -16.18
CA LEU C 1212 1.05 27.41 -16.79
C LEU C 1212 0.63 26.42 -15.73
N ILE C 1213 -0.66 26.21 -15.58
CA ILE C 1213 -1.15 25.23 -14.63
C ILE C 1213 -1.63 23.95 -15.34
N PHE C 1214 -1.08 22.81 -14.94
CA PHE C 1214 -1.54 21.51 -15.42
C PHE C 1214 -2.40 20.85 -14.37
N ILE C 1215 -3.62 20.49 -14.75
CA ILE C 1215 -4.44 19.68 -13.87
C ILE C 1215 -4.13 18.22 -14.19
N ASN C 1216 -4.00 17.38 -13.17
CA ASN C 1216 -3.78 15.94 -13.43
C ASN C 1216 -4.76 15.07 -12.63
N GLN C 1217 -4.94 13.85 -13.09
CA GLN C 1217 -5.78 12.87 -12.41
C GLN C 1217 -4.89 11.86 -11.68
N ILE C 1218 -5.50 11.03 -10.85
CA ILE C 1218 -4.80 10.02 -10.09
C ILE C 1218 -5.02 8.63 -10.69
N ARG C 1219 -3.96 7.84 -10.74
CA ARG C 1219 -4.08 6.43 -11.07
C ARG C 1219 -3.40 5.63 -9.95
N MET C 1220 -3.76 4.37 -9.82
CA MET C 1220 -3.16 3.49 -8.85
C MET C 1220 -1.93 2.83 -9.48
N LYS C 1221 -0.85 2.64 -8.73
CA LYS C 1221 0.22 1.80 -9.28
C LYS C 1221 0.10 0.40 -8.72
N ILE C 1222 -0.07 -0.56 -9.63
CA ILE C 1222 -0.38 -1.95 -9.29
C ILE C 1222 0.81 -2.65 -8.64
N GLY C 1223 0.52 -3.57 -7.72
CA GLY C 1223 1.54 -4.36 -7.02
C GLY C 1223 2.39 -3.59 -6.04
N VAL C 1224 1.85 -2.49 -5.52
CA VAL C 1224 2.54 -1.66 -4.54
C VAL C 1224 1.76 -1.67 -3.21
N MET C 1225 2.24 -2.47 -2.25
CA MET C 1225 1.67 -2.52 -0.91
C MET C 1225 2.64 -1.92 0.13
N PHE C 1226 3.28 -0.81 -0.24
CA PHE C 1226 4.27 -0.15 0.60
C PHE C 1226 4.24 1.34 0.33
N GLY C 1227 3.78 2.10 1.31
CA GLY C 1227 3.63 3.54 1.16
C GLY C 1227 2.41 3.85 0.31
N ASN C 1228 2.60 4.67 -0.73
CA ASN C 1228 1.50 5.24 -1.48
C ASN C 1228 1.28 4.62 -2.85
N PRO C 1229 0.11 3.99 -3.07
CA PRO C 1229 -0.15 3.37 -4.37
C PRO C 1229 -0.60 4.39 -5.43
N GLU C 1230 -0.72 5.65 -5.06
CA GLU C 1230 -1.22 6.68 -5.97
C GLU C 1230 -0.15 7.23 -6.91
N THR C 1231 -0.53 7.52 -8.14
CA THR C 1231 0.34 8.24 -9.07
C THR C 1231 -0.49 9.22 -9.84
N THR C 1232 0.17 9.78 -10.85
CA THR C 1232 -0.31 10.88 -11.59
C THR C 1232 -0.08 10.47 -13.06
N THR C 1233 -0.85 11.05 -13.98
CA THR C 1233 -0.72 10.67 -15.39
C THR C 1233 0.42 11.40 -16.08
N GLY C 1234 0.91 10.80 -17.16
CA GLY C 1234 1.78 11.49 -18.11
C GLY C 1234 3.26 11.44 -17.82
N GLY C 1235 3.67 10.56 -16.92
CA GLY C 1235 5.08 10.34 -16.68
C GLY C 1235 5.72 11.20 -15.61
N ASN C 1236 7.05 11.28 -15.66
CA ASN C 1236 7.82 11.89 -14.60
C ASN C 1236 8.26 13.33 -14.81
N ALA C 1237 8.28 13.79 -16.06
CA ALA C 1237 8.79 15.13 -16.36
C ALA C 1237 8.11 16.21 -15.54
N LEU C 1238 6.78 16.20 -15.50
CA LEU C 1238 6.05 17.25 -14.84
C LEU C 1238 6.40 17.40 -13.35
N LYS C 1239 6.60 16.28 -12.65
CA LYS C 1239 7.05 16.29 -11.25
C LYS C 1239 8.24 17.22 -11.11
N PHE C 1240 9.22 17.07 -12.00
CA PHE C 1240 10.46 17.81 -11.90
C PHE C 1240 10.32 19.28 -12.27
N TYR C 1241 9.57 19.57 -13.33
CA TYR C 1241 9.46 20.92 -13.84
C TYR C 1241 8.49 21.80 -13.06
N ALA C 1242 7.58 21.21 -12.30
CA ALA C 1242 6.61 22.02 -11.55
C ALA C 1242 7.33 22.78 -10.43
N SER C 1243 7.02 24.07 -10.30
CA SER C 1243 7.56 24.87 -9.18
C SER C 1243 6.68 24.71 -7.94
N VAL C 1244 5.42 24.38 -8.16
CA VAL C 1244 4.50 24.07 -7.11
C VAL C 1244 3.70 22.82 -7.53
N ARG C 1245 3.50 21.87 -6.60
CA ARG C 1245 2.53 20.80 -6.82
C ARG C 1245 1.51 20.78 -5.69
N LEU C 1246 0.24 20.69 -6.07
CA LEU C 1246 -0.87 20.75 -5.13
C LEU C 1246 -1.69 19.47 -5.16
N ASP C 1247 -1.93 18.89 -3.98
CA ASP C 1247 -2.82 17.73 -3.81
C ASP C 1247 -4.14 18.24 -3.21
N ILE C 1248 -5.21 18.21 -3.99
CA ILE C 1248 -6.51 18.70 -3.53
C ILE C 1248 -7.46 17.53 -3.26
N ARG C 1249 -8.23 17.62 -2.18
CA ARG C 1249 -9.12 16.54 -1.75
C ARG C 1249 -10.41 17.02 -1.07
N ARG C 1250 -11.52 16.35 -1.37
CA ARG C 1250 -12.78 16.63 -0.69
C ARG C 1250 -12.82 15.84 0.60
N ILE C 1251 -12.97 16.53 1.72
CA ILE C 1251 -12.88 15.88 3.03
C ILE C 1251 -14.20 15.85 3.78
N GLY C 1252 -15.25 16.40 3.19
CA GLY C 1252 -16.58 16.38 3.79
C GLY C 1252 -17.60 17.22 3.06
N ALA C 1253 -18.81 17.25 3.61
CA ALA C 1253 -19.93 17.97 3.00
C ALA C 1253 -20.25 19.24 3.77
N VAL C 1254 -20.60 20.30 3.04
CA VAL C 1254 -21.16 21.52 3.61
C VAL C 1254 -22.68 21.46 3.48
N LYS C 1255 -23.38 21.57 4.61
CA LYS C 1255 -24.83 21.30 4.62
C LYS C 1255 -25.71 22.44 5.15
N GLU C 1256 -26.79 22.70 4.43
CA GLU C 1256 -27.91 23.56 4.88
C GLU C 1256 -28.99 22.65 5.43
N GLY C 1257 -28.79 22.13 6.63
CA GLY C 1257 -29.65 21.10 7.21
C GLY C 1257 -29.69 19.88 6.31
N GLU C 1258 -30.70 19.84 5.43
CA GLU C 1258 -30.93 18.74 4.50
C GLU C 1258 -29.95 18.75 3.34
N ASN C 1259 -29.85 19.87 2.64
CA ASN C 1259 -29.17 19.94 1.35
C ASN C 1259 -27.65 20.05 1.45
N VAL C 1260 -26.98 19.29 0.60
CA VAL C 1260 -25.53 19.41 0.46
C VAL C 1260 -25.28 20.58 -0.48
N VAL C 1261 -24.69 21.64 0.06
CA VAL C 1261 -24.59 22.91 -0.67
C VAL C 1261 -23.15 23.25 -1.05
N GLY C 1262 -22.20 22.48 -0.53
CA GLY C 1262 -20.80 22.66 -0.87
C GLY C 1262 -19.92 21.49 -0.48
N SER C 1263 -18.63 21.58 -0.84
CA SER C 1263 -17.63 20.59 -0.49
C SER C 1263 -16.62 21.18 0.48
N GLU C 1264 -16.41 20.50 1.59
CA GLU C 1264 -15.33 20.83 2.50
C GLU C 1264 -14.02 20.32 1.86
N THR C 1265 -13.03 21.19 1.75
CA THR C 1265 -11.84 20.91 0.92
C THR C 1265 -10.49 21.10 1.62
N ARG C 1266 -9.54 20.21 1.32
CA ARG C 1266 -8.17 20.33 1.81
C ARG C 1266 -7.15 20.30 0.67
N VAL C 1267 -6.20 21.23 0.69
CA VAL C 1267 -5.13 21.25 -0.29
C VAL C 1267 -3.80 21.12 0.44
N LYS C 1268 -2.96 20.17 0.04
CA LYS C 1268 -1.60 20.05 0.60
C LYS C 1268 -0.62 20.57 -0.42
N VAL C 1269 0.34 21.40 0.02
CA VAL C 1269 1.39 21.83 -0.88
C VAL C 1269 2.47 20.74 -0.85
N VAL C 1270 2.46 19.94 -1.89
CA VAL C 1270 3.21 18.70 -1.91
C VAL C 1270 4.64 18.92 -2.47
N LYS C 1271 4.78 19.94 -3.32
CA LYS C 1271 6.08 20.43 -3.78
C LYS C 1271 6.10 21.95 -3.83
N ASN C 1272 7.21 22.55 -3.43
CA ASN C 1272 7.36 24.00 -3.43
C ASN C 1272 8.79 24.47 -3.61
N LYS C 1273 8.99 25.26 -4.65
CA LYS C 1273 10.29 25.79 -5.02
C LYS C 1273 10.43 27.27 -4.67
N ILE C 1274 9.33 27.90 -4.20
CA ILE C 1274 9.36 29.34 -3.93
C ILE C 1274 9.20 29.64 -2.44
N ALA C 1275 8.87 28.62 -1.65
CA ALA C 1275 8.76 28.72 -0.19
C ALA C 1275 8.76 27.29 0.37
N ALA C 1276 8.79 27.14 1.70
CA ALA C 1276 8.72 25.82 2.33
C ALA C 1276 7.54 25.00 1.79
N PRO C 1277 7.72 23.68 1.58
CA PRO C 1277 6.61 22.81 1.20
C PRO C 1277 5.86 22.24 2.40
N PHE C 1278 4.77 21.52 2.13
CA PHE C 1278 4.06 20.69 3.12
C PHE C 1278 3.11 21.40 4.07
N LYS C 1279 2.86 22.68 3.84
CA LYS C 1279 1.80 23.37 4.56
C LYS C 1279 0.48 22.99 3.88
N GLN C 1280 -0.64 23.18 4.56
CA GLN C 1280 -1.92 22.87 3.94
C GLN C 1280 -3.02 23.89 4.18
N ALA C 1281 -4.01 23.87 3.32
CA ALA C 1281 -5.12 24.81 3.38
C ALA C 1281 -6.43 24.05 3.45
N GLU C 1282 -7.38 24.58 4.20
CA GLU C 1282 -8.72 24.04 4.27
C GLU C 1282 -9.72 25.14 4.06
N PHE C 1283 -10.68 24.90 3.18
CA PHE C 1283 -11.68 25.90 2.86
C PHE C 1283 -12.90 25.20 2.30
N GLN C 1284 -13.97 25.96 2.07
CA GLN C 1284 -15.18 25.41 1.50
C GLN C 1284 -15.29 25.79 0.03
N ILE C 1285 -15.77 24.84 -0.80
CA ILE C 1285 -16.21 25.18 -2.14
C ILE C 1285 -17.74 25.14 -2.09
N LEU C 1286 -18.37 26.29 -2.27
CA LEU C 1286 -19.82 26.36 -2.31
C LEU C 1286 -20.26 26.31 -3.76
N TYR C 1287 -21.13 25.35 -4.08
CA TYR C 1287 -21.52 25.10 -5.46
C TYR C 1287 -22.20 26.31 -6.07
N GLY C 1288 -21.79 26.63 -7.31
CA GLY C 1288 -22.36 27.76 -8.05
C GLY C 1288 -21.91 29.11 -7.51
N GLU C 1289 -20.92 29.09 -6.62
CA GLU C 1289 -20.43 30.29 -6.00
C GLU C 1289 -18.92 30.27 -6.00
N GLY C 1290 -18.34 29.10 -5.70
CA GLY C 1290 -16.88 28.93 -5.67
C GLY C 1290 -16.31 28.84 -4.26
N ILE C 1291 -15.02 29.12 -4.15
CA ILE C 1291 -14.31 29.10 -2.87
C ILE C 1291 -14.87 30.19 -1.93
N ASN C 1292 -15.16 29.90 -0.68
CA ASN C 1292 -15.66 30.89 0.27
C ASN C 1292 -14.51 31.69 0.86
N PHE C 1293 -14.07 32.69 0.11
CA PHE C 1293 -12.91 33.50 0.46
C PHE C 1293 -13.11 34.25 1.76
N TYR C 1294 -14.27 34.90 1.90
CA TYR C 1294 -14.54 35.72 3.09
C TYR C 1294 -14.71 34.88 4.35
N GLY C 1295 -15.15 33.63 4.18
CA GLY C 1295 -15.17 32.64 5.26
C GLY C 1295 -13.78 32.42 5.83
N GLU C 1296 -12.82 32.14 4.95
CA GLU C 1296 -11.43 31.99 5.36
C GLU C 1296 -10.97 33.22 6.12
N LEU C 1297 -11.33 34.40 5.60
CA LEU C 1297 -10.91 35.67 6.18
C LEU C 1297 -11.38 35.81 7.61
N VAL C 1298 -12.63 35.41 7.88
CA VAL C 1298 -13.16 35.43 9.24
C VAL C 1298 -12.29 34.54 10.14
N ASP C 1299 -12.23 33.25 9.82
CA ASP C 1299 -11.44 32.29 10.60
C ASP C 1299 -10.02 32.76 10.84
N LEU C 1300 -9.34 33.22 9.78
CA LEU C 1300 -7.98 33.71 9.90
C LEU C 1300 -7.91 34.96 10.79
N GLY C 1301 -8.87 35.85 10.60
CA GLY C 1301 -8.95 37.08 11.38
C GLY C 1301 -9.11 36.78 12.86
N VAL C 1302 -10.00 35.83 13.18
CA VAL C 1302 -10.23 35.41 14.56
C VAL C 1302 -8.99 34.75 15.14
N LYS C 1303 -8.38 33.85 14.36
CA LYS C 1303 -7.18 33.13 14.77
C LYS C 1303 -6.04 34.08 15.10
N GLU C 1304 -5.92 35.14 14.31
CA GLU C 1304 -4.85 36.13 14.48
C GLU C 1304 -5.20 37.28 15.42
N LYS C 1305 -6.35 37.16 16.09
CA LYS C 1305 -6.80 38.13 17.09
C LYS C 1305 -7.05 39.52 16.51
N LEU C 1306 -7.45 39.58 15.25
CA LEU C 1306 -7.84 40.83 14.60
C LEU C 1306 -9.34 41.01 14.69
N ILE C 1307 -10.04 39.89 14.67
CA ILE C 1307 -11.49 39.85 14.86
C ILE C 1307 -11.76 39.18 16.21
N GLU C 1308 -12.59 39.83 17.02
CA GLU C 1308 -12.93 39.34 18.34
C GLU C 1308 -14.12 38.39 18.26
N LYS C 1309 -14.12 37.33 19.06
CA LYS C 1309 -15.24 36.38 19.08
C LYS C 1309 -15.69 36.03 20.50
N ALA C 1310 -16.77 36.67 20.93
CA ALA C 1310 -17.36 36.40 22.25
C ALA C 1310 -18.63 35.55 22.12
N GLY C 1311 -18.46 34.24 22.29
CA GLY C 1311 -19.53 33.28 22.05
C GLY C 1311 -19.83 33.14 20.56
N ALA C 1312 -20.98 33.65 20.16
CA ALA C 1312 -21.39 33.63 18.75
C ALA C 1312 -21.22 35.00 18.08
N TRP C 1313 -20.93 36.03 18.88
CA TRP C 1313 -20.78 37.40 18.37
C TRP C 1313 -19.37 37.73 17.87
N TYR C 1314 -19.29 38.19 16.62
CA TYR C 1314 -18.04 38.61 16.00
C TYR C 1314 -17.94 40.13 16.02
N SER C 1315 -16.79 40.65 16.42
CA SER C 1315 -16.55 42.09 16.50
C SER C 1315 -15.28 42.50 15.77
N TYR C 1316 -15.31 43.66 15.14
CA TYR C 1316 -14.08 44.24 14.61
C TYR C 1316 -13.89 45.61 15.21
N LYS C 1317 -12.72 45.81 15.81
CA LYS C 1317 -12.36 47.08 16.43
C LYS C 1317 -13.48 47.66 17.27
N GLY C 1318 -14.07 46.82 18.12
CA GLY C 1318 -15.12 47.25 19.07
C GLY C 1318 -16.55 47.19 18.55
N GLU C 1319 -16.69 47.28 17.23
CA GLU C 1319 -17.99 47.33 16.59
C GLU C 1319 -18.42 45.92 16.15
N LYS C 1320 -19.62 45.51 16.57
CA LYS C 1320 -20.17 44.19 16.24
C LYS C 1320 -20.45 44.07 14.75
N ILE C 1321 -19.99 42.97 14.15
CA ILE C 1321 -20.13 42.78 12.71
C ILE C 1321 -21.06 41.63 12.33
N GLY C 1322 -21.39 40.77 13.29
CA GLY C 1322 -22.36 39.70 13.06
C GLY C 1322 -22.41 38.62 14.11
N GLN C 1323 -23.57 37.99 14.22
CA GLN C 1323 -23.75 36.83 15.08
C GLN C 1323 -23.67 35.56 14.21
N GLY C 1324 -22.75 34.67 14.53
CA GLY C 1324 -22.51 33.48 13.71
C GLY C 1324 -21.58 33.76 12.54
N LYS C 1325 -20.79 32.74 12.17
CA LYS C 1325 -19.83 32.86 11.07
C LYS C 1325 -20.49 33.37 9.77
N ALA C 1326 -21.67 32.83 9.44
CA ALA C 1326 -22.44 33.23 8.26
C ALA C 1326 -22.61 34.76 8.15
N ASN C 1327 -23.01 35.40 9.24
CA ASN C 1327 -23.27 36.83 9.24
C ASN C 1327 -22.04 37.71 9.22
N ALA C 1328 -21.00 37.28 9.92
CA ALA C 1328 -19.70 37.96 9.88
C ALA C 1328 -19.14 37.94 8.46
N THR C 1329 -19.27 36.80 7.80
CA THR C 1329 -18.89 36.65 6.39
C THR C 1329 -19.64 37.64 5.52
N ALA C 1330 -20.96 37.70 5.68
CA ALA C 1330 -21.80 38.61 4.91
C ALA C 1330 -21.38 40.06 5.11
N TRP C 1331 -20.97 40.40 6.33
CA TRP C 1331 -20.54 41.76 6.65
C TRP C 1331 -19.27 42.15 5.92
N LEU C 1332 -18.28 41.26 5.89
CA LEU C 1332 -17.03 41.53 5.18
C LEU C 1332 -17.26 41.67 3.68
N LYS C 1333 -18.11 40.80 3.13
CA LYS C 1333 -18.51 40.85 1.72
C LYS C 1333 -19.09 42.23 1.43
N ASP C 1334 -19.80 42.77 2.41
CA ASP C 1334 -20.49 44.05 2.29
C ASP C 1334 -19.57 45.25 2.49
N ASN C 1335 -18.50 45.08 3.27
CA ASN C 1335 -17.55 46.16 3.54
C ASN C 1335 -16.17 45.84 2.97
N PRO C 1336 -16.00 45.98 1.65
CA PRO C 1336 -14.82 45.44 0.97
C PRO C 1336 -13.52 46.13 1.40
N GLU C 1337 -13.62 47.40 1.78
CA GLU C 1337 -12.47 48.21 2.18
C GLU C 1337 -11.86 47.70 3.49
N THR C 1338 -12.73 47.40 4.44
CA THR C 1338 -12.34 46.84 5.73
C THR C 1338 -11.80 45.44 5.55
N ALA C 1339 -12.42 44.68 4.65
CA ALA C 1339 -11.96 43.33 4.31
C ALA C 1339 -10.53 43.36 3.77
N LYS C 1340 -10.24 44.29 2.86
CA LYS C 1340 -8.88 44.46 2.32
C LYS C 1340 -7.86 44.72 3.45
N GLU C 1341 -8.24 45.59 4.39
CA GLU C 1341 -7.40 45.93 5.53
C GLU C 1341 -7.08 44.69 6.37
N ILE C 1342 -8.10 43.91 6.70
CA ILE C 1342 -7.91 42.70 7.49
C ILE C 1342 -7.04 41.69 6.72
N GLU C 1343 -7.32 41.53 5.44
CA GLU C 1343 -6.56 40.60 4.60
C GLU C 1343 -5.09 41.00 4.50
N LYS C 1344 -4.83 42.28 4.33
CA LYS C 1344 -3.46 42.80 4.23
C LYS C 1344 -2.67 42.45 5.50
N LYS C 1345 -3.33 42.60 6.66
CA LYS C 1345 -2.72 42.30 7.96
C LYS C 1345 -2.49 40.80 8.15
N VAL C 1346 -3.47 40.00 7.77
CA VAL C 1346 -3.35 38.55 7.85
C VAL C 1346 -2.17 38.05 7.02
N ARG C 1347 -1.97 38.65 5.85
CA ARG C 1347 -0.88 38.29 4.98
C ARG C 1347 0.47 38.70 5.58
N GLU C 1348 0.55 39.92 6.11
CA GLU C 1348 1.78 40.40 6.77
C GLU C 1348 2.16 39.48 7.91
N LEU C 1349 1.16 39.03 8.68
CA LEU C 1349 1.39 38.14 9.81
C LEU C 1349 1.74 36.71 9.44
N LEU C 1350 1.20 36.20 8.33
CA LEU C 1350 1.29 34.76 8.06
C LEU C 1350 2.09 34.30 6.83
N LEU C 1351 2.40 35.22 5.92
CA LEU C 1351 3.21 34.85 4.74
C LEU C 1351 4.69 34.79 5.12
N SER C 1352 5.33 33.66 4.81
CA SER C 1352 6.73 33.48 5.16
C SER C 1352 7.67 34.06 4.09
N ASN C 1353 7.12 34.36 2.92
CA ASN C 1353 7.94 34.74 1.78
C ASN C 1353 7.27 35.82 0.93
N PRO C 1354 7.11 37.03 1.49
CA PRO C 1354 6.35 38.07 0.81
C PRO C 1354 7.05 38.61 -0.44
N ASN C 1355 6.23 38.98 -1.42
CA ASN C 1355 6.68 39.42 -2.76
C ASN C 1355 7.31 40.80 -2.74
N SER C 1356 6.74 41.72 -3.53
CA SER C 1356 7.08 43.16 -3.55
C SER C 1356 6.28 43.88 -4.65
N ALA C 1373 0.24 52.05 -25.54
CA ALA C 1373 1.32 51.42 -26.37
C ALA C 1373 1.79 50.10 -25.77
N ILE C 1374 1.60 49.95 -24.47
CA ILE C 1374 2.05 48.75 -23.72
C ILE C 1374 1.10 47.55 -23.91
N ASP C 1375 -0.21 47.82 -23.92
CA ASP C 1375 -1.23 46.79 -24.09
C ASP C 1375 -1.68 46.62 -25.55
N GLU C 1376 -1.30 47.58 -26.39
CA GLU C 1376 -1.61 47.52 -27.82
C GLU C 1376 -0.59 46.70 -28.59
N ASN C 1377 0.59 46.52 -28.01
CA ASN C 1377 1.55 45.55 -28.51
C ASN C 1377 1.11 44.13 -28.15
N LYS C 1378 0.50 44.02 -26.96
CA LYS C 1378 -0.07 42.78 -26.49
C LYS C 1378 -1.18 42.29 -27.42
N GLN C 1379 -2.14 43.17 -27.71
CA GLN C 1379 -3.27 42.82 -28.56
C GLN C 1379 -2.86 42.53 -30.00
N LYS C 1380 -1.88 43.25 -30.51
CA LYS C 1380 -1.28 42.98 -31.81
C LYS C 1380 -0.68 41.57 -31.85
N ALA C 1381 0.13 41.25 -30.85
CA ALA C 1381 0.79 39.94 -30.77
C ALA C 1381 -0.19 38.82 -30.48
N LEU C 1382 -1.23 39.13 -29.71
CA LEU C 1382 -2.29 38.17 -29.36
C LEU C 1382 -3.05 37.77 -30.61
N ALA C 1383 -3.55 38.76 -31.34
CA ALA C 1383 -4.28 38.52 -32.58
C ALA C 1383 -3.44 37.72 -33.57
N ALA C 1384 -2.16 38.03 -33.66
CA ALA C 1384 -1.24 37.32 -34.56
C ALA C 1384 -1.07 35.85 -34.16
N ALA C 1385 -0.84 35.60 -32.86
CA ALA C 1385 -0.72 34.23 -32.37
C ALA C 1385 -2.01 33.46 -32.56
N LEU C 1386 -3.15 34.10 -32.26
CA LEU C 1386 -4.48 33.51 -32.47
C LEU C 1386 -4.72 33.17 -33.93
N GLY C 1387 -4.42 34.11 -34.83
CA GLY C 1387 -4.51 33.89 -36.26
C GLY C 1387 -3.63 32.73 -36.70
N GLN C 1388 -2.45 32.64 -36.12
CA GLN C 1388 -1.51 31.55 -36.40
C GLN C 1388 -2.05 30.19 -35.96
N ILE C 1389 -2.60 30.14 -34.75
CA ILE C 1389 -3.14 28.91 -34.19
C ILE C 1389 -4.28 28.40 -35.08
N GLU C 1390 -5.14 29.32 -35.52
CA GLU C 1390 -6.27 28.99 -36.37
C GLU C 1390 -5.85 28.53 -37.77
N LYS C 1391 -4.82 29.16 -38.31
CA LYS C 1391 -4.25 28.76 -39.59
C LYS C 1391 -3.63 27.36 -39.51
N GLN C 1392 -2.92 27.07 -38.42
CA GLN C 1392 -2.28 25.77 -38.21
C GLN C 1392 -3.25 24.65 -37.88
N PHE C 1393 -4.24 24.91 -37.04
CA PHE C 1393 -5.08 23.84 -36.50
C PHE C 1393 -6.55 23.91 -36.89
N GLY C 1394 -6.91 24.82 -37.79
CA GLY C 1394 -8.28 24.90 -38.30
C GLY C 1394 -9.11 25.98 -37.65
N LYS C 1395 -10.29 26.23 -38.22
CA LYS C 1395 -11.21 27.30 -37.81
C LYS C 1395 -11.35 27.48 -36.31
N GLY C 1396 -12.25 26.72 -35.68
CA GLY C 1396 -12.61 27.01 -34.29
C GLY C 1396 -11.68 26.45 -33.23
N SER C 1397 -10.40 26.29 -33.55
CA SER C 1397 -9.47 25.61 -32.64
C SER C 1397 -9.11 26.42 -31.39
N ILE C 1398 -9.31 27.74 -31.44
CA ILE C 1398 -9.27 28.59 -30.25
C ILE C 1398 -10.25 29.73 -30.41
N MET C 1399 -11.01 30.01 -29.35
CA MET C 1399 -11.89 31.18 -29.31
C MET C 1399 -12.28 31.63 -27.91
N ARG C 1400 -12.93 32.78 -27.81
CA ARG C 1400 -13.47 33.27 -26.55
C ARG C 1400 -14.56 32.33 -26.11
N LEU C 1401 -14.54 31.92 -24.84
CA LEU C 1401 -15.51 30.98 -24.31
C LEU C 1401 -16.95 31.45 -24.52
N GLY C 1402 -17.18 32.74 -24.22
CA GLY C 1402 -18.50 33.33 -24.27
C GLY C 1402 -19.21 33.17 -25.59
N GLU C 1403 -18.44 33.04 -26.66
CA GLU C 1403 -19.03 32.95 -27.99
C GLU C 1403 -18.92 31.58 -28.65
N ASP C 1404 -18.50 30.58 -27.89
CA ASP C 1404 -18.46 29.22 -28.40
C ASP C 1404 -19.77 28.48 -28.12
N ARG C 1405 -20.62 28.40 -29.13
CA ARG C 1405 -21.92 27.73 -29.01
C ARG C 1405 -21.81 26.23 -28.76
N SER C 1406 -20.74 25.60 -29.26
CA SER C 1406 -20.58 24.16 -29.15
C SER C 1406 -20.26 23.77 -27.71
N MET C 1407 -20.12 24.77 -26.85
CA MET C 1407 -19.72 24.54 -25.46
C MET C 1407 -20.93 24.57 -24.52
N ASP C 1408 -22.08 25.01 -25.02
CA ASP C 1408 -23.32 25.07 -24.25
C ASP C 1408 -23.81 23.68 -23.87
N VAL C 1409 -24.35 23.54 -22.64
CA VAL C 1409 -24.87 22.25 -22.15
C VAL C 1409 -26.32 21.98 -22.59
N GLU C 1410 -26.53 20.88 -23.32
CA GLU C 1410 -27.86 20.48 -23.77
C GLU C 1410 -28.19 19.15 -23.11
N THR C 1411 -29.44 18.94 -22.70
CA THR C 1411 -29.83 17.70 -22.01
C THR C 1411 -30.92 16.85 -22.67
N ILE C 1412 -30.97 15.58 -22.28
CA ILE C 1412 -31.93 14.57 -22.73
C ILE C 1412 -32.64 14.08 -21.47
N SER C 1413 -33.95 13.85 -21.54
CA SER C 1413 -34.67 13.28 -20.40
C SER C 1413 -34.20 11.87 -20.04
N THR C 1414 -34.27 11.53 -18.75
CA THR C 1414 -33.91 10.20 -18.30
C THR C 1414 -35.09 9.23 -18.30
N GLY C 1415 -36.29 9.74 -18.59
CA GLY C 1415 -37.50 8.93 -18.47
C GLY C 1415 -38.15 9.00 -17.09
N SER C 1416 -37.39 9.51 -16.11
CA SER C 1416 -37.92 9.79 -14.77
C SER C 1416 -37.94 11.29 -14.54
N LEU C 1417 -39.09 11.81 -14.12
CA LEU C 1417 -39.23 13.22 -13.85
C LEU C 1417 -38.42 13.65 -12.63
N SER C 1418 -38.48 12.86 -11.57
CA SER C 1418 -37.81 13.22 -10.34
C SER C 1418 -36.29 13.13 -10.50
N LEU C 1419 -35.83 12.22 -11.35
CA LEU C 1419 -34.40 12.15 -11.69
C LEU C 1419 -33.96 13.39 -12.47
N ASP C 1420 -34.74 13.75 -13.48
CA ASP C 1420 -34.47 14.95 -14.27
C ASP C 1420 -34.37 16.18 -13.35
N ILE C 1421 -35.17 16.21 -12.30
CA ILE C 1421 -35.10 17.28 -11.31
C ILE C 1421 -33.83 17.15 -10.46
N ALA C 1422 -33.53 15.94 -10.02
CA ALA C 1422 -32.35 15.69 -9.20
C ALA C 1422 -31.08 16.10 -9.93
N LEU C 1423 -31.03 15.86 -11.23
CA LEU C 1423 -29.87 16.21 -12.05
C LEU C 1423 -29.68 17.72 -12.23
N GLY C 1424 -30.66 18.49 -11.79
CA GLY C 1424 -30.54 19.94 -11.74
C GLY C 1424 -30.76 20.62 -13.07
N ALA C 1425 -30.16 20.06 -14.12
CA ALA C 1425 -30.24 20.64 -15.47
C ALA C 1425 -31.40 20.06 -16.30
N GLY C 1426 -32.16 19.12 -15.75
CA GLY C 1426 -33.32 18.56 -16.43
C GLY C 1426 -33.10 17.26 -17.19
N GLY C 1427 -31.89 16.72 -17.13
CA GLY C 1427 -31.58 15.45 -17.77
C GLY C 1427 -30.08 15.22 -17.93
N LEU C 1428 -29.73 14.23 -18.73
CA LEU C 1428 -28.33 13.86 -18.96
C LEU C 1428 -27.73 14.77 -20.05
N PRO C 1429 -26.45 15.13 -19.91
CA PRO C 1429 -25.85 16.07 -20.86
C PRO C 1429 -25.35 15.42 -22.14
N MET C 1430 -25.71 16.01 -23.27
CA MET C 1430 -25.25 15.55 -24.57
C MET C 1430 -23.75 15.77 -24.77
N GLY C 1431 -23.08 14.86 -25.46
CA GLY C 1431 -21.66 14.98 -25.75
C GLY C 1431 -20.77 14.68 -24.57
N ARG C 1432 -21.31 14.00 -23.56
CA ARG C 1432 -20.59 13.72 -22.33
C ARG C 1432 -20.65 12.22 -22.04
N ILE C 1433 -19.91 11.80 -21.03
CA ILE C 1433 -19.93 10.43 -20.55
C ILE C 1433 -20.73 10.37 -19.23
N VAL C 1434 -21.55 9.34 -19.09
CA VAL C 1434 -22.33 9.15 -17.88
C VAL C 1434 -22.11 7.72 -17.40
N GLU C 1435 -22.00 7.52 -16.08
CA GLU C 1435 -21.93 6.18 -15.51
C GLU C 1435 -23.15 5.92 -14.62
N ILE C 1436 -23.71 4.71 -14.74
CA ILE C 1436 -24.77 4.26 -13.83
C ILE C 1436 -24.32 2.96 -13.19
N TYR C 1437 -24.36 2.89 -11.86
CA TYR C 1437 -23.98 1.68 -11.15
C TYR C 1437 -24.95 1.34 -10.03
N GLY C 1438 -24.97 0.07 -9.64
CA GLY C 1438 -25.80 -0.38 -8.54
C GLY C 1438 -25.81 -1.89 -8.47
N PRO C 1439 -26.43 -2.46 -7.42
CA PRO C 1439 -26.51 -3.91 -7.23
C PRO C 1439 -27.27 -4.60 -8.37
N GLU C 1440 -27.31 -5.92 -8.37
CA GLU C 1440 -28.03 -6.65 -9.40
C GLU C 1440 -29.52 -6.35 -9.37
N SER C 1441 -30.10 -6.26 -10.56
CA SER C 1441 -31.54 -6.05 -10.73
C SER C 1441 -32.02 -4.76 -10.07
N SER C 1442 -31.14 -3.76 -10.00
CA SER C 1442 -31.53 -2.47 -9.43
C SER C 1442 -32.21 -1.56 -10.44
N GLY C 1443 -32.10 -1.89 -11.73
CA GLY C 1443 -32.81 -1.17 -12.77
C GLY C 1443 -31.92 -0.41 -13.72
N LYS C 1444 -30.65 -0.80 -13.79
CA LYS C 1444 -29.70 -0.11 -14.63
C LYS C 1444 -30.09 -0.18 -16.11
N THR C 1445 -30.28 -1.39 -16.63
CA THR C 1445 -30.65 -1.56 -18.04
C THR C 1445 -31.99 -0.87 -18.35
N THR C 1446 -33.00 -1.17 -17.53
CA THR C 1446 -34.28 -0.50 -17.63
C THR C 1446 -34.16 1.03 -17.77
N LEU C 1447 -33.45 1.67 -16.84
CA LEU C 1447 -33.33 3.12 -16.85
C LEU C 1447 -32.79 3.55 -18.20
N THR C 1448 -31.69 2.90 -18.58
CA THR C 1448 -31.00 3.11 -19.83
C THR C 1448 -31.93 3.01 -21.07
N LEU C 1449 -32.81 2.01 -21.07
CA LEU C 1449 -33.70 1.81 -22.19
C LEU C 1449 -34.78 2.91 -22.22
N GLN C 1450 -35.15 3.38 -21.04
CA GLN C 1450 -36.09 4.47 -20.93
C GLN C 1450 -35.49 5.76 -21.46
N VAL C 1451 -34.20 5.99 -21.25
CA VAL C 1451 -33.59 7.16 -21.87
C VAL C 1451 -33.53 7.01 -23.40
N ILE C 1452 -33.16 5.82 -23.86
CA ILE C 1452 -33.22 5.51 -25.30
C ILE C 1452 -34.62 5.77 -25.87
N ALA C 1453 -35.66 5.25 -25.23
CA ALA C 1453 -37.02 5.42 -25.71
C ALA C 1453 -37.41 6.90 -25.84
N ALA C 1454 -37.10 7.69 -24.80
CA ALA C 1454 -37.36 9.12 -24.78
C ALA C 1454 -36.64 9.85 -25.92
N ALA C 1455 -35.37 9.48 -26.13
CA ALA C 1455 -34.57 10.02 -27.21
C ALA C 1455 -35.16 9.70 -28.60
N GLN C 1456 -35.55 8.45 -28.79
CA GLN C 1456 -36.12 8.00 -30.06
C GLN C 1456 -37.42 8.72 -30.35
N ARG C 1457 -38.18 8.96 -29.28
CA ARG C 1457 -39.45 9.68 -29.34
C ARG C 1457 -39.25 11.10 -29.86
N GLU C 1458 -38.03 11.63 -29.71
CA GLU C 1458 -37.65 12.94 -30.23
C GLU C 1458 -36.82 12.89 -31.52
N GLY C 1459 -36.81 11.73 -32.19
CA GLY C 1459 -36.15 11.57 -33.48
C GLY C 1459 -34.65 11.35 -33.40
N LYS C 1460 -34.13 11.08 -32.21
CA LYS C 1460 -32.71 10.81 -32.07
C LYS C 1460 -32.37 9.36 -32.43
N THR C 1461 -31.10 9.09 -32.76
CA THR C 1461 -30.64 7.76 -33.12
C THR C 1461 -29.84 7.17 -31.97
N CYS C 1462 -30.13 5.92 -31.60
CA CYS C 1462 -29.45 5.27 -30.48
C CYS C 1462 -28.77 3.96 -30.80
N ALA C 1463 -27.74 3.63 -30.01
CA ALA C 1463 -27.06 2.36 -30.15
C ALA C 1463 -26.92 1.74 -28.78
N PHE C 1464 -26.97 0.41 -28.74
CA PHE C 1464 -26.86 -0.33 -27.50
C PHE C 1464 -25.78 -1.40 -27.63
N ILE C 1465 -24.75 -1.29 -26.81
CA ILE C 1465 -23.67 -2.27 -26.81
C ILE C 1465 -23.92 -3.27 -25.68
N ASP C 1466 -24.52 -4.41 -26.02
CA ASP C 1466 -24.88 -5.44 -25.05
C ASP C 1466 -23.68 -6.38 -24.73
N ALA C 1467 -22.69 -5.87 -24.02
CA ALA C 1467 -21.52 -6.68 -23.70
C ALA C 1467 -21.88 -7.77 -22.69
N GLU C 1468 -22.93 -7.52 -21.91
CA GLU C 1468 -23.36 -8.45 -20.90
C GLU C 1468 -24.13 -9.63 -21.52
N HIS C 1469 -24.45 -9.48 -22.81
CA HIS C 1469 -25.20 -10.47 -23.60
C HIS C 1469 -26.48 -10.91 -22.92
N ALA C 1470 -27.28 -9.92 -22.52
CA ALA C 1470 -28.49 -10.20 -21.75
C ALA C 1470 -29.66 -9.30 -22.09
N LEU C 1471 -29.62 -8.64 -23.25
CA LEU C 1471 -30.70 -7.76 -23.65
C LEU C 1471 -31.88 -8.56 -24.21
N ASP C 1472 -33.07 -8.32 -23.65
CA ASP C 1472 -34.31 -8.93 -24.14
C ASP C 1472 -35.03 -7.93 -25.05
N PRO C 1473 -34.96 -8.15 -26.37
CA PRO C 1473 -35.56 -7.21 -27.33
C PRO C 1473 -37.07 -7.01 -27.10
N ILE C 1474 -37.81 -8.10 -26.85
CA ILE C 1474 -39.23 -7.99 -26.56
C ILE C 1474 -39.48 -7.12 -25.34
N TYR C 1475 -38.66 -7.27 -24.30
CA TYR C 1475 -38.80 -6.41 -23.11
C TYR C 1475 -38.51 -4.94 -23.44
N ALA C 1476 -37.44 -4.69 -24.20
CA ALA C 1476 -37.11 -3.34 -24.62
C ALA C 1476 -38.31 -2.68 -25.30
N ARG C 1477 -39.00 -3.45 -26.13
CA ARG C 1477 -40.18 -2.95 -26.83
C ARG C 1477 -41.28 -2.54 -25.85
N LYS C 1478 -41.52 -3.39 -24.86
CA LYS C 1478 -42.52 -3.08 -23.83
C LYS C 1478 -42.20 -1.78 -23.09
N LEU C 1479 -40.91 -1.47 -22.92
CA LEU C 1479 -40.53 -0.21 -22.28
C LEU C 1479 -40.58 0.97 -23.25
N GLY C 1480 -41.14 0.73 -24.45
CA GLY C 1480 -41.34 1.77 -25.45
C GLY C 1480 -40.18 2.08 -26.37
N VAL C 1481 -39.20 1.18 -26.43
CA VAL C 1481 -38.07 1.36 -27.33
C VAL C 1481 -38.48 0.97 -28.73
N ASP C 1482 -38.06 1.76 -29.71
CA ASP C 1482 -38.20 1.41 -31.11
C ASP C 1482 -37.13 0.38 -31.49
N ILE C 1483 -37.47 -0.89 -31.26
CA ILE C 1483 -36.60 -2.04 -31.51
C ILE C 1483 -36.01 -2.03 -32.91
N ASP C 1484 -36.83 -1.66 -33.90
CA ASP C 1484 -36.45 -1.70 -35.30
C ASP C 1484 -35.38 -0.69 -35.71
N ASN C 1485 -35.19 0.34 -34.89
CA ASN C 1485 -34.21 1.38 -35.20
C ASN C 1485 -33.11 1.50 -34.18
N LEU C 1486 -33.14 0.65 -33.17
CA LEU C 1486 -32.08 0.63 -32.18
C LEU C 1486 -30.91 -0.18 -32.70
N LEU C 1487 -29.80 0.50 -32.96
CA LEU C 1487 -28.55 -0.20 -33.32
C LEU C 1487 -28.07 -1.01 -32.14
N CYS C 1488 -27.71 -2.25 -32.41
CA CYS C 1488 -27.40 -3.16 -31.33
C CYS C 1488 -26.19 -3.99 -31.67
N SER C 1489 -25.31 -4.16 -30.69
CA SER C 1489 -24.11 -4.91 -30.89
C SER C 1489 -23.79 -5.77 -29.67
N GLN C 1490 -23.46 -7.04 -29.92
CA GLN C 1490 -22.92 -7.93 -28.89
C GLN C 1490 -21.48 -8.27 -29.24
N PRO C 1491 -20.53 -7.43 -28.82
CA PRO C 1491 -19.15 -7.50 -29.29
C PRO C 1491 -18.37 -8.64 -28.65
N ASP C 1492 -17.30 -9.08 -29.31
CA ASP C 1492 -16.52 -10.21 -28.84
C ASP C 1492 -15.54 -9.85 -27.72
N THR C 1493 -14.87 -8.70 -27.86
CA THR C 1493 -13.89 -8.26 -26.87
C THR C 1493 -14.21 -6.86 -26.41
N GLY C 1494 -13.65 -6.46 -25.28
CA GLY C 1494 -13.81 -5.12 -24.74
C GLY C 1494 -13.28 -4.06 -25.70
N GLU C 1495 -12.13 -4.34 -26.31
CA GLU C 1495 -11.55 -3.41 -27.26
C GLU C 1495 -12.47 -3.20 -28.45
N GLN C 1496 -13.07 -4.29 -28.93
CA GLN C 1496 -14.04 -4.21 -30.01
C GLN C 1496 -15.24 -3.34 -29.61
N ALA C 1497 -15.78 -3.59 -28.42
CA ALA C 1497 -16.89 -2.80 -27.89
C ALA C 1497 -16.57 -1.31 -27.93
N LEU C 1498 -15.38 -0.95 -27.46
CA LEU C 1498 -14.98 0.43 -27.38
C LEU C 1498 -14.59 1.01 -28.74
N GLU C 1499 -14.07 0.18 -29.64
CA GLU C 1499 -13.78 0.63 -30.98
C GLU C 1499 -15.06 0.97 -31.72
N ILE C 1500 -16.12 0.21 -31.45
CA ILE C 1500 -17.42 0.48 -32.04
C ILE C 1500 -17.94 1.81 -31.52
N CYS C 1501 -17.82 2.03 -30.21
CA CYS C 1501 -18.19 3.31 -29.61
C CYS C 1501 -17.50 4.49 -30.29
N ASP C 1502 -16.20 4.36 -30.47
CA ASP C 1502 -15.43 5.42 -31.08
C ASP C 1502 -15.90 5.66 -32.52
N ALA C 1503 -16.07 4.58 -33.28
CA ALA C 1503 -16.50 4.68 -34.67
C ALA C 1503 -17.86 5.35 -34.77
N LEU C 1504 -18.77 5.00 -33.86
CA LEU C 1504 -20.14 5.56 -33.88
C LEU C 1504 -20.11 7.03 -33.48
N ALA C 1505 -19.31 7.34 -32.46
CA ALA C 1505 -19.07 8.72 -32.05
C ALA C 1505 -18.55 9.55 -33.22
N ARG C 1506 -17.47 9.09 -33.86
CA ARG C 1506 -16.84 9.82 -34.96
C ARG C 1506 -17.75 10.04 -36.17
N SER C 1507 -18.72 9.16 -36.38
CA SER C 1507 -19.62 9.28 -37.53
C SER C 1507 -20.53 10.50 -37.42
N GLY C 1508 -20.86 10.87 -36.17
CA GLY C 1508 -21.76 11.99 -35.89
C GLY C 1508 -23.22 11.70 -36.21
N ALA C 1509 -23.53 10.42 -36.42
CA ALA C 1509 -24.87 10.00 -36.83
C ALA C 1509 -25.64 9.31 -35.71
N VAL C 1510 -24.96 9.07 -34.59
CA VAL C 1510 -25.62 8.47 -33.42
C VAL C 1510 -25.67 9.48 -32.28
N ASP C 1511 -26.81 9.54 -31.60
CA ASP C 1511 -27.05 10.55 -30.57
C ASP C 1511 -26.77 10.06 -29.16
N VAL C 1512 -27.21 8.85 -28.85
CA VAL C 1512 -26.89 8.22 -27.58
C VAL C 1512 -26.46 6.77 -27.74
N ILE C 1513 -25.39 6.42 -27.03
CA ILE C 1513 -24.85 5.07 -27.04
C ILE C 1513 -24.84 4.62 -25.61
N VAL C 1514 -25.33 3.41 -25.35
CA VAL C 1514 -25.13 2.83 -24.02
C VAL C 1514 -24.36 1.54 -24.08
N VAL C 1515 -23.35 1.44 -23.22
CA VAL C 1515 -22.54 0.23 -23.09
C VAL C 1515 -23.04 -0.51 -21.87
N ASP C 1516 -23.63 -1.69 -22.07
CA ASP C 1516 -24.14 -2.46 -20.94
C ASP C 1516 -23.08 -3.37 -20.31
N SER C 1517 -22.59 -2.86 -19.18
CA SER C 1517 -21.60 -3.40 -18.29
C SER C 1517 -20.21 -3.18 -18.76
N VAL C 1518 -19.51 -2.26 -18.09
CA VAL C 1518 -18.07 -2.21 -18.23
C VAL C 1518 -17.49 -3.47 -17.62
N ALA C 1519 -18.21 -4.05 -16.67
CA ALA C 1519 -17.77 -5.28 -16.03
C ALA C 1519 -17.62 -6.42 -17.03
N ALA C 1520 -18.40 -6.35 -18.11
CA ALA C 1520 -18.40 -7.36 -19.17
C ALA C 1520 -17.42 -7.05 -20.32
N LEU C 1521 -16.77 -5.88 -20.27
CA LEU C 1521 -15.75 -5.50 -21.24
C LEU C 1521 -14.42 -6.24 -21.03
N THR C 1522 -14.28 -7.41 -21.65
CA THR C 1522 -13.13 -8.26 -21.41
C THR C 1522 -12.05 -8.00 -22.45
N PRO C 1523 -10.85 -7.61 -22.00
CA PRO C 1523 -9.71 -7.43 -22.89
C PRO C 1523 -9.39 -8.66 -23.74
N LYS C 1524 -8.93 -8.42 -24.96
CA LYS C 1524 -8.67 -9.43 -25.96
C LYS C 1524 -7.73 -10.49 -25.40
N ALA C 1525 -6.68 -10.04 -24.72
CA ALA C 1525 -5.66 -10.94 -24.14
C ALA C 1525 -6.26 -11.88 -23.10
N GLU C 1526 -7.23 -11.36 -22.34
CA GLU C 1526 -7.92 -12.15 -21.32
C GLU C 1526 -8.80 -13.24 -21.95
N ILE C 1527 -9.47 -12.95 -23.05
CA ILE C 1527 -10.20 -14.01 -23.77
C ILE C 1527 -9.24 -15.00 -24.48
N GLU C 1528 -7.97 -14.96 -24.08
CA GLU C 1528 -6.94 -15.88 -24.58
C GLU C 1528 -6.22 -16.58 -23.42
N MET C 1536 -2.80 -8.18 -14.16
CA MET C 1536 -3.75 -7.34 -13.42
C MET C 1536 -3.94 -5.97 -14.03
N GLY C 1537 -5.14 -5.45 -13.90
CA GLY C 1537 -5.48 -4.11 -14.39
C GLY C 1537 -5.35 -3.91 -15.88
N LEU C 1538 -5.56 -4.97 -16.66
CA LEU C 1538 -5.54 -4.87 -18.10
C LEU C 1538 -6.79 -4.15 -18.58
N ALA C 1539 -7.91 -4.43 -17.93
CA ALA C 1539 -9.17 -3.77 -18.24
C ALA C 1539 -9.11 -2.31 -17.84
N ALA C 1540 -8.45 -2.04 -16.71
CA ALA C 1540 -8.27 -0.67 -16.22
C ALA C 1540 -7.49 0.20 -17.21
N ARG C 1541 -6.35 -0.33 -17.70
CA ARG C 1541 -5.54 0.42 -18.63
C ARG C 1541 -6.25 0.57 -19.97
N MET C 1542 -7.10 -0.39 -20.31
CA MET C 1542 -7.93 -0.31 -21.51
C MET C 1542 -8.96 0.82 -21.40
N MET C 1543 -9.66 0.88 -20.27
CA MET C 1543 -10.64 1.92 -20.00
C MET C 1543 -9.99 3.30 -19.99
N SER C 1544 -8.81 3.39 -19.42
CA SER C 1544 -8.07 4.62 -19.33
C SER C 1544 -7.71 5.13 -20.72
N GLN C 1545 -7.29 4.24 -21.60
CA GLN C 1545 -7.01 4.61 -23.00
C GLN C 1545 -8.30 5.00 -23.74
N ALA C 1546 -9.40 4.28 -23.48
CA ALA C 1546 -10.67 4.55 -24.13
C ALA C 1546 -11.17 5.96 -23.81
N MET C 1547 -11.14 6.35 -22.55
CA MET C 1547 -11.64 7.67 -22.14
C MET C 1547 -10.90 8.81 -22.84
N ARG C 1548 -9.56 8.73 -22.78
CA ARG C 1548 -8.64 9.58 -23.49
C ARG C 1548 -9.11 9.83 -24.93
N LYS C 1549 -9.47 8.76 -25.65
CA LYS C 1549 -9.84 8.86 -27.06
C LYS C 1549 -11.30 9.28 -27.26
N LEU C 1550 -12.20 8.74 -26.43
CA LEU C 1550 -13.63 8.99 -26.57
C LEU C 1550 -14.07 10.40 -26.23
N ALA C 1551 -13.54 10.98 -25.16
CA ALA C 1551 -14.02 12.27 -24.64
C ALA C 1551 -14.11 13.34 -25.73
N GLY C 1552 -13.04 13.49 -26.51
CA GLY C 1552 -13.00 14.48 -27.57
C GLY C 1552 -13.99 14.20 -28.69
N ASN C 1553 -14.05 12.95 -29.14
CA ASN C 1553 -14.97 12.55 -30.21
C ASN C 1553 -16.44 12.70 -29.85
N LEU C 1554 -16.79 12.34 -28.63
CA LEU C 1554 -18.15 12.46 -28.16
C LEU C 1554 -18.62 13.93 -28.13
N LYS C 1555 -17.74 14.83 -27.67
CA LYS C 1555 -18.08 16.25 -27.60
C LYS C 1555 -18.31 16.82 -29.01
N GLN C 1556 -17.41 16.53 -29.94
CA GLN C 1556 -17.51 17.12 -31.26
C GLN C 1556 -18.63 16.53 -32.14
N SER C 1557 -19.26 15.47 -31.69
CA SER C 1557 -20.44 14.90 -32.37
C SER C 1557 -21.71 15.14 -31.55
N ASN C 1558 -21.56 15.71 -30.36
CA ASN C 1558 -22.65 15.88 -29.43
C ASN C 1558 -23.35 14.56 -29.08
N THR C 1559 -22.55 13.52 -28.87
CA THR C 1559 -23.04 12.18 -28.57
C THR C 1559 -22.95 11.87 -27.08
N LEU C 1560 -24.07 11.42 -26.49
CA LEU C 1560 -24.10 10.98 -25.10
C LEU C 1560 -23.69 9.51 -25.01
N LEU C 1561 -22.74 9.21 -24.15
CA LEU C 1561 -22.31 7.82 -23.93
C LEU C 1561 -22.59 7.42 -22.50
N ILE C 1562 -23.47 6.45 -22.31
CA ILE C 1562 -23.76 5.94 -20.96
C ILE C 1562 -23.08 4.61 -20.71
N PHE C 1563 -22.26 4.51 -19.66
CA PHE C 1563 -21.68 3.24 -19.24
C PHE C 1563 -22.46 2.73 -18.05
N ILE C 1564 -22.96 1.51 -18.16
CA ILE C 1564 -23.49 0.82 -16.98
C ILE C 1564 -22.35 0.07 -16.29
N ASN C 1565 -22.30 0.11 -14.96
CA ASN C 1565 -21.29 -0.63 -14.22
C ASN C 1565 -21.89 -1.46 -13.10
N GLN C 1566 -21.19 -2.51 -12.70
CA GLN C 1566 -21.58 -3.35 -11.58
C GLN C 1566 -20.76 -2.97 -10.34
N ILE C 1567 -21.16 -3.53 -9.21
CA ILE C 1567 -20.48 -3.29 -7.95
C ILE C 1567 -19.62 -4.48 -7.53
N ARG C 1568 -18.43 -4.19 -6.99
CA ARG C 1568 -17.62 -5.22 -6.35
C ARG C 1568 -17.24 -4.75 -4.95
N ASN C 1577 -16.84 2.90 3.03
CA ASN C 1577 -17.57 2.15 2.01
C ASN C 1577 -16.73 1.06 1.35
N PRO C 1578 -17.13 -0.23 1.52
CA PRO C 1578 -16.37 -1.32 0.89
C PRO C 1578 -16.74 -1.54 -0.58
N GLU C 1579 -17.67 -0.75 -1.11
CA GLU C 1579 -18.12 -0.92 -2.49
C GLU C 1579 -17.20 -0.23 -3.50
N THR C 1580 -17.03 -0.88 -4.65
CA THR C 1580 -16.36 -0.25 -5.80
C THR C 1580 -17.09 -0.61 -7.07
N THR C 1581 -16.46 -0.23 -8.16
CA THR C 1581 -17.03 -0.25 -9.46
C THR C 1581 -15.98 -0.96 -10.30
N THR C 1582 -16.36 -1.56 -11.42
CA THR C 1582 -15.40 -2.29 -12.26
C THR C 1582 -14.64 -1.36 -13.21
N GLY C 1583 -13.46 -1.82 -13.64
CA GLY C 1583 -12.78 -1.23 -14.77
C GLY C 1583 -11.85 -0.08 -14.46
N GLY C 1584 -11.52 0.10 -13.18
CA GLY C 1584 -10.53 1.08 -12.78
C GLY C 1584 -11.03 2.48 -12.48
N ASN C 1585 -10.12 3.45 -12.52
CA ASN C 1585 -10.39 4.80 -12.05
C ASN C 1585 -10.73 5.83 -13.12
N ALA C 1586 -10.34 5.59 -14.36
CA ALA C 1586 -10.57 6.55 -15.44
C ALA C 1586 -12.03 7.04 -15.53
N LEU C 1587 -12.98 6.12 -15.58
CA LEU C 1587 -14.37 6.47 -15.75
C LEU C 1587 -14.89 7.43 -14.67
N LYS C 1588 -14.49 7.23 -13.41
CA LYS C 1588 -14.84 8.14 -12.32
C LYS C 1588 -14.57 9.59 -12.75
N PHE C 1589 -13.38 9.82 -13.31
CA PHE C 1589 -12.92 11.14 -13.65
C PHE C 1589 -13.62 11.72 -14.86
N TYR C 1590 -13.79 10.91 -15.91
CA TYR C 1590 -14.34 11.37 -17.16
C TYR C 1590 -15.86 11.50 -17.17
N ALA C 1591 -16.56 10.84 -16.25
CA ALA C 1591 -18.02 10.95 -16.23
C ALA C 1591 -18.44 12.36 -15.81
N SER C 1592 -19.40 12.93 -16.53
CA SER C 1592 -19.98 14.23 -16.16
C SER C 1592 -21.09 14.06 -15.14
N VAL C 1593 -21.71 12.87 -15.15
CA VAL C 1593 -22.70 12.49 -14.17
C VAL C 1593 -22.43 11.06 -13.74
N ARG C 1594 -22.52 10.78 -12.46
CA ARG C 1594 -22.52 9.38 -11.97
C ARG C 1594 -23.75 9.14 -11.11
N LEU C 1595 -24.43 8.03 -11.41
CA LEU C 1595 -25.69 7.69 -10.77
C LEU C 1595 -25.58 6.36 -10.02
N ASP C 1596 -26.00 6.36 -8.76
CA ASP C 1596 -26.09 5.16 -7.92
C ASP C 1596 -27.58 4.78 -7.83
N ILE C 1597 -27.97 3.69 -8.48
CA ILE C 1597 -29.35 3.23 -8.47
C ILE C 1597 -29.52 2.02 -7.56
N ARG C 1598 -30.64 1.99 -6.82
CA ARG C 1598 -30.89 0.92 -5.84
C ARG C 1598 -32.36 0.56 -5.68
N ARG C 1599 -32.64 -0.72 -5.53
CA ARG C 1599 -34.00 -1.18 -5.23
C ARG C 1599 -34.23 -1.09 -3.73
N ILE C 1600 -35.24 -0.34 -3.31
CA ILE C 1600 -35.46 -0.08 -1.89
C ILE C 1600 -36.73 -0.72 -1.36
N GLY C 1601 -37.47 -1.41 -2.22
CA GLY C 1601 -38.68 -2.08 -1.77
C GLY C 1601 -39.49 -2.66 -2.91
N ALA C 1602 -40.63 -3.25 -2.57
CA ALA C 1602 -41.51 -3.89 -3.55
C ALA C 1602 -42.78 -3.07 -3.78
N VAL C 1603 -43.24 -3.05 -5.04
CA VAL C 1603 -44.54 -2.50 -5.39
C VAL C 1603 -45.51 -3.68 -5.50
N LYS C 1604 -46.61 -3.62 -4.74
CA LYS C 1604 -47.51 -4.77 -4.62
C LYS C 1604 -48.99 -4.52 -4.98
N GLU C 1605 -49.54 -5.47 -5.75
CA GLU C 1605 -50.98 -5.57 -6.00
C GLU C 1605 -51.54 -6.61 -5.04
N GLY C 1606 -51.67 -6.24 -3.78
CA GLY C 1606 -52.02 -7.19 -2.72
C GLY C 1606 -50.99 -8.29 -2.63
N GLU C 1607 -51.26 -9.40 -3.33
CA GLU C 1607 -50.40 -10.58 -3.35
C GLU C 1607 -49.16 -10.39 -4.20
N ASN C 1608 -49.37 -9.98 -5.46
CA ASN C 1608 -48.31 -10.00 -6.47
C ASN C 1608 -47.35 -8.83 -6.39
N VAL C 1609 -46.07 -9.13 -6.54
CA VAL C 1609 -45.03 -8.13 -6.66
C VAL C 1609 -45.03 -7.68 -8.13
N VAL C 1610 -45.43 -6.44 -8.36
CA VAL C 1610 -45.69 -5.97 -9.72
C VAL C 1610 -44.65 -4.94 -10.18
N GLY C 1611 -43.81 -4.49 -9.25
CA GLY C 1611 -42.75 -3.54 -9.57
C GLY C 1611 -41.71 -3.38 -8.47
N SER C 1612 -40.70 -2.57 -8.75
CA SER C 1612 -39.64 -2.28 -7.79
C SER C 1612 -39.68 -0.83 -7.39
N GLU C 1613 -39.67 -0.59 -6.09
CA GLU C 1613 -39.52 0.76 -5.54
C GLU C 1613 -38.04 1.13 -5.65
N THR C 1614 -37.73 2.27 -6.25
CA THR C 1614 -36.36 2.58 -6.68
C THR C 1614 -35.85 3.95 -6.19
N ARG C 1615 -34.57 3.99 -5.81
CA ARG C 1615 -33.88 5.24 -5.45
C ARG C 1615 -32.61 5.46 -6.27
N VAL C 1616 -32.43 6.66 -6.79
CA VAL C 1616 -31.22 7.00 -7.53
C VAL C 1616 -30.57 8.20 -6.85
N LYS C 1617 -29.29 8.10 -6.51
CA LYS C 1617 -28.54 9.22 -5.95
C LYS C 1617 -27.65 9.78 -7.03
N VAL C 1618 -27.59 11.10 -7.16
CA VAL C 1618 -26.66 11.70 -8.08
C VAL C 1618 -25.35 11.87 -7.34
N VAL C 1619 -24.44 10.96 -7.64
CA VAL C 1619 -23.24 10.77 -6.84
C VAL C 1619 -22.10 11.67 -7.33
N LYS C 1620 -22.12 11.98 -8.63
CA LYS C 1620 -21.24 12.98 -9.24
C LYS C 1620 -22.00 13.83 -10.25
N ASN C 1621 -21.74 15.13 -10.25
CA ASN C 1621 -22.38 16.04 -11.19
C ASN C 1621 -21.53 17.25 -11.56
N LYS C 1622 -21.30 17.38 -12.85
CA LYS C 1622 -20.50 18.45 -13.40
C LYS C 1622 -21.35 19.54 -14.08
N ILE C 1623 -22.67 19.32 -14.16
CA ILE C 1623 -23.53 20.27 -14.86
C ILE C 1623 -24.50 20.96 -13.92
N ALA C 1624 -24.58 20.48 -12.68
CA ALA C 1624 -25.42 21.08 -11.61
C ALA C 1624 -24.93 20.53 -10.27
N ALA C 1625 -25.47 21.03 -9.16
CA ALA C 1625 -25.10 20.50 -7.85
C ALA C 1625 -25.25 18.97 -7.80
N PRO C 1626 -24.31 18.27 -7.12
CA PRO C 1626 -24.47 16.84 -6.89
C PRO C 1626 -25.28 16.50 -5.62
N PHE C 1627 -25.54 15.21 -5.41
CA PHE C 1627 -26.07 14.65 -4.15
C PHE C 1627 -27.56 14.81 -3.92
N LYS C 1628 -28.30 15.24 -4.95
CA LYS C 1628 -29.74 15.18 -4.88
C LYS C 1628 -30.16 13.74 -5.22
N GLN C 1629 -31.39 13.35 -4.86
CA GLN C 1629 -31.83 12.01 -5.17
C GLN C 1629 -33.26 11.90 -5.67
N ALA C 1630 -33.53 10.83 -6.41
CA ALA C 1630 -34.85 10.62 -6.98
C ALA C 1630 -35.41 9.28 -6.52
N GLU C 1631 -36.71 9.23 -6.31
CA GLU C 1631 -37.39 8.00 -5.96
C GLU C 1631 -38.56 7.81 -6.87
N PHE C 1632 -38.68 6.63 -7.45
CA PHE C 1632 -39.78 6.35 -8.36
C PHE C 1632 -40.02 4.85 -8.38
N GLN C 1633 -41.06 4.42 -9.08
CA GLN C 1633 -41.36 3.01 -9.23
C GLN C 1633 -40.95 2.53 -10.62
N ILE C 1634 -40.43 1.31 -10.67
CA ILE C 1634 -40.27 0.60 -11.92
C ILE C 1634 -41.33 -0.47 -11.92
N LEU C 1635 -42.28 -0.34 -12.83
CA LEU C 1635 -43.33 -1.36 -12.97
C LEU C 1635 -42.92 -2.31 -14.07
N TYR C 1636 -42.89 -3.60 -13.74
CA TYR C 1636 -42.40 -4.61 -14.67
C TYR C 1636 -43.23 -4.68 -15.95
N GLY C 1637 -42.55 -4.76 -17.09
CA GLY C 1637 -43.19 -4.82 -18.40
C GLY C 1637 -43.82 -3.50 -18.82
N GLU C 1638 -43.52 -2.44 -18.07
CA GLU C 1638 -44.09 -1.14 -18.34
C GLU C 1638 -42.99 -0.09 -18.27
N GLY C 1639 -42.14 -0.20 -17.26
CA GLY C 1639 -41.03 0.75 -17.08
C GLY C 1639 -41.22 1.69 -15.90
N ILE C 1640 -40.54 2.82 -15.93
CA ILE C 1640 -40.65 3.83 -14.89
C ILE C 1640 -42.09 4.38 -14.85
N ASN C 1641 -42.79 4.22 -13.71
CA ASN C 1641 -44.14 4.74 -13.40
C ASN C 1641 -44.11 6.28 -13.35
N PHE C 1642 -44.19 6.87 -14.54
CA PHE C 1642 -44.09 8.30 -14.71
C PHE C 1642 -45.22 9.06 -14.00
N TYR C 1643 -46.44 8.59 -14.18
CA TYR C 1643 -47.58 9.29 -13.59
C TYR C 1643 -47.62 9.18 -12.07
N GLY C 1644 -47.01 8.12 -11.54
CA GLY C 1644 -46.80 7.98 -10.10
C GLY C 1644 -45.95 9.11 -9.56
N GLU C 1645 -44.80 9.34 -10.17
CA GLU C 1645 -43.94 10.47 -9.83
C GLU C 1645 -44.73 11.78 -9.87
N LEU C 1646 -45.52 11.94 -10.93
CA LEU C 1646 -46.29 13.17 -11.12
C LEU C 1646 -47.25 13.45 -9.96
N VAL C 1647 -47.92 12.42 -9.47
CA VAL C 1647 -48.77 12.53 -8.30
C VAL C 1647 -47.96 13.03 -7.10
N ASP C 1648 -46.94 12.25 -6.70
CA ASP C 1648 -46.08 12.62 -5.57
C ASP C 1648 -45.54 14.05 -5.68
N LEU C 1649 -45.00 14.39 -6.85
CA LEU C 1649 -44.46 15.74 -7.07
C LEU C 1649 -45.56 16.79 -6.99
N GLY C 1650 -46.71 16.49 -7.58
CA GLY C 1650 -47.85 17.39 -7.56
C GLY C 1650 -48.28 17.68 -6.14
N VAL C 1651 -48.36 16.62 -5.33
CA VAL C 1651 -48.76 16.73 -3.94
C VAL C 1651 -47.73 17.54 -3.15
N LYS C 1652 -46.47 17.21 -3.36
CA LYS C 1652 -45.36 17.89 -2.68
C LYS C 1652 -45.34 19.38 -2.98
N GLU C 1653 -45.67 19.74 -4.22
CA GLU C 1653 -45.65 21.13 -4.64
C GLU C 1653 -46.98 21.84 -4.43
N LYS C 1654 -47.93 21.16 -3.76
CA LYS C 1654 -49.24 21.73 -3.40
C LYS C 1654 -50.11 22.07 -4.61
N LEU C 1655 -49.93 21.33 -5.69
CA LEU C 1655 -50.76 21.49 -6.89
C LEU C 1655 -51.91 20.49 -6.85
N ILE C 1656 -51.63 19.33 -6.25
CA ILE C 1656 -52.63 18.31 -5.99
C ILE C 1656 -52.87 18.26 -4.48
N GLU C 1657 -54.14 18.33 -4.10
CA GLU C 1657 -54.55 18.31 -2.69
C GLU C 1657 -54.69 16.87 -2.21
N LYS C 1658 -54.29 16.61 -0.97
CA LYS C 1658 -54.42 15.27 -0.39
C LYS C 1658 -55.02 15.30 1.01
N ALA C 1659 -56.30 14.98 1.10
CA ALA C 1659 -57.01 14.91 2.37
C ALA C 1659 -57.24 13.44 2.77
N GLY C 1660 -56.35 12.93 3.63
CA GLY C 1660 -56.34 11.51 4.00
C GLY C 1660 -55.89 10.66 2.83
N ALA C 1661 -56.83 9.90 2.26
CA ALA C 1661 -56.57 9.06 1.11
C ALA C 1661 -57.10 9.67 -0.20
N TRP C 1662 -57.88 10.75 -0.08
CA TRP C 1662 -58.48 11.41 -1.25
C TRP C 1662 -57.59 12.45 -1.93
N TYR C 1663 -57.36 12.25 -3.22
CA TYR C 1663 -56.59 13.19 -4.03
C TYR C 1663 -57.52 14.10 -4.83
N SER C 1664 -57.22 15.40 -4.84
CA SER C 1664 -58.04 16.37 -5.54
C SER C 1664 -57.19 17.26 -6.44
N TYR C 1665 -57.74 17.63 -7.58
CA TYR C 1665 -57.12 18.67 -8.40
C TYR C 1665 -58.11 19.80 -8.63
N LYS C 1666 -57.69 21.01 -8.30
CA LYS C 1666 -58.51 22.21 -8.46
C LYS C 1666 -59.95 21.99 -8.00
N GLY C 1667 -60.11 21.44 -6.80
CA GLY C 1667 -61.41 21.25 -6.17
C GLY C 1667 -62.11 19.94 -6.50
N GLU C 1668 -61.78 19.38 -7.67
CA GLU C 1668 -62.44 18.18 -8.16
C GLU C 1668 -61.64 16.93 -7.75
N LYS C 1669 -62.33 15.97 -7.13
CA LYS C 1669 -61.71 14.72 -6.68
C LYS C 1669 -61.26 13.89 -7.87
N ILE C 1670 -60.02 13.40 -7.81
CA ILE C 1670 -59.46 12.64 -8.92
C ILE C 1670 -59.19 11.15 -8.58
N GLY C 1671 -59.17 10.82 -7.29
CA GLY C 1671 -59.06 9.43 -6.88
C GLY C 1671 -58.78 9.22 -5.41
N GLN C 1672 -59.18 8.04 -4.92
CA GLN C 1672 -58.85 7.61 -3.59
C GLN C 1672 -57.66 6.65 -3.65
N GLY C 1673 -56.58 6.99 -2.96
CA GLY C 1673 -55.35 6.20 -3.02
C GLY C 1673 -54.47 6.59 -4.20
N LYS C 1674 -53.17 6.49 -4.02
CA LYS C 1674 -52.19 6.85 -5.07
C LYS C 1674 -52.48 6.14 -6.39
N ALA C 1675 -52.79 4.84 -6.32
CA ALA C 1675 -53.11 4.03 -7.49
C ALA C 1675 -54.18 4.68 -8.40
N ASN C 1676 -55.27 5.15 -7.80
CA ASN C 1676 -56.38 5.73 -8.55
C ASN C 1676 -56.13 7.12 -9.10
N ALA C 1677 -55.44 7.94 -8.32
CA ALA C 1677 -55.00 9.27 -8.78
C ALA C 1677 -54.10 9.10 -10.00
N THR C 1678 -53.18 8.13 -9.95
CA THR C 1678 -52.30 7.81 -11.07
C THR C 1678 -53.12 7.43 -12.29
N ALA C 1679 -54.09 6.54 -12.12
CA ALA C 1679 -54.96 6.11 -13.22
C ALA C 1679 -55.70 7.29 -13.85
N TRP C 1680 -56.10 8.25 -13.01
CA TRP C 1680 -56.82 9.43 -13.48
C TRP C 1680 -55.97 10.33 -14.37
N LEU C 1681 -54.72 10.57 -13.97
CA LEU C 1681 -53.81 11.39 -14.78
C LEU C 1681 -53.50 10.71 -16.12
N LYS C 1682 -53.30 9.39 -16.08
CA LYS C 1682 -53.07 8.57 -17.26
C LYS C 1682 -54.24 8.76 -18.22
N ASP C 1683 -55.43 8.90 -17.65
CA ASP C 1683 -56.66 9.02 -18.40
C ASP C 1683 -56.93 10.45 -18.90
N ASN C 1684 -56.37 11.45 -18.20
CA ASN C 1684 -56.52 12.85 -18.59
C ASN C 1684 -55.21 13.49 -18.97
N PRO C 1685 -54.69 13.19 -20.18
CA PRO C 1685 -53.31 13.52 -20.51
C PRO C 1685 -53.07 15.03 -20.59
N GLU C 1686 -54.11 15.79 -20.94
CA GLU C 1686 -54.02 17.24 -21.09
C GLU C 1686 -53.78 17.93 -19.76
N THR C 1687 -54.50 17.47 -18.73
CA THR C 1687 -54.35 17.95 -17.37
C THR C 1687 -53.01 17.54 -16.81
N ALA C 1688 -52.60 16.31 -17.13
CA ALA C 1688 -51.31 15.82 -16.72
C ALA C 1688 -50.17 16.69 -17.26
N LYS C 1689 -50.24 17.07 -18.54
CA LYS C 1689 -49.25 17.96 -19.15
C LYS C 1689 -49.16 19.28 -18.39
N GLU C 1690 -50.34 19.82 -18.03
CA GLU C 1690 -50.43 21.07 -17.29
C GLU C 1690 -49.71 20.98 -15.95
N ILE C 1691 -50.00 19.91 -15.21
CA ILE C 1691 -49.37 19.70 -13.91
C ILE C 1691 -47.86 19.51 -14.06
N GLU C 1692 -47.46 18.72 -15.06
CA GLU C 1692 -46.05 18.47 -15.30
C GLU C 1692 -45.30 19.76 -15.66
N LYS C 1693 -45.90 20.58 -16.51
CA LYS C 1693 -45.31 21.86 -16.91
C LYS C 1693 -45.03 22.76 -15.70
N LYS C 1694 -45.98 22.79 -14.76
CA LYS C 1694 -45.86 23.56 -13.54
C LYS C 1694 -44.81 23.01 -12.60
N VAL C 1695 -44.79 21.69 -12.46
CA VAL C 1695 -43.81 21.03 -11.61
C VAL C 1695 -42.39 21.34 -12.10
N ARG C 1696 -42.23 21.34 -13.42
CA ARG C 1696 -40.93 21.64 -14.04
C ARG C 1696 -40.52 23.09 -13.82
N GLU C 1697 -41.46 24.02 -14.02
CA GLU C 1697 -41.21 25.44 -13.77
C GLU C 1697 -40.79 25.68 -12.32
N LEU C 1698 -41.45 24.99 -11.39
CA LEU C 1698 -41.13 25.12 -9.98
C LEU C 1698 -39.81 24.46 -9.55
N LEU C 1699 -39.44 23.34 -10.17
CA LEU C 1699 -38.34 22.53 -9.65
C LEU C 1699 -37.05 22.43 -10.48
N LEU C 1700 -37.09 22.82 -11.76
CA LEU C 1700 -35.89 22.76 -12.60
C LEU C 1700 -35.02 23.98 -12.34
N VAL D 12 -74.87 -23.81 22.11
CA VAL D 12 -73.81 -22.78 21.93
C VAL D 12 -74.24 -21.69 20.94
N GLU D 13 -74.21 -20.43 21.39
CA GLU D 13 -74.55 -19.30 20.55
C GLU D 13 -73.30 -18.41 20.41
N THR D 14 -73.08 -17.85 19.22
CA THR D 14 -71.85 -17.06 18.98
C THR D 14 -72.05 -15.60 18.56
N ILE D 15 -71.00 -14.81 18.76
CA ILE D 15 -70.93 -13.39 18.42
C ILE D 15 -69.75 -13.24 17.48
N SER D 16 -69.88 -12.39 16.46
CA SER D 16 -68.76 -12.15 15.54
C SER D 16 -67.58 -11.49 16.23
N THR D 17 -66.38 -11.77 15.73
CA THR D 17 -65.17 -11.17 16.29
C THR D 17 -64.78 -9.89 15.56
N GLY D 18 -65.46 -9.58 14.48
CA GLY D 18 -65.10 -8.44 13.65
C GLY D 18 -64.17 -8.82 12.52
N SER D 19 -63.56 -9.98 12.62
CA SER D 19 -62.76 -10.56 11.53
C SER D 19 -63.46 -11.79 10.96
N LEU D 20 -63.62 -11.82 9.64
CA LEU D 20 -64.27 -12.93 8.99
C LEU D 20 -63.42 -14.20 9.04
N SER D 21 -62.12 -14.04 8.82
CA SER D 21 -61.25 -15.21 8.80
C SER D 21 -61.07 -15.81 10.19
N LEU D 22 -61.16 -14.96 11.22
CA LEU D 22 -61.13 -15.44 12.61
C LEU D 22 -62.40 -16.21 12.92
N ASP D 23 -63.54 -15.65 12.53
CA ASP D 23 -64.84 -16.32 12.71
C ASP D 23 -64.81 -17.71 12.06
N ILE D 24 -64.12 -17.83 10.93
CA ILE D 24 -63.96 -19.11 10.26
C ILE D 24 -63.00 -19.99 11.05
N ALA D 25 -61.88 -19.44 11.50
CA ALA D 25 -60.90 -20.18 12.28
C ALA D 25 -61.50 -20.78 13.56
N LEU D 26 -62.41 -20.03 14.19
CA LEU D 26 -63.07 -20.47 15.41
C LEU D 26 -64.05 -21.62 15.18
N GLY D 27 -64.32 -21.93 13.91
CA GLY D 27 -65.12 -23.09 13.54
C GLY D 27 -66.61 -22.87 13.69
N ALA D 28 -67.01 -22.26 14.79
CA ALA D 28 -68.43 -22.03 15.10
C ALA D 28 -68.95 -20.67 14.62
N GLY D 29 -68.07 -19.85 14.06
CA GLY D 29 -68.48 -18.58 13.48
C GLY D 29 -68.27 -17.35 14.35
N GLY D 30 -67.69 -17.55 15.53
CA GLY D 30 -67.41 -16.45 16.46
C GLY D 30 -67.18 -16.93 17.88
N LEU D 31 -67.17 -15.99 18.82
CA LEU D 31 -66.94 -16.29 20.23
C LEU D 31 -68.22 -16.75 20.91
N PRO D 32 -68.13 -17.73 21.82
CA PRO D 32 -69.33 -18.29 22.44
C PRO D 32 -69.89 -17.46 23.61
N MET D 33 -71.19 -17.20 23.58
CA MET D 33 -71.87 -16.47 24.64
C MET D 33 -71.91 -17.28 25.94
N GLY D 34 -71.81 -16.59 27.07
CA GLY D 34 -71.88 -17.25 28.38
C GLY D 34 -70.62 -17.99 28.76
N ARG D 35 -69.53 -17.69 28.08
CA ARG D 35 -68.26 -18.37 28.28
C ARG D 35 -67.14 -17.36 28.55
N ILE D 36 -65.98 -17.87 28.94
CA ILE D 36 -64.80 -17.06 29.17
C ILE D 36 -63.84 -17.22 27.98
N VAL D 37 -63.26 -16.12 27.53
CA VAL D 37 -62.31 -16.15 26.42
C VAL D 37 -61.07 -15.40 26.85
N GLU D 38 -59.90 -15.90 26.47
CA GLU D 38 -58.65 -15.19 26.71
C GLU D 38 -57.96 -14.82 25.40
N ILE D 39 -57.44 -13.59 25.33
CA ILE D 39 -56.64 -13.16 24.18
C ILE D 39 -55.30 -12.69 24.71
N TYR D 40 -54.22 -13.23 24.15
CA TYR D 40 -52.89 -12.81 24.58
C TYR D 40 -51.93 -12.60 23.40
N GLY D 41 -50.88 -11.84 23.63
CA GLY D 41 -49.91 -11.57 22.57
C GLY D 41 -48.98 -10.47 23.01
N PRO D 42 -47.91 -10.22 22.21
CA PRO D 42 -46.92 -9.18 22.50
C PRO D 42 -47.53 -7.78 22.51
N GLU D 43 -46.75 -6.77 22.90
CA GLU D 43 -47.26 -5.40 22.91
C GLU D 43 -47.67 -4.93 21.54
N SER D 44 -48.78 -4.18 21.48
CA SER D 44 -49.28 -3.58 20.25
C SER D 44 -49.59 -4.62 19.17
N SER D 45 -49.98 -5.81 19.59
CA SER D 45 -50.32 -6.85 18.63
C SER D 45 -51.77 -6.76 18.18
N GLY D 46 -52.57 -5.98 18.90
CA GLY D 46 -53.94 -5.72 18.49
C GLY D 46 -55.00 -6.29 19.41
N LYS D 47 -54.63 -6.55 20.66
CA LYS D 47 -55.55 -7.16 21.61
C LYS D 47 -56.74 -6.25 21.88
N THR D 48 -56.46 -5.00 22.29
CA THR D 48 -57.56 -4.05 22.60
C THR D 48 -58.41 -3.80 21.37
N THR D 49 -57.76 -3.48 20.25
CA THR D 49 -58.43 -3.29 18.97
C THR D 49 -59.42 -4.42 18.68
N LEU D 50 -58.95 -5.67 18.70
CA LEU D 50 -59.79 -6.82 18.36
C LEU D 50 -61.03 -6.80 19.24
N THR D 51 -60.78 -6.69 20.54
CA THR D 51 -61.78 -6.57 21.59
C THR D 51 -62.85 -5.48 21.33
N LEU D 52 -62.41 -4.30 20.93
CA LEU D 52 -63.31 -3.21 20.62
C LEU D 52 -64.15 -3.51 19.37
N GLN D 53 -63.56 -4.22 18.41
CA GLN D 53 -64.27 -4.63 17.21
C GLN D 53 -65.35 -5.64 17.55
N VAL D 54 -65.10 -6.53 18.52
CA VAL D 54 -66.18 -7.43 18.94
C VAL D 54 -67.29 -6.66 19.67
N ILE D 55 -66.91 -5.72 20.52
CA ILE D 55 -67.90 -4.82 21.14
C ILE D 55 -68.72 -4.07 20.10
N ALA D 56 -68.06 -3.47 19.11
CA ALA D 56 -68.77 -2.73 18.06
C ALA D 56 -69.81 -3.61 17.34
N ALA D 57 -69.39 -4.82 16.95
CA ALA D 57 -70.27 -5.76 16.25
C ALA D 57 -71.47 -6.13 17.11
N ALA D 58 -71.21 -6.33 18.41
CA ALA D 58 -72.26 -6.67 19.38
C ALA D 58 -73.26 -5.52 19.53
N GLN D 59 -72.75 -4.29 19.65
CA GLN D 59 -73.60 -3.12 19.81
C GLN D 59 -74.46 -2.90 18.58
N ARG D 60 -73.87 -3.17 17.42
CA ARG D 60 -74.54 -3.09 16.12
C ARG D 60 -75.77 -4.03 16.08
N GLU D 61 -75.76 -5.06 16.92
CA GLU D 61 -76.88 -6.01 17.03
C GLU D 61 -77.76 -5.76 18.26
N GLY D 62 -77.62 -4.58 18.87
CA GLY D 62 -78.41 -4.21 20.04
C GLY D 62 -77.96 -4.76 21.39
N LYS D 63 -76.77 -5.36 21.44
CA LYS D 63 -76.27 -5.92 22.69
C LYS D 63 -75.65 -4.84 23.57
N THR D 64 -75.54 -5.11 24.88
CA THR D 64 -74.97 -4.16 25.83
C THR D 64 -73.60 -4.62 26.26
N CYS D 65 -72.61 -3.72 26.24
CA CYS D 65 -71.23 -4.07 26.55
C CYS D 65 -70.61 -3.26 27.68
N ALA D 66 -69.64 -3.88 28.35
CA ALA D 66 -68.87 -3.20 29.39
C ALA D 66 -67.40 -3.43 29.15
N PHE D 67 -66.60 -2.42 29.49
CA PHE D 67 -65.14 -2.47 29.31
C PHE D 67 -64.45 -2.13 30.62
N ILE D 68 -63.68 -3.07 31.14
CA ILE D 68 -62.95 -2.84 32.38
C ILE D 68 -61.50 -2.52 32.01
N ASP D 69 -61.19 -1.22 31.98
CA ASP D 69 -59.87 -0.73 31.58
C ASP D 69 -58.88 -0.72 32.74
N ALA D 70 -58.44 -1.89 33.16
CA ALA D 70 -57.53 -2.01 34.31
C ALA D 70 -56.15 -1.48 33.95
N GLU D 71 -55.86 -1.52 32.65
CA GLU D 71 -54.57 -1.05 32.14
C GLU D 71 -54.51 0.48 32.08
N HIS D 72 -55.68 1.11 32.26
CA HIS D 72 -55.82 2.57 32.27
C HIS D 72 -55.23 3.19 31.03
N ALA D 73 -55.63 2.67 29.87
CA ALA D 73 -55.07 3.13 28.61
C ALA D 73 -56.06 3.14 27.44
N LEU D 74 -57.36 3.16 27.76
CA LEU D 74 -58.37 3.20 26.70
C LEU D 74 -58.55 4.61 26.15
N ASP D 75 -58.44 4.74 24.83
CA ASP D 75 -58.68 6.01 24.15
C ASP D 75 -60.09 6.03 23.58
N PRO D 76 -61.00 6.77 24.23
CA PRO D 76 -62.40 6.80 23.83
C PRO D 76 -62.59 7.26 22.39
N ILE D 77 -61.89 8.32 21.98
CA ILE D 77 -61.94 8.77 20.59
C ILE D 77 -61.52 7.66 19.61
N TYR D 78 -60.48 6.90 19.96
CA TYR D 78 -60.06 5.79 19.11
C TYR D 78 -61.12 4.69 19.04
N ALA D 79 -61.70 4.35 20.19
CA ALA D 79 -62.78 3.36 20.22
C ALA D 79 -63.89 3.77 19.27
N ARG D 80 -64.23 5.06 19.25
CA ARG D 80 -65.27 5.56 18.35
C ARG D 80 -64.89 5.34 16.89
N LYS D 81 -63.64 5.61 16.54
CA LYS D 81 -63.18 5.41 15.17
C LYS D 81 -63.32 3.95 14.75
N LEU D 82 -63.14 3.02 15.70
CA LEU D 82 -63.31 1.60 15.38
C LEU D 82 -64.79 1.18 15.36
N GLY D 83 -65.68 2.17 15.41
CA GLY D 83 -67.11 1.92 15.32
C GLY D 83 -67.83 1.57 16.62
N VAL D 84 -67.17 1.77 17.76
CA VAL D 84 -67.82 1.54 19.06
C VAL D 84 -68.79 2.69 19.38
N ASP D 85 -69.97 2.33 19.88
CA ASP D 85 -70.89 3.32 20.43
C ASP D 85 -70.43 3.77 21.82
N ILE D 86 -69.57 4.77 21.82
CA ILE D 86 -68.93 5.34 23.01
C ILE D 86 -69.95 5.68 24.10
N ASP D 87 -71.09 6.23 23.68
CA ASP D 87 -72.10 6.72 24.59
C ASP D 87 -72.85 5.64 25.34
N ASN D 88 -72.78 4.39 24.88
CA ASN D 88 -73.46 3.29 25.54
C ASN D 88 -72.54 2.20 26.07
N LEU D 89 -71.24 2.40 25.91
CA LEU D 89 -70.28 1.45 26.40
C LEU D 89 -70.04 1.74 27.86
N LEU D 90 -70.44 0.82 28.71
CA LEU D 90 -70.13 0.92 30.14
C LEU D 90 -68.63 0.75 30.31
N CYS D 91 -68.06 1.59 31.13
CA CYS D 91 -66.62 1.63 31.26
C CYS D 91 -66.21 1.83 32.70
N SER D 92 -65.19 1.10 33.10
CA SER D 92 -64.70 1.19 34.45
C SER D 92 -63.19 1.10 34.51
N GLN D 93 -62.58 2.01 35.29
CA GLN D 93 -61.15 1.95 35.59
C GLN D 93 -61.01 1.69 37.09
N PRO D 94 -61.03 0.41 37.48
CA PRO D 94 -61.14 0.01 38.88
C PRO D 94 -59.83 0.22 39.65
N ASP D 95 -59.92 0.31 40.97
CA ASP D 95 -58.75 0.58 41.79
C ASP D 95 -57.93 -0.65 42.09
N THR D 96 -58.60 -1.76 42.38
CA THR D 96 -57.92 -3.02 42.68
C THR D 96 -58.43 -4.13 41.76
N GLY D 97 -57.67 -5.21 41.67
CA GLY D 97 -58.07 -6.38 40.91
C GLY D 97 -59.35 -7.00 41.43
N GLU D 98 -59.47 -7.08 42.75
CA GLU D 98 -60.69 -7.61 43.37
C GLU D 98 -61.91 -6.79 43.00
N GLN D 99 -61.75 -5.48 43.01
CA GLN D 99 -62.80 -4.58 42.56
C GLN D 99 -63.18 -4.85 41.09
N ALA D 100 -62.17 -4.93 40.23
CA ALA D 100 -62.41 -5.23 38.82
C ALA D 100 -63.26 -6.49 38.66
N LEU D 101 -62.91 -7.53 39.40
CA LEU D 101 -63.58 -8.82 39.29
C LEU D 101 -64.94 -8.80 39.96
N GLU D 102 -65.07 -8.03 41.03
CA GLU D 102 -66.36 -7.87 41.70
C GLU D 102 -67.36 -7.16 40.80
N ILE D 103 -66.87 -6.22 40.00
CA ILE D 103 -67.70 -5.53 39.03
C ILE D 103 -68.16 -6.51 37.96
N CYS D 104 -67.23 -7.33 37.45
CA CYS D 104 -67.57 -8.38 36.50
C CYS D 104 -68.68 -9.28 37.01
N ASP D 105 -68.53 -9.72 38.25
CA ASP D 105 -69.51 -10.62 38.85
C ASP D 105 -70.87 -9.93 38.93
N ALA D 106 -70.88 -8.70 39.42
CA ALA D 106 -72.11 -7.91 39.57
C ALA D 106 -72.81 -7.68 38.24
N LEU D 107 -72.04 -7.40 37.20
CA LEU D 107 -72.59 -7.19 35.86
C LEU D 107 -73.12 -8.49 35.28
N ALA D 108 -72.37 -9.57 35.48
CA ALA D 108 -72.81 -10.89 35.07
C ALA D 108 -74.14 -11.23 35.72
N ARG D 109 -74.20 -11.14 37.06
CA ARG D 109 -75.40 -11.50 37.82
C ARG D 109 -76.64 -10.68 37.46
N SER D 110 -76.46 -9.46 36.97
CA SER D 110 -77.58 -8.59 36.62
C SER D 110 -78.36 -9.12 35.43
N GLY D 111 -77.67 -9.82 34.53
CA GLY D 111 -78.27 -10.35 33.31
C GLY D 111 -78.58 -9.29 32.27
N ALA D 112 -78.03 -8.10 32.46
CA ALA D 112 -78.31 -6.96 31.58
C ALA D 112 -77.13 -6.58 30.67
N VAL D 113 -75.99 -7.22 30.89
CA VAL D 113 -74.80 -6.98 30.07
C VAL D 113 -74.50 -8.23 29.24
N ASP D 114 -74.20 -8.04 27.97
CA ASP D 114 -74.02 -9.15 27.04
C ASP D 114 -72.56 -9.55 26.85
N VAL D 115 -71.67 -8.56 26.72
CA VAL D 115 -70.24 -8.83 26.68
C VAL D 115 -69.45 -7.87 27.58
N ILE D 116 -68.52 -8.45 28.33
CA ILE D 116 -67.64 -7.70 29.21
C ILE D 116 -66.21 -8.04 28.78
N VAL D 117 -65.39 -7.01 28.61
CA VAL D 117 -63.96 -7.27 28.41
C VAL D 117 -63.11 -6.63 29.50
N VAL D 118 -62.20 -7.42 30.05
CA VAL D 118 -61.29 -6.96 31.08
C VAL D 118 -59.94 -6.75 30.40
N ASP D 119 -59.50 -5.49 30.35
CA ASP D 119 -58.25 -5.18 29.68
C ASP D 119 -57.06 -5.29 30.61
N SER D 120 -56.38 -6.42 30.41
CA SER D 120 -55.18 -6.89 31.06
C SER D 120 -55.45 -7.52 32.39
N VAL D 121 -55.34 -8.84 32.45
CA VAL D 121 -55.29 -9.50 33.74
C VAL D 121 -53.97 -9.10 34.37
N ALA D 122 -52.99 -8.76 33.54
CA ALA D 122 -51.68 -8.35 34.04
C ALA D 122 -51.79 -7.12 34.93
N ALA D 123 -52.81 -6.31 34.68
CA ALA D 123 -53.03 -5.07 35.41
C ALA D 123 -53.96 -5.23 36.62
N LEU D 124 -54.49 -6.44 36.81
CA LEU D 124 -55.35 -6.76 37.95
C LEU D 124 -54.52 -6.94 39.22
N THR D 125 -54.32 -5.84 39.96
CA THR D 125 -53.47 -5.85 41.12
C THR D 125 -54.24 -6.10 42.41
N PRO D 126 -53.90 -7.18 43.14
CA PRO D 126 -54.54 -7.46 44.41
C PRO D 126 -54.45 -6.30 45.39
N LYS D 127 -55.49 -6.15 46.20
CA LYS D 127 -55.63 -5.05 47.16
C LYS D 127 -54.42 -4.96 48.10
N ALA D 128 -53.97 -6.11 48.59
CA ALA D 128 -52.82 -6.18 49.49
C ALA D 128 -51.54 -5.67 48.82
N GLU D 129 -51.42 -5.93 47.53
CA GLU D 129 -50.27 -5.47 46.76
C GLU D 129 -50.27 -3.95 46.57
N ILE D 130 -51.42 -3.37 46.22
CA ILE D 130 -51.57 -1.91 46.02
C ILE D 130 -51.23 -1.07 47.26
N GLU D 131 -51.65 -1.51 48.43
CA GLU D 131 -51.43 -0.74 49.67
C GLU D 131 -50.00 -0.82 50.22
N GLY D 132 -49.38 -1.98 50.09
CA GLY D 132 -48.01 -2.20 50.56
C GLY D 132 -46.98 -1.70 49.57
N GLU D 133 -45.71 -1.76 49.98
CA GLU D 133 -44.61 -1.18 49.21
C GLU D 133 -44.20 -2.01 47.98
N ILE D 134 -43.54 -1.34 47.03
CA ILE D 134 -42.95 -2.01 45.88
C ILE D 134 -41.68 -2.70 46.38
N GLY D 135 -41.47 -3.93 45.93
CA GLY D 135 -40.36 -4.75 46.40
C GLY D 135 -40.76 -5.56 47.60
N ASP D 136 -42.02 -6.00 47.60
CA ASP D 136 -42.52 -6.94 48.57
C ASP D 136 -42.93 -8.22 47.86
N SER D 137 -42.77 -9.36 48.54
CA SER D 137 -43.05 -10.66 47.95
C SER D 137 -44.50 -11.13 48.19
N HIS D 138 -45.35 -10.82 47.22
CA HIS D 138 -46.74 -11.25 47.23
C HIS D 138 -46.86 -12.38 46.21
N MET D 139 -46.12 -13.46 46.49
CA MET D 139 -46.01 -14.61 45.60
C MET D 139 -47.35 -15.33 45.37
N GLY D 140 -47.83 -15.23 44.12
CA GLY D 140 -49.04 -15.87 43.64
C GLY D 140 -50.34 -15.39 44.28
N LEU D 141 -50.35 -14.14 44.71
CA LEU D 141 -51.56 -13.56 45.29
C LEU D 141 -52.57 -13.28 44.18
N ALA D 142 -52.06 -12.81 43.04
CA ALA D 142 -52.89 -12.58 41.87
C ALA D 142 -53.42 -13.90 41.32
N ALA D 143 -52.59 -14.94 41.37
CA ALA D 143 -52.97 -16.25 40.89
C ALA D 143 -54.14 -16.80 41.69
N ARG D 144 -54.04 -16.74 43.02
CA ARG D 144 -55.09 -17.29 43.87
C ARG D 144 -56.37 -16.45 43.76
N MET D 145 -56.20 -15.17 43.46
CA MET D 145 -57.32 -14.28 43.20
C MET D 145 -58.06 -14.68 41.92
N MET D 146 -57.32 -14.90 40.86
CA MET D 146 -57.88 -15.35 39.59
C MET D 146 -58.58 -16.69 39.72
N SER D 147 -57.96 -17.58 40.48
CA SER D 147 -58.50 -18.90 40.71
C SER D 147 -59.85 -18.84 41.42
N GLN D 148 -59.96 -17.97 42.41
CA GLN D 148 -61.23 -17.74 43.09
C GLN D 148 -62.28 -17.07 42.17
N ALA D 149 -61.84 -16.13 41.35
CA ALA D 149 -62.73 -15.45 40.44
C ALA D 149 -63.40 -16.42 39.47
N MET D 150 -62.62 -17.31 38.84
CA MET D 150 -63.13 -18.22 37.81
C MET D 150 -64.22 -19.11 38.39
N ARG D 151 -63.90 -19.70 39.53
CA ARG D 151 -64.82 -20.47 40.34
C ARG D 151 -66.19 -19.78 40.41
N LYS D 152 -66.21 -18.50 40.75
CA LYS D 152 -67.46 -17.76 40.97
C LYS D 152 -68.09 -17.29 39.65
N LEU D 153 -67.25 -16.80 38.73
CA LEU D 153 -67.72 -16.24 37.46
C LEU D 153 -68.34 -17.21 36.46
N ALA D 154 -67.73 -18.37 36.31
CA ALA D 154 -68.17 -19.36 35.32
C ALA D 154 -69.68 -19.62 35.37
N GLY D 155 -70.20 -19.90 36.56
CA GLY D 155 -71.62 -20.17 36.72
C GLY D 155 -72.50 -18.98 36.40
N ASN D 156 -72.11 -17.81 36.90
CA ASN D 156 -72.90 -16.59 36.70
C ASN D 156 -72.95 -16.17 35.24
N LEU D 157 -71.83 -16.32 34.54
CA LEU D 157 -71.76 -15.97 33.14
C LEU D 157 -72.65 -16.84 32.28
N LYS D 158 -72.67 -18.15 32.55
CA LYS D 158 -73.51 -19.07 31.81
C LYS D 158 -75.00 -18.76 32.00
N GLN D 159 -75.43 -18.56 33.24
CA GLN D 159 -76.85 -18.35 33.53
C GLN D 159 -77.37 -16.97 33.09
N SER D 160 -76.48 -16.07 32.68
CA SER D 160 -76.87 -14.77 32.13
C SER D 160 -76.57 -14.70 30.64
N ASN D 161 -75.96 -15.76 30.10
CA ASN D 161 -75.49 -15.79 28.73
C ASN D 161 -74.54 -14.63 28.39
N THR D 162 -73.63 -14.33 29.30
CA THR D 162 -72.70 -13.22 29.18
C THR D 162 -71.33 -13.70 28.74
N LEU D 163 -70.78 -13.09 27.68
CA LEU D 163 -69.43 -13.36 27.24
C LEU D 163 -68.41 -12.49 27.99
N LEU D 164 -67.39 -13.11 28.57
CA LEU D 164 -66.35 -12.38 29.26
C LEU D 164 -65.03 -12.62 28.57
N ILE D 165 -64.44 -11.56 28.04
CA ILE D 165 -63.12 -11.64 27.41
C ILE D 165 -62.03 -11.07 28.32
N PHE D 166 -61.02 -11.88 28.62
CA PHE D 166 -59.84 -11.41 29.35
C PHE D 166 -58.71 -11.20 28.37
N ILE D 167 -58.16 -9.99 28.35
CA ILE D 167 -56.92 -9.74 27.62
C ILE D 167 -55.75 -10.06 28.56
N ASN D 168 -54.73 -10.73 28.05
CA ASN D 168 -53.54 -10.99 28.83
C ASN D 168 -52.25 -10.56 28.13
N GLN D 169 -51.20 -10.31 28.89
CA GLN D 169 -49.88 -9.99 28.38
C GLN D 169 -49.00 -11.22 28.47
N ILE D 170 -47.82 -11.14 27.85
CA ILE D 170 -46.86 -12.23 27.84
C ILE D 170 -45.69 -11.94 28.79
N ARG D 171 -45.24 -12.96 29.50
CA ARG D 171 -44.00 -12.87 30.26
C ARG D 171 -43.10 -14.03 29.88
N MET D 172 -41.82 -13.90 30.15
CA MET D 172 -40.87 -14.99 29.90
C MET D 172 -40.79 -15.89 31.12
N LYS D 173 -40.40 -17.15 30.93
CA LYS D 173 -40.05 -18.00 32.06
C LYS D 173 -38.57 -18.35 32.05
N ILE D 174 -37.95 -18.28 33.23
CA ILE D 174 -36.49 -18.43 33.35
C ILE D 174 -36.09 -19.90 33.44
N GLY D 175 -34.96 -20.24 32.82
CA GLY D 175 -34.37 -21.58 32.88
C GLY D 175 -34.85 -22.48 31.76
N VAL D 176 -35.21 -21.87 30.64
CA VAL D 176 -35.87 -22.55 29.52
C VAL D 176 -35.15 -22.28 28.19
N MET D 177 -34.23 -23.15 27.80
CA MET D 177 -33.62 -23.09 26.47
C MET D 177 -34.10 -24.28 25.61
N PHE D 178 -35.35 -24.70 25.88
CA PHE D 178 -35.97 -25.92 25.36
C PHE D 178 -37.48 -25.82 25.57
N GLY D 179 -38.20 -25.61 24.48
CA GLY D 179 -39.64 -25.40 24.55
C GLY D 179 -39.95 -23.94 24.80
N ASN D 180 -41.22 -23.60 24.64
CA ASN D 180 -41.68 -22.22 24.66
C ASN D 180 -41.44 -21.49 25.99
N PRO D 181 -40.61 -20.44 25.96
CA PRO D 181 -40.34 -19.69 27.19
C PRO D 181 -41.45 -18.71 27.55
N GLU D 182 -42.47 -18.60 26.70
CA GLU D 182 -43.55 -17.64 26.92
C GLU D 182 -44.62 -18.10 27.91
N THR D 183 -45.13 -17.18 28.72
CA THR D 183 -46.29 -17.45 29.57
C THR D 183 -47.21 -16.28 29.55
N THR D 184 -48.19 -16.37 30.43
CA THR D 184 -49.28 -15.46 30.49
C THR D 184 -49.39 -15.06 31.95
N THR D 185 -49.99 -13.91 32.24
CA THR D 185 -50.05 -13.45 33.64
C THR D 185 -51.21 -14.09 34.40
N GLY D 186 -51.10 -14.10 35.72
CA GLY D 186 -52.26 -14.36 36.58
C GLY D 186 -52.54 -15.81 36.90
N GLY D 187 -51.57 -16.67 36.63
CA GLY D 187 -51.65 -18.08 37.04
C GLY D 187 -52.31 -19.00 36.04
N ASN D 188 -52.75 -20.15 36.56
CA ASN D 188 -53.22 -21.25 35.72
C ASN D 188 -54.73 -21.39 35.53
N ALA D 189 -55.51 -20.80 36.43
CA ALA D 189 -56.97 -20.94 36.39
C ALA D 189 -57.55 -20.57 35.02
N LEU D 190 -57.19 -19.40 34.51
CA LEU D 190 -57.77 -18.91 33.27
C LEU D 190 -57.57 -19.86 32.07
N LYS D 191 -56.39 -20.49 31.98
CA LYS D 191 -56.12 -21.52 30.97
C LYS D 191 -57.25 -22.53 30.93
N PHE D 192 -57.63 -23.01 32.11
CA PHE D 192 -58.63 -24.07 32.22
C PHE D 192 -60.04 -23.62 31.93
N TYR D 193 -60.41 -22.45 32.45
CA TYR D 193 -61.77 -21.98 32.34
C TYR D 193 -62.10 -21.34 30.98
N ALA D 194 -61.10 -20.92 30.23
CA ALA D 194 -61.36 -20.33 28.91
C ALA D 194 -61.94 -21.38 27.95
N SER D 195 -63.01 -21.03 27.25
CA SER D 195 -63.57 -21.89 26.21
C SER D 195 -62.83 -21.68 24.89
N VAL D 196 -62.26 -20.49 24.72
CA VAL D 196 -61.42 -20.17 23.59
C VAL D 196 -60.20 -19.41 24.10
N ARG D 197 -59.02 -19.75 23.59
CA ARG D 197 -57.81 -18.92 23.81
C ARG D 197 -57.18 -18.54 22.48
N LEU D 198 -56.89 -17.25 22.33
CA LEU D 198 -56.38 -16.67 21.11
C LEU D 198 -54.98 -16.08 21.31
N ASP D 199 -54.05 -16.46 20.44
CA ASP D 199 -52.71 -15.89 20.39
C ASP D 199 -52.66 -14.94 19.19
N ILE D 200 -52.59 -13.63 19.47
CA ILE D 200 -52.55 -12.61 18.41
C ILE D 200 -51.15 -12.02 18.25
N ARG D 201 -50.72 -11.83 17.01
CA ARG D 201 -49.35 -11.36 16.71
C ARG D 201 -49.26 -10.44 15.48
N ARG D 202 -48.45 -9.40 15.59
CA ARG D 202 -48.15 -8.55 14.43
C ARG D 202 -47.04 -9.19 13.60
N ILE D 203 -47.34 -9.48 12.34
CA ILE D 203 -46.38 -10.21 11.49
C ILE D 203 -45.78 -9.36 10.37
N GLY D 204 -46.19 -8.11 10.27
CA GLY D 204 -45.63 -7.21 9.27
C GLY D 204 -46.35 -5.87 9.20
N ALA D 205 -45.91 -5.03 8.27
CA ALA D 205 -46.44 -3.69 8.11
C ALA D 205 -47.31 -3.59 6.85
N VAL D 206 -48.42 -2.84 6.96
CA VAL D 206 -49.22 -2.44 5.80
C VAL D 206 -48.78 -1.04 5.37
N LYS D 207 -48.38 -0.90 4.11
CA LYS D 207 -47.75 0.33 3.64
C LYS D 207 -48.40 1.02 2.43
N GLU D 208 -48.56 2.34 2.54
CA GLU D 208 -48.94 3.23 1.43
C GLU D 208 -47.67 3.84 0.89
N GLY D 209 -46.90 3.05 0.15
CA GLY D 209 -45.57 3.45 -0.28
C GLY D 209 -44.67 3.75 0.92
N GLU D 210 -44.62 5.02 1.30
CA GLU D 210 -43.81 5.51 2.41
C GLU D 210 -44.41 5.15 3.76
N ASN D 211 -45.69 5.50 3.97
CA ASN D 211 -46.29 5.48 5.29
C ASN D 211 -46.76 4.11 5.73
N VAL D 212 -46.49 3.79 7.00
CA VAL D 212 -47.01 2.59 7.62
C VAL D 212 -48.42 2.92 8.08
N VAL D 213 -49.41 2.29 7.45
CA VAL D 213 -50.80 2.67 7.63
C VAL D 213 -51.61 1.62 8.37
N GLY D 214 -51.01 0.44 8.56
CA GLY D 214 -51.64 -0.64 9.33
C GLY D 214 -50.67 -1.73 9.74
N SER D 215 -51.20 -2.71 10.49
CA SER D 215 -50.46 -3.87 10.95
C SER D 215 -50.98 -5.13 10.30
N GLU D 216 -50.09 -5.90 9.69
CA GLU D 216 -50.43 -7.21 9.20
C GLU D 216 -50.49 -8.16 10.40
N THR D 217 -51.60 -8.89 10.56
CA THR D 217 -51.89 -9.59 11.81
C THR D 217 -52.21 -11.09 11.65
N ARG D 218 -51.71 -11.90 12.58
CA ARG D 218 -52.05 -13.34 12.66
C ARG D 218 -52.63 -13.71 14.02
N VAL D 219 -53.73 -14.44 14.01
CA VAL D 219 -54.31 -14.98 15.23
C VAL D 219 -54.34 -16.51 15.16
N LYS D 220 -53.81 -17.20 16.16
CA LYS D 220 -53.91 -18.65 16.24
C LYS D 220 -54.97 -19.01 17.28
N VAL D 221 -55.84 -19.96 16.95
CA VAL D 221 -56.77 -20.45 17.96
C VAL D 221 -56.05 -21.55 18.73
N VAL D 222 -55.60 -21.18 19.92
CA VAL D 222 -54.67 -21.97 20.69
C VAL D 222 -55.41 -22.97 21.60
N LYS D 223 -56.63 -22.60 21.98
CA LYS D 223 -57.55 -23.49 22.69
C LYS D 223 -58.97 -23.30 22.19
N ASN D 224 -59.69 -24.40 22.02
CA ASN D 224 -61.06 -24.33 21.55
C ASN D 224 -61.94 -25.47 22.06
N LYS D 225 -63.02 -25.10 22.74
CA LYS D 225 -63.95 -26.04 23.33
C LYS D 225 -65.24 -26.15 22.54
N ILE D 226 -65.40 -25.30 21.52
CA ILE D 226 -66.65 -25.28 20.76
C ILE D 226 -66.48 -25.77 19.31
N ALA D 227 -65.22 -25.95 18.90
CA ALA D 227 -64.86 -26.48 17.58
C ALA D 227 -63.39 -26.90 17.64
N ALA D 228 -62.88 -27.51 16.58
CA ALA D 228 -61.47 -27.90 16.51
C ALA D 228 -60.55 -26.69 16.81
N PRO D 229 -59.46 -26.92 17.56
CA PRO D 229 -58.47 -25.87 17.78
C PRO D 229 -57.40 -25.81 16.68
N PHE D 230 -56.52 -24.82 16.78
CA PHE D 230 -55.28 -24.73 15.97
C PHE D 230 -55.43 -24.23 14.54
N LYS D 231 -56.62 -23.75 14.19
CA LYS D 231 -56.76 -23.03 12.94
C LYS D 231 -56.24 -21.61 13.16
N GLN D 232 -55.94 -20.89 12.08
CA GLN D 232 -55.47 -19.52 12.24
C GLN D 232 -56.05 -18.53 11.24
N ALA D 233 -56.03 -17.27 11.62
CA ALA D 233 -56.57 -16.20 10.79
C ALA D 233 -55.50 -15.16 10.52
N GLU D 234 -55.52 -14.60 9.32
CA GLU D 234 -54.64 -13.49 8.96
C GLU D 234 -55.45 -12.37 8.36
N PHE D 235 -55.23 -11.16 8.86
CA PHE D 235 -55.98 -10.00 8.38
C PHE D 235 -55.15 -8.76 8.64
N GLN D 236 -55.63 -7.62 8.16
CA GLN D 236 -54.98 -6.35 8.40
C GLN D 236 -55.71 -5.55 9.47
N ILE D 237 -54.95 -4.88 10.32
CA ILE D 237 -55.53 -3.85 11.18
C ILE D 237 -55.08 -2.53 10.59
N LEU D 238 -56.02 -1.74 10.08
CA LEU D 238 -55.70 -0.44 9.54
C LEU D 238 -55.95 0.60 10.62
N TYR D 239 -54.94 1.43 10.89
CA TYR D 239 -55.00 2.36 12.02
C TYR D 239 -56.13 3.37 11.85
N GLY D 240 -56.85 3.61 12.93
CA GLY D 240 -57.96 4.56 12.92
C GLY D 240 -59.18 4.07 12.15
N GLU D 241 -59.15 2.80 11.76
CA GLU D 241 -60.22 2.22 10.98
C GLU D 241 -60.60 0.85 11.56
N GLY D 242 -59.60 0.07 11.95
CA GLY D 242 -59.82 -1.24 12.54
C GLY D 242 -59.48 -2.38 11.61
N ILE D 243 -60.05 -3.56 11.88
CA ILE D 243 -59.84 -4.76 11.06
C ILE D 243 -60.36 -4.55 9.62
N ASN D 244 -59.54 -4.87 8.56
CA ASN D 244 -59.97 -4.78 7.13
C ASN D 244 -60.86 -5.96 6.76
N PHE D 245 -62.11 -5.87 7.20
CA PHE D 245 -63.08 -6.95 7.05
C PHE D 245 -63.36 -7.24 5.59
N TYR D 246 -63.59 -6.19 4.80
CA TYR D 246 -63.97 -6.37 3.39
C TYR D 246 -62.82 -6.90 2.55
N GLY D 247 -61.59 -6.65 3.02
CA GLY D 247 -60.40 -7.23 2.44
C GLY D 247 -60.44 -8.73 2.54
N GLU D 248 -60.67 -9.24 3.75
CA GLU D 248 -60.84 -10.67 3.98
C GLU D 248 -61.92 -11.24 3.06
N LEU D 249 -63.03 -10.51 2.95
CA LEU D 249 -64.17 -10.97 2.15
C LEU D 249 -63.80 -11.18 0.68
N VAL D 250 -63.02 -10.26 0.12
CA VAL D 250 -62.51 -10.41 -1.25
C VAL D 250 -61.69 -11.69 -1.37
N ASP D 251 -60.62 -11.80 -0.57
CA ASP D 251 -59.75 -12.98 -0.60
C ASP D 251 -60.52 -14.28 -0.45
N LEU D 252 -61.40 -14.35 0.55
CA LEU D 252 -62.22 -15.52 0.78
C LEU D 252 -63.15 -15.79 -0.41
N GLY D 253 -63.76 -14.73 -0.92
CA GLY D 253 -64.67 -14.84 -2.06
C GLY D 253 -63.97 -15.41 -3.27
N VAL D 254 -62.76 -14.90 -3.55
CA VAL D 254 -61.95 -15.39 -4.66
C VAL D 254 -61.54 -16.85 -4.44
N LYS D 255 -61.09 -17.15 -3.23
CA LYS D 255 -60.65 -18.51 -2.88
C LYS D 255 -61.79 -19.51 -3.06
N GLU D 256 -63.00 -19.10 -2.71
CA GLU D 256 -64.17 -19.98 -2.81
C GLU D 256 -64.88 -19.92 -4.16
N LYS D 257 -64.27 -19.23 -5.11
CA LYS D 257 -64.77 -19.14 -6.50
C LYS D 257 -66.14 -18.45 -6.61
N LEU D 258 -66.41 -17.52 -5.70
CA LEU D 258 -67.61 -16.72 -5.76
C LEU D 258 -67.33 -15.40 -6.46
N ILE D 259 -66.09 -14.93 -6.31
CA ILE D 259 -65.59 -13.75 -6.98
C ILE D 259 -64.55 -14.21 -8.00
N GLU D 260 -64.70 -13.75 -9.23
CA GLU D 260 -63.80 -14.12 -10.32
C GLU D 260 -62.60 -13.16 -10.35
N LYS D 261 -61.42 -13.69 -10.65
CA LYS D 261 -60.21 -12.86 -10.74
C LYS D 261 -59.40 -13.16 -12.00
N ALA D 262 -59.55 -12.30 -13.01
CA ALA D 262 -58.79 -12.42 -14.26
C ALA D 262 -57.68 -11.37 -14.31
N GLY D 263 -56.47 -11.80 -13.94
CA GLY D 263 -55.33 -10.88 -13.79
C GLY D 263 -55.51 -9.97 -12.58
N ALA D 264 -55.75 -8.70 -12.85
CA ALA D 264 -55.99 -7.72 -11.79
C ALA D 264 -57.48 -7.36 -11.65
N TRP D 265 -58.30 -7.83 -12.58
CA TRP D 265 -59.73 -7.52 -12.60
C TRP D 265 -60.58 -8.49 -11.76
N TYR D 266 -61.34 -7.93 -10.83
CA TYR D 266 -62.26 -8.69 -9.98
C TYR D 266 -63.69 -8.54 -10.49
N SER D 267 -64.38 -9.68 -10.58
CA SER D 267 -65.76 -9.71 -11.09
C SER D 267 -66.69 -10.43 -10.14
N TYR D 268 -67.92 -9.95 -10.03
CA TYR D 268 -68.95 -10.69 -9.32
C TYR D 268 -70.12 -10.95 -10.25
N LYS D 269 -70.48 -12.22 -10.40
CA LYS D 269 -71.59 -12.64 -11.25
C LYS D 269 -71.58 -11.93 -12.61
N GLY D 270 -70.41 -11.92 -13.26
CA GLY D 270 -70.27 -11.37 -14.61
C GLY D 270 -69.94 -9.89 -14.68
N GLU D 271 -70.34 -9.15 -13.65
CA GLU D 271 -70.15 -7.70 -13.60
C GLU D 271 -68.84 -7.34 -12.88
N LYS D 272 -68.01 -6.53 -13.55
CA LYS D 272 -66.72 -6.10 -13.00
C LYS D 272 -66.91 -5.21 -11.78
N ILE D 273 -66.19 -5.50 -10.70
CA ILE D 273 -66.35 -4.75 -9.46
C ILE D 273 -65.13 -3.92 -9.09
N GLY D 274 -63.99 -4.20 -9.72
CA GLY D 274 -62.80 -3.40 -9.48
C GLY D 274 -61.51 -3.99 -10.01
N GLN D 275 -60.56 -3.10 -10.34
CA GLN D 275 -59.22 -3.50 -10.71
C GLN D 275 -58.28 -3.35 -9.48
N GLY D 276 -57.68 -4.45 -9.06
CA GLY D 276 -56.84 -4.46 -7.87
C GLY D 276 -57.67 -4.71 -6.61
N LYS D 277 -57.07 -5.39 -5.63
CA LYS D 277 -57.73 -5.73 -4.37
C LYS D 277 -58.35 -4.50 -3.70
N ALA D 278 -57.60 -3.38 -3.70
CA ALA D 278 -58.06 -2.11 -3.09
C ALA D 278 -59.42 -1.67 -3.62
N ASN D 279 -59.62 -1.72 -4.93
CA ASN D 279 -60.86 -1.28 -5.54
C ASN D 279 -62.04 -2.23 -5.37
N ALA D 280 -61.77 -3.54 -5.43
CA ALA D 280 -62.78 -4.55 -5.15
C ALA D 280 -63.30 -4.41 -3.72
N THR D 281 -62.37 -4.18 -2.77
CA THR D 281 -62.71 -3.91 -1.39
C THR D 281 -63.63 -2.69 -1.28
N ALA D 282 -63.24 -1.59 -1.92
CA ALA D 282 -64.06 -0.36 -1.93
C ALA D 282 -65.48 -0.60 -2.46
N TRP D 283 -65.59 -1.46 -3.48
CA TRP D 283 -66.88 -1.79 -4.07
C TRP D 283 -67.80 -2.53 -3.10
N LEU D 284 -67.27 -3.51 -2.39
CA LEU D 284 -68.06 -4.25 -1.40
C LEU D 284 -68.51 -3.35 -0.26
N LYS D 285 -67.61 -2.49 0.20
CA LYS D 285 -67.90 -1.50 1.22
C LYS D 285 -69.08 -0.65 0.76
N ASP D 286 -69.13 -0.38 -0.54
CA ASP D 286 -70.14 0.47 -1.15
C ASP D 286 -71.46 -0.25 -1.43
N ASN D 287 -71.40 -1.57 -1.61
CA ASN D 287 -72.60 -2.38 -1.86
C ASN D 287 -72.84 -3.39 -0.74
N PRO D 288 -73.37 -2.91 0.41
CA PRO D 288 -73.39 -3.74 1.62
C PRO D 288 -74.28 -4.97 1.49
N GLU D 289 -75.33 -4.86 0.68
CA GLU D 289 -76.31 -5.94 0.48
C GLU D 289 -75.67 -7.13 -0.24
N THR D 290 -74.90 -6.83 -1.28
CA THR D 290 -74.17 -7.84 -2.02
C THR D 290 -73.08 -8.45 -1.15
N ALA D 291 -72.43 -7.61 -0.35
CA ALA D 291 -71.41 -8.07 0.60
C ALA D 291 -71.99 -9.08 1.59
N LYS D 292 -73.16 -8.78 2.14
CA LYS D 292 -73.85 -9.72 3.05
C LYS D 292 -74.07 -11.06 2.38
N GLU D 293 -74.51 -11.04 1.12
CA GLU D 293 -74.79 -12.24 0.34
C GLU D 293 -73.53 -13.09 0.18
N ILE D 294 -72.44 -12.46 -0.20
CA ILE D 294 -71.17 -13.17 -0.37
C ILE D 294 -70.71 -13.73 0.97
N GLU D 295 -70.80 -12.93 2.04
CA GLU D 295 -70.38 -13.34 3.37
C GLU D 295 -71.18 -14.54 3.87
N LYS D 296 -72.50 -14.50 3.66
CA LYS D 296 -73.39 -15.59 4.05
C LYS D 296 -72.98 -16.91 3.39
N LYS D 297 -72.63 -16.85 2.11
CA LYS D 297 -72.17 -18.02 1.34
C LYS D 297 -70.80 -18.52 1.79
N VAL D 298 -69.89 -17.59 2.05
CA VAL D 298 -68.56 -17.94 2.53
C VAL D 298 -68.66 -18.68 3.87
N ARG D 299 -69.57 -18.22 4.73
CA ARG D 299 -69.80 -18.86 6.02
C ARG D 299 -70.41 -20.27 5.87
N GLU D 300 -71.43 -20.39 5.01
CA GLU D 300 -72.03 -21.68 4.73
C GLU D 300 -70.98 -22.69 4.22
N LEU D 301 -70.09 -22.21 3.36
CA LEU D 301 -69.05 -23.07 2.80
C LEU D 301 -67.91 -23.42 3.76
N LEU D 302 -67.58 -22.52 4.68
CA LEU D 302 -66.35 -22.69 5.46
C LEU D 302 -66.50 -22.92 6.97
N LEU D 303 -67.67 -22.65 7.55
CA LEU D 303 -67.87 -22.88 8.98
C LEU D 303 -68.10 -24.36 9.23
N SER D 304 -67.24 -24.94 10.06
CA SER D 304 -67.22 -26.36 10.33
C SER D 304 -68.31 -26.74 11.35
N ASN D 305 -68.57 -25.82 12.29
CA ASN D 305 -69.61 -26.03 13.29
C ASN D 305 -70.69 -24.94 13.22
N PRO D 306 -71.54 -24.95 12.17
CA PRO D 306 -72.42 -23.81 11.92
C PRO D 306 -73.60 -23.69 12.90
N ASN D 307 -73.89 -22.44 13.27
CA ASN D 307 -75.00 -22.09 14.17
C ASN D 307 -75.54 -20.67 13.89
N SER D 308 -74.77 -19.64 14.25
CA SER D 308 -75.13 -18.23 14.02
C SER D 308 -73.89 -17.33 13.85
N ALA D 325 -91.14 -5.50 27.14
CA ALA D 325 -91.09 -6.14 28.48
C ALA D 325 -89.81 -6.96 28.67
N ILE D 326 -89.22 -7.38 27.55
CA ILE D 326 -88.02 -8.23 27.55
C ILE D 326 -86.73 -7.43 27.81
N ASP D 327 -86.67 -6.23 27.23
CA ASP D 327 -85.50 -5.34 27.37
C ASP D 327 -85.68 -4.32 28.51
N GLU D 328 -86.91 -4.18 28.99
CA GLU D 328 -87.20 -3.27 30.09
C GLU D 328 -86.93 -3.91 31.45
N ASN D 329 -86.89 -5.24 31.47
CA ASN D 329 -86.40 -5.97 32.63
C ASN D 329 -84.87 -5.88 32.69
N LYS D 330 -84.26 -5.88 31.51
CA LYS D 330 -82.82 -5.71 31.37
C LYS D 330 -82.39 -4.34 31.92
N GLN D 331 -83.05 -3.28 31.46
CA GLN D 331 -82.70 -1.91 31.89
C GLN D 331 -82.96 -1.66 33.36
N LYS D 332 -84.03 -2.26 33.89
CA LYS D 332 -84.32 -2.23 35.32
C LYS D 332 -83.19 -2.88 36.11
N ALA D 333 -82.79 -4.09 35.70
CA ALA D 333 -81.73 -4.84 36.39
C ALA D 333 -80.37 -4.20 36.20
N LEU D 334 -80.17 -3.59 35.03
CA LEU D 334 -78.93 -2.88 34.70
C LEU D 334 -78.74 -1.68 35.62
N ALA D 335 -79.74 -0.81 35.67
CA ALA D 335 -79.72 0.37 36.53
C ALA D 335 -79.48 -0.02 37.99
N ALA D 336 -80.12 -1.10 38.44
CA ALA D 336 -79.98 -1.60 39.80
C ALA D 336 -78.54 -2.07 40.09
N ALA D 337 -77.98 -2.87 39.19
CA ALA D 337 -76.61 -3.34 39.35
C ALA D 337 -75.62 -2.17 39.31
N LEU D 338 -75.85 -1.23 38.39
CA LEU D 338 -75.04 -0.01 38.27
C LEU D 338 -75.09 0.82 39.55
N GLY D 339 -76.31 1.04 40.05
CA GLY D 339 -76.51 1.73 41.32
C GLY D 339 -75.81 1.04 42.47
N GLN D 340 -75.83 -0.29 42.44
CA GLN D 340 -75.16 -1.11 43.45
C GLN D 340 -73.65 -0.95 43.40
N ILE D 341 -73.10 -1.02 42.20
CA ILE D 341 -71.65 -0.88 41.98
C ILE D 341 -71.18 0.48 42.50
N GLU D 342 -71.95 1.52 42.21
CA GLU D 342 -71.60 2.88 42.61
C GLU D 342 -71.71 3.08 44.12
N LYS D 343 -72.71 2.45 44.72
CA LYS D 343 -72.88 2.48 46.18
C LYS D 343 -71.72 1.76 46.88
N GLN D 344 -71.30 0.62 46.34
CA GLN D 344 -70.21 -0.17 46.90
C GLN D 344 -68.83 0.43 46.69
N PHE D 345 -68.56 0.97 45.49
CA PHE D 345 -67.21 1.38 45.13
C PHE D 345 -67.01 2.88 44.88
N GLY D 346 -68.03 3.67 45.17
CA GLY D 346 -67.91 5.12 45.03
C GLY D 346 -68.51 5.68 43.75
N LYS D 347 -68.63 7.01 43.70
CA LYS D 347 -69.24 7.75 42.60
C LYS D 347 -68.92 7.22 41.20
N GLY D 348 -67.81 7.67 40.62
CA GLY D 348 -67.55 7.40 39.20
C GLY D 348 -66.94 6.05 38.88
N SER D 349 -67.21 5.04 39.70
CA SER D 349 -66.56 3.73 39.55
C SER D 349 -67.02 2.93 38.32
N ILE D 350 -68.18 3.26 37.77
CA ILE D 350 -68.61 2.78 36.46
C ILE D 350 -69.46 3.83 35.78
N MET D 351 -69.23 4.06 34.49
CA MET D 351 -70.06 4.95 33.69
C MET D 351 -69.93 4.73 32.20
N ARG D 352 -70.80 5.38 31.43
CA ARG D 352 -70.74 5.35 29.97
C ARG D 352 -69.46 6.03 29.55
N LEU D 353 -68.72 5.40 28.64
CA LEU D 353 -67.43 5.92 28.18
C LEU D 353 -67.59 7.34 27.65
N GLY D 354 -68.59 7.54 26.82
CA GLY D 354 -68.82 8.81 26.12
C GLY D 354 -68.87 10.02 27.02
N GLU D 355 -69.29 9.81 28.26
CA GLU D 355 -69.48 10.92 29.18
C GLU D 355 -68.43 10.98 30.30
N ASP D 356 -67.39 10.15 30.20
CA ASP D 356 -66.31 10.20 31.16
C ASP D 356 -65.23 11.18 30.71
N ARG D 357 -65.24 12.38 31.29
CA ARG D 357 -64.26 13.41 30.96
C ARG D 357 -62.82 13.05 31.35
N SER D 358 -62.67 12.28 32.43
CA SER D 358 -61.35 11.93 32.94
C SER D 358 -60.62 10.98 31.99
N MET D 359 -61.32 10.55 30.94
CA MET D 359 -60.81 9.57 30.00
C MET D 359 -60.24 10.23 28.75
N ASP D 360 -60.52 11.53 28.57
CA ASP D 360 -60.01 12.29 27.42
C ASP D 360 -58.48 12.43 27.44
N VAL D 361 -57.82 12.36 26.25
CA VAL D 361 -56.33 12.43 26.10
C VAL D 361 -55.82 13.88 26.00
N GLU D 362 -54.93 14.28 26.92
CA GLU D 362 -54.34 15.59 26.91
C GLU D 362 -52.82 15.42 26.70
N THR D 363 -52.20 16.33 25.93
CA THR D 363 -50.76 16.19 25.64
C THR D 363 -49.85 17.37 26.07
N ILE D 364 -48.57 17.07 26.17
CA ILE D 364 -47.51 18.01 26.52
C ILE D 364 -46.53 17.99 25.37
N SER D 365 -45.98 19.15 25.00
CA SER D 365 -44.97 19.20 23.95
C SER D 365 -43.69 18.44 24.34
N THR D 366 -43.00 17.91 23.34
CA THR D 366 -41.74 17.18 23.58
C THR D 366 -40.54 18.11 23.46
N GLY D 367 -40.76 19.34 22.99
CA GLY D 367 -39.65 20.26 22.74
C GLY D 367 -39.18 20.21 21.29
N SER D 368 -39.60 19.16 20.58
CA SER D 368 -39.36 19.05 19.15
C SER D 368 -40.69 19.13 18.40
N LEU D 369 -40.75 20.00 17.40
CA LEU D 369 -41.98 20.18 16.62
C LEU D 369 -42.27 18.97 15.74
N SER D 370 -41.21 18.43 15.12
CA SER D 370 -41.39 17.30 14.21
C SER D 370 -41.74 16.02 14.97
N LEU D 371 -41.25 15.90 16.21
CA LEU D 371 -41.65 14.79 17.08
C LEU D 371 -43.12 14.90 17.49
N ASP D 372 -43.53 16.11 17.89
CA ASP D 372 -44.93 16.39 18.23
C ASP D 372 -45.84 16.01 17.07
N ILE D 373 -45.37 16.25 15.84
CA ILE D 373 -46.12 15.85 14.65
C ILE D 373 -46.11 14.34 14.47
N ALA D 374 -44.93 13.72 14.66
CA ALA D 374 -44.80 12.27 14.54
C ALA D 374 -45.71 11.54 15.49
N LEU D 375 -45.85 12.07 16.70
CA LEU D 375 -46.69 11.46 17.73
C LEU D 375 -48.19 11.53 17.41
N GLY D 376 -48.55 12.30 16.38
CA GLY D 376 -49.92 12.35 15.88
C GLY D 376 -50.84 13.24 16.69
N ALA D 377 -50.76 13.13 18.01
CA ALA D 377 -51.62 13.88 18.90
C ALA D 377 -51.01 15.22 19.36
N GLY D 378 -49.77 15.51 18.95
CA GLY D 378 -49.16 16.78 19.25
C GLY D 378 -48.21 16.79 20.43
N GLY D 379 -47.99 15.63 21.04
CA GLY D 379 -47.04 15.51 22.15
C GLY D 379 -47.29 14.25 22.95
N LEU D 380 -46.66 14.18 24.13
CA LEU D 380 -46.78 13.01 25.01
C LEU D 380 -48.06 13.11 25.87
N PRO D 381 -48.72 11.96 26.11
CA PRO D 381 -50.00 11.97 26.82
C PRO D 381 -49.88 12.02 28.36
N MET D 382 -50.62 12.94 28.96
CA MET D 382 -50.65 13.08 30.41
C MET D 382 -51.33 11.88 31.07
N GLY D 383 -50.85 11.50 32.25
CA GLY D 383 -51.43 10.39 32.99
C GLY D 383 -51.06 9.03 32.44
N ARG D 384 -50.00 8.96 31.64
CA ARG D 384 -49.60 7.74 30.98
C ARG D 384 -48.11 7.48 31.22
N ILE D 385 -47.65 6.30 30.80
CA ILE D 385 -46.24 5.93 30.88
C ILE D 385 -45.62 6.02 29.50
N VAL D 386 -44.40 6.54 29.40
CA VAL D 386 -43.72 6.67 28.14
C VAL D 386 -42.32 6.09 28.33
N GLU D 387 -41.81 5.39 27.32
CA GLU D 387 -40.42 4.89 27.34
C GLU D 387 -39.61 5.50 26.21
N ILE D 388 -38.38 5.92 26.51
CA ILE D 388 -37.45 6.40 25.50
C ILE D 388 -36.20 5.54 25.59
N TYR D 389 -35.77 4.98 24.47
CA TYR D 389 -34.55 4.18 24.48
C TYR D 389 -33.68 4.47 23.26
N GLY D 390 -32.39 4.16 23.36
CA GLY D 390 -31.46 4.35 22.26
C GLY D 390 -30.05 4.14 22.74
N PRO D 391 -29.08 4.15 21.81
CA PRO D 391 -27.66 3.96 22.14
C PRO D 391 -27.12 5.06 23.03
N GLU D 392 -25.88 4.94 23.49
CA GLU D 392 -25.27 5.97 24.35
C GLU D 392 -25.17 7.30 23.65
N SER D 393 -25.41 8.37 24.40
CA SER D 393 -25.30 9.74 23.89
C SER D 393 -26.20 10.02 22.69
N SER D 394 -27.35 9.35 22.63
CA SER D 394 -28.25 9.55 21.52
C SER D 394 -29.20 10.70 21.80
N GLY D 395 -29.24 11.16 23.05
CA GLY D 395 -30.04 12.34 23.36
C GLY D 395 -31.24 12.09 24.23
N LYS D 396 -31.23 10.97 24.95
CA LYS D 396 -32.35 10.58 25.81
C LYS D 396 -32.58 11.60 26.93
N THR D 397 -31.53 11.88 27.71
CA THR D 397 -31.66 12.83 28.82
C THR D 397 -32.01 14.22 28.30
N THR D 398 -31.26 14.68 27.31
CA THR D 398 -31.55 15.96 26.67
C THR D 398 -33.05 16.09 26.31
N LEU D 399 -33.59 15.13 25.58
CA LEU D 399 -34.97 15.19 25.10
C LEU D 399 -35.87 15.38 26.31
N THR D 400 -35.67 14.51 27.28
CA THR D 400 -36.37 14.51 28.56
C THR D 400 -36.36 15.88 29.27
N LEU D 401 -35.20 16.51 29.34
CA LEU D 401 -35.07 17.81 29.96
C LEU D 401 -35.80 18.89 29.16
N GLN D 402 -35.82 18.73 27.84
CA GLN D 402 -36.56 19.65 26.97
C GLN D 402 -38.07 19.53 27.20
N VAL D 403 -38.58 18.31 27.45
CA VAL D 403 -39.99 18.20 27.80
C VAL D 403 -40.27 18.82 29.19
N ILE D 404 -39.38 18.59 30.15
CA ILE D 404 -39.49 19.25 31.45
C ILE D 404 -39.50 20.79 31.28
N ALA D 405 -38.55 21.32 30.52
CA ALA D 405 -38.49 22.78 30.33
C ALA D 405 -39.80 23.34 29.76
N ALA D 406 -40.32 22.68 28.73
CA ALA D 406 -41.57 23.10 28.10
C ALA D 406 -42.74 23.07 29.09
N ALA D 407 -42.76 22.03 29.92
CA ALA D 407 -43.79 21.86 30.94
C ALA D 407 -43.72 22.95 32.00
N GLN D 408 -42.50 23.24 32.47
CA GLN D 408 -42.28 24.29 33.47
C GLN D 408 -42.67 25.65 32.93
N ARG D 409 -42.39 25.88 31.66
CA ARG D 409 -42.75 27.09 30.94
C ARG D 409 -44.28 27.31 30.96
N GLU D 410 -45.04 26.23 31.14
CA GLU D 410 -46.50 26.29 31.24
C GLU D 410 -47.01 26.19 32.67
N GLY D 411 -46.13 26.38 33.65
CA GLY D 411 -46.49 26.33 35.06
C GLY D 411 -46.64 24.94 35.68
N LYS D 412 -46.23 23.90 34.96
CA LYS D 412 -46.30 22.55 35.50
C LYS D 412 -45.14 22.24 36.45
N THR D 413 -45.32 21.25 37.32
CA THR D 413 -44.29 20.84 38.29
C THR D 413 -43.66 19.53 37.86
N CYS D 414 -42.33 19.48 37.89
CA CYS D 414 -41.60 18.29 37.42
C CYS D 414 -40.64 17.68 38.43
N ALA D 415 -40.42 16.39 38.29
CA ALA D 415 -39.46 15.68 39.11
C ALA D 415 -38.55 14.85 38.23
N PHE D 416 -37.29 14.74 38.63
CA PHE D 416 -36.29 13.98 37.89
C PHE D 416 -35.62 12.96 38.81
N ILE D 417 -35.76 11.68 38.48
CA ILE D 417 -35.14 10.62 39.26
C ILE D 417 -33.86 10.20 38.56
N ASP D 418 -32.73 10.73 39.02
CA ASP D 418 -31.42 10.49 38.42
C ASP D 418 -30.76 9.21 38.95
N ALA D 419 -31.31 8.05 38.56
CA ALA D 419 -30.80 6.77 39.03
C ALA D 419 -29.42 6.49 38.44
N GLU D 420 -29.18 7.06 37.26
CA GLU D 420 -27.91 6.90 36.57
C GLU D 420 -26.78 7.72 37.22
N HIS D 421 -27.17 8.63 38.13
CA HIS D 421 -26.26 9.51 38.86
C HIS D 421 -25.35 10.29 37.92
N ALA D 422 -25.95 10.92 36.93
CA ALA D 422 -25.16 11.63 35.92
C ALA D 422 -25.80 12.91 35.41
N LEU D 423 -26.74 13.47 36.15
CA LEU D 423 -27.36 14.72 35.77
C LEU D 423 -26.45 15.92 36.05
N ASP D 424 -26.24 16.75 35.02
CA ASP D 424 -25.48 17.98 35.17
C ASP D 424 -26.44 19.18 35.30
N PRO D 425 -26.59 19.70 36.52
CA PRO D 425 -27.56 20.76 36.77
C PRO D 425 -27.30 21.99 35.90
N ILE D 426 -26.04 22.40 35.78
CA ILE D 426 -25.70 23.54 34.93
C ILE D 426 -26.12 23.29 33.48
N TYR D 427 -25.93 22.07 32.99
CA TYR D 427 -26.37 21.74 31.64
C TYR D 427 -27.90 21.81 31.49
N ALA D 428 -28.61 21.25 32.48
CA ALA D 428 -30.06 21.31 32.47
C ALA D 428 -30.53 22.77 32.35
N ARG D 429 -29.86 23.67 33.08
CA ARG D 429 -30.20 25.08 33.01
C ARG D 429 -30.02 25.63 31.60
N LYS D 430 -28.91 25.28 30.95
CA LYS D 430 -28.65 25.72 29.59
C LYS D 430 -29.74 25.27 28.61
N LEU D 431 -30.32 24.09 28.87
CA LEU D 431 -31.43 23.61 28.05
C LEU D 431 -32.76 24.25 28.43
N GLY D 432 -32.72 25.27 29.29
CA GLY D 432 -33.89 26.03 29.69
C GLY D 432 -34.74 25.46 30.81
N VAL D 433 -34.19 24.49 31.56
CA VAL D 433 -34.88 23.97 32.72
C VAL D 433 -34.76 24.94 33.90
N ASP D 434 -35.87 25.14 34.61
CA ASP D 434 -35.88 25.87 35.87
C ASP D 434 -35.31 24.97 36.98
N ILE D 435 -33.99 25.01 37.10
CA ILE D 435 -33.21 24.22 38.06
C ILE D 435 -33.75 24.34 39.48
N ASP D 436 -34.13 25.56 39.85
CA ASP D 436 -34.59 25.86 41.21
C ASP D 436 -35.92 25.24 41.61
N ASN D 437 -36.72 24.81 40.63
CA ASN D 437 -38.00 24.21 40.92
C ASN D 437 -38.12 22.77 40.45
N LEU D 438 -37.05 22.23 39.90
CA LEU D 438 -37.05 20.85 39.46
C LEU D 438 -36.76 19.97 40.66
N LEU D 439 -37.74 19.16 41.06
CA LEU D 439 -37.53 18.17 42.11
C LEU D 439 -36.58 17.12 41.57
N CYS D 440 -35.60 16.77 42.38
CA CYS D 440 -34.56 15.87 41.92
C CYS D 440 -34.19 14.86 42.99
N SER D 441 -34.00 13.62 42.56
CA SER D 441 -33.67 12.56 43.49
C SER D 441 -32.65 11.62 42.89
N GLN D 442 -31.63 11.28 43.68
CA GLN D 442 -30.67 10.24 43.31
C GLN D 442 -30.81 9.10 44.32
N PRO D 443 -31.75 8.18 44.04
CA PRO D 443 -32.17 7.17 45.01
C PRO D 443 -31.14 6.06 45.19
N ASP D 444 -31.21 5.37 46.33
CA ASP D 444 -30.23 4.33 46.65
C ASP D 444 -30.51 2.98 45.98
N THR D 445 -31.78 2.59 45.94
CA THR D 445 -32.18 1.35 45.33
C THR D 445 -33.27 1.61 44.29
N GLY D 446 -33.49 0.63 43.41
CA GLY D 446 -34.55 0.69 42.43
C GLY D 446 -35.93 0.77 43.06
N GLU D 447 -36.14 0.00 44.14
CA GLU D 447 -37.42 0.03 44.85
C GLU D 447 -37.69 1.41 45.43
N GLN D 448 -36.66 2.03 45.98
CA GLN D 448 -36.74 3.39 46.48
C GLN D 448 -37.12 4.37 45.35
N ALA D 449 -36.44 4.25 44.21
CA ALA D 449 -36.75 5.09 43.04
C ALA D 449 -38.23 5.01 42.67
N LEU D 450 -38.75 3.78 42.66
CA LEU D 450 -40.11 3.55 42.23
C LEU D 450 -41.10 3.91 43.31
N GLU D 451 -40.71 3.75 44.57
CA GLU D 451 -41.57 4.19 45.68
C GLU D 451 -41.73 5.69 45.69
N ILE D 452 -40.67 6.42 45.32
CA ILE D 452 -40.75 7.85 45.19
C ILE D 452 -41.69 8.26 44.05
N CYS D 453 -41.56 7.60 42.91
CA CYS D 453 -42.52 7.79 41.81
C CYS D 453 -43.96 7.62 42.25
N ASP D 454 -44.23 6.53 42.97
CA ASP D 454 -45.58 6.25 43.40
C ASP D 454 -46.06 7.36 44.33
N ALA D 455 -45.23 7.74 45.29
CA ALA D 455 -45.57 8.77 46.27
C ALA D 455 -45.85 10.11 45.61
N LEU D 456 -45.05 10.45 44.61
CA LEU D 456 -45.23 11.71 43.86
C LEU D 456 -46.50 11.66 43.04
N ALA D 457 -46.73 10.53 42.37
CA ALA D 457 -47.95 10.31 41.61
C ALA D 457 -49.16 10.49 42.50
N ARG D 458 -49.20 9.78 43.63
CA ARG D 458 -50.34 9.79 44.54
C ARG D 458 -50.63 11.17 45.12
N SER D 459 -49.63 12.02 45.24
CA SER D 459 -49.80 13.36 45.82
C SER D 459 -50.66 14.26 44.94
N GLY D 460 -50.62 14.01 43.63
CA GLY D 460 -51.34 14.81 42.64
C GLY D 460 -50.77 16.21 42.42
N ALA D 461 -49.56 16.43 42.93
CA ALA D 461 -48.92 17.75 42.89
C ALA D 461 -47.77 17.82 41.88
N VAL D 462 -47.41 16.68 41.30
CA VAL D 462 -46.37 16.64 40.27
C VAL D 462 -46.98 16.28 38.92
N ASP D 463 -46.57 16.98 37.87
CA ASP D 463 -47.16 16.84 36.55
C ASP D 463 -46.40 15.89 35.64
N VAL D 464 -45.08 16.00 35.63
CA VAL D 464 -44.24 15.05 34.90
C VAL D 464 -43.07 14.58 35.73
N ILE D 465 -42.83 13.25 35.68
CA ILE D 465 -41.73 12.61 36.38
C ILE D 465 -40.93 11.87 35.34
N VAL D 466 -39.62 12.07 35.34
CA VAL D 466 -38.76 11.22 34.51
C VAL D 466 -37.76 10.42 35.32
N VAL D 467 -37.69 9.12 35.02
CA VAL D 467 -36.78 8.20 35.68
C VAL D 467 -35.62 7.96 34.72
N ASP D 468 -34.44 8.44 35.07
CA ASP D 468 -33.29 8.30 34.18
C ASP D 468 -32.57 6.99 34.40
N SER D 469 -32.88 6.10 33.44
CA SER D 469 -32.38 4.75 33.26
C SER D 469 -33.09 3.77 34.13
N VAL D 470 -33.95 2.96 33.52
CA VAL D 470 -34.41 1.75 34.20
C VAL D 470 -33.22 0.82 34.36
N ALA D 471 -32.23 0.94 33.48
CA ALA D 471 -31.03 0.11 33.54
C ALA D 471 -30.31 0.29 34.87
N ALA D 472 -30.45 1.48 35.45
CA ALA D 472 -29.78 1.85 36.69
C ALA D 472 -30.62 1.55 37.95
N LEU D 473 -31.85 1.07 37.75
CA LEU D 473 -32.74 0.71 38.84
C LEU D 473 -32.35 -0.64 39.44
N THR D 474 -31.48 -0.61 40.43
CA THR D 474 -30.93 -1.82 41.00
C THR D 474 -31.73 -2.28 42.21
N PRO D 475 -32.28 -3.50 42.15
CA PRO D 475 -32.99 -4.07 43.30
C PRO D 475 -32.17 -4.08 44.57
N LYS D 476 -32.84 -3.90 45.70
CA LYS D 476 -32.23 -3.81 47.03
C LYS D 476 -31.34 -5.01 47.32
N ALA D 477 -31.86 -6.20 47.00
CA ALA D 477 -31.14 -7.46 47.21
C ALA D 477 -29.83 -7.51 46.42
N GLU D 478 -29.84 -6.93 45.22
CA GLU D 478 -28.67 -6.89 44.38
C GLU D 478 -27.58 -5.96 44.91
N ILE D 479 -27.96 -4.76 45.35
CA ILE D 479 -27.01 -3.80 45.91
C ILE D 479 -26.30 -4.30 47.16
N GLU D 480 -27.02 -5.02 48.01
CA GLU D 480 -26.44 -5.55 49.24
C GLU D 480 -25.65 -6.82 48.99
N GLY D 481 -26.04 -7.58 47.97
CA GLY D 481 -25.30 -8.79 47.58
C GLY D 481 -23.96 -8.45 46.97
N GLU D 482 -23.17 -9.49 46.68
CA GLU D 482 -21.88 -9.32 46.02
C GLU D 482 -22.00 -9.25 44.49
N ILE D 483 -20.92 -8.80 43.84
CA ILE D 483 -20.84 -8.84 42.39
C ILE D 483 -20.61 -10.27 41.96
N GLY D 484 -21.49 -10.77 41.09
CA GLY D 484 -21.42 -12.14 40.64
C GLY D 484 -22.46 -13.03 41.30
N ASP D 485 -23.16 -12.50 42.30
CA ASP D 485 -24.35 -13.16 42.83
C ASP D 485 -25.43 -13.03 41.75
N SER D 486 -26.17 -14.10 41.50
CA SER D 486 -27.20 -14.07 40.48
C SER D 486 -28.55 -13.69 41.07
N HIS D 487 -29.17 -12.67 40.49
CA HIS D 487 -30.49 -12.21 40.88
C HIS D 487 -31.36 -12.25 39.65
N MET D 488 -31.47 -13.43 39.05
CA MET D 488 -32.12 -13.62 37.76
C MET D 488 -33.53 -13.03 37.68
N GLY D 489 -33.66 -12.04 36.81
CA GLY D 489 -34.93 -11.34 36.60
C GLY D 489 -35.56 -10.76 37.86
N LEU D 490 -34.73 -10.33 38.80
CA LEU D 490 -35.22 -9.65 40.00
C LEU D 490 -35.67 -8.23 39.63
N ALA D 491 -34.92 -7.57 38.76
CA ALA D 491 -35.29 -6.25 38.27
C ALA D 491 -36.56 -6.32 37.44
N ALA D 492 -36.70 -7.41 36.68
CA ALA D 492 -37.86 -7.60 35.82
C ALA D 492 -39.12 -7.72 36.64
N ARG D 493 -39.08 -8.55 37.69
CA ARG D 493 -40.26 -8.76 38.54
C ARG D 493 -40.56 -7.50 39.34
N MET D 494 -39.53 -6.72 39.65
CA MET D 494 -39.71 -5.43 40.31
C MET D 494 -40.46 -4.44 39.40
N MET D 495 -40.02 -4.33 38.14
CA MET D 495 -40.66 -3.47 37.15
C MET D 495 -42.10 -3.87 36.90
N SER D 496 -42.34 -5.17 36.83
CA SER D 496 -43.66 -5.72 36.62
C SER D 496 -44.60 -5.32 37.75
N GLN D 497 -44.12 -5.39 39.00
CA GLN D 497 -44.91 -4.96 40.15
C GLN D 497 -45.12 -3.45 40.13
N ALA D 498 -44.09 -2.70 39.74
CA ALA D 498 -44.19 -1.25 39.71
C ALA D 498 -45.30 -0.78 38.75
N MET D 499 -45.33 -1.32 37.53
CA MET D 499 -46.31 -0.91 36.50
C MET D 499 -47.74 -1.12 36.99
N ARG D 500 -47.97 -2.33 37.52
CA ARG D 500 -49.20 -2.73 38.16
C ARG D 500 -49.71 -1.62 39.10
N LYS D 501 -48.83 -1.09 39.94
CA LYS D 501 -49.20 -0.10 40.97
C LYS D 501 -49.25 1.32 40.40
N LEU D 502 -48.29 1.66 39.56
CA LEU D 502 -48.18 3.01 39.01
C LEU D 502 -49.28 3.42 38.03
N ALA D 503 -49.66 2.52 37.13
CA ALA D 503 -50.59 2.86 36.05
C ALA D 503 -51.85 3.56 36.56
N GLY D 504 -52.48 3.00 37.57
CA GLY D 504 -53.69 3.57 38.15
C GLY D 504 -53.46 4.92 38.80
N ASN D 505 -52.39 5.03 39.58
CA ASN D 505 -52.08 6.28 40.28
C ASN D 505 -51.76 7.42 39.35
N LEU D 506 -51.01 7.12 38.29
CA LEU D 506 -50.65 8.13 37.31
C LEU D 506 -51.85 8.69 36.59
N LYS D 507 -52.79 7.83 36.21
CA LYS D 507 -54.00 8.26 35.52
C LYS D 507 -54.85 9.17 36.42
N GLN D 508 -55.07 8.78 37.66
CA GLN D 508 -55.95 9.53 38.55
C GLN D 508 -55.34 10.86 39.06
N SER D 509 -54.06 11.09 38.79
CA SER D 509 -53.39 12.35 39.12
C SER D 509 -53.07 13.13 37.86
N ASN D 510 -53.33 12.52 36.70
CA ASN D 510 -52.95 13.07 35.41
C ASN D 510 -51.44 13.36 35.29
N THR D 511 -50.63 12.43 35.80
CA THR D 511 -49.18 12.58 35.84
C THR D 511 -48.51 11.79 34.71
N LEU D 512 -47.65 12.45 33.95
CA LEU D 512 -46.87 11.79 32.92
C LEU D 512 -45.57 11.22 33.50
N LEU D 513 -45.32 9.92 33.28
CA LEU D 513 -44.09 9.29 33.76
C LEU D 513 -43.28 8.81 32.58
N ILE D 514 -42.09 9.39 32.41
CA ILE D 514 -41.19 8.96 31.34
C ILE D 514 -40.05 8.10 31.90
N PHE D 515 -39.88 6.90 31.35
CA PHE D 515 -38.76 6.03 31.67
C PHE D 515 -37.76 6.07 30.56
N ILE D 516 -36.53 6.45 30.88
CA ILE D 516 -35.44 6.31 29.93
C ILE D 516 -34.85 4.91 30.04
N ASN D 517 -34.57 4.26 28.92
CA ASN D 517 -33.95 2.93 28.95
C ASN D 517 -32.71 2.85 28.07
N GLN D 518 -31.82 1.91 28.39
CA GLN D 518 -30.64 1.64 27.59
C GLN D 518 -30.88 0.40 26.74
N ILE D 519 -29.93 0.15 25.83
CA ILE D 519 -30.01 -0.98 24.92
C ILE D 519 -29.03 -2.09 25.33
N ARG D 520 -29.46 -3.34 25.24
CA ARG D 520 -28.55 -4.47 25.39
C ARG D 520 -28.72 -5.42 24.19
N MET D 521 -27.76 -6.33 23.97
CA MET D 521 -27.84 -7.31 22.89
C MET D 521 -28.47 -8.60 23.45
N LYS D 522 -29.32 -9.27 22.68
CA LYS D 522 -29.74 -10.61 23.11
C LYS D 522 -28.92 -11.66 22.38
N ILE D 523 -28.21 -12.47 23.17
CA ILE D 523 -27.23 -13.44 22.65
C ILE D 523 -27.91 -14.61 21.91
N GLY D 524 -27.23 -15.12 20.89
CA GLY D 524 -27.71 -16.25 20.10
C GLY D 524 -28.91 -15.95 19.21
N VAL D 525 -29.07 -14.69 18.81
CA VAL D 525 -30.15 -14.26 17.94
C VAL D 525 -29.58 -13.70 16.64
N MET D 526 -29.61 -14.52 15.58
CA MET D 526 -29.19 -14.12 14.24
C MET D 526 -30.40 -14.03 13.27
N PHE D 527 -31.50 -13.48 13.78
CA PHE D 527 -32.77 -13.38 13.04
C PHE D 527 -33.52 -12.14 13.50
N GLY D 528 -33.60 -11.15 12.62
CA GLY D 528 -34.21 -9.87 12.95
C GLY D 528 -33.28 -9.04 13.81
N ASN D 529 -33.82 -8.48 14.89
CA ASN D 529 -33.16 -7.46 15.70
C ASN D 529 -32.54 -8.03 16.98
N PRO D 530 -31.21 -7.92 17.13
CA PRO D 530 -30.56 -8.41 18.34
C PRO D 530 -30.68 -7.44 19.53
N GLU D 531 -31.29 -6.28 19.33
CA GLU D 531 -31.38 -5.28 20.37
C GLU D 531 -32.52 -5.53 21.35
N THR D 532 -32.29 -5.23 22.63
CA THR D 532 -33.35 -5.22 23.64
C THR D 532 -33.16 -4.03 24.55
N THR D 533 -33.95 -4.05 25.60
CA THR D 533 -34.13 -2.95 26.48
C THR D 533 -33.99 -3.58 27.87
N THR D 534 -33.62 -2.80 28.87
CA THR D 534 -33.44 -3.35 30.21
C THR D 534 -34.75 -3.49 30.99
N GLY D 535 -34.75 -4.37 31.98
CA GLY D 535 -35.78 -4.37 33.00
C GLY D 535 -37.00 -5.19 32.69
N GLY D 536 -36.92 -6.04 31.67
CA GLY D 536 -37.97 -7.00 31.39
C GLY D 536 -39.05 -6.53 30.44
N ASN D 537 -40.19 -7.19 30.50
CA ASN D 537 -41.26 -7.02 29.51
C ASN D 537 -42.42 -6.12 29.90
N ALA D 538 -42.62 -5.91 31.19
CA ALA D 538 -43.73 -5.11 31.67
C ALA D 538 -43.83 -3.72 31.00
N LEU D 539 -42.72 -2.99 30.98
CA LEU D 539 -42.74 -1.63 30.45
C LEU D 539 -43.20 -1.54 28.99
N LYS D 540 -42.78 -2.49 28.16
CA LYS D 540 -43.26 -2.59 26.76
C LYS D 540 -44.79 -2.48 26.73
N PHE D 541 -45.46 -3.25 27.58
CA PHE D 541 -46.91 -3.31 27.58
C PHE D 541 -47.58 -2.07 28.13
N TYR D 542 -47.06 -1.53 29.22
CA TYR D 542 -47.71 -0.42 29.90
C TYR D 542 -47.41 0.92 29.26
N ALA D 543 -46.36 1.05 28.45
CA ALA D 543 -46.07 2.33 27.79
C ALA D 543 -47.15 2.69 26.77
N SER D 544 -47.63 3.92 26.82
CA SER D 544 -48.57 4.40 25.82
C SER D 544 -47.84 4.91 24.58
N VAL D 545 -46.59 5.29 24.78
CA VAL D 545 -45.71 5.69 23.69
C VAL D 545 -44.34 5.09 23.94
N ARG D 546 -43.70 4.55 22.89
CA ARG D 546 -42.29 4.16 22.99
C ARG D 546 -41.50 4.83 21.88
N LEU D 547 -40.38 5.43 22.25
CA LEU D 547 -39.57 6.20 21.33
C LEU D 547 -38.18 5.61 21.21
N ASP D 548 -37.74 5.39 19.96
CA ASP D 548 -36.37 4.95 19.66
C ASP D 548 -35.60 6.15 19.13
N ILE D 549 -34.65 6.65 19.94
CA ILE D 549 -33.85 7.84 19.55
C ILE D 549 -32.43 7.45 19.15
N ARG D 550 -31.92 8.06 18.07
CA ARG D 550 -30.60 7.71 17.52
C ARG D 550 -29.84 8.90 16.93
N ARG D 551 -28.54 8.93 17.15
CA ARG D 551 -27.69 9.93 16.52
C ARG D 551 -27.30 9.44 15.13
N ILE D 552 -27.61 10.23 14.11
CA ILE D 552 -27.42 9.79 12.74
C ILE D 552 -26.34 10.58 12.01
N GLY D 553 -25.76 11.57 12.69
CA GLY D 553 -24.68 12.36 12.08
C GLY D 553 -24.24 13.54 12.93
N ALA D 554 -23.29 14.30 12.40
CA ALA D 554 -22.74 15.45 13.10
C ALA D 554 -23.22 16.77 12.51
N VAL D 555 -23.47 17.75 13.38
CA VAL D 555 -23.72 19.13 12.96
C VAL D 555 -22.41 19.90 13.08
N LYS D 556 -21.98 20.53 11.99
CA LYS D 556 -20.64 21.12 11.93
C LYS D 556 -20.55 22.60 11.56
N GLU D 557 -19.76 23.36 12.33
CA GLU D 557 -19.36 24.73 12.01
C GLU D 557 -17.99 24.63 11.37
N GLY D 558 -17.96 24.22 10.11
CA GLY D 558 -16.71 23.93 9.42
C GLY D 558 -15.92 22.86 10.15
N GLU D 559 -15.01 23.29 11.03
CA GLU D 559 -14.14 22.40 11.81
C GLU D 559 -14.89 21.72 12.97
N ASN D 560 -15.56 22.53 13.78
CA ASN D 560 -16.08 22.07 15.07
C ASN D 560 -17.38 21.32 14.97
N VAL D 561 -17.47 20.22 15.72
CA VAL D 561 -18.72 19.49 15.86
C VAL D 561 -19.53 20.20 16.94
N VAL D 562 -20.63 20.81 16.53
CA VAL D 562 -21.37 21.72 17.41
C VAL D 562 -22.75 21.15 17.82
N GLY D 563 -23.14 20.05 17.18
CA GLY D 563 -24.37 19.37 17.55
C GLY D 563 -24.47 17.96 16.99
N SER D 564 -25.56 17.28 17.35
CA SER D 564 -25.86 15.94 16.86
C SER D 564 -27.09 15.97 15.98
N GLU D 565 -26.97 15.40 14.79
CA GLU D 565 -28.12 15.19 13.92
C GLU D 565 -28.87 13.96 14.46
N THR D 566 -30.18 14.10 14.69
CA THR D 566 -30.96 13.13 15.47
C THR D 566 -32.21 12.60 14.79
N ARG D 567 -32.48 11.31 14.95
CA ARG D 567 -33.71 10.67 14.47
C ARG D 567 -34.46 9.97 15.59
N VAL D 568 -35.77 10.21 15.68
CA VAL D 568 -36.62 9.51 16.65
C VAL D 568 -37.69 8.76 15.89
N LYS D 569 -37.84 7.45 16.15
CA LYS D 569 -38.95 6.66 15.58
C LYS D 569 -39.99 6.44 16.65
N VAL D 570 -41.26 6.64 16.31
CA VAL D 570 -42.32 6.30 17.24
C VAL D 570 -42.60 4.81 17.05
N VAL D 571 -42.08 4.03 17.97
CA VAL D 571 -42.03 2.59 17.86
C VAL D 571 -43.29 1.91 18.44
N LYS D 572 -43.93 2.58 19.40
CA LYS D 572 -45.24 2.19 19.88
C LYS D 572 -46.10 3.42 20.14
N ASN D 573 -47.38 3.34 19.81
CA ASN D 573 -48.29 4.46 20.00
C ASN D 573 -49.74 4.04 20.22
N LYS D 574 -50.28 4.44 21.37
CA LYS D 574 -51.63 4.10 21.78
C LYS D 574 -52.59 5.28 21.62
N ILE D 575 -52.05 6.45 21.27
CA ILE D 575 -52.88 7.66 21.16
C ILE D 575 -53.02 8.18 19.73
N ALA D 576 -52.21 7.64 18.82
CA ALA D 576 -52.27 7.93 17.38
C ALA D 576 -51.54 6.82 16.64
N ALA D 577 -51.53 6.85 15.31
CA ALA D 577 -50.80 5.85 14.52
C ALA D 577 -49.33 5.77 14.94
N PRO D 578 -48.75 4.56 14.99
CA PRO D 578 -47.32 4.42 15.26
C PRO D 578 -46.46 4.52 14.00
N PHE D 579 -45.14 4.51 14.18
CA PHE D 579 -44.15 4.31 13.11
C PHE D 579 -43.82 5.54 12.26
N LYS D 580 -44.32 6.70 12.66
CA LYS D 580 -43.86 7.94 12.05
C LYS D 580 -42.51 8.28 12.68
N GLN D 581 -41.74 9.15 12.03
CA GLN D 581 -40.47 9.54 12.60
C GLN D 581 -40.13 11.00 12.51
N ALA D 582 -39.27 11.46 13.42
CA ALA D 582 -38.86 12.85 13.47
C ALA D 582 -37.35 12.96 13.31
N GLU D 583 -36.90 14.00 12.61
CA GLU D 583 -35.49 14.32 12.51
C GLU D 583 -35.25 15.77 12.88
N PHE D 584 -34.29 16.00 13.75
CA PHE D 584 -33.98 17.35 14.19
C PHE D 584 -32.54 17.40 14.65
N GLN D 585 -32.07 18.59 15.00
CA GLN D 585 -30.71 18.76 15.52
C GLN D 585 -30.73 18.95 17.03
N ILE D 586 -29.76 18.36 17.72
CA ILE D 586 -29.48 18.73 19.09
C ILE D 586 -28.22 19.54 19.06
N LEU D 587 -28.32 20.82 19.39
CA LEU D 587 -27.15 21.68 19.45
C LEU D 587 -26.65 21.73 20.89
N TYR D 588 -25.36 21.42 21.07
CA TYR D 588 -24.81 21.28 22.40
C TYR D 588 -24.91 22.60 23.19
N GLY D 589 -25.30 22.49 24.46
CA GLY D 589 -25.42 23.66 25.33
C GLY D 589 -26.60 24.56 24.97
N GLU D 590 -27.44 24.09 24.08
CA GLU D 590 -28.58 24.86 23.61
C GLU D 590 -29.82 23.98 23.60
N GLY D 591 -29.68 22.73 23.14
CA GLY D 591 -30.78 21.78 23.09
C GLY D 591 -31.30 21.52 21.68
N ILE D 592 -32.53 21.03 21.60
CA ILE D 592 -33.20 20.78 20.33
C ILE D 592 -33.38 22.08 19.55
N ASN D 593 -32.99 22.11 18.29
CA ASN D 593 -33.19 23.30 17.50
C ASN D 593 -34.62 23.39 17.01
N PHE D 594 -35.51 23.86 17.88
CA PHE D 594 -36.93 23.90 17.62
C PHE D 594 -37.25 24.81 16.45
N TYR D 595 -36.67 26.01 16.45
CA TYR D 595 -36.98 26.99 15.41
C TYR D 595 -36.42 26.60 14.05
N GLY D 596 -35.38 25.78 14.06
CA GLY D 596 -34.85 25.14 12.85
C GLY D 596 -35.91 24.27 12.19
N GLU D 597 -36.50 23.37 12.97
CA GLU D 597 -37.60 22.55 12.51
C GLU D 597 -38.69 23.41 11.92
N LEU D 598 -39.03 24.48 12.63
CA LEU D 598 -40.12 25.36 12.21
C LEU D 598 -39.90 25.97 10.83
N VAL D 599 -38.66 26.37 10.56
CA VAL D 599 -38.30 26.88 9.24
C VAL D 599 -38.55 25.80 8.19
N ASP D 600 -37.89 24.65 8.33
CA ASP D 600 -38.05 23.54 7.38
C ASP D 600 -39.49 23.16 7.14
N LEU D 601 -40.25 22.99 8.21
CA LEU D 601 -41.66 22.66 8.12
C LEU D 601 -42.45 23.77 7.45
N GLY D 602 -42.15 25.02 7.81
CA GLY D 602 -42.80 26.18 7.22
C GLY D 602 -42.59 26.23 5.71
N VAL D 603 -41.34 26.01 5.29
CA VAL D 603 -40.99 25.99 3.88
C VAL D 603 -41.69 24.83 3.16
N LYS D 604 -41.64 23.65 3.76
CA LYS D 604 -42.25 22.45 3.20
C LYS D 604 -43.75 22.64 2.99
N GLU D 605 -44.40 23.33 3.92
CA GLU D 605 -45.85 23.55 3.86
C GLU D 605 -46.25 24.82 3.13
N LYS D 606 -45.27 25.47 2.50
CA LYS D 606 -45.48 26.66 1.66
C LYS D 606 -46.01 27.86 2.44
N LEU D 607 -45.66 27.93 3.72
CA LEU D 607 -46.01 29.08 4.54
C LEU D 607 -44.86 30.08 4.55
N ILE D 608 -43.64 29.56 4.43
CA ILE D 608 -42.44 30.37 4.30
C ILE D 608 -41.91 30.18 2.88
N GLU D 609 -41.64 31.29 2.20
CA GLU D 609 -41.16 31.26 0.83
C GLU D 609 -39.63 31.15 0.81
N LYS D 610 -39.09 30.39 -0.14
CA LYS D 610 -37.64 30.25 -0.26
C LYS D 610 -37.16 30.42 -1.70
N ALA D 611 -36.62 31.60 -1.99
CA ALA D 611 -36.06 31.91 -3.31
C ALA D 611 -34.52 31.90 -3.26
N GLY D 612 -33.94 30.77 -3.64
CA GLY D 612 -32.50 30.55 -3.50
C GLY D 612 -32.11 30.37 -2.05
N ALA D 613 -31.40 31.37 -1.52
CA ALA D 613 -30.99 31.39 -0.11
C ALA D 613 -31.84 32.32 0.74
N TRP D 614 -32.71 33.11 0.10
CA TRP D 614 -33.58 34.07 0.80
C TRP D 614 -34.91 33.48 1.29
N TYR D 615 -35.14 33.64 2.59
CA TYR D 615 -36.39 33.19 3.22
C TYR D 615 -37.31 34.38 3.42
N SER D 616 -38.59 34.20 3.07
CA SER D 616 -39.59 35.25 3.19
C SER D 616 -40.83 34.76 3.93
N TYR D 617 -41.42 35.64 4.73
CA TYR D 617 -42.73 35.36 5.30
C TYR D 617 -43.69 36.46 4.90
N LYS D 618 -44.81 36.06 4.30
CA LYS D 618 -45.86 36.97 3.85
C LYS D 618 -45.29 38.21 3.15
N GLY D 619 -44.38 37.97 2.20
CA GLY D 619 -43.81 39.04 1.37
C GLY D 619 -42.56 39.70 1.94
N GLU D 620 -42.42 39.66 3.26
CA GLU D 620 -41.33 40.34 3.95
C GLU D 620 -40.17 39.37 4.18
N LYS D 621 -38.97 39.77 3.75
CA LYS D 621 -37.76 38.96 3.90
C LYS D 621 -37.38 38.79 5.36
N ILE D 622 -37.12 37.56 5.78
CA ILE D 622 -36.81 37.27 7.18
C ILE D 622 -35.38 36.81 7.40
N GLY D 623 -34.68 36.43 6.34
CA GLY D 623 -33.28 36.07 6.45
C GLY D 623 -32.69 35.35 5.26
N GLN D 624 -31.38 35.51 5.09
CA GLN D 624 -30.63 34.78 4.08
C GLN D 624 -29.94 33.59 4.74
N GLY D 625 -30.23 32.39 4.27
CA GLY D 625 -29.71 31.17 4.88
C GLY D 625 -30.56 30.70 6.05
N LYS D 626 -30.62 29.39 6.24
CA LYS D 626 -31.42 28.78 7.31
C LYS D 626 -31.10 29.38 8.67
N ALA D 627 -29.82 29.55 8.96
CA ALA D 627 -29.34 30.14 10.22
C ALA D 627 -30.04 31.45 10.57
N ASN D 628 -30.12 32.36 9.59
CA ASN D 628 -30.70 33.69 9.82
C ASN D 628 -32.21 33.71 9.93
N ALA D 629 -32.88 32.88 9.13
CA ALA D 629 -34.33 32.70 9.23
C ALA D 629 -34.71 32.17 10.62
N THR D 630 -33.91 31.21 11.11
CA THR D 630 -34.08 30.66 12.46
C THR D 630 -33.95 31.77 13.51
N ALA D 631 -32.89 32.56 13.41
CA ALA D 631 -32.68 33.68 14.32
C ALA D 631 -33.85 34.64 14.33
N TRP D 632 -34.44 34.88 13.16
CA TRP D 632 -35.57 35.79 13.03
C TRP D 632 -36.80 35.30 13.77
N LEU D 633 -37.13 34.03 13.61
CA LEU D 633 -38.27 33.44 14.30
C LEU D 633 -38.08 33.47 15.83
N LYS D 634 -36.86 33.15 16.27
CA LYS D 634 -36.48 33.20 17.67
C LYS D 634 -36.76 34.61 18.19
N ASP D 635 -36.54 35.59 17.33
CA ASP D 635 -36.65 37.00 17.68
C ASP D 635 -38.10 37.52 17.62
N ASN D 636 -38.93 36.87 16.79
CA ASN D 636 -40.33 37.25 16.64
C ASN D 636 -41.26 36.13 17.11
N PRO D 637 -41.42 35.96 18.43
CA PRO D 637 -42.06 34.77 18.98
C PRO D 637 -43.55 34.67 18.61
N GLU D 638 -44.19 35.82 18.43
CA GLU D 638 -45.62 35.90 18.11
C GLU D 638 -45.90 35.34 16.73
N THR D 639 -45.07 35.72 15.75
CA THR D 639 -45.16 35.23 14.38
C THR D 639 -44.82 33.74 14.34
N ALA D 640 -43.83 33.34 15.14
CA ALA D 640 -43.45 31.94 15.24
C ALA D 640 -44.61 31.09 15.72
N LYS D 641 -45.32 31.55 16.74
CA LYS D 641 -46.50 30.84 17.27
C LYS D 641 -47.53 30.65 16.16
N GLU D 642 -47.75 31.70 15.37
CA GLU D 642 -48.71 31.68 14.27
C GLU D 642 -48.34 30.62 13.24
N ILE D 643 -47.08 30.61 12.84
CA ILE D 643 -46.61 29.62 11.87
C ILE D 643 -46.72 28.20 12.44
N GLU D 644 -46.32 28.04 13.70
CA GLU D 644 -46.39 26.75 14.37
C GLU D 644 -47.82 26.22 14.46
N LYS D 645 -48.75 27.10 14.81
CA LYS D 645 -50.17 26.75 14.92
C LYS D 645 -50.71 26.21 13.60
N LYS D 646 -50.33 26.87 12.51
CA LYS D 646 -50.72 26.44 11.14
C LYS D 646 -50.06 25.13 10.73
N VAL D 647 -48.78 24.98 11.02
CA VAL D 647 -48.07 23.75 10.70
C VAL D 647 -48.75 22.57 11.41
N ARG D 648 -49.20 22.78 12.65
CA ARG D 648 -49.85 21.74 13.42
C ARG D 648 -51.21 21.40 12.85
N GLU D 649 -51.98 22.43 12.51
CA GLU D 649 -53.29 22.23 11.87
C GLU D 649 -53.16 21.43 10.59
N LEU D 650 -52.13 21.73 9.81
CA LEU D 650 -51.88 21.03 8.55
C LEU D 650 -51.33 19.60 8.69
N LEU D 651 -50.54 19.35 9.73
CA LEU D 651 -49.82 18.09 9.77
C LEU D 651 -50.17 17.09 10.88
N LEU D 652 -50.90 17.53 11.91
CA LEU D 652 -51.30 16.62 12.99
C LEU D 652 -52.48 15.78 12.57
N SER D 653 -52.36 14.48 12.74
CA SER D 653 -53.41 13.59 12.35
C SER D 653 -54.45 13.50 13.47
N ASN D 654 -54.07 13.91 14.67
CA ASN D 654 -54.92 13.80 15.84
C ASN D 654 -55.01 15.05 16.73
N PRO D 655 -55.64 16.13 16.24
CA PRO D 655 -55.71 17.39 16.98
C PRO D 655 -56.51 17.33 18.29
N ASN D 656 -55.97 18.00 19.31
CA ASN D 656 -56.54 18.17 20.66
C ASN D 656 -55.49 18.87 21.54
N SER D 657 -54.38 19.28 20.89
CA SER D 657 -53.20 19.87 21.56
C SER D 657 -53.46 21.19 22.29
N ALA D 674 -56.53 28.76 45.49
CA ALA D 674 -57.02 27.55 46.21
C ALA D 674 -56.69 26.27 45.45
N ILE D 675 -56.53 26.39 44.14
CA ILE D 675 -56.28 25.24 43.25
C ILE D 675 -54.81 24.77 43.29
N ASP D 676 -53.88 25.73 43.36
CA ASP D 676 -52.44 25.44 43.41
C ASP D 676 -51.89 25.39 44.85
N GLU D 677 -52.68 25.88 45.81
CA GLU D 677 -52.30 25.85 47.22
C GLU D 677 -52.65 24.51 47.87
N ASN D 678 -53.57 23.75 47.26
CA ASN D 678 -53.79 22.36 47.61
C ASN D 678 -52.66 21.50 47.08
N LYS D 679 -52.17 21.87 45.90
CA LYS D 679 -51.01 21.23 45.28
C LYS D 679 -49.76 21.36 46.17
N GLN D 680 -49.44 22.59 46.57
CA GLN D 680 -48.26 22.85 47.39
C GLN D 680 -48.35 22.22 48.78
N LYS D 681 -49.55 22.21 49.35
CA LYS D 681 -49.82 21.49 50.60
C LYS D 681 -49.52 20.00 50.45
N ALA D 682 -50.08 19.38 49.41
CA ALA D 682 -49.90 17.95 49.17
C ALA D 682 -48.47 17.62 48.75
N LEU D 683 -47.83 18.57 48.05
CA LEU D 683 -46.44 18.42 47.61
C LEU D 683 -45.51 18.38 48.80
N ALA D 684 -45.59 19.40 49.65
CA ALA D 684 -44.78 19.47 50.87
C ALA D 684 -44.96 18.21 51.73
N ALA D 685 -46.21 17.75 51.84
CA ALA D 685 -46.52 16.54 52.62
C ALA D 685 -45.86 15.28 52.05
N ALA D 686 -45.99 15.08 50.74
CA ALA D 686 -45.36 13.95 50.07
C ALA D 686 -43.83 14.03 50.18
N LEU D 687 -43.28 15.23 49.99
CA LEU D 687 -41.84 15.48 50.13
C LEU D 687 -41.36 15.16 51.54
N GLY D 688 -42.08 15.68 52.54
CA GLY D 688 -41.81 15.38 53.94
C GLY D 688 -41.86 13.89 54.24
N GLN D 689 -42.82 13.21 53.61
CA GLN D 689 -42.97 11.76 53.73
C GLN D 689 -41.78 11.00 53.14
N ILE D 690 -41.38 11.40 51.93
CA ILE D 690 -40.26 10.77 51.25
C ILE D 690 -38.99 10.89 52.09
N GLU D 691 -38.77 12.07 52.64
CA GLU D 691 -37.60 12.34 53.46
C GLU D 691 -37.61 11.57 54.77
N LYS D 692 -38.79 11.44 55.37
CA LYS D 692 -38.96 10.66 56.60
C LYS D 692 -38.69 9.18 56.35
N GLN D 693 -39.17 8.66 55.22
CA GLN D 693 -38.99 7.26 54.83
C GLN D 693 -37.58 6.92 54.37
N PHE D 694 -36.95 7.79 53.58
CA PHE D 694 -35.69 7.45 52.93
C PHE D 694 -34.48 8.29 53.36
N GLY D 695 -34.65 9.12 54.37
CA GLY D 695 -33.53 9.91 54.90
C GLY D 695 -33.50 11.34 54.40
N LYS D 696 -32.63 12.14 55.02
CA LYS D 696 -32.49 13.58 54.75
C LYS D 696 -32.56 13.97 53.28
N GLY D 697 -31.43 13.93 52.59
CA GLY D 697 -31.37 14.52 51.24
C GLY D 697 -31.88 13.64 50.10
N SER D 698 -32.84 12.76 50.38
CA SER D 698 -33.28 11.79 49.39
C SER D 698 -34.11 12.39 48.24
N ILE D 699 -34.68 13.57 48.46
CA ILE D 699 -35.25 14.37 47.37
C ILE D 699 -35.07 15.86 47.69
N MET D 700 -34.67 16.63 46.68
CA MET D 700 -34.60 18.08 46.81
C MET D 700 -34.60 18.81 45.47
N ARG D 701 -34.72 20.14 45.53
CA ARG D 701 -34.61 20.98 44.34
C ARG D 701 -33.20 20.87 43.81
N LEU D 702 -33.08 20.66 42.50
CA LEU D 702 -31.78 20.49 41.87
C LEU D 702 -30.86 21.66 42.16
N GLY D 703 -31.39 22.87 42.03
CA GLY D 703 -30.61 24.09 42.15
C GLY D 703 -29.86 24.22 43.46
N GLU D 704 -30.35 23.58 44.50
CA GLU D 704 -29.75 23.70 45.82
C GLU D 704 -29.03 22.44 46.28
N ASP D 705 -28.87 21.46 45.40
CA ASP D 705 -28.10 20.27 45.73
C ASP D 705 -26.63 20.45 45.38
N ARG D 706 -25.81 20.73 46.40
CA ARG D 706 -24.38 20.92 46.22
C ARG D 706 -23.64 19.67 45.78
N SER D 707 -24.12 18.50 46.21
CA SER D 707 -23.48 17.24 45.90
C SER D 707 -23.60 16.88 44.40
N MET D 708 -24.33 17.71 43.67
CA MET D 708 -24.61 17.47 42.27
C MET D 708 -23.69 18.28 41.35
N ASP D 709 -22.97 19.24 41.94
CA ASP D 709 -22.02 20.06 41.20
C ASP D 709 -20.85 19.23 40.67
N VAL D 710 -20.39 19.54 39.45
CA VAL D 710 -19.29 18.80 38.79
C VAL D 710 -17.92 19.35 39.20
N GLU D 711 -17.06 18.48 39.74
CA GLU D 711 -15.71 18.84 40.12
C GLU D 711 -14.74 18.03 39.28
N THR D 712 -13.63 18.62 38.84
CA THR D 712 -12.68 17.90 37.98
C THR D 712 -11.24 17.76 38.50
N ILE D 713 -10.53 16.79 37.93
CA ILE D 713 -9.15 16.48 38.21
C ILE D 713 -8.39 16.59 36.89
N SER D 714 -7.18 17.13 36.92
CA SER D 714 -6.36 17.21 35.71
C SER D 714 -6.00 15.82 35.15
N THR D 715 -5.82 15.74 33.84
CA THR D 715 -5.45 14.49 33.20
C THR D 715 -3.94 14.36 33.05
N GLY D 716 -3.21 15.43 33.38
CA GLY D 716 -1.77 15.47 33.13
C GLY D 716 -1.40 16.05 31.78
N SER D 717 -2.39 16.15 30.89
CA SER D 717 -2.25 16.83 29.61
C SER D 717 -3.09 18.11 29.58
N LEU D 718 -2.46 19.24 29.23
CA LEU D 718 -3.17 20.51 29.20
C LEU D 718 -4.16 20.55 28.05
N SER D 719 -3.75 20.06 26.88
CA SER D 719 -4.62 20.11 25.72
C SER D 719 -5.82 19.17 25.87
N LEU D 720 -5.63 18.04 26.57
CA LEU D 720 -6.73 17.14 26.91
C LEU D 720 -7.71 17.82 27.86
N ASP D 721 -7.17 18.45 28.91
CA ASP D 721 -7.99 19.19 29.87
C ASP D 721 -8.84 20.21 29.14
N ILE D 722 -8.28 20.82 28.10
CA ILE D 722 -9.03 21.77 27.28
C ILE D 722 -10.08 21.06 26.44
N ALA D 723 -9.70 19.95 25.83
CA ALA D 723 -10.60 19.17 24.98
C ALA D 723 -11.82 18.71 25.76
N LEU D 724 -11.62 18.35 27.03
CA LEU D 724 -12.69 17.87 27.91
C LEU D 724 -13.67 18.97 28.29
N GLY D 725 -13.33 20.21 27.96
CA GLY D 725 -14.24 21.33 28.14
C GLY D 725 -14.32 21.85 29.55
N ALA D 726 -14.43 20.92 30.51
CA ALA D 726 -14.55 21.26 31.92
C ALA D 726 -13.20 21.36 32.65
N GLY D 727 -12.10 21.06 31.95
CA GLY D 727 -10.78 21.21 32.53
C GLY D 727 -10.16 19.95 33.10
N GLY D 728 -10.86 18.82 32.97
CA GLY D 728 -10.35 17.54 33.44
C GLY D 728 -11.44 16.51 33.56
N LEU D 729 -11.10 15.38 34.20
CA LEU D 729 -12.05 14.27 34.40
C LEU D 729 -12.93 14.54 35.61
N PRO D 730 -14.22 14.16 35.53
CA PRO D 730 -15.16 14.46 36.62
C PRO D 730 -15.12 13.48 37.80
N MET D 731 -15.03 14.03 39.00
CA MET D 731 -15.04 13.23 40.22
C MET D 731 -16.39 12.56 40.44
N GLY D 732 -16.36 11.37 41.01
CA GLY D 732 -17.59 10.65 41.31
C GLY D 732 -18.27 10.05 40.10
N ARG D 733 -17.51 9.89 39.01
CA ARG D 733 -18.05 9.41 37.76
C ARG D 733 -17.19 8.27 37.25
N ILE D 734 -17.67 7.60 36.20
CA ILE D 734 -16.93 6.54 35.50
C ILE D 734 -16.35 7.09 34.18
N VAL D 735 -15.11 6.74 33.88
CA VAL D 735 -14.47 7.18 32.67
C VAL D 735 -13.88 5.94 31.98
N GLU D 736 -13.97 5.88 30.65
CA GLU D 736 -13.35 4.79 29.89
C GLU D 736 -12.27 5.34 28.97
N ILE D 737 -11.13 4.66 28.89
CA ILE D 737 -10.06 5.01 27.95
C ILE D 737 -9.76 3.77 27.11
N TYR D 738 -9.82 3.91 25.79
CA TYR D 738 -9.52 2.79 24.93
C TYR D 738 -8.63 3.19 23.74
N GLY D 739 -7.96 2.20 23.16
CA GLY D 739 -7.09 2.44 22.04
C GLY D 739 -6.25 1.21 21.74
N PRO D 740 -5.49 1.24 20.63
CA PRO D 740 -4.62 0.14 20.23
C PRO D 740 -3.51 -0.14 21.24
N GLU D 741 -2.75 -1.22 21.04
CA GLU D 741 -1.65 -1.52 21.96
C GLU D 741 -0.61 -0.44 21.98
N SER D 742 -0.08 -0.16 23.17
CA SER D 742 1.00 0.81 23.36
C SER D 742 0.63 2.21 22.91
N SER D 743 -0.65 2.55 22.99
CA SER D 743 -1.10 3.87 22.58
C SER D 743 -0.97 4.88 23.72
N GLY D 744 -0.74 4.40 24.92
CA GLY D 744 -0.50 5.27 26.06
C GLY D 744 -1.59 5.28 27.11
N LYS D 745 -2.41 4.24 27.14
CA LYS D 745 -3.51 4.16 28.08
C LYS D 745 -3.01 4.15 29.55
N THR D 746 -2.12 3.22 29.87
CA THR D 746 -1.62 3.11 31.24
C THR D 746 -0.89 4.40 31.62
N THR D 747 0.01 4.84 30.75
CA THR D 747 0.75 6.06 30.94
C THR D 747 -0.19 7.20 31.33
N LEU D 748 -1.20 7.45 30.50
CA LEU D 748 -2.13 8.57 30.73
C LEU D 748 -2.71 8.47 32.13
N THR D 749 -3.23 7.29 32.41
CA THR D 749 -3.77 6.91 33.70
C THR D 749 -2.84 7.21 34.90
N LEU D 750 -1.57 6.86 34.76
CA LEU D 750 -0.61 7.09 35.83
C LEU D 750 -0.36 8.58 35.99
N GLN D 751 -0.41 9.32 34.88
CA GLN D 751 -0.24 10.76 34.93
C GLN D 751 -1.40 11.42 35.66
N VAL D 752 -2.62 10.89 35.50
CA VAL D 752 -3.72 11.44 36.29
C VAL D 752 -3.56 11.10 37.77
N ILE D 753 -3.13 9.87 38.06
CA ILE D 753 -2.81 9.49 39.44
C ILE D 753 -1.75 10.41 40.05
N ALA D 754 -0.65 10.64 39.32
CA ALA D 754 0.43 11.50 39.82
C ALA D 754 -0.08 12.93 40.16
N ALA D 755 -0.88 13.50 39.26
CA ALA D 755 -1.45 14.83 39.45
C ALA D 755 -2.36 14.87 40.67
N ALA D 756 -3.13 13.81 40.85
CA ALA D 756 -4.03 13.68 41.99
C ALA D 756 -3.26 13.59 43.31
N GLN D 757 -2.20 12.77 43.32
CA GLN D 757 -1.39 12.59 44.51
C GLN D 757 -0.69 13.89 44.88
N ARG D 758 -0.27 14.63 43.87
CA ARG D 758 0.37 15.92 44.01
C ARG D 758 -0.56 16.91 44.74
N GLU D 759 -1.87 16.65 44.69
CA GLU D 759 -2.88 17.47 45.38
C GLU D 759 -3.39 16.82 46.66
N GLY D 760 -2.69 15.79 47.14
CA GLY D 760 -3.05 15.13 48.39
C GLY D 760 -4.15 14.09 48.31
N LYS D 761 -4.54 13.72 47.09
CA LYS D 761 -5.58 12.71 46.91
C LYS D 761 -5.02 11.29 47.03
N THR D 762 -5.89 10.33 47.34
CA THR D 762 -5.49 8.93 47.50
C THR D 762 -5.93 8.12 46.30
N CYS D 763 -5.03 7.30 45.78
CA CYS D 763 -5.32 6.55 44.55
C CYS D 763 -5.12 5.05 44.67
N ALA D 764 -5.86 4.30 43.87
CA ALA D 764 -5.70 2.85 43.80
C ALA D 764 -5.60 2.41 42.35
N PHE D 765 -4.81 1.37 42.13
CA PHE D 765 -4.59 0.85 40.78
C PHE D 765 -4.88 -0.64 40.77
N ILE D 766 -5.86 -1.05 39.98
CA ILE D 766 -6.18 -2.46 39.86
C ILE D 766 -5.52 -3.00 38.58
N ASP D 767 -4.38 -3.65 38.75
CA ASP D 767 -3.60 -4.16 37.62
C ASP D 767 -4.05 -5.56 37.19
N ALA D 768 -5.23 -5.62 36.56
CA ALA D 768 -5.79 -6.91 36.12
C ALA D 768 -4.98 -7.50 34.98
N GLU D 769 -4.33 -6.62 34.22
CA GLU D 769 -3.52 -6.99 33.09
C GLU D 769 -2.17 -7.58 33.54
N HIS D 770 -1.87 -7.42 34.84
CA HIS D 770 -0.64 -7.94 35.45
C HIS D 770 0.59 -7.47 34.70
N ALA D 771 0.68 -6.17 34.45
CA ALA D 771 1.77 -5.64 33.67
C ALA D 771 2.26 -4.25 34.11
N LEU D 772 1.95 -3.88 35.36
CA LEU D 772 2.41 -2.59 35.88
C LEU D 772 3.87 -2.63 36.32
N ASP D 773 4.65 -1.70 35.79
CA ASP D 773 6.07 -1.57 36.18
C ASP D 773 6.22 -0.45 37.22
N PRO D 774 6.40 -0.82 38.50
CA PRO D 774 6.45 0.16 39.58
C PRO D 774 7.54 1.21 39.38
N ILE D 775 8.72 0.77 38.95
CA ILE D 775 9.81 1.70 38.66
C ILE D 775 9.41 2.71 37.58
N TYR D 776 8.71 2.25 36.54
CA TYR D 776 8.26 3.16 35.51
C TYR D 776 7.24 4.16 36.05
N ALA D 777 6.29 3.66 36.84
CA ALA D 777 5.29 4.52 37.44
C ALA D 777 5.97 5.65 38.22
N ARG D 778 7.06 5.31 38.92
CA ARG D 778 7.80 6.31 39.66
C ARG D 778 8.37 7.38 38.74
N LYS D 779 8.94 6.95 37.62
CA LYS D 779 9.52 7.87 36.66
C LYS D 779 8.47 8.84 36.12
N LEU D 780 7.24 8.39 36.00
CA LEU D 780 6.16 9.28 35.57
C LEU D 780 5.64 10.17 36.71
N GLY D 781 6.32 10.16 37.85
CA GLY D 781 5.98 11.02 38.98
C GLY D 781 4.94 10.49 39.94
N VAL D 782 4.62 9.20 39.87
CA VAL D 782 3.70 8.58 40.81
C VAL D 782 4.38 8.33 42.14
N ASP D 783 3.69 8.63 43.24
CA ASP D 783 4.14 8.26 44.57
C ASP D 783 3.87 6.78 44.82
N ILE D 784 4.83 5.97 44.40
CA ILE D 784 4.78 4.51 44.46
C ILE D 784 4.39 4.01 45.86
N ASP D 785 4.96 4.66 46.88
CA ASP D 785 4.78 4.25 48.26
C ASP D 785 3.37 4.43 48.82
N ASN D 786 2.56 5.26 48.16
CA ASN D 786 1.20 5.51 48.63
C ASN D 786 0.14 5.08 47.64
N LEU D 787 0.56 4.50 46.53
CA LEU D 787 -0.38 4.03 45.53
C LEU D 787 -0.86 2.65 45.95
N LEU D 788 -2.14 2.53 46.28
CA LEU D 788 -2.74 1.25 46.57
C LEU D 788 -2.80 0.47 45.26
N CYS D 789 -2.39 -0.79 45.34
CA CYS D 789 -2.25 -1.59 44.15
C CYS D 789 -2.75 -3.00 44.38
N SER D 790 -3.46 -3.51 43.40
CA SER D 790 -4.01 -4.83 43.49
C SER D 790 -3.90 -5.58 42.16
N GLN D 791 -3.46 -6.84 42.22
CA GLN D 791 -3.49 -7.73 41.06
C GLN D 791 -4.45 -8.87 41.39
N PRO D 792 -5.75 -8.67 41.11
CA PRO D 792 -6.81 -9.56 41.57
C PRO D 792 -6.86 -10.87 40.78
N ASP D 793 -7.44 -11.90 41.38
CA ASP D 793 -7.50 -13.21 40.76
C ASP D 793 -8.61 -13.35 39.72
N THR D 794 -9.79 -12.81 40.02
CA THR D 794 -10.92 -12.88 39.11
C THR D 794 -11.46 -11.49 38.86
N GLY D 795 -12.24 -11.34 37.79
CA GLY D 795 -12.90 -10.09 37.47
C GLY D 795 -13.86 -9.65 38.57
N GLU D 796 -14.60 -10.60 39.14
CA GLU D 796 -15.53 -10.30 40.22
C GLU D 796 -14.79 -9.74 41.43
N GLN D 797 -13.65 -10.34 41.73
CA GLN D 797 -12.78 -9.85 42.80
C GLN D 797 -12.32 -8.42 42.50
N ALA D 798 -11.83 -8.18 41.29
CA ALA D 798 -11.41 -6.84 40.89
C ALA D 798 -12.50 -5.81 41.14
N LEU D 799 -13.72 -6.14 40.75
CA LEU D 799 -14.84 -5.21 40.87
C LEU D 799 -15.34 -5.12 42.29
N GLU D 800 -15.25 -6.20 43.05
CA GLU D 800 -15.61 -6.15 44.47
C GLU D 800 -14.68 -5.26 45.26
N ILE D 801 -13.41 -5.25 44.87
CA ILE D 801 -12.43 -4.35 45.47
C ILE D 801 -12.77 -2.90 45.14
N CYS D 802 -13.11 -2.62 43.88
CA CYS D 802 -13.58 -1.30 43.48
C CYS D 802 -14.74 -0.82 44.32
N ASP D 803 -15.73 -1.69 44.50
CA ASP D 803 -16.90 -1.34 45.26
C ASP D 803 -16.52 -1.02 46.70
N ALA D 804 -15.72 -1.90 47.30
CA ALA D 804 -15.29 -1.74 48.68
C ALA D 804 -14.51 -0.45 48.89
N LEU D 805 -13.65 -0.10 47.93
CA LEU D 805 -12.86 1.13 48.00
C LEU D 805 -13.73 2.36 47.82
N ALA D 806 -14.65 2.28 46.86
CA ALA D 806 -15.65 3.32 46.68
C ALA D 806 -16.42 3.56 47.98
N ARG D 807 -17.02 2.50 48.54
CA ARG D 807 -17.86 2.61 49.72
C ARG D 807 -17.14 3.18 50.94
N SER D 808 -15.82 3.00 51.00
CA SER D 808 -15.05 3.47 52.16
C SER D 808 -14.99 4.98 52.23
N GLY D 809 -15.04 5.62 51.06
CA GLY D 809 -14.96 7.08 50.98
C GLY D 809 -13.57 7.62 51.22
N ALA D 810 -12.58 6.74 51.26
CA ALA D 810 -11.20 7.12 51.55
C ALA D 810 -10.27 7.11 50.33
N VAL D 811 -10.79 6.66 49.18
CA VAL D 811 -10.01 6.65 47.95
C VAL D 811 -10.64 7.63 46.96
N ASP D 812 -9.79 8.42 46.28
CA ASP D 812 -10.24 9.51 45.42
C ASP D 812 -10.32 9.11 43.95
N VAL D 813 -9.30 8.39 43.46
CA VAL D 813 -9.35 7.85 42.12
C VAL D 813 -8.88 6.40 42.08
N ILE D 814 -9.63 5.59 41.35
CA ILE D 814 -9.33 4.19 41.15
C ILE D 814 -9.22 3.97 39.65
N VAL D 815 -8.16 3.30 39.20
CA VAL D 815 -8.10 2.88 37.81
C VAL D 815 -7.99 1.37 37.67
N VAL D 816 -8.83 0.81 36.81
CA VAL D 816 -8.86 -0.62 36.53
C VAL D 816 -8.16 -0.83 35.21
N ASP D 817 -7.00 -1.47 35.24
CA ASP D 817 -6.24 -1.66 34.01
C ASP D 817 -6.66 -2.92 33.27
N SER D 818 -7.45 -2.63 32.22
CA SER D 818 -8.03 -3.54 31.24
C SER D 818 -9.25 -4.22 31.74
N VAL D 819 -10.39 -3.80 31.21
CA VAL D 819 -11.61 -4.57 31.40
C VAL D 819 -11.43 -5.86 30.63
N ALA D 820 -10.57 -5.82 29.61
CA ALA D 820 -10.31 -6.99 28.78
C ALA D 820 -9.75 -8.12 29.61
N ALA D 821 -9.07 -7.75 30.69
CA ALA D 821 -8.39 -8.71 31.57
C ALA D 821 -9.26 -9.14 32.76
N LEU D 822 -10.47 -8.58 32.87
CA LEU D 822 -11.42 -8.92 33.91
C LEU D 822 -12.11 -10.24 33.61
N THR D 823 -11.52 -11.35 34.06
CA THR D 823 -12.02 -12.68 33.72
C THR D 823 -12.97 -13.21 34.78
N PRO D 824 -14.21 -13.51 34.39
CA PRO D 824 -15.18 -14.10 35.32
C PRO D 824 -14.66 -15.37 35.98
N LYS D 825 -15.07 -15.57 37.23
CA LYS D 825 -14.64 -16.69 38.06
C LYS D 825 -14.89 -18.02 37.37
N ALA D 826 -16.07 -18.18 36.78
CA ALA D 826 -16.44 -19.41 36.08
C ALA D 826 -15.51 -19.70 34.90
N GLU D 827 -15.06 -18.64 34.22
CA GLU D 827 -14.14 -18.77 33.10
C GLU D 827 -12.75 -19.21 33.56
N ILE D 828 -12.25 -18.58 34.63
CA ILE D 828 -10.93 -18.91 35.21
C ILE D 828 -10.85 -20.36 35.68
N GLU D 829 -11.91 -20.85 36.30
CA GLU D 829 -11.94 -22.23 36.79
C GLU D 829 -12.25 -23.22 35.68
N GLY D 830 -12.98 -22.78 34.66
CA GLY D 830 -13.27 -23.60 33.49
C GLY D 830 -12.03 -23.82 32.63
N GLU D 831 -12.16 -24.64 31.60
CA GLU D 831 -11.06 -24.90 30.68
C GLU D 831 -11.01 -23.87 29.56
N ILE D 832 -9.89 -23.83 28.83
CA ILE D 832 -9.78 -23.01 27.64
C ILE D 832 -10.58 -23.67 26.52
N GLY D 833 -11.52 -22.91 25.95
CA GLY D 833 -12.39 -23.42 24.92
C GLY D 833 -13.79 -23.72 25.42
N ASP D 834 -13.99 -23.64 26.74
CA ASP D 834 -15.33 -23.65 27.32
C ASP D 834 -15.96 -22.31 26.95
N SER D 835 -17.22 -22.32 26.54
CA SER D 835 -17.88 -21.08 26.15
C SER D 835 -18.63 -20.45 27.33
N HIS D 836 -18.31 -19.19 27.59
CA HIS D 836 -18.98 -18.42 28.63
C HIS D 836 -19.57 -17.18 27.98
N MET D 837 -20.42 -17.42 26.99
CA MET D 837 -20.95 -16.35 26.14
C MET D 837 -21.54 -15.19 26.91
N GLY D 838 -20.86 -14.04 26.76
CA GLY D 838 -21.27 -12.80 27.40
C GLY D 838 -21.36 -12.88 28.91
N LEU D 839 -20.51 -13.70 29.52
CA LEU D 839 -20.46 -13.79 30.96
C LEU D 839 -19.80 -12.55 31.52
N ALA D 840 -18.76 -12.09 30.84
CA ALA D 840 -18.05 -10.86 31.24
C ALA D 840 -18.97 -9.66 31.05
N ALA D 841 -19.76 -9.69 30.00
CA ALA D 841 -20.70 -8.62 29.71
C ALA D 841 -21.74 -8.48 30.82
N ARG D 842 -22.36 -9.59 31.21
CA ARG D 842 -23.37 -9.55 32.27
C ARG D 842 -22.75 -9.15 33.62
N MET D 843 -21.49 -9.51 33.81
CA MET D 843 -20.74 -9.11 34.99
C MET D 843 -20.54 -7.60 35.04
N MET D 844 -20.08 -7.03 33.93
CA MET D 844 -19.88 -5.59 33.80
C MET D 844 -21.18 -4.81 34.00
N SER D 845 -22.26 -5.36 33.45
CA SER D 845 -23.57 -4.77 33.55
C SER D 845 -24.03 -4.70 35.00
N GLN D 846 -23.81 -5.77 35.75
CA GLN D 846 -24.11 -5.79 37.18
C GLN D 846 -23.21 -4.83 37.97
N ALA D 847 -21.93 -4.79 37.62
CA ALA D 847 -20.98 -3.91 38.29
C ALA D 847 -21.38 -2.43 38.18
N MET D 848 -21.71 -1.96 36.97
CA MET D 848 -22.08 -0.55 36.75
C MET D 848 -23.28 -0.14 37.61
N ARG D 849 -24.33 -0.96 37.55
CA ARG D 849 -25.51 -0.86 38.37
C ARG D 849 -25.14 -0.56 39.84
N LYS D 850 -24.17 -1.31 40.39
CA LYS D 850 -23.79 -1.19 41.81
C LYS D 850 -22.82 -0.06 42.05
N LEU D 851 -21.85 0.11 41.15
CA LEU D 851 -20.80 1.10 41.31
C LEU D 851 -21.24 2.56 41.17
N ALA D 852 -22.10 2.85 40.20
CA ALA D 852 -22.47 4.23 39.87
C ALA D 852 -22.89 5.03 41.09
N GLY D 853 -23.78 4.46 41.90
CA GLY D 853 -24.28 5.13 43.09
C GLY D 853 -23.21 5.32 44.15
N ASN D 854 -22.41 4.29 44.41
CA ASN D 854 -21.36 4.35 45.42
C ASN D 854 -20.29 5.37 45.06
N LEU D 855 -19.92 5.41 43.79
CA LEU D 855 -18.89 6.33 43.34
C LEU D 855 -19.31 7.77 43.54
N LYS D 856 -20.56 8.09 43.22
CA LYS D 856 -21.07 9.44 43.35
C LYS D 856 -21.10 9.88 44.81
N GLN D 857 -21.59 9.03 45.70
CA GLN D 857 -21.73 9.39 47.11
C GLN D 857 -20.40 9.44 47.88
N SER D 858 -19.31 8.99 47.27
CA SER D 858 -17.97 9.10 47.85
C SER D 858 -17.13 10.09 47.08
N ASN D 859 -17.67 10.62 45.98
CA ASN D 859 -16.95 11.50 45.08
C ASN D 859 -15.67 10.87 44.52
N THR D 860 -15.77 9.59 44.17
CA THR D 860 -14.63 8.79 43.69
C THR D 860 -14.66 8.67 42.17
N LEU D 861 -13.53 8.98 41.54
CA LEU D 861 -13.37 8.81 40.09
C LEU D 861 -12.91 7.41 39.77
N LEU D 862 -13.61 6.71 38.88
CA LEU D 862 -13.23 5.38 38.46
C LEU D 862 -12.92 5.35 36.98
N ILE D 863 -11.66 5.08 36.63
CA ILE D 863 -11.25 5.00 35.24
C ILE D 863 -11.05 3.54 34.82
N PHE D 864 -11.76 3.13 33.76
CA PHE D 864 -11.58 1.81 33.16
C PHE D 864 -10.77 1.94 31.90
N ILE D 865 -9.67 1.22 31.82
CA ILE D 865 -8.94 1.14 30.57
C ILE D 865 -9.54 -0.03 29.79
N ASN D 866 -9.72 0.14 28.48
CA ASN D 866 -10.19 -0.97 27.65
C ASN D 866 -9.31 -1.21 26.42
N GLN D 867 -9.36 -2.43 25.89
CA GLN D 867 -8.67 -2.77 24.66
C GLN D 867 -9.66 -2.77 23.48
N ILE D 868 -9.11 -2.89 22.28
CA ILE D 868 -9.91 -2.90 21.07
C ILE D 868 -10.00 -4.32 20.49
N ARG D 869 -11.18 -4.69 20.01
CA ARG D 869 -11.33 -5.91 19.22
C ARG D 869 -12.04 -5.56 17.93
N MET D 870 -11.98 -6.45 16.96
CA MET D 870 -12.68 -6.25 15.73
C MET D 870 -14.07 -6.91 15.81
N LYS D 871 -15.11 -6.32 15.24
CA LYS D 871 -16.34 -7.08 15.10
C LYS D 871 -16.45 -7.68 13.70
N ILE D 872 -16.55 -9.01 13.66
CA ILE D 872 -16.46 -9.78 12.42
C ILE D 872 -17.71 -9.58 11.54
N GLY D 873 -17.53 -9.62 10.22
CA GLY D 873 -18.62 -9.47 9.26
C GLY D 873 -19.22 -8.08 9.17
N VAL D 874 -18.43 -7.07 9.53
CA VAL D 874 -18.87 -5.68 9.47
C VAL D 874 -18.00 -4.89 8.48
N MET D 875 -18.55 -4.67 7.28
CA MET D 875 -17.89 -3.87 6.24
C MET D 875 -18.65 -2.56 6.01
N PHE D 876 -19.09 -1.94 7.10
CA PHE D 876 -19.88 -0.71 7.06
C PHE D 876 -19.61 0.13 8.30
N GLY D 877 -18.94 1.25 8.11
CA GLY D 877 -18.51 2.09 9.21
C GLY D 877 -17.30 1.49 9.89
N ASN D 878 -17.36 1.42 11.22
CA ASN D 878 -16.20 1.08 12.03
C ASN D 878 -16.22 -0.37 12.53
N PRO D 879 -15.20 -1.16 12.17
CA PRO D 879 -15.16 -2.55 12.63
C PRO D 879 -14.61 -2.68 14.06
N GLU D 880 -14.22 -1.59 14.70
CA GLU D 880 -13.64 -1.62 16.03
C GLU D 880 -14.68 -1.70 17.14
N THR D 881 -14.36 -2.43 18.21
CA THR D 881 -15.18 -2.46 19.41
C THR D 881 -14.28 -2.48 20.60
N THR D 882 -14.92 -2.65 21.74
CA THR D 882 -14.32 -2.51 23.02
C THR D 882 -14.73 -3.81 23.77
N THR D 883 -13.96 -4.21 24.76
CA THR D 883 -14.29 -5.44 25.49
C THR D 883 -15.36 -5.23 26.56
N GLY D 884 -16.05 -6.30 26.92
CA GLY D 884 -16.83 -6.35 28.15
C GLY D 884 -18.25 -5.89 28.04
N GLY D 885 -18.72 -5.77 26.80
CA GLY D 885 -20.14 -5.50 26.56
C GLY D 885 -20.52 -4.05 26.45
N ASN D 886 -21.81 -3.79 26.62
CA ASN D 886 -22.40 -2.48 26.36
C ASN D 886 -22.60 -1.56 27.56
N ALA D 887 -22.68 -2.12 28.76
CA ALA D 887 -22.93 -1.33 29.96
C ALA D 887 -21.99 -0.11 30.11
N LEU D 888 -20.69 -0.35 30.02
CA LEU D 888 -19.72 0.70 30.22
C LEU D 888 -19.90 1.92 29.29
N LYS D 889 -20.22 1.69 28.01
CA LYS D 889 -20.56 2.77 27.06
C LYS D 889 -21.56 3.73 27.70
N PHE D 890 -22.63 3.18 28.27
CA PHE D 890 -23.71 3.98 28.83
C PHE D 890 -23.32 4.68 30.12
N TYR D 891 -22.63 3.99 31.01
CA TYR D 891 -22.34 4.54 32.32
C TYR D 891 -21.19 5.53 32.34
N ALA D 892 -20.32 5.48 31.34
CA ALA D 892 -19.18 6.39 31.32
C ALA D 892 -19.63 7.84 31.11
N SER D 893 -19.11 8.76 31.92
CA SER D 893 -19.40 10.18 31.73
C SER D 893 -18.47 10.78 30.69
N VAL D 894 -17.31 10.17 30.52
CA VAL D 894 -16.35 10.53 29.50
C VAL D 894 -15.82 9.25 28.87
N ARG D 895 -15.70 9.23 27.54
CA ARG D 895 -14.96 8.14 26.88
C ARG D 895 -13.87 8.74 26.00
N LEU D 896 -12.67 8.17 26.10
CA LEU D 896 -11.49 8.67 25.42
C LEU D 896 -10.94 7.63 24.47
N ASP D 897 -10.70 8.02 23.22
CA ASP D 897 -10.01 7.19 22.23
C ASP D 897 -8.58 7.73 22.09
N ILE D 898 -7.60 6.98 22.58
CA ILE D 898 -6.20 7.39 22.48
C ILE D 898 -5.44 6.60 21.39
N ARG D 899 -4.57 7.29 20.66
CA ARG D 899 -3.85 6.70 19.52
C ARG D 899 -2.45 7.25 19.31
N ARG D 900 -1.51 6.37 18.98
CA ARG D 900 -0.16 6.81 18.61
C ARG D 900 -0.15 7.17 17.15
N ILE D 901 0.22 8.40 16.83
CA ILE D 901 0.14 8.90 15.45
C ILE D 901 1.49 9.17 14.81
N GLY D 902 2.56 8.95 15.56
CA GLY D 902 3.91 9.12 15.03
C GLY D 902 4.99 9.00 16.08
N ALA D 903 6.24 9.19 15.64
CA ALA D 903 7.41 9.03 16.50
C ALA D 903 8.02 10.39 16.85
N VAL D 904 8.47 10.52 18.09
CA VAL D 904 9.29 11.68 18.51
C VAL D 904 10.76 11.24 18.45
N LYS D 905 11.57 11.99 17.71
CA LYS D 905 12.93 11.58 17.40
C LYS D 905 14.05 12.55 17.77
N GLU D 906 15.10 12.03 18.40
CA GLU D 906 16.37 12.73 18.62
C GLU D 906 17.33 12.30 17.53
N GLY D 907 17.13 12.83 16.32
CA GLY D 907 17.85 12.37 15.14
C GLY D 907 17.61 10.89 14.90
N GLU D 908 18.52 10.06 15.43
CA GLU D 908 18.46 8.62 15.28
C GLU D 908 17.40 7.98 16.17
N ASN D 909 17.45 8.28 17.47
CA ASN D 909 16.68 7.54 18.47
C ASN D 909 15.22 7.95 18.57
N VAL D 910 14.35 6.97 18.68
CA VAL D 910 12.94 7.20 18.95
C VAL D 910 12.83 7.40 20.46
N VAL D 911 12.50 8.60 20.87
CA VAL D 911 12.55 8.97 22.28
C VAL D 911 11.15 9.19 22.90
N GLY D 912 10.13 9.21 22.04
CA GLY D 912 8.75 9.32 22.50
C GLY D 912 7.71 8.98 21.43
N SER D 913 6.45 9.04 21.83
CA SER D 913 5.31 8.79 20.95
C SER D 913 4.51 10.06 20.76
N GLU D 914 4.27 10.40 19.50
CA GLU D 914 3.34 11.46 19.17
C GLU D 914 1.91 10.92 19.33
N THR D 915 1.08 11.61 20.11
CA THR D 915 -0.19 11.05 20.57
C THR D 915 -1.41 11.92 20.29
N ARG D 916 -2.53 11.28 19.93
CA ARG D 916 -3.83 11.96 19.75
C ARG D 916 -4.90 11.31 20.61
N VAL D 917 -5.67 12.14 21.33
CA VAL D 917 -6.82 11.65 22.09
C VAL D 917 -8.08 12.33 21.58
N LYS D 918 -9.11 11.55 21.24
CA LYS D 918 -10.42 12.13 20.86
C LYS D 918 -11.38 11.96 22.02
N VAL D 919 -12.13 12.99 22.33
CA VAL D 919 -13.17 12.83 23.34
C VAL D 919 -14.38 12.31 22.62
N VAL D 920 -14.60 11.01 22.76
CA VAL D 920 -15.57 10.30 21.98
C VAL D 920 -16.98 10.33 22.61
N LYS D 921 -17.03 10.47 23.93
CA LYS D 921 -18.28 10.71 24.68
C LYS D 921 -18.01 11.71 25.80
N ASN D 922 -18.97 12.61 26.00
CA ASN D 922 -18.85 13.61 27.05
C ASN D 922 -20.20 14.08 27.60
N LYS D 923 -20.36 13.91 28.90
CA LYS D 923 -21.57 14.26 29.62
C LYS D 923 -21.40 15.54 30.44
N ILE D 924 -20.18 16.10 30.48
CA ILE D 924 -19.93 17.27 31.31
C ILE D 924 -19.60 18.51 30.47
N ALA D 925 -19.38 18.30 29.17
CA ALA D 925 -19.13 19.39 28.20
C ALA D 925 -19.36 18.82 26.80
N ALA D 926 -19.26 19.64 25.76
CA ALA D 926 -19.39 19.16 24.38
C ALA D 926 -18.40 18.02 24.10
N PRO D 927 -18.85 16.99 23.33
CA PRO D 927 -17.94 15.93 22.91
C PRO D 927 -17.19 16.26 21.61
N PHE D 928 -16.28 15.37 21.22
CA PHE D 928 -15.64 15.36 19.88
C PHE D 928 -14.51 16.37 19.67
N LYS D 929 -14.07 17.02 20.73
CA LYS D 929 -12.83 17.81 20.64
C LYS D 929 -11.68 16.83 20.76
N GLN D 930 -10.48 17.25 20.37
CA GLN D 930 -9.33 16.36 20.47
C GLN D 930 -8.07 17.02 20.97
N ALA D 931 -7.17 16.23 21.52
CA ALA D 931 -5.90 16.70 22.04
C ALA D 931 -4.74 15.98 21.36
N GLU D 932 -3.66 16.70 21.15
CA GLU D 932 -2.44 16.13 20.63
C GLU D 932 -1.27 16.55 21.50
N PHE D 933 -0.46 15.58 21.91
CA PHE D 933 0.69 15.86 22.76
C PHE D 933 1.70 14.76 22.57
N GLN D 934 2.87 14.93 23.20
CA GLN D 934 3.92 13.92 23.15
C GLN D 934 3.98 13.11 24.44
N ILE D 935 4.21 11.82 24.30
CA ILE D 935 4.58 11.00 25.44
C ILE D 935 6.07 10.72 25.28
N LEU D 936 6.88 11.27 26.19
CA LEU D 936 8.31 11.03 26.17
C LEU D 936 8.61 9.89 27.12
N TYR D 937 9.32 8.87 26.61
CA TYR D 937 9.53 7.65 27.39
C TYR D 937 10.34 7.93 28.64
N GLY D 938 9.91 7.32 29.76
CA GLY D 938 10.59 7.49 31.05
C GLY D 938 10.41 8.86 31.66
N GLU D 939 9.53 9.67 31.07
CA GLU D 939 9.28 11.02 31.51
C GLU D 939 7.77 11.27 31.59
N GLY D 940 7.03 10.79 30.59
CA GLY D 940 5.58 10.95 30.56
C GLY D 940 5.10 11.95 29.54
N ILE D 941 3.89 12.45 29.76
CA ILE D 941 3.29 13.47 28.91
C ILE D 941 4.09 14.72 28.95
N ASN D 942 4.32 15.20 27.77
CA ASN D 942 5.04 16.40 27.70
C ASN D 942 4.12 17.56 27.92
N PHE D 943 3.80 17.81 29.19
CA PHE D 943 2.85 18.86 29.58
C PHE D 943 3.35 20.23 29.16
N TYR D 944 4.61 20.52 29.44
CA TYR D 944 5.17 21.84 29.15
C TYR D 944 5.31 22.12 27.66
N GLY D 945 5.45 21.04 26.89
CA GLY D 945 5.40 21.10 25.43
C GLY D 945 4.07 21.67 24.96
N GLU D 946 2.98 21.09 25.45
CA GLU D 946 1.64 21.56 25.15
C GLU D 946 1.54 23.02 25.50
N LEU D 947 2.07 23.38 26.66
CA LEU D 947 1.95 24.75 27.16
C LEU D 947 2.60 25.76 26.21
N VAL D 948 3.77 25.42 25.68
CA VAL D 948 4.43 26.26 24.68
C VAL D 948 3.52 26.45 23.46
N ASP D 949 3.15 25.34 22.81
CA ASP D 949 2.28 25.40 21.63
C ASP D 949 1.02 26.22 21.87
N LEU D 950 0.33 25.95 22.98
CA LEU D 950 -0.89 26.66 23.33
C LEU D 950 -0.60 28.14 23.57
N GLY D 951 0.47 28.42 24.30
CA GLY D 951 0.90 29.78 24.58
C GLY D 951 1.15 30.56 23.30
N VAL D 952 1.85 29.93 22.37
CA VAL D 952 2.14 30.55 21.08
C VAL D 952 0.84 30.78 20.29
N LYS D 953 -0.01 29.76 20.27
CA LYS D 953 -1.26 29.82 19.52
C LYS D 953 -2.14 30.95 20.04
N GLU D 954 -2.11 31.16 21.35
CA GLU D 954 -2.97 32.18 21.98
C GLU D 954 -2.30 33.53 22.10
N LYS D 955 -1.12 33.67 21.48
CA LYS D 955 -0.38 34.93 21.41
C LYS D 955 0.08 35.43 22.76
N LEU D 956 0.34 34.51 23.69
CA LEU D 956 0.91 34.84 24.99
C LEU D 956 2.42 34.69 24.95
N ILE D 957 2.88 33.74 24.13
CA ILE D 957 4.29 33.52 23.89
C ILE D 957 4.56 33.96 22.45
N GLU D 958 5.60 34.76 22.28
CA GLU D 958 5.97 35.28 20.95
C GLU D 958 6.94 34.31 20.29
N LYS D 959 6.81 34.14 18.97
CA LYS D 959 7.70 33.26 18.22
C LYS D 959 8.23 33.92 16.95
N ALA D 960 9.47 34.40 17.00
CA ALA D 960 10.13 35.02 15.85
C ALA D 960 11.17 34.07 15.27
N GLY D 961 10.78 33.33 14.23
CA GLY D 961 11.60 32.27 13.65
C GLY D 961 11.69 31.08 14.59
N ALA D 962 12.87 30.88 15.17
CA ALA D 962 13.11 29.81 16.13
C ALA D 962 13.17 30.32 17.58
N TRP D 963 13.15 31.64 17.75
CA TRP D 963 13.23 32.26 19.08
C TRP D 963 11.88 32.45 19.75
N TYR D 964 11.74 31.90 20.96
CA TYR D 964 10.54 32.04 21.79
C TYR D 964 10.75 33.10 22.85
N SER D 965 9.76 33.98 23.01
CA SER D 965 9.84 35.09 23.97
C SER D 965 8.60 35.13 24.85
N TYR D 966 8.80 35.48 26.12
CA TYR D 966 7.67 35.79 26.99
C TYR D 966 7.83 37.19 27.52
N LYS D 967 6.79 37.99 27.32
CA LYS D 967 6.76 39.38 27.79
C LYS D 967 8.09 40.10 27.53
N GLY D 968 8.57 39.98 26.30
CA GLY D 968 9.76 40.71 25.86
C GLY D 968 11.07 39.99 26.08
N GLU D 969 11.09 39.11 27.09
CA GLU D 969 12.30 38.41 27.49
C GLU D 969 12.40 37.05 26.78
N LYS D 970 13.53 36.81 26.12
CA LYS D 970 13.76 35.56 25.39
C LYS D 970 13.85 34.37 26.34
N ILE D 971 13.13 33.30 26.02
CA ILE D 971 13.06 32.15 26.91
C ILE D 971 13.69 30.89 26.31
N GLY D 972 13.93 30.89 25.00
CA GLY D 972 14.63 29.79 24.36
C GLY D 972 14.58 29.77 22.86
N GLN D 973 15.62 29.17 22.26
CA GLN D 973 15.64 28.93 20.83
C GLN D 973 15.24 27.48 20.56
N GLY D 974 14.19 27.29 19.77
CA GLY D 974 13.64 25.95 19.52
C GLY D 974 12.67 25.52 20.61
N LYS D 975 11.66 24.74 20.22
CA LYS D 975 10.61 24.27 21.14
C LYS D 975 11.21 23.58 22.38
N ALA D 976 12.22 22.75 22.16
CA ALA D 976 12.92 22.03 23.23
C ALA D 976 13.38 22.94 24.36
N ASN D 977 14.02 24.05 24.01
CA ASN D 977 14.56 24.99 25.00
C ASN D 977 13.53 25.84 25.73
N ALA D 978 12.51 26.27 24.99
CA ALA D 978 11.39 26.98 25.57
C ALA D 978 10.68 26.11 26.62
N THR D 979 10.50 24.83 26.27
CA THR D 979 9.93 23.83 27.18
C THR D 979 10.77 23.73 28.45
N ALA D 980 12.09 23.58 28.28
CA ALA D 980 13.02 23.51 29.41
C ALA D 980 12.91 24.73 30.32
N TRP D 981 12.71 25.90 29.72
CA TRP D 981 12.60 27.14 30.47
C TRP D 981 11.36 27.18 31.36
N LEU D 982 10.22 26.77 30.82
CA LEU D 982 8.98 26.73 31.59
C LEU D 982 9.08 25.74 32.74
N LYS D 983 9.67 24.58 32.47
CA LYS D 983 9.90 23.55 33.46
C LYS D 983 10.71 24.16 34.60
N ASP D 984 11.62 25.06 34.24
CA ASP D 984 12.55 25.69 35.18
C ASP D 984 11.92 26.87 35.94
N ASN D 985 10.92 27.51 35.34
CA ASN D 985 10.22 28.64 35.95
C ASN D 985 8.75 28.32 36.21
N PRO D 986 8.47 27.54 37.28
CA PRO D 986 7.14 26.96 37.45
C PRO D 986 6.06 28.02 37.72
N GLU D 987 6.45 29.12 38.34
CA GLU D 987 5.54 30.22 38.70
C GLU D 987 4.99 30.90 37.46
N THR D 988 5.88 31.17 36.50
CA THR D 988 5.53 31.79 35.23
C THR D 988 4.69 30.82 34.41
N ALA D 989 5.05 29.53 34.47
CA ALA D 989 4.30 28.48 33.79
C ALA D 989 2.85 28.44 34.28
N LYS D 990 2.65 28.50 35.60
CA LYS D 990 1.31 28.53 36.19
C LYS D 990 0.50 29.71 35.64
N GLU D 991 1.14 30.87 35.55
CA GLU D 991 0.52 32.09 35.04
C GLU D 991 0.04 31.91 33.60
N ILE D 992 0.90 31.38 32.74
CA ILE D 992 0.58 31.14 31.36
C ILE D 992 -0.54 30.11 31.26
N GLU D 993 -0.43 29.02 32.02
CA GLU D 993 -1.45 27.98 32.04
C GLU D 993 -2.84 28.50 32.47
N LYS D 994 -2.85 29.32 33.52
CA LYS D 994 -4.08 29.91 34.02
C LYS D 994 -4.78 30.72 32.93
N LYS D 995 -4.00 31.49 32.17
CA LYS D 995 -4.52 32.32 31.07
C LYS D 995 -5.01 31.47 29.91
N VAL D 996 -4.27 30.43 29.58
CA VAL D 996 -4.64 29.53 28.49
C VAL D 996 -5.99 28.88 28.80
N ARG D 997 -6.17 28.52 30.07
CA ARG D 997 -7.43 27.91 30.51
C ARG D 997 -8.59 28.90 30.46
N GLU D 998 -8.37 30.11 30.95
CA GLU D 998 -9.39 31.17 30.87
C GLU D 998 -9.82 31.42 29.45
N LEU D 999 -8.86 31.42 28.53
CA LEU D 999 -9.15 31.66 27.13
C LEU D 999 -9.82 30.48 26.40
N LEU D 1000 -9.50 29.25 26.79
CA LEU D 1000 -9.91 28.09 25.99
C LEU D 1000 -10.91 27.11 26.59
N LEU D 1001 -11.13 27.15 27.91
CA LEU D 1001 -12.12 26.27 28.53
C LEU D 1001 -13.53 26.80 28.30
N SER D 1002 -14.40 25.90 27.83
CA SER D 1002 -15.78 26.26 27.50
C SER D 1002 -16.73 26.06 28.67
N ASN D 1003 -16.30 25.22 29.62
CA ASN D 1003 -17.13 24.81 30.78
C ASN D 1003 -16.39 24.85 32.14
N PRO D 1004 -15.86 26.03 32.54
CA PRO D 1004 -15.04 26.14 33.75
C PRO D 1004 -15.86 26.01 35.04
N ASN D 1005 -15.25 25.41 36.07
CA ASN D 1005 -15.95 24.97 37.30
C ASN D 1005 -16.87 26.00 37.96
N SER D 1006 -16.29 27.07 38.52
CA SER D 1006 -17.05 28.25 39.00
C SER D 1006 -16.16 29.40 39.49
N ALA D 1024 -9.14 15.51 62.17
CA ALA D 1024 -10.37 14.70 62.35
C ALA D 1024 -10.99 14.31 61.02
N ILE D 1025 -10.70 15.11 59.98
CA ILE D 1025 -11.28 14.92 58.64
C ILE D 1025 -10.57 13.80 57.84
N ASP D 1026 -9.25 13.75 57.98
CA ASP D 1026 -8.42 12.74 57.29
C ASP D 1026 -8.13 11.51 58.16
N GLU D 1027 -8.41 11.61 59.46
CA GLU D 1027 -8.25 10.50 60.39
C GLU D 1027 -9.45 9.56 60.38
N ASN D 1028 -10.60 10.07 59.92
CA ASN D 1028 -11.75 9.22 59.62
C ASN D 1028 -11.51 8.46 58.32
N LYS D 1029 -10.82 9.12 57.39
CA LYS D 1029 -10.42 8.51 56.13
C LYS D 1029 -9.48 7.33 56.38
N GLN D 1030 -8.42 7.55 57.15
CA GLN D 1030 -7.44 6.50 57.43
C GLN D 1030 -8.01 5.34 58.23
N LYS D 1031 -8.92 5.65 59.15
CA LYS D 1031 -9.67 4.64 59.90
C LYS D 1031 -10.48 3.76 58.94
N ALA D 1032 -11.25 4.39 58.06
CA ALA D 1032 -12.11 3.70 57.10
C ALA D 1032 -11.29 2.97 56.04
N LEU D 1033 -10.15 3.55 55.68
CA LEU D 1033 -9.22 2.97 54.70
C LEU D 1033 -8.65 1.66 55.22
N ALA D 1034 -8.05 1.72 56.42
CA ALA D 1034 -7.49 0.55 57.06
C ALA D 1034 -8.53 -0.57 57.21
N ALA D 1035 -9.76 -0.18 57.57
CA ALA D 1035 -10.86 -1.13 57.72
C ALA D 1035 -11.23 -1.81 56.41
N ALA D 1036 -11.38 -1.02 55.35
CA ALA D 1036 -11.69 -1.57 54.02
C ALA D 1036 -10.55 -2.45 53.52
N LEU D 1037 -9.31 -2.01 53.72
CA LEU D 1037 -8.12 -2.78 53.38
C LEU D 1037 -8.07 -4.12 54.12
N GLY D 1038 -8.28 -4.07 55.43
CA GLY D 1038 -8.35 -5.26 56.26
C GLY D 1038 -9.44 -6.21 55.78
N GLN D 1039 -10.56 -5.64 55.37
CA GLN D 1039 -11.69 -6.41 54.83
C GLN D 1039 -11.35 -7.11 53.53
N ILE D 1040 -10.72 -6.37 52.61
CA ILE D 1040 -10.32 -6.90 51.31
C ILE D 1040 -9.36 -8.08 51.50
N GLU D 1041 -8.42 -7.92 52.42
CA GLU D 1041 -7.42 -8.95 52.70
C GLU D 1041 -8.04 -10.18 53.36
N LYS D 1042 -9.01 -9.95 54.23
CA LYS D 1042 -9.74 -11.05 54.88
C LYS D 1042 -10.57 -11.84 53.87
N GLN D 1043 -11.20 -11.13 52.93
CA GLN D 1043 -12.03 -11.74 51.88
C GLN D 1043 -11.23 -12.43 50.78
N PHE D 1044 -10.14 -11.83 50.34
CA PHE D 1044 -9.44 -12.32 49.16
C PHE D 1044 -8.01 -12.82 49.39
N GLY D 1045 -7.60 -12.90 50.64
CA GLY D 1045 -6.29 -13.45 50.98
C GLY D 1045 -5.24 -12.39 51.26
N LYS D 1046 -4.09 -12.85 51.78
CA LYS D 1046 -2.97 -11.99 52.20
C LYS D 1046 -2.67 -10.81 51.28
N GLY D 1047 -1.86 -11.02 50.26
CA GLY D 1047 -1.33 -9.91 49.48
C GLY D 1047 -2.23 -9.36 48.39
N SER D 1048 -3.54 -9.48 48.57
CA SER D 1048 -4.51 -9.12 47.52
C SER D 1048 -4.61 -7.62 47.24
N ILE D 1049 -4.22 -6.80 48.22
CA ILE D 1049 -4.01 -5.36 48.01
C ILE D 1049 -2.87 -4.87 48.88
N MET D 1050 -1.99 -4.05 48.31
CA MET D 1050 -0.92 -3.39 49.07
C MET D 1050 -0.35 -2.16 48.39
N ARG D 1051 0.48 -1.42 49.12
CA ARG D 1051 1.20 -0.28 48.57
C ARG D 1051 2.17 -0.80 47.53
N LEU D 1052 2.18 -0.16 46.36
CA LEU D 1052 3.03 -0.59 45.25
C LEU D 1052 4.49 -0.67 45.66
N GLY D 1053 4.96 0.37 46.34
CA GLY D 1053 6.35 0.50 46.75
C GLY D 1053 6.92 -0.68 47.50
N GLU D 1054 6.06 -1.40 48.21
CA GLU D 1054 6.52 -2.51 49.03
C GLU D 1054 6.12 -3.89 48.50
N ASP D 1055 5.60 -3.95 47.28
CA ASP D 1055 5.30 -5.22 46.65
C ASP D 1055 6.49 -5.75 45.86
N ARG D 1056 7.21 -6.69 46.45
CA ARG D 1056 8.39 -7.28 45.81
C ARG D 1056 8.07 -8.09 44.57
N SER D 1057 6.87 -8.69 44.53
CA SER D 1057 6.48 -9.53 43.41
C SER D 1057 6.23 -8.72 42.14
N MET D 1058 6.32 -7.41 42.27
CA MET D 1058 6.03 -6.50 41.19
C MET D 1058 7.32 -6.04 40.49
N ASP D 1059 8.47 -6.28 41.10
CA ASP D 1059 9.77 -5.91 40.52
C ASP D 1059 10.04 -6.67 39.23
N VAL D 1060 10.67 -6.01 38.23
CA VAL D 1060 10.99 -6.65 36.92
C VAL D 1060 12.33 -7.39 36.94
N GLU D 1061 12.30 -8.70 36.65
CA GLU D 1061 13.50 -9.52 36.57
C GLU D 1061 13.65 -10.02 35.14
N THR D 1062 14.87 -10.08 34.63
CA THR D 1062 15.08 -10.52 33.22
C THR D 1062 15.98 -11.74 33.00
N ILE D 1063 15.82 -12.34 31.83
CA ILE D 1063 16.57 -13.51 31.37
C ILE D 1063 17.24 -13.08 30.07
N SER D 1064 18.49 -13.51 29.87
CA SER D 1064 19.19 -13.23 28.61
C SER D 1064 18.50 -13.86 27.39
N THR D 1065 18.64 -13.21 26.24
CA THR D 1065 18.04 -13.73 25.01
C THR D 1065 19.02 -14.59 24.22
N GLY D 1066 20.28 -14.63 24.68
CA GLY D 1066 21.33 -15.32 23.94
C GLY D 1066 22.07 -14.40 22.98
N SER D 1067 21.49 -13.23 22.72
CA SER D 1067 22.15 -12.19 21.94
C SER D 1067 22.45 -11.00 22.84
N LEU D 1068 23.70 -10.54 22.81
CA LEU D 1068 24.10 -9.40 23.63
C LEU D 1068 23.48 -8.10 23.14
N SER D 1069 23.47 -7.90 21.82
CA SER D 1069 22.94 -6.67 21.26
C SER D 1069 21.43 -6.58 21.42
N LEU D 1070 20.75 -7.74 21.42
CA LEU D 1070 19.32 -7.79 21.70
C LEU D 1070 19.05 -7.42 23.15
N ASP D 1071 19.82 -8.01 24.07
CA ASP D 1071 19.71 -7.69 25.49
C ASP D 1071 19.88 -6.19 25.72
N ILE D 1072 20.75 -5.57 24.94
CA ILE D 1072 20.93 -4.12 25.00
C ILE D 1072 19.73 -3.39 24.41
N ALA D 1073 19.25 -3.86 23.27
CA ALA D 1073 18.08 -3.26 22.60
C ALA D 1073 16.86 -3.26 23.50
N LEU D 1074 16.69 -4.34 24.27
CA LEU D 1074 15.55 -4.48 25.18
C LEU D 1074 15.61 -3.54 26.36
N GLY D 1075 16.74 -2.87 26.53
CA GLY D 1075 16.89 -1.83 27.55
C GLY D 1075 17.12 -2.34 28.95
N ALA D 1076 16.37 -3.38 29.34
CA ALA D 1076 16.44 -3.96 30.68
C ALA D 1076 17.41 -5.13 30.76
N GLY D 1077 18.01 -5.52 29.63
CA GLY D 1077 19.03 -6.56 29.65
C GLY D 1077 18.54 -7.95 29.27
N GLY D 1078 17.26 -8.06 28.91
CA GLY D 1078 16.69 -9.33 28.48
C GLY D 1078 15.19 -9.36 28.55
N LEU D 1079 14.60 -10.56 28.43
CA LEU D 1079 13.16 -10.73 28.48
C LEU D 1079 12.66 -10.79 29.92
N PRO D 1080 11.47 -10.20 30.19
CA PRO D 1080 10.97 -10.13 31.57
C PRO D 1080 10.26 -11.40 32.05
N MET D 1081 10.64 -11.86 33.24
CA MET D 1081 10.01 -13.04 33.86
C MET D 1081 8.57 -12.75 34.27
N GLY D 1082 7.71 -13.75 34.15
CA GLY D 1082 6.32 -13.62 34.56
C GLY D 1082 5.47 -12.83 33.58
N ARG D 1083 5.96 -12.68 32.35
CA ARG D 1083 5.29 -11.88 31.33
C ARG D 1083 5.12 -12.70 30.07
N ILE D 1084 4.37 -12.14 29.11
CA ILE D 1084 4.19 -12.75 27.79
C ILE D 1084 5.06 -12.00 26.76
N VAL D 1085 5.70 -12.75 25.88
CA VAL D 1085 6.53 -12.15 24.84
C VAL D 1085 6.11 -12.75 23.50
N GLU D 1086 6.06 -11.93 22.45
CA GLU D 1086 5.78 -12.43 21.10
C GLU D 1086 6.97 -12.21 20.18
N ILE D 1087 7.31 -13.21 19.37
CA ILE D 1087 8.34 -13.06 18.35
C ILE D 1087 7.74 -13.44 17.01
N TYR D 1088 7.88 -12.55 16.02
CA TYR D 1088 7.33 -12.80 14.70
C TYR D 1088 8.29 -12.38 13.58
N GLY D 1089 8.11 -12.96 12.41
CA GLY D 1089 8.94 -12.65 11.27
C GLY D 1089 8.67 -13.62 10.16
N PRO D 1090 9.26 -13.39 8.97
CA PRO D 1090 9.10 -14.25 7.80
C PRO D 1090 9.68 -15.66 8.05
N GLU D 1091 9.50 -16.58 7.09
CA GLU D 1091 10.00 -17.95 7.25
C GLU D 1091 11.51 -17.98 7.34
N SER D 1092 12.01 -18.87 8.20
CA SER D 1092 13.43 -19.08 8.38
C SER D 1092 14.18 -17.82 8.79
N SER D 1093 13.51 -16.94 9.52
CA SER D 1093 14.13 -15.71 9.99
C SER D 1093 14.89 -15.90 11.31
N GLY D 1094 14.65 -17.04 11.96
CA GLY D 1094 15.38 -17.40 13.17
C GLY D 1094 14.58 -17.38 14.44
N LYS D 1095 13.25 -17.50 14.31
CA LYS D 1095 12.37 -17.46 15.48
C LYS D 1095 12.65 -18.62 16.44
N THR D 1096 12.57 -19.84 15.93
CA THR D 1096 12.81 -21.02 16.76
C THR D 1096 14.22 -20.98 17.36
N THR D 1097 15.23 -20.79 16.50
CA THR D 1097 16.61 -20.63 16.93
C THR D 1097 16.74 -19.67 18.12
N LEU D 1098 16.23 -18.45 17.98
CA LEU D 1098 16.36 -17.44 19.03
C LEU D 1098 15.79 -18.00 20.33
N THR D 1099 14.58 -18.50 20.22
CA THR D 1099 13.85 -19.15 21.30
C THR D 1099 14.67 -20.26 22.02
N LEU D 1100 15.33 -21.13 21.26
CA LEU D 1100 16.13 -22.19 21.82
C LEU D 1100 17.36 -21.64 22.54
N GLN D 1101 17.90 -20.54 22.02
CA GLN D 1101 19.01 -19.88 22.64
C GLN D 1101 18.61 -19.28 23.98
N VAL D 1102 17.39 -18.77 24.10
CA VAL D 1102 16.95 -18.29 25.41
C VAL D 1102 16.76 -19.44 26.37
N ILE D 1103 16.17 -20.53 25.88
CA ILE D 1103 16.07 -21.77 26.67
C ILE D 1103 17.45 -22.25 27.15
N ALA D 1104 18.42 -22.31 26.24
CA ALA D 1104 19.76 -22.77 26.60
C ALA D 1104 20.37 -21.91 27.72
N ALA D 1105 20.26 -20.59 27.57
CA ALA D 1105 20.80 -19.66 28.56
C ALA D 1105 20.14 -19.84 29.91
N ALA D 1106 18.83 -20.06 29.90
CA ALA D 1106 18.05 -20.28 31.11
C ALA D 1106 18.46 -21.58 31.80
N GLN D 1107 18.62 -22.65 31.02
CA GLN D 1107 19.01 -23.94 31.55
C GLN D 1107 20.41 -23.87 32.18
N ARG D 1108 21.28 -23.11 31.53
CA ARG D 1108 22.63 -22.85 31.98
C ARG D 1108 22.64 -22.21 33.38
N GLU D 1109 21.53 -21.54 33.73
CA GLU D 1109 21.36 -20.94 35.05
C GLU D 1109 20.46 -21.75 35.99
N GLY D 1110 20.22 -23.01 35.64
CA GLY D 1110 19.42 -23.91 36.48
C GLY D 1110 17.92 -23.78 36.37
N LYS D 1111 17.44 -23.03 35.39
CA LYS D 1111 16.00 -22.87 35.21
C LYS D 1111 15.39 -24.05 34.45
N THR D 1112 14.09 -24.25 34.60
CA THR D 1112 13.38 -25.34 33.93
C THR D 1112 12.55 -24.80 32.78
N CYS D 1113 12.65 -25.45 31.61
CA CYS D 1113 11.97 -24.97 30.41
C CYS D 1113 11.06 -25.98 29.74
N ALA D 1114 10.04 -25.49 29.05
CA ALA D 1114 9.14 -26.32 28.29
C ALA D 1114 8.97 -25.74 26.90
N PHE D 1115 8.81 -26.63 25.92
CA PHE D 1115 8.66 -26.23 24.53
C PHE D 1115 7.40 -26.86 23.95
N ILE D 1116 6.47 -26.04 23.51
CA ILE D 1116 5.24 -26.54 22.91
C ILE D 1116 5.39 -26.47 21.39
N ASP D 1117 5.74 -27.59 20.78
CA ASP D 1117 5.99 -27.65 19.34
C ASP D 1117 4.69 -27.88 18.54
N ALA D 1118 3.86 -26.84 18.48
CA ALA D 1118 2.58 -26.94 17.77
C ALA D 1118 2.79 -27.05 16.26
N GLU D 1119 3.92 -26.51 15.81
CA GLU D 1119 4.28 -26.52 14.41
C GLU D 1119 4.80 -27.90 13.97
N HIS D 1120 5.06 -28.77 14.95
CA HIS D 1120 5.54 -30.15 14.73
C HIS D 1120 6.78 -30.18 13.85
N ALA D 1121 7.77 -29.37 14.20
CA ALA D 1121 8.96 -29.24 13.38
C ALA D 1121 10.23 -29.04 14.18
N LEU D 1122 10.22 -29.39 15.47
CA LEU D 1122 11.42 -29.27 16.29
C LEU D 1122 12.40 -30.41 16.02
N ASP D 1123 13.65 -30.05 15.72
CA ASP D 1123 14.73 -31.04 15.54
C ASP D 1123 15.56 -31.13 16.82
N PRO D 1124 15.37 -32.21 17.61
CA PRO D 1124 16.04 -32.35 18.90
C PRO D 1124 17.56 -32.29 18.77
N ILE D 1125 18.12 -32.97 17.77
CA ILE D 1125 19.56 -32.92 17.53
C ILE D 1125 20.04 -31.48 17.27
N TYR D 1126 19.27 -30.71 16.51
CA TYR D 1126 19.64 -29.32 16.28
C TYR D 1126 19.59 -28.50 17.57
N ALA D 1127 18.55 -28.70 18.36
CA ALA D 1127 18.41 -27.99 19.63
C ALA D 1127 19.64 -28.24 20.48
N ARG D 1128 20.13 -29.48 20.48
CA ARG D 1128 21.33 -29.82 21.23
C ARG D 1128 22.53 -29.02 20.73
N LYS D 1129 22.70 -28.93 19.41
CA LYS D 1129 23.80 -28.18 18.83
C LYS D 1129 23.78 -26.71 19.27
N LEU D 1130 22.59 -26.18 19.47
CA LEU D 1130 22.45 -24.80 19.94
C LEU D 1130 22.66 -24.70 21.47
N GLY D 1131 23.07 -25.79 22.08
CA GLY D 1131 23.39 -25.79 23.51
C GLY D 1131 22.23 -26.03 24.46
N VAL D 1132 21.11 -26.51 23.94
CA VAL D 1132 19.97 -26.87 24.78
C VAL D 1132 20.23 -28.22 25.46
N ASP D 1133 19.88 -28.30 26.74
CA ASP D 1133 19.89 -29.58 27.47
C ASP D 1133 18.63 -30.38 27.09
N ILE D 1134 18.76 -31.14 26.01
CA ILE D 1134 17.69 -31.94 25.41
C ILE D 1134 17.00 -32.83 26.46
N ASP D 1135 17.80 -33.40 27.35
CA ASP D 1135 17.31 -34.35 28.33
C ASP D 1135 16.43 -33.76 29.42
N ASN D 1136 16.47 -32.45 29.61
CA ASN D 1136 15.65 -31.80 30.62
C ASN D 1136 14.64 -30.80 30.06
N LEU D 1137 14.60 -30.67 28.74
CA LEU D 1137 13.64 -29.79 28.10
C LEU D 1137 12.31 -30.52 27.99
N LEU D 1138 11.30 -30.04 28.71
CA LEU D 1138 9.96 -30.56 28.59
C LEU D 1138 9.44 -30.20 27.23
N CYS D 1139 8.83 -31.16 26.57
CA CYS D 1139 8.42 -30.98 25.19
C CYS D 1139 7.07 -31.58 24.93
N SER D 1140 6.25 -30.85 24.20
CA SER D 1140 4.92 -31.32 23.88
C SER D 1140 4.53 -30.97 22.44
N GLN D 1141 3.95 -31.94 21.74
CA GLN D 1141 3.37 -31.73 20.44
C GLN D 1141 1.88 -31.99 20.54
N PRO D 1142 1.11 -30.96 20.92
CA PRO D 1142 -0.29 -31.10 21.30
C PRO D 1142 -1.21 -31.31 20.11
N ASP D 1143 -2.39 -31.87 20.35
CA ASP D 1143 -3.30 -32.20 19.26
C ASP D 1143 -4.14 -31.00 18.82
N THR D 1144 -4.60 -30.20 19.77
CA THR D 1144 -5.42 -29.03 19.47
C THR D 1144 -4.80 -27.80 20.12
N GLY D 1145 -5.21 -26.63 19.64
CA GLY D 1145 -4.78 -25.36 20.22
C GLY D 1145 -5.18 -25.21 21.67
N GLU D 1146 -6.42 -25.61 21.99
CA GLU D 1146 -6.91 -25.56 23.36
C GLU D 1146 -6.04 -26.42 24.27
N GLN D 1147 -5.68 -27.62 23.78
CA GLN D 1147 -4.79 -28.49 24.51
C GLN D 1147 -3.44 -27.79 24.76
N ALA D 1148 -2.87 -27.22 23.70
CA ALA D 1148 -1.58 -26.51 23.82
C ALA D 1148 -1.64 -25.47 24.93
N LEU D 1149 -2.71 -24.69 24.94
CA LEU D 1149 -2.86 -23.61 25.89
C LEU D 1149 -3.22 -24.11 27.28
N GLU D 1150 -3.96 -25.23 27.37
CA GLU D 1150 -4.27 -25.84 28.65
C GLU D 1150 -3.00 -26.36 29.32
N ILE D 1151 -2.07 -26.84 28.52
CA ILE D 1151 -0.79 -27.30 29.02
C ILE D 1151 -0.01 -26.12 29.55
N CYS D 1152 0.02 -25.02 28.80
CA CYS D 1152 0.65 -23.79 29.27
C CYS D 1152 0.12 -23.35 30.61
N ASP D 1153 -1.20 -23.34 30.75
CA ASP D 1153 -1.83 -22.93 31.99
C ASP D 1153 -1.42 -23.84 33.14
N ALA D 1154 -1.50 -25.15 32.90
CA ALA D 1154 -1.13 -26.14 33.90
C ALA D 1154 0.32 -26.01 34.35
N LEU D 1155 1.22 -25.78 33.40
CA LEU D 1155 2.64 -25.61 33.71
C LEU D 1155 2.88 -24.32 34.47
N ALA D 1156 2.22 -23.25 34.03
CA ALA D 1156 2.28 -21.96 34.73
C ALA D 1156 1.84 -22.14 36.18
N ARG D 1157 0.64 -22.71 36.38
CA ARG D 1157 0.06 -22.87 37.72
C ARG D 1157 0.91 -23.73 38.66
N SER D 1158 1.69 -24.65 38.12
CA SER D 1158 2.53 -25.54 38.94
C SER D 1158 3.64 -24.78 39.66
N GLY D 1159 4.11 -23.69 39.04
CA GLY D 1159 5.20 -22.89 39.59
C GLY D 1159 6.56 -23.57 39.50
N ALA D 1160 6.64 -24.64 38.70
CA ALA D 1160 7.86 -25.42 38.58
C ALA D 1160 8.58 -25.23 37.23
N VAL D 1161 7.96 -24.49 36.32
CA VAL D 1161 8.56 -24.21 35.02
C VAL D 1161 8.86 -22.71 34.93
N ASP D 1162 10.04 -22.39 34.42
CA ASP D 1162 10.53 -21.00 34.39
C ASP D 1162 10.26 -20.28 33.07
N VAL D 1163 10.50 -20.97 31.96
CA VAL D 1163 10.16 -20.45 30.66
C VAL D 1163 9.48 -21.49 29.78
N ILE D 1164 8.42 -21.06 29.12
CA ILE D 1164 7.64 -21.88 28.21
C ILE D 1164 7.64 -21.16 26.86
N VAL D 1165 7.95 -21.87 25.79
CA VAL D 1165 7.75 -21.30 24.47
C VAL D 1165 6.75 -22.10 23.64
N VAL D 1166 5.80 -21.39 23.04
CA VAL D 1166 4.81 -22.01 22.16
C VAL D 1166 5.23 -21.72 20.75
N ASP D 1167 5.62 -22.76 20.00
CA ASP D 1167 6.07 -22.56 18.63
C ASP D 1167 4.94 -22.59 17.63
N SER D 1168 4.62 -21.34 17.22
CA SER D 1168 3.61 -20.91 16.28
C SER D 1168 2.23 -20.86 16.88
N VAL D 1169 1.73 -19.65 17.09
CA VAL D 1169 0.32 -19.47 17.39
C VAL D 1169 -0.42 -19.79 16.10
N ALA D 1170 0.26 -19.64 14.97
CA ALA D 1170 -0.35 -19.95 13.66
C ALA D 1170 -0.76 -21.40 13.59
N ALA D 1171 -0.06 -22.27 14.33
CA ALA D 1171 -0.31 -23.71 14.34
C ALA D 1171 -1.30 -24.15 15.43
N LEU D 1172 -1.73 -23.20 16.28
CA LEU D 1172 -2.71 -23.46 17.32
C LEU D 1172 -4.13 -23.59 16.75
N THR D 1173 -4.51 -24.80 16.36
CA THR D 1173 -5.78 -25.04 15.69
C THR D 1173 -6.89 -25.41 16.68
N PRO D 1174 -7.96 -24.61 16.72
CA PRO D 1174 -9.10 -24.92 17.58
C PRO D 1174 -9.67 -26.31 17.32
N LYS D 1175 -10.17 -26.93 18.39
CA LYS D 1175 -10.68 -28.29 18.37
C LYS D 1175 -11.76 -28.48 17.30
N ALA D 1176 -12.66 -27.50 17.22
CA ALA D 1176 -13.76 -27.53 16.26
C ALA D 1176 -13.25 -27.53 14.81
N GLU D 1177 -12.16 -26.81 14.58
CA GLU D 1177 -11.56 -26.74 13.26
C GLU D 1177 -10.89 -28.04 12.88
N ILE D 1178 -10.11 -28.59 13.83
CA ILE D 1178 -9.45 -29.86 13.63
C ILE D 1178 -10.43 -30.98 13.33
N GLU D 1179 -11.56 -30.99 14.02
CA GLU D 1179 -12.58 -32.00 13.80
C GLU D 1179 -13.44 -31.71 12.58
N GLY D 1180 -13.60 -30.44 12.25
CA GLY D 1180 -14.30 -30.03 11.03
C GLY D 1180 -13.54 -30.38 9.77
N GLU D 1181 -14.16 -30.15 8.62
CA GLU D 1181 -13.50 -30.39 7.33
C GLU D 1181 -12.70 -29.18 6.88
N ILE D 1182 -11.84 -29.39 5.89
CA ILE D 1182 -11.10 -28.30 5.24
C ILE D 1182 -12.08 -27.54 4.37
N GLY D 1183 -12.18 -26.23 4.60
CA GLY D 1183 -13.10 -25.38 3.88
C GLY D 1183 -14.32 -25.01 4.70
N ASP D 1184 -14.46 -25.63 5.87
CA ASP D 1184 -15.46 -25.19 6.85
C ASP D 1184 -14.95 -23.87 7.40
N SER D 1185 -15.83 -22.88 7.55
CA SER D 1185 -15.40 -21.58 8.06
C SER D 1185 -15.54 -21.49 9.57
N HIS D 1186 -14.45 -21.14 10.23
CA HIS D 1186 -14.44 -20.95 11.68
C HIS D 1186 -13.94 -19.54 11.94
N MET D 1187 -14.66 -18.57 11.37
CA MET D 1187 -14.24 -17.17 11.38
C MET D 1187 -13.91 -16.66 12.78
N GLY D 1188 -12.63 -16.42 13.00
CA GLY D 1188 -12.11 -15.90 14.26
C GLY D 1188 -12.30 -16.80 15.47
N LEU D 1189 -12.33 -18.11 15.24
CA LEU D 1189 -12.43 -19.06 16.34
C LEU D 1189 -11.10 -19.11 17.09
N ALA D 1190 -9.99 -19.06 16.34
CA ALA D 1190 -8.67 -19.02 16.92
C ALA D 1190 -8.47 -17.72 17.69
N ALA D 1191 -9.01 -16.63 17.16
CA ALA D 1191 -8.88 -15.33 17.77
C ALA D 1191 -9.57 -15.30 19.13
N ARG D 1192 -10.81 -15.81 19.19
CA ARG D 1192 -11.54 -15.82 20.44
C ARG D 1192 -10.90 -16.79 21.45
N MET D 1193 -10.27 -17.84 20.94
CA MET D 1193 -9.53 -18.77 21.78
C MET D 1193 -8.31 -18.09 22.42
N MET D 1194 -7.53 -17.37 21.61
CA MET D 1194 -6.37 -16.62 22.08
C MET D 1194 -6.75 -15.55 23.11
N SER D 1195 -7.87 -14.87 22.84
CA SER D 1195 -8.37 -13.85 23.72
C SER D 1195 -8.72 -14.43 25.09
N GLN D 1196 -9.35 -15.60 25.12
CA GLN D 1196 -9.66 -16.30 26.37
C GLN D 1196 -8.38 -16.78 27.07
N ALA D 1197 -7.43 -17.29 26.30
CA ALA D 1197 -6.17 -17.76 26.86
C ALA D 1197 -5.41 -16.64 27.60
N MET D 1198 -5.28 -15.48 26.99
CA MET D 1198 -4.54 -14.38 27.59
C MET D 1198 -5.14 -13.96 28.94
N ARG D 1199 -6.45 -13.76 28.92
CA ARG D 1199 -7.25 -13.51 30.10
C ARG D 1199 -6.85 -14.44 31.27
N LYS D 1200 -6.73 -15.75 31.00
CA LYS D 1200 -6.42 -16.75 32.02
C LYS D 1200 -4.94 -16.85 32.34
N LEU D 1201 -4.11 -16.78 31.31
CA LEU D 1201 -2.66 -16.95 31.47
C LEU D 1201 -1.95 -15.82 32.21
N ALA D 1202 -2.32 -14.58 31.92
CA ALA D 1202 -1.58 -13.41 32.42
C ALA D 1202 -1.37 -13.47 33.92
N GLY D 1203 -2.45 -13.74 34.66
CA GLY D 1203 -2.40 -13.80 36.11
C GLY D 1203 -1.56 -14.94 36.63
N ASN D 1204 -1.75 -16.14 36.05
CA ASN D 1204 -0.99 -17.31 36.45
C ASN D 1204 0.50 -17.20 36.20
N LEU D 1205 0.87 -16.62 35.06
CA LEU D 1205 2.27 -16.45 34.72
C LEU D 1205 2.98 -15.52 35.70
N LYS D 1206 2.32 -14.42 36.07
CA LYS D 1206 2.92 -13.48 37.00
C LYS D 1206 3.14 -14.10 38.38
N GLN D 1207 2.14 -14.80 38.90
CA GLN D 1207 2.23 -15.36 40.24
C GLN D 1207 3.15 -16.57 40.35
N SER D 1208 3.64 -17.09 39.23
CA SER D 1208 4.64 -18.16 39.20
C SER D 1208 5.98 -17.66 38.72
N ASN D 1209 6.03 -16.40 38.32
CA ASN D 1209 7.21 -15.81 37.69
C ASN D 1209 7.68 -16.55 36.45
N THR D 1210 6.74 -16.98 35.62
CA THR D 1210 6.99 -17.78 34.42
C THR D 1210 6.96 -16.92 33.18
N LEU D 1211 8.02 -17.01 32.37
CA LEU D 1211 8.07 -16.34 31.07
C LEU D 1211 7.43 -17.19 29.98
N LEU D 1212 6.48 -16.63 29.25
CA LEU D 1212 5.83 -17.34 28.14
C LEU D 1212 6.12 -16.66 26.84
N ILE D 1213 6.83 -17.35 25.94
CA ILE D 1213 7.14 -16.80 24.62
C ILE D 1213 6.25 -17.42 23.56
N PHE D 1214 5.52 -16.58 22.81
CA PHE D 1214 4.75 -17.04 21.65
C PHE D 1214 5.50 -16.69 20.39
N ILE D 1215 5.78 -17.68 19.56
CA ILE D 1215 6.28 -17.42 18.22
C ILE D 1215 5.09 -17.26 17.29
N ASN D 1216 5.15 -16.28 16.40
CA ASN D 1216 4.07 -16.08 15.42
C ASN D 1216 4.58 -15.96 13.99
N GLN D 1217 3.73 -16.26 13.02
CA GLN D 1217 4.05 -16.13 11.63
C GLN D 1217 3.40 -14.86 11.08
N ILE D 1218 3.77 -14.51 9.85
CA ILE D 1218 3.24 -13.33 9.19
C ILE D 1218 2.20 -13.69 8.11
N ARG D 1219 1.12 -12.92 8.03
CA ARG D 1219 0.20 -13.03 6.93
C ARG D 1219 0.02 -11.65 6.30
N MET D 1220 -0.40 -11.61 5.06
CA MET D 1220 -0.70 -10.36 4.38
C MET D 1220 -2.15 -9.96 4.64
N LYS D 1221 -2.43 -8.67 4.84
CA LYS D 1221 -3.84 -8.27 4.89
C LYS D 1221 -4.24 -7.72 3.54
N ILE D 1222 -5.23 -8.37 2.94
CA ILE D 1222 -5.65 -8.09 1.57
C ILE D 1222 -6.34 -6.73 1.45
N GLY D 1223 -6.17 -6.08 0.30
CA GLY D 1223 -6.79 -4.78 0.01
C GLY D 1223 -6.25 -3.61 0.81
N VAL D 1224 -5.00 -3.74 1.25
CA VAL D 1224 -4.31 -2.67 2.00
C VAL D 1224 -3.09 -2.18 1.23
N MET D 1225 -3.25 -1.03 0.56
CA MET D 1225 -2.17 -0.36 -0.16
C MET D 1225 -1.76 0.94 0.55
N PHE D 1226 -1.71 0.90 1.87
CA PHE D 1226 -1.40 2.07 2.69
C PHE D 1226 -0.69 1.63 3.97
N GLY D 1227 0.59 1.96 4.05
CA GLY D 1227 1.42 1.52 5.17
C GLY D 1227 1.77 0.05 5.04
N ASN D 1228 1.52 -0.69 6.12
CA ASN D 1228 2.01 -2.06 6.26
C ASN D 1228 0.95 -3.13 6.02
N PRO D 1229 1.12 -3.94 4.96
CA PRO D 1229 0.17 -5.01 4.69
C PRO D 1229 0.39 -6.27 5.56
N GLU D 1230 1.39 -6.27 6.42
CA GLU D 1230 1.72 -7.43 7.23
C GLU D 1230 0.87 -7.54 8.49
N THR D 1231 0.52 -8.77 8.87
CA THR D 1231 -0.12 -9.03 10.16
C THR D 1231 0.45 -10.29 10.74
N THR D 1232 -0.19 -10.70 11.81
CA THR D 1232 0.27 -11.74 12.65
C THR D 1232 -0.95 -12.64 12.85
N THR D 1233 -0.75 -13.91 13.17
CA THR D 1233 -1.87 -14.83 13.31
C THR D 1233 -2.53 -14.73 14.69
N GLY D 1234 -3.80 -15.14 14.76
CA GLY D 1234 -4.44 -15.44 16.03
C GLY D 1234 -5.12 -14.27 16.71
N GLY D 1235 -5.31 -13.19 15.97
CA GLY D 1235 -6.13 -12.07 16.43
C GLY D 1235 -5.37 -10.98 17.17
N ASN D 1236 -6.11 -10.21 17.94
CA ASN D 1236 -5.57 -8.99 18.55
C ASN D 1236 -5.13 -9.10 20.00
N ALA D 1237 -5.62 -10.10 20.73
CA ALA D 1237 -5.33 -10.22 22.16
C ALA D 1237 -3.83 -10.18 22.44
N LEU D 1238 -3.07 -11.00 21.72
CA LEU D 1238 -1.64 -11.13 22.00
C LEU D 1238 -0.86 -9.80 21.91
N LYS D 1239 -1.20 -8.97 20.92
CA LYS D 1239 -0.64 -7.62 20.79
C LYS D 1239 -0.70 -6.88 22.12
N PHE D 1240 -1.86 -6.93 22.76
CA PHE D 1240 -2.09 -6.19 23.97
C PHE D 1240 -1.40 -6.78 25.18
N TYR D 1241 -1.42 -8.11 25.30
CA TYR D 1241 -0.90 -8.77 26.49
C TYR D 1241 0.61 -8.93 26.47
N ALA D 1242 1.24 -8.84 25.31
CA ALA D 1242 2.70 -9.00 25.25
C ALA D 1242 3.40 -7.82 25.94
N SER D 1243 4.38 -8.12 26.78
CA SER D 1243 5.18 -7.07 27.40
C SER D 1243 6.31 -6.65 26.47
N VAL D 1244 6.71 -7.57 25.60
CA VAL D 1244 7.71 -7.30 24.57
C VAL D 1244 7.21 -7.94 23.27
N ARG D 1245 7.34 -7.23 22.15
CA ARG D 1245 7.14 -7.84 20.84
C ARG D 1245 8.38 -7.63 19.98
N LEU D 1246 8.82 -8.70 19.34
CA LEU D 1246 10.04 -8.70 18.55
C LEU D 1246 9.75 -9.04 17.10
N ASP D 1247 10.26 -8.23 16.18
CA ASP D 1247 10.21 -8.48 14.74
C ASP D 1247 11.61 -8.91 14.30
N ILE D 1248 11.74 -10.19 13.94
CA ILE D 1248 13.04 -10.75 13.52
C ILE D 1248 13.07 -10.97 12.00
N ARG D 1249 14.20 -10.66 11.38
CA ARG D 1249 14.33 -10.73 9.92
C ARG D 1249 15.72 -11.11 9.44
N ARG D 1250 15.78 -11.93 8.38
CA ARG D 1250 17.06 -12.27 7.77
C ARG D 1250 17.41 -11.17 6.76
N ILE D 1251 18.55 -10.53 6.93
CA ILE D 1251 18.90 -9.39 6.08
C ILE D 1251 20.08 -9.67 5.15
N GLY D 1252 20.64 -10.88 5.21
CA GLY D 1252 21.76 -11.25 4.35
C GLY D 1252 22.38 -12.58 4.69
N ALA D 1253 23.42 -12.93 3.94
CA ALA D 1253 24.10 -14.20 4.10
C ALA D 1253 25.48 -14.03 4.75
N VAL D 1254 25.85 -14.98 5.61
CA VAL D 1254 27.21 -15.08 6.15
C VAL D 1254 27.93 -16.11 5.32
N LYS D 1255 29.06 -15.72 4.74
CA LYS D 1255 29.77 -16.59 3.78
C LYS D 1255 31.24 -16.93 4.08
N GLU D 1256 31.57 -18.21 3.93
CA GLU D 1256 32.95 -18.71 3.92
C GLU D 1256 33.38 -18.83 2.47
N GLY D 1257 33.66 -17.71 1.84
CA GLY D 1257 33.92 -17.67 0.40
C GLY D 1257 32.73 -18.20 -0.38
N GLU D 1258 32.75 -19.49 -0.68
CA GLU D 1258 31.70 -20.17 -1.44
C GLU D 1258 30.45 -20.43 -0.60
N ASN D 1259 30.63 -21.08 0.55
CA ASN D 1259 29.52 -21.63 1.32
C ASN D 1259 28.77 -20.60 2.16
N VAL D 1260 27.45 -20.70 2.14
CA VAL D 1260 26.61 -19.92 3.02
C VAL D 1260 26.59 -20.65 4.36
N VAL D 1261 27.19 -20.03 5.37
CA VAL D 1261 27.42 -20.70 6.64
C VAL D 1261 26.55 -20.15 7.79
N GLY D 1262 25.88 -19.03 7.50
CA GLY D 1262 24.97 -18.42 8.48
C GLY D 1262 24.03 -17.39 7.89
N SER D 1263 23.15 -16.86 8.74
CA SER D 1263 22.23 -15.79 8.36
C SER D 1263 22.58 -14.51 9.10
N GLU D 1264 22.72 -13.44 8.36
CA GLU D 1264 22.82 -12.10 8.94
C GLU D 1264 21.42 -11.65 9.40
N THR D 1265 21.28 -11.25 10.65
CA THR D 1265 19.95 -11.11 11.27
C THR D 1265 19.71 -9.74 11.92
N ARG D 1266 18.48 -9.23 11.80
CA ARG D 1266 18.05 -8.00 12.47
C ARG D 1266 16.80 -8.22 13.30
N VAL D 1267 16.80 -7.74 14.54
CA VAL D 1267 15.62 -7.81 15.40
C VAL D 1267 15.23 -6.40 15.80
N LYS D 1268 13.96 -6.03 15.59
CA LYS D 1268 13.46 -4.73 16.05
C LYS D 1268 12.59 -4.95 17.27
N VAL D 1269 12.78 -4.12 18.29
CA VAL D 1269 11.89 -4.21 19.43
C VAL D 1269 10.69 -3.35 19.13
N VAL D 1270 9.61 -4.02 18.76
CA VAL D 1270 8.45 -3.38 18.18
C VAL D 1270 7.47 -2.93 19.24
N LYS D 1271 7.46 -3.63 20.37
CA LYS D 1271 6.71 -3.22 21.55
C LYS D 1271 7.53 -3.49 22.82
N ASN D 1272 7.49 -2.56 23.76
CA ASN D 1272 8.23 -2.71 25.01
C ASN D 1272 7.57 -1.99 26.19
N LYS D 1273 7.27 -2.77 27.22
CA LYS D 1273 6.62 -2.30 28.43
C LYS D 1273 7.61 -2.18 29.60
N ILE D 1274 8.85 -2.65 29.43
CA ILE D 1274 9.83 -2.63 30.49
C ILE D 1274 10.97 -1.64 30.26
N ALA D 1275 11.06 -1.10 29.06
CA ALA D 1275 12.05 -0.07 28.67
C ALA D 1275 11.56 0.56 27.36
N ALA D 1276 12.25 1.61 26.88
CA ALA D 1276 11.90 2.25 25.60
C ALA D 1276 11.80 1.21 24.48
N PRO D 1277 10.81 1.37 23.58
CA PRO D 1277 10.72 0.51 22.40
C PRO D 1277 11.55 1.04 21.22
N PHE D 1278 11.57 0.27 20.13
CA PHE D 1278 12.09 0.69 18.82
C PHE D 1278 13.61 0.72 18.65
N LYS D 1279 14.33 0.18 19.62
CA LYS D 1279 15.75 -0.07 19.40
C LYS D 1279 15.88 -1.35 18.60
N GLN D 1280 17.04 -1.59 17.99
CA GLN D 1280 17.22 -2.82 17.23
C GLN D 1280 18.57 -3.50 17.41
N ALA D 1281 18.61 -4.78 17.13
CA ALA D 1281 19.82 -5.57 17.28
C ALA D 1281 20.17 -6.23 15.96
N GLU D 1282 21.46 -6.33 15.68
CA GLU D 1282 21.94 -7.06 14.51
C GLU D 1282 23.01 -8.04 14.94
N PHE D 1283 22.89 -9.29 14.49
CA PHE D 1283 23.86 -10.31 14.85
C PHE D 1283 23.83 -11.38 13.80
N GLN D 1284 24.73 -12.35 13.90
CA GLN D 1284 24.75 -13.49 12.99
C GLN D 1284 24.16 -14.73 13.64
N ILE D 1285 23.43 -15.50 12.84
CA ILE D 1285 23.06 -16.85 13.24
C ILE D 1285 23.93 -17.77 12.41
N LEU D 1286 24.83 -18.49 13.07
CA LEU D 1286 25.68 -19.45 12.37
C LEU D 1286 25.05 -20.82 12.50
N TYR D 1287 24.83 -21.48 11.36
CA TYR D 1287 24.09 -22.74 11.34
C TYR D 1287 24.80 -23.82 12.14
N GLY D 1288 24.03 -24.56 12.93
CA GLY D 1288 24.55 -25.64 13.76
C GLY D 1288 25.38 -25.15 14.93
N GLU D 1289 25.35 -23.84 15.16
CA GLU D 1289 26.10 -23.22 16.23
C GLU D 1289 25.21 -22.25 17.03
N GLY D 1290 24.40 -21.47 16.30
CA GLY D 1290 23.47 -20.53 16.91
C GLY D 1290 23.88 -19.08 16.72
N ILE D 1291 23.36 -18.21 17.59
CA ILE D 1291 23.74 -16.81 17.64
C ILE D 1291 25.24 -16.73 17.94
N ASN D 1292 25.96 -16.39 16.92
CA ASN D 1292 27.34 -16.09 16.94
C ASN D 1292 27.67 -15.01 17.98
N PHE D 1293 27.90 -15.46 19.21
CA PHE D 1293 28.15 -14.57 20.33
C PHE D 1293 29.41 -13.73 20.13
N TYR D 1294 30.49 -14.37 19.72
CA TYR D 1294 31.77 -13.67 19.56
C TYR D 1294 31.75 -12.67 18.42
N GLY D 1295 30.89 -12.95 17.42
CA GLY D 1295 30.64 -12.01 16.33
C GLY D 1295 30.09 -10.70 16.86
N GLU D 1296 29.03 -10.79 17.69
CA GLU D 1296 28.47 -9.61 18.38
C GLU D 1296 29.55 -8.87 19.13
N LEU D 1297 30.38 -9.62 19.86
CA LEU D 1297 31.42 -9.03 20.69
C LEU D 1297 32.40 -8.17 19.89
N VAL D 1298 32.78 -8.65 18.70
CA VAL D 1298 33.64 -7.89 17.81
C VAL D 1298 32.94 -6.58 17.43
N ASP D 1299 31.76 -6.66 16.83
CA ASP D 1299 31.01 -5.48 16.41
C ASP D 1299 30.82 -4.48 17.54
N LEU D 1300 30.37 -4.96 18.70
CA LEU D 1300 30.21 -4.10 19.88
C LEU D 1300 31.54 -3.50 20.33
N GLY D 1301 32.59 -4.32 20.35
CA GLY D 1301 33.92 -3.87 20.73
C GLY D 1301 34.41 -2.74 19.83
N VAL D 1302 34.22 -2.91 18.53
CA VAL D 1302 34.61 -1.90 17.55
C VAL D 1302 33.79 -0.64 17.74
N LYS D 1303 32.47 -0.82 17.88
CA LYS D 1303 31.56 0.30 18.05
C LYS D 1303 31.92 1.14 19.28
N GLU D 1304 32.33 0.46 20.35
CA GLU D 1304 32.66 1.13 21.61
C GLU D 1304 34.13 1.56 21.71
N LYS D 1305 34.86 1.41 20.60
CA LYS D 1305 36.27 1.85 20.49
C LYS D 1305 37.21 1.09 21.43
N LEU D 1306 36.88 -0.17 21.72
CA LEU D 1306 37.75 -1.04 22.51
C LEU D 1306 38.61 -1.88 21.57
N ILE D 1307 38.05 -2.19 20.41
CA ILE D 1307 38.76 -2.90 19.36
C ILE D 1307 38.95 -1.93 18.21
N GLU D 1308 40.20 -1.83 17.74
CA GLU D 1308 40.55 -0.92 16.65
C GLU D 1308 40.33 -1.59 15.31
N LYS D 1309 39.85 -0.84 14.32
CA LYS D 1309 39.64 -1.39 12.98
C LYS D 1309 40.20 -0.48 11.89
N ALA D 1310 41.37 -0.85 11.37
CA ALA D 1310 42.02 -0.10 10.29
C ALA D 1310 41.88 -0.87 8.97
N GLY D 1311 40.86 -0.49 8.18
CA GLY D 1311 40.49 -1.21 6.97
C GLY D 1311 39.87 -2.56 7.29
N ALA D 1312 40.60 -3.63 7.00
CA ALA D 1312 40.17 -4.99 7.30
C ALA D 1312 40.86 -5.58 8.54
N TRP D 1313 41.86 -4.86 9.07
CA TRP D 1313 42.64 -5.33 10.22
C TRP D 1313 42.03 -4.93 11.57
N TYR D 1314 41.79 -5.93 12.40
CA TYR D 1314 41.28 -5.73 13.76
C TYR D 1314 42.43 -5.82 14.77
N SER D 1315 42.47 -4.86 15.70
CA SER D 1315 43.51 -4.81 16.73
C SER D 1315 42.92 -4.69 18.12
N TYR D 1316 43.56 -5.34 19.09
CA TYR D 1316 43.23 -5.10 20.49
C TYR D 1316 44.46 -4.64 21.23
N LYS D 1317 44.33 -3.49 21.89
CA LYS D 1317 45.43 -2.90 22.66
C LYS D 1317 46.77 -2.96 21.93
N GLY D 1318 46.76 -2.53 20.67
CA GLY D 1318 47.98 -2.45 19.85
C GLY D 1318 48.35 -3.70 19.07
N GLU D 1319 47.91 -4.85 19.58
CA GLU D 1319 48.26 -6.15 19.00
C GLU D 1319 47.17 -6.60 18.02
N LYS D 1320 47.58 -6.93 16.80
CA LYS D 1320 46.67 -7.38 15.74
C LYS D 1320 46.04 -8.72 16.09
N ILE D 1321 44.72 -8.81 15.95
CA ILE D 1321 44.02 -10.03 16.32
C ILE D 1321 43.39 -10.77 15.13
N GLY D 1322 43.29 -10.10 13.99
CA GLY D 1322 42.80 -10.75 12.79
C GLY D 1322 42.45 -9.83 11.65
N GLN D 1323 42.54 -10.35 10.43
CA GLN D 1323 42.09 -9.66 9.23
C GLN D 1323 40.71 -10.18 8.84
N GLY D 1324 39.73 -9.28 8.79
CA GLY D 1324 38.35 -9.67 8.52
C GLY D 1324 37.62 -10.10 9.78
N LYS D 1325 36.32 -9.84 9.83
CA LYS D 1325 35.48 -10.15 11.01
C LYS D 1325 35.61 -11.61 11.41
N ALA D 1326 35.61 -12.50 10.42
CA ALA D 1326 35.74 -13.95 10.65
C ALA D 1326 36.94 -14.33 11.53
N ASN D 1327 38.09 -13.74 11.23
CA ASN D 1327 39.33 -14.05 11.94
C ASN D 1327 39.43 -13.43 13.33
N ALA D 1328 38.94 -12.19 13.46
CA ALA D 1328 38.86 -11.54 14.75
C ALA D 1328 37.97 -12.36 15.70
N THR D 1329 36.84 -12.84 15.17
CA THR D 1329 35.92 -13.71 15.91
C THR D 1329 36.64 -14.96 16.39
N ALA D 1330 37.35 -15.62 15.47
CA ALA D 1330 38.12 -16.83 15.80
C ALA D 1330 39.16 -16.59 16.91
N TRP D 1331 39.78 -15.41 16.89
CA TRP D 1331 40.76 -15.04 17.90
C TRP D 1331 40.16 -14.91 19.30
N LEU D 1332 39.01 -14.22 19.40
CA LEU D 1332 38.32 -14.09 20.69
C LEU D 1332 37.88 -15.45 21.24
N LYS D 1333 37.35 -16.30 20.36
CA LYS D 1333 36.95 -17.66 20.69
C LYS D 1333 38.15 -18.38 21.29
N ASP D 1334 39.33 -18.06 20.76
CA ASP D 1334 40.58 -18.71 21.14
C ASP D 1334 41.20 -18.13 22.42
N ASN D 1335 40.90 -16.87 22.70
CA ASN D 1335 41.41 -16.19 23.90
C ASN D 1335 40.28 -15.79 24.85
N PRO D 1336 39.74 -16.78 25.61
CA PRO D 1336 38.48 -16.56 26.33
C PRO D 1336 38.61 -15.52 27.45
N GLU D 1337 39.81 -15.42 28.02
CA GLU D 1337 40.09 -14.50 29.12
C GLU D 1337 39.99 -13.05 28.67
N THR D 1338 40.57 -12.76 27.52
CA THR D 1338 40.54 -11.43 26.90
C THR D 1338 39.11 -11.10 26.45
N ALA D 1339 38.41 -12.10 25.93
CA ALA D 1339 37.01 -11.97 25.53
C ALA D 1339 36.14 -11.55 26.72
N LYS D 1340 36.34 -12.20 27.88
CA LYS D 1340 35.61 -11.86 29.11
C LYS D 1340 35.84 -10.39 29.48
N GLU D 1341 37.10 -9.96 29.38
CA GLU D 1341 37.48 -8.58 29.68
C GLU D 1341 36.75 -7.58 28.80
N ILE D 1342 36.75 -7.84 27.49
CA ILE D 1342 36.07 -6.97 26.54
C ILE D 1342 34.57 -6.97 26.80
N GLU D 1343 34.00 -8.15 27.02
CA GLU D 1343 32.57 -8.28 27.31
C GLU D 1343 32.16 -7.52 28.57
N LYS D 1344 32.96 -7.65 29.63
CA LYS D 1344 32.70 -6.96 30.88
C LYS D 1344 32.63 -5.43 30.68
N LYS D 1345 33.56 -4.90 29.87
CA LYS D 1345 33.60 -3.47 29.56
C LYS D 1345 32.43 -3.03 28.69
N VAL D 1346 32.08 -3.85 27.70
CA VAL D 1346 30.95 -3.56 26.83
C VAL D 1346 29.66 -3.47 27.65
N ARG D 1347 29.53 -4.36 28.63
CA ARG D 1347 28.37 -4.36 29.51
C ARG D 1347 28.32 -3.14 30.42
N GLU D 1348 29.46 -2.79 31.02
CA GLU D 1348 29.56 -1.58 31.83
C GLU D 1348 29.17 -0.35 31.05
N LEU D 1349 29.61 -0.28 29.79
CA LEU D 1349 29.33 0.86 28.93
C LEU D 1349 27.88 0.92 28.41
N LEU D 1350 27.25 -0.23 28.18
CA LEU D 1350 25.99 -0.26 27.46
C LEU D 1350 24.73 -0.72 28.19
N LEU D 1351 24.90 -1.36 29.35
CA LEU D 1351 23.74 -1.77 30.16
C LEU D 1351 23.16 -0.56 30.89
N SER D 1352 21.88 -0.33 30.59
CA SER D 1352 21.16 0.95 30.70
C SER D 1352 20.71 1.35 32.12
N ASN D 1353 20.05 0.42 32.82
CA ASN D 1353 19.35 0.71 34.08
C ASN D 1353 20.23 1.10 35.28
N PRO D 1354 19.61 1.64 36.35
CA PRO D 1354 20.20 1.49 37.68
C PRO D 1354 19.73 0.19 38.35
N ASN D 1355 19.30 -0.79 37.55
CA ASN D 1355 18.76 -2.07 38.02
C ASN D 1355 19.08 -3.31 37.16
N SER D 1356 19.74 -3.11 36.02
CA SER D 1356 20.11 -4.22 35.12
C SER D 1356 21.45 -4.83 35.52
N ALA D 1373 15.14 -28.27 50.23
CA ALA D 1373 13.69 -28.10 50.52
C ALA D 1373 13.04 -27.15 49.52
N ILE D 1374 13.84 -26.26 48.92
CA ILE D 1374 13.35 -25.23 47.99
C ILE D 1374 13.10 -25.78 46.58
N ASP D 1375 13.98 -26.68 46.13
CA ASP D 1375 13.87 -27.31 44.81
C ASP D 1375 13.14 -28.67 44.84
N GLU D 1376 12.98 -29.22 46.05
CA GLU D 1376 12.25 -30.47 46.24
C GLU D 1376 10.75 -30.27 46.31
N ASN D 1377 10.33 -29.04 46.63
CA ASN D 1377 8.93 -28.65 46.47
C ASN D 1377 8.60 -28.42 45.00
N LYS D 1378 9.59 -27.92 44.27
CA LYS D 1378 9.50 -27.74 42.82
C LYS D 1378 9.29 -29.09 42.10
N GLN D 1379 10.16 -30.05 42.40
CA GLN D 1379 10.08 -31.37 41.77
C GLN D 1379 8.83 -32.15 42.14
N LYS D 1380 8.38 -31.99 43.38
CA LYS D 1380 7.10 -32.54 43.84
C LYS D 1380 5.94 -31.97 43.02
N ALA D 1381 5.89 -30.64 42.91
CA ALA D 1381 4.83 -29.95 42.16
C ALA D 1381 4.94 -30.19 40.65
N LEU D 1382 6.17 -30.34 40.16
CA LEU D 1382 6.43 -30.62 38.76
C LEU D 1382 5.87 -31.98 38.37
N ALA D 1383 6.28 -33.01 39.11
CA ALA D 1383 5.82 -34.38 38.88
C ALA D 1383 4.29 -34.44 38.93
N ALA D 1384 3.69 -33.75 39.88
CA ALA D 1384 2.23 -33.70 40.03
C ALA D 1384 1.53 -33.06 38.83
N ALA D 1385 2.04 -31.91 38.38
CA ALA D 1385 1.49 -31.24 37.20
C ALA D 1385 1.68 -32.10 35.94
N LEU D 1386 2.86 -32.70 35.80
CA LEU D 1386 3.16 -33.62 34.70
C LEU D 1386 2.21 -34.82 34.70
N GLY D 1387 2.05 -35.45 35.86
CA GLY D 1387 1.10 -36.54 36.02
C GLY D 1387 -0.31 -36.13 35.66
N GLN D 1388 -0.69 -34.91 36.05
CA GLN D 1388 -2.00 -34.34 35.74
C GLN D 1388 -2.20 -34.16 34.24
N ILE D 1389 -1.19 -33.59 33.58
CA ILE D 1389 -1.23 -33.35 32.13
C ILE D 1389 -1.43 -34.66 31.38
N GLU D 1390 -0.69 -35.68 31.80
CA GLU D 1390 -0.74 -36.99 31.17
C GLU D 1390 -2.08 -37.67 31.42
N LYS D 1391 -2.64 -37.51 32.61
CA LYS D 1391 -3.95 -38.07 32.94
C LYS D 1391 -5.05 -37.40 32.10
N GLN D 1392 -4.94 -36.09 31.93
CA GLN D 1392 -5.91 -35.30 31.17
C GLN D 1392 -5.81 -35.50 29.65
N PHE D 1393 -4.60 -35.55 29.12
CA PHE D 1393 -4.40 -35.53 27.67
C PHE D 1393 -3.78 -36.78 27.06
N GLY D 1394 -3.60 -37.83 27.87
CA GLY D 1394 -3.09 -39.10 27.37
C GLY D 1394 -1.62 -39.32 27.65
N LYS D 1395 -1.17 -40.54 27.41
CA LYS D 1395 0.21 -41.00 27.68
C LYS D 1395 1.30 -39.98 27.33
N GLY D 1396 1.76 -39.97 26.07
CA GLY D 1396 2.95 -39.20 25.72
C GLY D 1396 2.75 -37.72 25.45
N SER D 1397 1.75 -37.11 26.08
CA SER D 1397 1.38 -35.73 25.76
C SER D 1397 2.40 -34.68 26.26
N ILE D 1398 3.22 -35.05 27.23
CA ILE D 1398 4.40 -34.26 27.61
C ILE D 1398 5.51 -35.19 28.08
N MET D 1399 6.74 -34.92 27.64
CA MET D 1399 7.92 -35.65 28.10
C MET D 1399 9.22 -34.92 27.86
N ARG D 1400 10.30 -35.44 28.44
CA ARG D 1400 11.64 -34.93 28.21
C ARG D 1400 11.99 -35.16 26.75
N LEU D 1401 12.49 -34.12 26.09
CA LEU D 1401 12.83 -34.21 24.68
C LEU D 1401 13.77 -35.36 24.39
N GLY D 1402 14.81 -35.48 25.21
CA GLY D 1402 15.88 -36.46 25.01
C GLY D 1402 15.40 -37.89 24.87
N GLU D 1403 14.24 -38.18 25.46
CA GLU D 1403 13.74 -39.54 25.47
C GLU D 1403 12.50 -39.75 24.60
N ASP D 1404 12.16 -38.75 23.79
CA ASP D 1404 11.06 -38.89 22.84
C ASP D 1404 11.56 -39.40 21.50
N ARG D 1405 11.36 -40.70 21.26
CA ARG D 1405 11.78 -41.35 20.04
C ARG D 1405 11.03 -40.85 18.81
N SER D 1406 9.77 -40.46 19.00
CA SER D 1406 8.93 -40.03 17.89
C SER D 1406 9.41 -38.69 17.31
N MET D 1407 10.40 -38.10 17.95
CA MET D 1407 10.88 -36.78 17.60
C MET D 1407 12.14 -36.87 16.75
N ASP D 1408 12.72 -38.07 16.67
CA ASP D 1408 13.91 -38.30 15.87
C ASP D 1408 13.59 -38.10 14.41
N VAL D 1409 14.45 -37.35 13.77
CA VAL D 1409 14.26 -37.13 12.35
C VAL D 1409 14.65 -38.38 11.56
N GLU D 1410 13.72 -38.92 10.77
CA GLU D 1410 13.97 -40.06 9.91
C GLU D 1410 13.81 -39.60 8.47
N THR D 1411 14.66 -40.10 7.56
CA THR D 1411 14.60 -39.66 6.14
C THR D 1411 14.36 -40.76 5.09
N ILE D 1412 13.91 -40.31 3.91
CA ILE D 1412 13.63 -41.14 2.74
C ILE D 1412 14.49 -40.59 1.64
N SER D 1413 15.06 -41.47 0.81
CA SER D 1413 15.84 -41.02 -0.34
C SER D 1413 14.99 -40.24 -1.36
N THR D 1414 15.62 -39.30 -2.05
CA THR D 1414 14.94 -38.52 -3.08
C THR D 1414 15.07 -39.14 -4.47
N GLY D 1415 15.89 -40.20 -4.58
CA GLY D 1415 16.19 -40.80 -5.89
C GLY D 1415 17.43 -40.20 -6.53
N SER D 1416 17.87 -39.05 -6.02
CA SER D 1416 19.14 -38.45 -6.42
C SER D 1416 20.12 -38.49 -5.28
N LEU D 1417 21.32 -39.01 -5.55
CA LEU D 1417 22.36 -39.10 -4.52
C LEU D 1417 22.87 -37.72 -4.13
N SER D 1418 23.10 -36.85 -5.12
CA SER D 1418 23.67 -35.55 -4.83
C SER D 1418 22.68 -34.66 -4.09
N LEU D 1419 21.38 -34.87 -4.36
CA LEU D 1419 20.32 -34.17 -3.62
C LEU D 1419 20.30 -34.64 -2.17
N ASP D 1420 20.35 -35.97 -1.99
CA ASP D 1420 20.39 -36.54 -0.64
C ASP D 1420 21.55 -35.96 0.16
N ILE D 1421 22.66 -35.70 -0.52
CA ILE D 1421 23.81 -35.07 0.10
C ILE D 1421 23.54 -33.59 0.39
N ALA D 1422 22.95 -32.89 -0.58
CA ALA D 1422 22.64 -31.48 -0.43
C ALA D 1422 21.70 -31.24 0.76
N LEU D 1423 20.76 -32.15 0.96
CA LEU D 1423 19.80 -32.06 2.06
C LEU D 1423 20.43 -32.27 3.43
N GLY D 1424 21.70 -32.69 3.44
CA GLY D 1424 22.47 -32.80 4.67
C GLY D 1424 22.15 -34.03 5.50
N ALA D 1425 20.87 -34.34 5.65
CA ALA D 1425 20.40 -35.46 6.45
C ALA D 1425 20.24 -36.75 5.65
N GLY D 1426 20.46 -36.69 4.34
CA GLY D 1426 20.42 -37.88 3.51
C GLY D 1426 19.12 -38.13 2.77
N GLY D 1427 18.17 -37.21 2.89
CA GLY D 1427 16.89 -37.30 2.18
C GLY D 1427 15.82 -36.42 2.80
N LEU D 1428 14.58 -36.66 2.39
CA LEU D 1428 13.45 -35.87 2.89
C LEU D 1428 12.95 -36.42 4.22
N PRO D 1429 12.53 -35.52 5.14
CA PRO D 1429 12.13 -35.97 6.48
C PRO D 1429 10.68 -36.51 6.58
N MET D 1430 10.53 -37.69 7.19
CA MET D 1430 9.22 -38.28 7.41
C MET D 1430 8.40 -37.48 8.41
N GLY D 1431 7.09 -37.43 8.19
CA GLY D 1431 6.17 -36.73 9.09
C GLY D 1431 6.23 -35.23 8.95
N ARG D 1432 6.77 -34.75 7.83
CA ARG D 1432 6.94 -33.32 7.61
C ARG D 1432 6.33 -32.92 6.27
N ILE D 1433 6.26 -31.61 6.01
CA ILE D 1433 5.80 -31.08 4.75
C ILE D 1433 6.99 -30.62 3.92
N VAL D 1434 6.95 -30.88 2.62
CA VAL D 1434 8.04 -30.49 1.73
C VAL D 1434 7.42 -29.80 0.54
N GLU D 1435 8.05 -28.72 0.05
CA GLU D 1435 7.60 -28.05 -1.17
C GLU D 1435 8.67 -28.14 -2.27
N ILE D 1436 8.25 -28.43 -3.50
CA ILE D 1436 9.15 -28.39 -4.65
C ILE D 1436 8.56 -27.45 -5.67
N TYR D 1437 9.35 -26.49 -6.12
CA TYR D 1437 8.87 -25.53 -7.13
C TYR D 1437 9.92 -25.27 -8.19
N GLY D 1438 9.45 -24.82 -9.36
CA GLY D 1438 10.33 -24.49 -10.47
C GLY D 1438 9.53 -24.21 -11.72
N PRO D 1439 10.19 -23.78 -12.79
CA PRO D 1439 9.55 -23.48 -14.07
C PRO D 1439 8.90 -24.73 -14.69
N GLU D 1440 8.18 -24.58 -15.80
CA GLU D 1440 7.57 -25.73 -16.47
C GLU D 1440 8.59 -26.72 -16.98
N SER D 1441 8.25 -28.00 -16.86
CA SER D 1441 9.10 -29.09 -17.34
C SER D 1441 10.48 -29.11 -16.71
N SER D 1442 10.59 -28.65 -15.47
CA SER D 1442 11.87 -28.61 -14.79
C SER D 1442 12.16 -29.94 -14.09
N GLY D 1443 11.14 -30.78 -13.97
CA GLY D 1443 11.32 -32.11 -13.41
C GLY D 1443 10.68 -32.34 -12.06
N LYS D 1444 9.68 -31.52 -11.72
CA LYS D 1444 9.00 -31.60 -10.43
C LYS D 1444 8.28 -32.94 -10.25
N THR D 1445 7.41 -33.29 -11.19
CA THR D 1445 6.69 -34.56 -11.12
C THR D 1445 7.67 -35.73 -11.13
N THR D 1446 8.57 -35.73 -12.10
CA THR D 1446 9.61 -36.75 -12.21
C THR D 1446 10.28 -36.99 -10.85
N LEU D 1447 10.79 -35.92 -10.23
CA LEU D 1447 11.53 -36.06 -8.98
C LEU D 1447 10.66 -36.78 -7.97
N THR D 1448 9.46 -36.25 -7.84
CA THR D 1448 8.42 -36.77 -6.98
C THR D 1448 8.15 -38.29 -7.17
N LEU D 1449 8.05 -38.72 -8.42
CA LEU D 1449 7.80 -40.12 -8.73
C LEU D 1449 9.01 -40.98 -8.35
N GLN D 1450 10.21 -40.41 -8.50
CA GLN D 1450 11.43 -41.10 -8.09
C GLN D 1450 11.48 -41.30 -6.58
N VAL D 1451 11.00 -40.33 -5.79
CA VAL D 1451 10.93 -40.55 -4.37
C VAL D 1451 9.88 -41.61 -4.02
N ILE D 1452 8.73 -41.56 -4.68
CA ILE D 1452 7.73 -42.64 -4.55
C ILE D 1452 8.31 -44.01 -4.87
N ALA D 1453 9.00 -44.13 -6.00
CA ALA D 1453 9.59 -45.41 -6.41
C ALA D 1453 10.56 -45.95 -5.35
N ALA D 1454 11.44 -45.08 -4.85
CA ALA D 1454 12.41 -45.46 -3.82
C ALA D 1454 11.72 -45.93 -2.55
N ALA D 1455 10.65 -45.22 -2.17
CA ALA D 1455 9.85 -45.57 -1.00
C ALA D 1455 9.16 -46.93 -1.15
N GLN D 1456 8.57 -47.16 -2.33
CA GLN D 1456 7.88 -48.41 -2.59
C GLN D 1456 8.85 -49.58 -2.57
N ARG D 1457 10.05 -49.31 -3.08
CA ARG D 1457 11.15 -50.27 -3.11
C ARG D 1457 11.52 -50.75 -1.68
N GLU D 1458 11.19 -49.91 -0.69
CA GLU D 1458 11.41 -50.23 0.72
C GLU D 1458 10.15 -50.67 1.44
N GLY D 1459 9.10 -51.02 0.70
CA GLY D 1459 7.84 -51.49 1.28
C GLY D 1459 6.88 -50.42 1.80
N LYS D 1460 7.17 -49.15 1.52
CA LYS D 1460 6.29 -48.07 1.96
C LYS D 1460 5.08 -47.91 1.05
N THR D 1461 4.02 -47.29 1.56
CA THR D 1461 2.79 -47.08 0.81
C THR D 1461 2.70 -45.61 0.40
N CYS D 1462 2.38 -45.36 -0.87
CA CYS D 1462 2.32 -43.99 -1.40
C CYS D 1462 1.01 -43.60 -2.04
N ALA D 1463 0.70 -42.31 -2.01
CA ALA D 1463 -0.47 -41.78 -2.67
C ALA D 1463 -0.08 -40.58 -3.50
N PHE D 1464 -0.74 -40.42 -4.64
CA PHE D 1464 -0.49 -39.31 -5.55
C PHE D 1464 -1.78 -38.55 -5.82
N ILE D 1465 -1.82 -37.27 -5.46
CA ILE D 1465 -2.98 -36.43 -5.73
C ILE D 1465 -2.72 -35.60 -6.98
N ASP D 1466 -3.24 -36.09 -8.11
CA ASP D 1466 -3.00 -35.46 -9.40
C ASP D 1466 -4.00 -34.33 -9.68
N ALA D 1467 -3.85 -33.22 -8.97
CA ALA D 1467 -4.78 -32.09 -9.12
C ALA D 1467 -4.59 -31.42 -10.48
N GLU D 1468 -3.38 -31.55 -11.03
CA GLU D 1468 -3.03 -30.96 -12.31
C GLU D 1468 -3.62 -31.77 -13.47
N HIS D 1469 -4.14 -32.97 -13.14
CA HIS D 1469 -4.76 -33.89 -14.10
C HIS D 1469 -3.85 -34.16 -15.28
N ALA D 1470 -2.60 -34.53 -15.00
CA ALA D 1470 -1.62 -34.72 -16.06
C ALA D 1470 -0.63 -35.86 -15.79
N LEU D 1471 -0.99 -36.77 -14.89
CA LEU D 1471 -0.12 -37.91 -14.62
C LEU D 1471 -0.24 -38.99 -15.70
N ASP D 1472 0.91 -39.38 -16.25
CA ASP D 1472 0.97 -40.47 -17.23
C ASP D 1472 1.40 -41.77 -16.52
N PRO D 1473 0.43 -42.67 -16.28
CA PRO D 1473 0.71 -43.90 -15.54
C PRO D 1473 1.82 -44.73 -16.19
N ILE D 1474 1.79 -44.89 -17.52
CA ILE D 1474 2.83 -45.61 -18.23
C ILE D 1474 4.21 -44.98 -17.98
N TYR D 1475 4.27 -43.65 -17.98
CA TYR D 1475 5.54 -42.98 -17.71
C TYR D 1475 6.01 -43.24 -16.28
N ALA D 1476 5.09 -43.15 -15.32
CA ALA D 1476 5.41 -43.42 -13.92
C ALA D 1476 6.04 -44.81 -13.78
N ARG D 1477 5.49 -45.79 -14.52
CA ARG D 1477 6.03 -47.14 -14.50
C ARG D 1477 7.46 -47.18 -15.01
N LYS D 1478 7.74 -46.47 -16.10
CA LYS D 1478 9.10 -46.40 -16.64
C LYS D 1478 10.09 -45.83 -15.63
N LEU D 1479 9.63 -44.91 -14.79
CA LEU D 1479 10.49 -44.35 -13.74
C LEU D 1479 10.61 -45.29 -12.54
N GLY D 1480 10.06 -46.50 -12.66
CA GLY D 1480 10.18 -47.51 -11.61
C GLY D 1480 9.13 -47.47 -10.51
N VAL D 1481 8.04 -46.73 -10.73
CA VAL D 1481 6.93 -46.72 -9.78
C VAL D 1481 6.08 -47.99 -9.93
N ASP D 1482 5.69 -48.55 -8.79
CA ASP D 1482 4.74 -49.66 -8.75
C ASP D 1482 3.34 -49.10 -8.95
N ILE D 1483 2.97 -48.98 -10.22
CA ILE D 1483 1.68 -48.43 -10.66
C ILE D 1483 0.50 -49.08 -9.95
N ASP D 1484 0.58 -50.41 -9.77
CA ASP D 1484 -0.51 -51.18 -9.22
C ASP D 1484 -0.79 -50.94 -7.74
N ASN D 1485 0.16 -50.34 -7.02
CA ASN D 1485 0.00 -50.07 -5.59
C ASN D 1485 0.04 -48.60 -5.23
N LEU D 1486 0.19 -47.75 -6.24
CA LEU D 1486 0.19 -46.32 -6.01
C LEU D 1486 -1.25 -45.84 -5.94
N LEU D 1487 -1.66 -45.39 -4.76
CA LEU D 1487 -2.98 -44.77 -4.61
C LEU D 1487 -2.97 -43.47 -5.37
N CYS D 1488 -4.03 -43.24 -6.12
CA CYS D 1488 -4.07 -42.11 -7.01
C CYS D 1488 -5.43 -41.44 -7.00
N SER D 1489 -5.42 -40.12 -6.99
CA SER D 1489 -6.66 -39.38 -6.94
C SER D 1489 -6.59 -38.14 -7.83
N GLN D 1490 -7.63 -37.95 -8.61
CA GLN D 1490 -7.81 -36.70 -9.36
C GLN D 1490 -9.03 -35.97 -8.82
N PRO D 1491 -8.85 -35.15 -7.77
CA PRO D 1491 -9.95 -34.59 -7.01
C PRO D 1491 -10.65 -33.46 -7.75
N ASP D 1492 -11.90 -33.17 -7.37
CA ASP D 1492 -12.70 -32.16 -8.05
C ASP D 1492 -12.39 -30.73 -7.58
N THR D 1493 -12.21 -30.56 -6.28
CA THR D 1493 -11.93 -29.25 -5.70
C THR D 1493 -10.66 -29.33 -4.86
N GLY D 1494 -10.07 -28.17 -4.57
CA GLY D 1494 -8.92 -28.06 -3.70
C GLY D 1494 -9.20 -28.56 -2.30
N GLU D 1495 -10.37 -28.21 -1.77
CA GLU D 1495 -10.78 -28.68 -0.45
C GLU D 1495 -10.86 -30.20 -0.39
N GLN D 1496 -11.41 -30.80 -1.44
CA GLN D 1496 -11.47 -32.25 -1.58
C GLN D 1496 -10.05 -32.83 -1.57
N ALA D 1497 -9.16 -32.28 -2.40
CA ALA D 1497 -7.78 -32.73 -2.44
C ALA D 1497 -7.14 -32.75 -1.06
N LEU D 1498 -7.35 -31.68 -0.30
CA LEU D 1498 -6.75 -31.53 1.01
C LEU D 1498 -7.45 -32.38 2.07
N GLU D 1499 -8.76 -32.58 1.91
CA GLU D 1499 -9.51 -33.47 2.79
C GLU D 1499 -9.04 -34.91 2.66
N ILE D 1500 -8.68 -35.29 1.42
CA ILE D 1500 -8.15 -36.62 1.16
C ILE D 1500 -6.79 -36.76 1.83
N CYS D 1501 -5.95 -35.73 1.71
CA CYS D 1501 -4.64 -35.72 2.40
C CYS D 1501 -4.80 -35.93 3.88
N ASP D 1502 -5.72 -35.20 4.49
CA ASP D 1502 -5.96 -35.30 5.90
C ASP D 1502 -6.40 -36.70 6.29
N ALA D 1503 -7.38 -37.23 5.55
CA ALA D 1503 -7.91 -38.57 5.79
C ALA D 1503 -6.83 -39.65 5.68
N LEU D 1504 -5.95 -39.52 4.67
CA LEU D 1504 -4.86 -40.46 4.47
C LEU D 1504 -3.84 -40.35 5.57
N ALA D 1505 -3.52 -39.11 5.94
CA ALA D 1505 -2.63 -38.86 7.07
C ALA D 1505 -3.15 -39.51 8.33
N ARG D 1506 -4.40 -39.19 8.69
CA ARG D 1506 -5.01 -39.71 9.91
C ARG D 1506 -5.10 -41.24 9.99
N SER D 1507 -5.17 -41.91 8.84
CA SER D 1507 -5.28 -43.37 8.81
C SER D 1507 -4.01 -44.05 9.31
N GLY D 1508 -2.87 -43.39 9.11
CA GLY D 1508 -1.56 -43.93 9.51
C GLY D 1508 -1.10 -45.09 8.63
N ALA D 1509 -1.75 -45.25 7.48
CA ALA D 1509 -1.47 -46.37 6.59
C ALA D 1509 -0.74 -45.95 5.31
N VAL D 1510 -0.60 -44.64 5.11
CA VAL D 1510 0.15 -44.12 3.97
C VAL D 1510 1.43 -43.45 4.45
N ASP D 1511 2.53 -43.70 3.73
CA ASP D 1511 3.86 -43.24 4.15
C ASP D 1511 4.29 -41.93 3.48
N VAL D 1512 4.05 -41.82 2.18
CA VAL D 1512 4.28 -40.56 1.47
C VAL D 1512 3.11 -40.20 0.55
N ILE D 1513 2.73 -38.93 0.61
CA ILE D 1513 1.66 -38.39 -0.21
C ILE D 1513 2.27 -37.23 -0.99
N VAL D 1514 2.05 -37.21 -2.30
CA VAL D 1514 2.41 -36.02 -3.07
C VAL D 1514 1.20 -35.38 -3.75
N VAL D 1515 1.09 -34.06 -3.58
CA VAL D 1515 0.02 -33.27 -4.17
C VAL D 1515 0.62 -32.56 -5.38
N ASP D 1516 0.17 -32.93 -6.57
CA ASP D 1516 0.73 -32.33 -7.77
C ASP D 1516 0.01 -31.06 -8.16
N SER D 1517 0.71 -29.96 -7.84
CA SER D 1517 0.38 -28.56 -8.04
C SER D 1517 -0.59 -28.04 -7.02
N VAL D 1518 -0.07 -27.20 -6.12
CA VAL D 1518 -0.95 -26.40 -5.30
C VAL D 1518 -1.62 -25.38 -6.22
N ALA D 1519 -0.95 -25.05 -7.33
CA ALA D 1519 -1.52 -24.13 -8.31
C ALA D 1519 -2.84 -24.62 -8.87
N ALA D 1520 -3.02 -25.94 -8.90
CA ALA D 1520 -4.21 -26.57 -9.42
C ALA D 1520 -5.27 -26.83 -8.36
N LEU D 1521 -4.97 -26.52 -7.10
CA LEU D 1521 -5.91 -26.65 -5.98
C LEU D 1521 -6.95 -25.52 -5.99
N THR D 1522 -8.05 -25.74 -6.69
CA THR D 1522 -9.06 -24.69 -6.89
C THR D 1522 -10.16 -24.78 -5.84
N PRO D 1523 -10.34 -23.71 -5.05
CA PRO D 1523 -11.43 -23.66 -4.07
C PRO D 1523 -12.81 -23.92 -4.68
N LYS D 1524 -13.67 -24.56 -3.89
CA LYS D 1524 -14.99 -25.00 -4.31
C LYS D 1524 -15.79 -23.82 -4.87
N ALA D 1525 -15.72 -22.69 -4.16
CA ALA D 1525 -16.45 -21.47 -4.55
C ALA D 1525 -16.00 -20.96 -5.93
N GLU D 1526 -14.71 -21.12 -6.21
CA GLU D 1526 -14.15 -20.70 -7.48
C GLU D 1526 -14.60 -21.60 -8.64
N GLY D 1537 -7.53 -14.26 -2.72
CA GLY D 1537 -6.86 -15.02 -1.68
C GLY D 1537 -7.73 -16.08 -1.01
N LEU D 1538 -8.66 -16.65 -1.77
CA LEU D 1538 -9.48 -17.74 -1.27
C LEU D 1538 -8.64 -19.01 -1.15
N ALA D 1539 -7.78 -19.23 -2.14
CA ALA D 1539 -6.87 -20.36 -2.14
C ALA D 1539 -5.85 -20.22 -1.03
N ALA D 1540 -5.42 -18.99 -0.78
CA ALA D 1540 -4.44 -18.72 0.27
C ALA D 1540 -5.00 -19.05 1.64
N ARG D 1541 -6.22 -18.60 1.92
CA ARG D 1541 -6.82 -18.87 3.22
C ARG D 1541 -7.14 -20.36 3.38
N MET D 1542 -7.39 -21.04 2.26
CA MET D 1542 -7.62 -22.48 2.25
C MET D 1542 -6.35 -23.22 2.61
N MET D 1543 -5.23 -22.84 1.99
CA MET D 1543 -3.92 -23.43 2.28
C MET D 1543 -3.50 -23.21 3.73
N SER D 1544 -3.78 -22.01 4.22
CA SER D 1544 -3.46 -21.63 5.58
C SER D 1544 -4.20 -22.51 6.58
N GLN D 1545 -5.49 -22.80 6.31
CA GLN D 1545 -6.29 -23.68 7.15
C GLN D 1545 -5.79 -25.12 7.03
N ALA D 1546 -5.43 -25.54 5.82
CA ALA D 1546 -4.93 -26.89 5.60
C ALA D 1546 -3.66 -27.20 6.41
N MET D 1547 -2.69 -26.29 6.39
CA MET D 1547 -1.42 -26.48 7.10
C MET D 1547 -1.64 -26.68 8.60
N ARG D 1548 -2.42 -25.76 9.17
CA ARG D 1548 -2.89 -25.80 10.54
C ARG D 1548 -3.36 -27.20 10.93
N LYS D 1549 -4.17 -27.83 10.09
CA LYS D 1549 -4.75 -29.15 10.38
C LYS D 1549 -3.81 -30.30 10.04
N LEU D 1550 -3.10 -30.18 8.93
CA LEU D 1550 -2.23 -31.26 8.45
C LEU D 1550 -0.96 -31.51 9.27
N ALA D 1551 -0.31 -30.43 9.72
CA ALA D 1551 1.00 -30.54 10.38
C ALA D 1551 0.99 -31.56 11.52
N GLY D 1552 0.00 -31.45 12.39
CA GLY D 1552 -0.14 -32.35 13.53
C GLY D 1552 -0.40 -33.79 13.13
N ASN D 1553 -1.32 -33.99 12.19
CA ASN D 1553 -1.67 -35.33 11.72
C ASN D 1553 -0.54 -36.05 11.01
N LEU D 1554 0.22 -35.30 10.21
CA LEU D 1554 1.34 -35.88 9.48
C LEU D 1554 2.43 -36.37 10.42
N LYS D 1555 2.72 -35.59 11.46
CA LYS D 1555 3.76 -35.96 12.42
C LYS D 1555 3.36 -37.23 13.19
N GLN D 1556 2.13 -37.29 13.67
CA GLN D 1556 1.69 -38.41 14.49
C GLN D 1556 1.47 -39.71 13.71
N SER D 1557 1.53 -39.63 12.38
CA SER D 1557 1.45 -40.82 11.52
C SER D 1557 2.78 -41.08 10.83
N ASN D 1558 3.74 -40.19 11.07
CA ASN D 1558 5.03 -40.25 10.38
C ASN D 1558 4.89 -40.25 8.85
N THR D 1559 3.99 -39.43 8.35
CA THR D 1559 3.69 -39.34 6.90
C THR D 1559 4.38 -38.13 6.26
N LEU D 1560 5.10 -38.38 5.17
CA LEU D 1560 5.72 -37.31 4.39
C LEU D 1560 4.73 -36.75 3.36
N LEU D 1561 4.54 -35.43 3.36
CA LEU D 1561 3.66 -34.79 2.39
C LEU D 1561 4.44 -33.82 1.52
N ILE D 1562 4.50 -34.11 0.22
CA ILE D 1562 5.21 -33.25 -0.71
C ILE D 1562 4.22 -32.46 -1.56
N PHE D 1563 4.36 -31.14 -1.53
CA PHE D 1563 3.56 -30.24 -2.38
C PHE D 1563 4.42 -29.79 -3.53
N ILE D 1564 3.95 -30.02 -4.75
CA ILE D 1564 4.59 -29.43 -5.91
C ILE D 1564 3.94 -28.06 -6.16
N ASN D 1565 4.75 -27.05 -6.47
CA ASN D 1565 4.20 -25.73 -6.78
C ASN D 1565 4.75 -25.16 -8.09
N GLN D 1566 3.99 -24.27 -8.70
CA GLN D 1566 4.43 -23.58 -9.91
C GLN D 1566 4.91 -22.17 -9.54
N ILE D 1567 5.50 -21.50 -10.52
CA ILE D 1567 6.03 -20.16 -10.35
C ILE D 1567 5.14 -19.11 -11.01
N ARG D 1568 4.94 -17.98 -10.32
CA ARG D 1568 4.28 -16.85 -10.93
C ARG D 1568 5.19 -15.65 -10.81
N MET D 1569 5.02 -14.75 -11.78
CA MET D 1569 5.96 -13.68 -12.12
C MET D 1569 5.40 -12.31 -11.77
N LYS D 1570 5.69 -11.83 -10.55
CA LYS D 1570 5.26 -10.50 -10.11
C LYS D 1570 5.63 -9.39 -11.09
N ASN D 1577 14.04 -10.48 -6.60
CA ASN D 1577 13.44 -11.61 -7.30
C ASN D 1577 11.94 -11.42 -7.58
N PRO D 1578 11.56 -11.36 -8.88
CA PRO D 1578 10.15 -11.18 -9.22
C PRO D 1578 9.33 -12.49 -9.14
N GLU D 1579 9.99 -13.60 -8.82
CA GLU D 1579 9.33 -14.90 -8.79
C GLU D 1579 8.56 -15.15 -7.49
N THR D 1580 7.41 -15.81 -7.59
CA THR D 1580 6.69 -16.31 -6.43
C THR D 1580 6.15 -17.68 -6.71
N THR D 1581 5.33 -18.11 -5.78
CA THR D 1581 4.86 -19.46 -5.71
C THR D 1581 3.34 -19.30 -5.52
N THR D 1582 2.55 -20.30 -5.89
CA THR D 1582 1.10 -20.20 -5.75
C THR D 1582 0.61 -20.52 -4.34
N GLY D 1583 -0.57 -20.02 -4.01
CA GLY D 1583 -1.29 -20.51 -2.85
C GLY D 1583 -0.99 -19.83 -1.54
N GLY D 1584 -0.30 -18.70 -1.59
CA GLY D 1584 -0.11 -17.88 -0.41
C GLY D 1584 1.14 -18.17 0.38
N ASN D 1585 1.14 -17.74 1.64
CA ASN D 1585 2.35 -17.75 2.48
C ASN D 1585 2.48 -18.91 3.46
N ALA D 1586 1.36 -19.56 3.80
CA ALA D 1586 1.37 -20.63 4.78
C ALA D 1586 2.42 -21.71 4.47
N LEU D 1587 2.43 -22.21 3.25
CA LEU D 1587 3.31 -23.31 2.90
C LEU D 1587 4.79 -23.00 3.12
N LYS D 1588 5.22 -21.77 2.80
CA LYS D 1588 6.59 -21.32 3.07
C LYS D 1588 6.98 -21.65 4.50
N PHE D 1589 6.10 -21.31 5.45
CA PHE D 1589 6.38 -21.47 6.86
C PHE D 1589 6.35 -22.92 7.33
N TYR D 1590 5.38 -23.69 6.87
CA TYR D 1590 5.20 -25.04 7.33
C TYR D 1590 6.12 -26.05 6.69
N ALA D 1591 6.70 -25.74 5.55
CA ALA D 1591 7.62 -26.68 4.89
C ALA D 1591 8.90 -26.86 5.71
N SER D 1592 9.32 -28.10 5.92
CA SER D 1592 10.59 -28.39 6.57
C SER D 1592 11.75 -28.33 5.58
N VAL D 1593 11.42 -28.57 4.32
CA VAL D 1593 12.36 -28.44 3.22
C VAL D 1593 11.66 -27.74 2.05
N ARG D 1594 12.34 -26.81 1.40
CA ARG D 1594 11.86 -26.25 0.14
C ARG D 1594 12.93 -26.39 -0.92
N LEU D 1595 12.51 -26.89 -2.08
CA LEU D 1595 13.42 -27.19 -3.18
C LEU D 1595 13.08 -26.36 -4.41
N ASP D 1596 14.10 -25.71 -4.98
CA ASP D 1596 13.99 -24.99 -6.24
C ASP D 1596 14.67 -25.83 -7.32
N ILE D 1597 13.87 -26.40 -8.22
CA ILE D 1597 14.40 -27.26 -9.30
C ILE D 1597 14.37 -26.52 -10.65
N ARG D 1598 15.43 -26.70 -11.44
CA ARG D 1598 15.57 -25.98 -12.72
C ARG D 1598 16.30 -26.78 -13.78
N ARG D 1599 15.83 -26.67 -15.03
CA ARG D 1599 16.53 -27.27 -16.17
C ARG D 1599 17.62 -26.32 -16.64
N ILE D 1600 18.86 -26.77 -16.64
CA ILE D 1600 19.99 -25.88 -16.95
C ILE D 1600 20.68 -26.22 -18.27
N GLY D 1601 20.21 -27.26 -18.95
CA GLY D 1601 20.78 -27.65 -20.23
C GLY D 1601 20.24 -28.95 -20.78
N ALA D 1602 20.74 -29.34 -21.94
CA ALA D 1602 20.30 -30.55 -22.62
C ALA D 1602 21.35 -31.67 -22.53
N VAL D 1603 20.86 -32.90 -22.36
CA VAL D 1603 21.70 -34.10 -22.46
C VAL D 1603 21.53 -34.65 -23.88
N LYS D 1604 22.64 -34.82 -24.60
CA LYS D 1604 22.57 -35.15 -26.03
C LYS D 1604 23.34 -36.41 -26.47
N GLU D 1605 22.66 -37.22 -27.28
CA GLU D 1605 23.27 -38.33 -28.02
C GLU D 1605 23.58 -37.84 -29.42
N GLY D 1606 24.64 -37.03 -29.55
CA GLY D 1606 24.93 -36.35 -30.81
C GLY D 1606 23.78 -35.45 -31.23
N GLU D 1607 22.90 -36.00 -32.06
CA GLU D 1607 21.74 -35.29 -32.59
C GLU D 1607 20.62 -35.14 -31.55
N ASN D 1608 20.21 -36.26 -30.96
CA ASN D 1608 18.98 -36.32 -30.17
C ASN D 1608 19.13 -35.79 -28.76
N VAL D 1609 18.15 -35.01 -28.33
CA VAL D 1609 18.05 -34.58 -26.95
C VAL D 1609 17.41 -35.73 -26.17
N VAL D 1610 18.20 -36.34 -25.29
CA VAL D 1610 17.79 -37.58 -24.63
C VAL D 1610 17.51 -37.40 -23.14
N GLY D 1611 17.85 -36.22 -22.62
CA GLY D 1611 17.58 -35.88 -21.23
C GLY D 1611 17.73 -34.41 -20.89
N SER D 1612 17.44 -34.07 -19.65
CA SER D 1612 17.57 -32.70 -19.14
C SER D 1612 18.67 -32.65 -18.10
N GLU D 1613 19.59 -31.72 -18.28
CA GLU D 1613 20.57 -31.38 -17.26
C GLU D 1613 19.88 -30.53 -16.18
N THR D 1614 19.98 -30.95 -14.91
CA THR D 1614 19.12 -30.40 -13.85
C THR D 1614 19.87 -29.89 -12.62
N ARG D 1615 19.40 -28.78 -12.07
CA ARG D 1615 19.92 -28.23 -10.80
C ARG D 1615 18.82 -28.05 -9.77
N VAL D 1616 19.08 -28.51 -8.54
CA VAL D 1616 18.15 -28.31 -7.42
C VAL D 1616 18.86 -27.52 -6.33
N LYS D 1617 18.27 -26.42 -5.87
CA LYS D 1617 18.81 -25.67 -4.73
C LYS D 1617 17.95 -25.98 -3.52
N VAL D 1618 18.61 -26.25 -2.38
CA VAL D 1618 17.86 -26.39 -1.15
C VAL D 1618 17.65 -24.99 -0.58
N VAL D 1619 16.44 -24.48 -0.79
CA VAL D 1619 16.13 -23.09 -0.56
C VAL D 1619 15.70 -22.85 0.89
N LYS D 1620 15.12 -23.88 1.51
CA LYS D 1620 14.80 -23.90 2.94
C LYS D 1620 15.09 -25.26 3.54
N ASN D 1621 15.67 -25.26 4.74
CA ASN D 1621 15.98 -26.50 5.42
C ASN D 1621 15.94 -26.39 6.94
N LYS D 1622 15.12 -27.23 7.54
CA LYS D 1622 14.92 -27.27 8.99
C LYS D 1622 15.61 -28.46 9.64
N ILE D 1623 16.17 -29.36 8.82
CA ILE D 1623 16.77 -30.58 9.35
C ILE D 1623 18.29 -30.62 9.16
N ALA D 1624 18.82 -29.68 8.38
CA ALA D 1624 20.26 -29.51 8.15
C ALA D 1624 20.46 -28.11 7.56
N ALA D 1625 21.71 -27.71 7.36
CA ALA D 1625 22.02 -26.40 6.75
C ALA D 1625 21.29 -26.27 5.41
N PRO D 1626 20.78 -25.05 5.11
CA PRO D 1626 20.19 -24.78 3.79
C PRO D 1626 21.22 -24.31 2.75
N PHE D 1627 20.76 -24.14 1.51
CA PHE D 1627 21.53 -23.49 0.43
C PHE D 1627 22.61 -24.32 -0.27
N LYS D 1628 22.66 -25.61 0.01
CA LYS D 1628 23.48 -26.50 -0.78
C LYS D 1628 22.71 -26.81 -2.05
N GLN D 1629 23.40 -27.29 -3.08
CA GLN D 1629 22.71 -27.64 -4.31
C GLN D 1629 23.17 -28.93 -4.97
N ALA D 1630 22.29 -29.50 -5.77
CA ALA D 1630 22.56 -30.75 -6.45
C ALA D 1630 22.42 -30.57 -7.95
N GLU D 1631 23.27 -31.26 -8.70
CA GLU D 1631 23.18 -31.30 -10.15
C GLU D 1631 23.19 -32.73 -10.63
N PHE D 1632 22.25 -33.08 -11.49
CA PHE D 1632 22.15 -34.43 -12.01
C PHE D 1632 21.43 -34.38 -13.34
N GLN D 1633 21.36 -35.53 -14.01
CA GLN D 1633 20.64 -35.65 -15.27
C GLN D 1633 19.30 -36.33 -15.07
N ILE D 1634 18.30 -35.85 -15.79
CA ILE D 1634 17.05 -36.59 -15.92
C ILE D 1634 17.06 -37.14 -17.33
N LEU D 1635 17.12 -38.46 -17.44
CA LEU D 1635 17.07 -39.11 -18.73
C LEU D 1635 15.64 -39.53 -19.01
N TYR D 1636 15.11 -39.10 -20.15
CA TYR D 1636 13.70 -39.31 -20.46
C TYR D 1636 13.37 -40.80 -20.53
N GLY D 1637 12.24 -41.18 -19.94
CA GLY D 1637 11.77 -42.56 -19.93
C GLY D 1637 12.61 -43.48 -19.06
N GLU D 1638 13.50 -42.88 -18.28
CA GLU D 1638 14.39 -43.63 -17.42
C GLU D 1638 14.41 -43.01 -16.02
N GLY D 1639 14.46 -41.68 -15.96
CA GLY D 1639 14.46 -40.96 -14.69
C GLY D 1639 15.81 -40.33 -14.36
N ILE D 1640 16.01 -40.04 -13.08
CA ILE D 1640 17.26 -39.50 -12.58
C ILE D 1640 18.44 -40.47 -12.79
N ASN D 1641 19.58 -39.96 -13.27
CA ASN D 1641 20.76 -40.80 -13.47
C ASN D 1641 21.55 -40.95 -12.17
N PHE D 1642 21.06 -41.84 -11.31
CA PHE D 1642 21.59 -42.05 -9.97
C PHE D 1642 23.04 -42.52 -10.02
N TYR D 1643 23.30 -43.51 -10.86
CA TYR D 1643 24.64 -44.09 -10.94
C TYR D 1643 25.66 -43.14 -11.55
N GLY D 1644 25.18 -42.21 -12.37
CA GLY D 1644 26.01 -41.12 -12.88
C GLY D 1644 26.54 -40.27 -11.74
N GLU D 1645 25.65 -39.83 -10.86
CA GLU D 1645 26.03 -39.09 -9.66
C GLU D 1645 27.07 -39.86 -8.87
N LEU D 1646 26.81 -41.16 -8.70
CA LEU D 1646 27.69 -42.03 -7.91
C LEU D 1646 29.12 -42.06 -8.43
N VAL D 1647 29.27 -42.11 -9.76
CA VAL D 1647 30.59 -42.03 -10.39
C VAL D 1647 31.27 -40.71 -10.03
N ASP D 1648 30.64 -39.59 -10.40
CA ASP D 1648 31.20 -38.28 -10.10
C ASP D 1648 31.57 -38.10 -8.64
N LEU D 1649 30.66 -38.45 -7.74
CA LEU D 1649 30.91 -38.36 -6.30
C LEU D 1649 32.06 -39.28 -5.87
N GLY D 1650 32.05 -40.50 -6.39
CA GLY D 1650 33.12 -41.47 -6.13
C GLY D 1650 34.49 -40.95 -6.52
N VAL D 1651 34.57 -40.39 -7.73
CA VAL D 1651 35.80 -39.79 -8.24
C VAL D 1651 36.23 -38.60 -7.39
N LYS D 1652 35.28 -37.72 -7.10
CA LYS D 1652 35.54 -36.53 -6.29
C LYS D 1652 36.10 -36.89 -4.90
N GLU D 1653 35.57 -37.96 -4.32
CA GLU D 1653 35.97 -38.41 -2.99
C GLU D 1653 37.15 -39.38 -2.99
N LYS D 1654 37.74 -39.58 -4.17
CA LYS D 1654 38.94 -40.42 -4.34
C LYS D 1654 38.71 -41.90 -4.01
N LEU D 1655 37.48 -42.36 -4.21
CA LEU D 1655 37.14 -43.77 -4.04
C LEU D 1655 37.25 -44.48 -5.38
N ILE D 1656 36.95 -43.74 -6.44
CA ILE D 1656 37.08 -44.21 -7.80
C ILE D 1656 38.24 -43.43 -8.44
N GLU D 1657 39.17 -44.17 -9.05
CA GLU D 1657 40.34 -43.60 -9.70
C GLU D 1657 40.02 -43.21 -11.15
N LYS D 1658 40.55 -42.08 -11.61
CA LYS D 1658 40.33 -41.64 -12.99
C LYS D 1658 41.62 -41.21 -13.66
N ALA D 1659 42.17 -42.10 -14.49
CA ALA D 1659 43.39 -41.81 -15.26
C ALA D 1659 43.03 -41.56 -16.73
N GLY D 1660 42.89 -40.28 -17.07
CA GLY D 1660 42.42 -39.86 -18.39
C GLY D 1660 40.94 -40.15 -18.57
N ALA D 1661 40.64 -41.13 -19.41
CA ALA D 1661 39.25 -41.56 -19.64
C ALA D 1661 38.93 -42.88 -18.92
N TRP D 1662 39.94 -43.52 -18.35
CA TRP D 1662 39.78 -44.81 -17.66
C TRP D 1662 39.40 -44.68 -16.19
N TYR D 1663 38.28 -45.32 -15.83
CA TYR D 1663 37.80 -45.36 -14.45
C TYR D 1663 38.17 -46.69 -13.79
N SER D 1664 38.70 -46.63 -12.58
CA SER D 1664 39.12 -47.82 -11.84
C SER D 1664 38.52 -47.84 -10.44
N TYR D 1665 38.16 -49.03 -9.98
CA TYR D 1665 37.81 -49.21 -8.58
C TYR D 1665 38.73 -50.25 -7.95
N LYS D 1666 39.37 -49.86 -6.86
CA LYS D 1666 40.29 -50.73 -6.12
C LYS D 1666 41.23 -51.52 -7.04
N GLY D 1667 41.85 -50.81 -7.98
CA GLY D 1667 42.85 -51.39 -8.88
C GLY D 1667 42.30 -51.99 -10.17
N GLU D 1668 41.04 -52.40 -10.13
CA GLU D 1668 40.39 -53.06 -11.26
C GLU D 1668 39.63 -52.05 -12.12
N LYS D 1669 39.93 -52.05 -13.43
CA LYS D 1669 39.30 -51.14 -14.38
C LYS D 1669 37.81 -51.45 -14.54
N ILE D 1670 36.98 -50.41 -14.45
CA ILE D 1670 35.53 -50.59 -14.50
C ILE D 1670 34.88 -50.00 -15.76
N GLY D 1671 35.60 -49.13 -16.46
CA GLY D 1671 35.11 -48.59 -17.72
C GLY D 1671 35.88 -47.41 -18.27
N GLN D 1672 35.83 -47.27 -19.59
CA GLN D 1672 36.40 -46.11 -20.27
C GLN D 1672 35.27 -45.13 -20.59
N GLY D 1673 35.38 -43.91 -20.08
CA GLY D 1673 34.31 -42.91 -20.22
C GLY D 1673 33.23 -43.05 -19.16
N LYS D 1674 32.66 -41.92 -18.76
CA LYS D 1674 31.63 -41.89 -17.70
C LYS D 1674 30.48 -42.86 -17.99
N ALA D 1675 30.04 -42.90 -19.24
CA ALA D 1675 28.96 -43.79 -19.68
C ALA D 1675 29.18 -45.25 -19.28
N ASN D 1676 30.40 -45.76 -19.53
CA ASN D 1676 30.73 -47.16 -19.23
C ASN D 1676 30.93 -47.48 -17.76
N ALA D 1677 31.53 -46.55 -17.02
CA ALA D 1677 31.67 -46.68 -15.59
C ALA D 1677 30.30 -46.75 -14.93
N THR D 1678 29.39 -45.90 -15.40
CA THR D 1678 27.99 -45.90 -14.95
C THR D 1678 27.34 -47.27 -15.20
N ALA D 1679 27.48 -47.78 -16.42
CA ALA D 1679 26.95 -49.10 -16.78
C ALA D 1679 27.49 -50.21 -15.88
N TRP D 1680 28.77 -50.11 -15.51
CA TRP D 1680 29.39 -51.09 -14.65
C TRP D 1680 28.80 -51.13 -13.24
N LEU D 1681 28.59 -49.95 -12.65
CA LEU D 1681 27.97 -49.86 -11.32
C LEU D 1681 26.54 -50.38 -11.32
N LYS D 1682 25.79 -50.03 -12.36
CA LYS D 1682 24.43 -50.52 -12.59
C LYS D 1682 24.45 -52.05 -12.59
N ASP D 1683 25.52 -52.60 -13.14
CA ASP D 1683 25.68 -54.05 -13.30
C ASP D 1683 26.18 -54.74 -12.03
N ASN D 1684 26.90 -54.00 -11.19
CA ASN D 1684 27.43 -54.54 -9.93
C ASN D 1684 26.83 -53.85 -8.72
N PRO D 1685 25.57 -54.19 -8.37
CA PRO D 1685 24.82 -53.39 -7.40
C PRO D 1685 25.41 -53.43 -6.00
N GLU D 1686 26.08 -54.55 -5.67
CA GLU D 1686 26.67 -54.75 -4.34
C GLU D 1686 27.83 -53.80 -4.11
N THR D 1687 28.68 -53.65 -5.12
CA THR D 1687 29.81 -52.74 -5.10
C THR D 1687 29.33 -51.29 -5.09
N ALA D 1688 28.27 -51.03 -5.85
CA ALA D 1688 27.63 -49.72 -5.87
C ALA D 1688 27.13 -49.31 -4.49
N LYS D 1689 26.46 -50.22 -3.78
CA LYS D 1689 26.01 -49.98 -2.41
C LYS D 1689 27.17 -49.60 -1.51
N GLU D 1690 28.28 -50.32 -1.63
CA GLU D 1690 29.50 -50.08 -0.85
C GLU D 1690 30.04 -48.67 -1.08
N ILE D 1691 30.16 -48.28 -2.35
CA ILE D 1691 30.65 -46.95 -2.70
C ILE D 1691 29.68 -45.86 -2.19
N GLU D 1692 28.39 -46.09 -2.39
CA GLU D 1692 27.36 -45.15 -1.93
C GLU D 1692 27.38 -44.96 -0.40
N LYS D 1693 27.51 -46.07 0.34
CA LYS D 1693 27.58 -46.02 1.79
C LYS D 1693 28.75 -45.16 2.27
N LYS D 1694 29.91 -45.30 1.61
CA LYS D 1694 31.10 -44.51 1.92
C LYS D 1694 30.95 -43.04 1.55
N VAL D 1695 30.36 -42.77 0.40
CA VAL D 1695 30.12 -41.41 -0.05
C VAL D 1695 29.21 -40.68 0.95
N ARG D 1696 28.21 -41.39 1.47
CA ARG D 1696 27.30 -40.83 2.47
C ARG D 1696 27.99 -40.57 3.80
N GLU D 1697 28.79 -41.53 4.27
CA GLU D 1697 29.57 -41.35 5.49
C GLU D 1697 30.49 -40.13 5.39
N LEU D 1698 31.11 -39.95 4.23
CA LEU D 1698 32.01 -38.83 4.00
C LEU D 1698 31.32 -37.47 3.83
N LEU D 1699 30.11 -37.45 3.24
CA LEU D 1699 29.51 -36.19 2.84
C LEU D 1699 28.23 -35.73 3.54
N LEU D 1700 27.56 -36.61 4.27
CA LEU D 1700 26.35 -36.23 5.01
C LEU D 1700 26.71 -35.52 6.33
#